data_2CP5
#
_entry.id   2CP5
#
_entity_poly.entity_id   1
_entity_poly.type   'polypeptide(L)'
_entity_poly.pdbx_seq_one_letter_code
;GSSGSSGMSMLKPSGLKAPTKILKPGSTALKTPTAVVAPVEKTISSEKASSTPSSETQEEFVDDFRVGERVWVNGNKPGF
IQFLGETQFAPGQWAGIVLDEPIGKNDGSVAGVRYFQCEPLKGIFTRPSKLTRKVSGPSSG
;
_entity_poly.pdbx_strand_id   A
#
# COMPACT_ATOMS: atom_id res chain seq x y z
N GLY A 1 -13.06 9.28 12.15
CA GLY A 1 -13.35 10.38 11.19
C GLY A 1 -13.29 11.75 11.85
N SER A 2 -12.37 11.91 12.79
CA SER A 2 -12.21 13.18 13.49
C SER A 2 -10.79 13.72 13.33
N SER A 3 -9.80 12.83 13.45
CA SER A 3 -8.41 13.23 13.31
C SER A 3 -8.13 13.80 11.93
N GLY A 4 -8.20 15.13 11.82
CA GLY A 4 -7.96 15.78 10.55
C GLY A 4 -6.79 16.75 10.60
N SER A 5 -7.06 18.01 10.33
CA SER A 5 -6.03 19.04 10.35
C SER A 5 -6.03 19.80 11.67
N SER A 6 -4.85 20.10 12.19
CA SER A 6 -4.72 20.83 13.44
C SER A 6 -3.90 22.10 13.26
N GLY A 7 -4.37 23.19 13.85
CA GLY A 7 -3.66 24.45 13.74
C GLY A 7 -4.00 25.20 12.46
N MET A 8 -3.03 25.26 11.55
CA MET A 8 -3.23 25.94 10.28
C MET A 8 -2.03 25.74 9.35
N SER A 9 -2.15 24.76 8.45
CA SER A 9 -1.07 24.46 7.52
C SER A 9 0.20 24.06 8.25
N MET A 10 1.22 23.67 7.49
CA MET A 10 2.49 23.26 8.08
C MET A 10 3.56 24.32 7.84
N LEU A 11 3.75 25.20 8.82
CA LEU A 11 4.75 26.26 8.71
C LEU A 11 6.13 25.73 9.07
N LYS A 12 6.82 25.16 8.09
CA LYS A 12 8.16 24.62 8.29
C LYS A 12 9.05 24.88 7.08
N PRO A 13 9.57 26.11 6.94
CA PRO A 13 10.44 26.49 5.82
C PRO A 13 11.62 25.53 5.66
N SER A 14 12.54 25.88 4.76
CA SER A 14 13.71 25.05 4.52
C SER A 14 14.95 25.67 5.15
N GLY A 15 15.24 26.91 4.77
CA GLY A 15 16.41 27.60 5.30
C GLY A 15 16.84 28.76 4.44
N LEU A 16 17.48 28.46 3.32
CA LEU A 16 17.96 29.49 2.41
C LEU A 16 16.80 30.12 1.66
N LYS A 17 16.64 31.44 1.78
CA LYS A 17 15.57 32.16 1.12
C LYS A 17 16.08 33.46 0.50
N ALA A 18 16.07 33.53 -0.82
CA ALA A 18 16.52 34.73 -1.52
C ALA A 18 16.37 34.57 -3.03
N PRO A 19 16.91 33.48 -3.61
CA PRO A 19 16.83 33.22 -5.05
C PRO A 19 15.38 33.06 -5.51
N THR A 20 15.09 33.61 -6.68
CA THR A 20 13.74 33.53 -7.25
C THR A 20 13.79 33.28 -8.74
N LYS A 21 14.84 32.60 -9.19
CA LYS A 21 15.01 32.30 -10.61
C LYS A 21 15.99 31.15 -10.81
N ILE A 22 16.16 30.73 -12.06
CA ILE A 22 17.07 29.64 -12.39
C ILE A 22 18.31 30.15 -13.13
N LEU A 23 19.45 29.50 -12.88
CA LEU A 23 20.70 29.90 -13.53
C LEU A 23 21.83 28.96 -13.12
N LYS A 24 22.99 29.14 -13.74
CA LYS A 24 24.15 28.30 -13.46
C LYS A 24 25.45 29.09 -13.67
N PRO A 25 25.81 29.95 -12.71
CA PRO A 25 27.04 30.75 -12.81
C PRO A 25 28.30 29.91 -12.62
N GLY A 26 29.35 30.29 -13.33
CA GLY A 26 30.61 29.55 -13.23
C GLY A 26 31.26 29.34 -14.58
N SER A 27 31.99 30.35 -15.05
CA SER A 27 32.66 30.28 -16.34
C SER A 27 34.15 30.58 -16.19
N THR A 28 34.70 30.24 -15.04
CA THR A 28 36.12 30.48 -14.77
C THR A 28 36.89 29.16 -14.72
N ALA A 29 38.22 29.26 -14.75
CA ALA A 29 39.07 28.07 -14.72
C ALA A 29 39.83 28.01 -13.39
N LEU A 30 39.59 26.95 -12.63
CA LEU A 30 40.25 26.75 -11.34
C LEU A 30 39.94 27.91 -10.39
N LYS A 31 39.11 27.62 -9.39
CA LYS A 31 38.73 28.63 -8.41
C LYS A 31 39.36 28.34 -7.05
N THR A 32 39.03 27.18 -6.49
CA THR A 32 39.57 26.78 -5.20
C THR A 32 40.08 25.35 -5.24
N PRO A 33 41.24 25.07 -4.59
CA PRO A 33 41.82 23.74 -4.57
C PRO A 33 41.05 22.78 -3.67
N THR A 34 39.82 22.46 -4.06
CA THR A 34 38.98 21.56 -3.28
C THR A 34 39.05 20.14 -3.82
N ALA A 35 39.54 19.22 -2.99
CA ALA A 35 39.67 17.82 -3.38
C ALA A 35 38.42 17.04 -3.02
N VAL A 36 38.24 15.89 -3.67
CA VAL A 36 37.08 15.04 -3.41
C VAL A 36 37.47 13.79 -2.63
N VAL A 37 36.50 12.95 -2.33
CA VAL A 37 36.74 11.72 -1.58
C VAL A 37 37.06 10.56 -2.52
N ALA A 38 37.54 9.46 -1.95
CA ALA A 38 37.89 8.29 -2.73
C ALA A 38 37.03 7.08 -2.33
N PRO A 39 35.91 6.86 -3.03
CA PRO A 39 35.01 5.74 -2.74
C PRO A 39 35.61 4.39 -3.10
N VAL A 40 36.71 4.41 -3.86
CA VAL A 40 37.38 3.19 -4.28
C VAL A 40 38.50 2.82 -3.30
N GLU A 41 39.15 1.69 -3.57
CA GLU A 41 40.25 1.22 -2.73
C GLU A 41 41.34 0.58 -3.56
N LYS A 42 42.49 0.34 -2.95
CA LYS A 42 43.62 -0.28 -3.64
C LYS A 42 43.35 -1.75 -3.92
N THR A 43 43.61 -2.17 -5.16
CA THR A 43 43.40 -3.54 -5.57
C THR A 43 44.53 -4.03 -6.46
N ILE A 44 45.65 -4.39 -5.83
CA ILE A 44 46.82 -4.87 -6.57
C ILE A 44 47.04 -6.36 -6.31
N SER A 45 46.64 -6.82 -5.12
CA SER A 45 46.80 -8.22 -4.76
C SER A 45 45.54 -9.02 -5.05
N SER A 46 44.93 -8.76 -6.20
CA SER A 46 43.71 -9.44 -6.60
C SER A 46 42.59 -9.21 -5.58
N GLU A 47 41.43 -9.81 -5.82
CA GLU A 47 40.29 -9.66 -4.92
C GLU A 47 39.82 -8.22 -4.88
N LYS A 48 38.53 -8.01 -5.15
CA LYS A 48 37.96 -6.67 -5.13
C LYS A 48 36.65 -6.64 -4.34
N ALA A 49 36.35 -5.48 -3.76
CA ALA A 49 35.13 -5.33 -2.97
C ALA A 49 35.12 -6.31 -1.79
N SER A 50 33.97 -6.41 -1.13
CA SER A 50 33.83 -7.31 0.02
C SER A 50 32.60 -8.19 -0.12
N SER A 51 31.42 -7.59 0.00
CA SER A 51 30.17 -8.33 -0.12
C SER A 51 30.07 -9.39 0.97
N THR A 52 29.09 -9.23 1.86
CA THR A 52 28.88 -10.18 2.95
C THR A 52 27.58 -9.88 3.69
N PRO A 53 27.49 -8.70 4.34
CA PRO A 53 26.29 -8.31 5.08
C PRO A 53 25.04 -8.27 4.19
N SER A 54 24.32 -9.39 4.17
CA SER A 54 23.11 -9.49 3.36
C SER A 54 21.87 -9.22 4.20
N SER A 55 20.77 -8.87 3.55
CA SER A 55 19.53 -8.57 4.24
C SER A 55 18.47 -9.63 3.94
N GLU A 56 17.59 -9.88 4.90
CA GLU A 56 16.53 -10.87 4.74
C GLU A 56 15.33 -10.27 4.03
N THR A 57 14.88 -9.12 4.51
CA THR A 57 13.73 -8.43 3.91
C THR A 57 12.49 -9.31 3.98
N GLN A 58 11.74 -9.17 5.07
CA GLN A 58 10.52 -9.95 5.26
C GLN A 58 9.35 -9.34 4.48
N GLU A 59 8.32 -10.13 4.25
CA GLU A 59 7.14 -9.67 3.54
C GLU A 59 6.13 -9.04 4.48
N GLU A 60 5.64 -9.82 5.43
CA GLU A 60 4.66 -9.33 6.40
C GLU A 60 3.40 -8.85 5.69
N PHE A 61 2.45 -8.36 6.48
CA PHE A 61 1.18 -7.87 5.94
C PHE A 61 1.33 -6.43 5.45
N VAL A 62 1.83 -6.26 4.24
CA VAL A 62 2.02 -4.95 3.65
C VAL A 62 0.68 -4.29 3.34
N ASP A 63 0.23 -3.41 4.23
CA ASP A 63 -1.03 -2.70 4.05
C ASP A 63 -0.93 -1.26 4.54
N ASP A 64 0.26 -0.67 4.40
CA ASP A 64 0.48 0.71 4.82
C ASP A 64 1.88 1.17 4.42
N PHE A 65 2.03 2.48 4.26
CA PHE A 65 3.31 3.06 3.87
C PHE A 65 3.57 4.36 4.62
N ARG A 66 4.80 4.87 4.53
CA ARG A 66 5.17 6.11 5.20
C ARG A 66 5.79 7.10 4.21
N VAL A 67 5.52 8.38 4.42
CA VAL A 67 6.05 9.42 3.55
C VAL A 67 7.54 9.61 3.77
N GLY A 68 8.30 9.61 2.67
CA GLY A 68 9.73 9.78 2.77
C GLY A 68 10.48 8.46 2.71
N GLU A 69 9.92 7.51 2.00
CA GLU A 69 10.53 6.18 1.86
C GLU A 69 10.64 5.79 0.39
N ARG A 70 11.67 5.01 0.06
CA ARG A 70 11.89 4.56 -1.30
C ARG A 70 11.05 3.32 -1.61
N VAL A 71 10.23 3.41 -2.64
CA VAL A 71 9.37 2.30 -3.04
C VAL A 71 9.41 2.10 -4.55
N TRP A 72 9.06 0.89 -4.99
CA TRP A 72 9.05 0.55 -6.41
C TRP A 72 7.62 0.33 -6.91
N VAL A 73 7.12 1.31 -7.66
CA VAL A 73 5.77 1.21 -8.20
C VAL A 73 5.66 0.09 -9.23
N ASN A 74 4.66 -0.77 -9.06
CA ASN A 74 4.46 -1.89 -9.97
C ASN A 74 5.67 -2.82 -9.98
N GLY A 75 6.48 -2.74 -8.93
CA GLY A 75 7.66 -3.59 -8.84
C GLY A 75 8.68 -3.28 -9.92
N ASN A 76 8.79 -2.01 -10.29
CA ASN A 76 9.74 -1.59 -11.32
C ASN A 76 9.68 -0.08 -11.53
N LYS A 77 9.73 0.68 -10.44
CA LYS A 77 9.68 2.13 -10.52
C LYS A 77 10.06 2.77 -9.18
N PRO A 78 11.37 2.90 -8.92
CA PRO A 78 11.86 3.49 -7.67
C PRO A 78 11.43 4.95 -7.51
N GLY A 79 10.91 5.28 -6.34
CA GLY A 79 10.47 6.64 -6.08
C GLY A 79 10.29 6.93 -4.60
N PHE A 80 10.00 8.18 -4.28
CA PHE A 80 9.80 8.58 -2.89
C PHE A 80 8.36 9.04 -2.66
N ILE A 81 7.70 8.41 -1.68
CA ILE A 81 6.32 8.75 -1.36
C ILE A 81 6.22 10.13 -0.71
N GLN A 82 5.38 10.99 -1.28
CA GLN A 82 5.21 12.33 -0.76
C GLN A 82 3.81 12.50 -0.14
N PHE A 83 2.83 11.82 -0.73
CA PHE A 83 1.46 11.90 -0.24
C PHE A 83 0.93 10.51 0.12
N LEU A 84 0.10 10.44 1.14
CA LEU A 84 -0.47 9.18 1.59
C LEU A 84 -1.85 9.39 2.22
N GLY A 85 -2.90 9.06 1.47
CA GLY A 85 -4.24 9.23 1.97
C GLY A 85 -5.28 9.24 0.86
N GLU A 86 -6.36 9.98 1.07
CA GLU A 86 -7.43 10.08 0.09
C GLU A 86 -7.25 11.31 -0.80
N THR A 87 -7.67 11.21 -2.05
CA THR A 87 -7.56 12.31 -3.00
C THR A 87 -8.84 13.13 -3.04
N GLN A 88 -8.87 14.12 -3.92
CA GLN A 88 -10.04 14.98 -4.06
C GLN A 88 -10.70 14.79 -5.43
N PHE A 89 -10.43 13.66 -6.07
CA PHE A 89 -11.00 13.37 -7.37
C PHE A 89 -11.67 11.99 -7.38
N ALA A 90 -11.02 11.02 -6.74
CA ALA A 90 -11.55 9.66 -6.68
C ALA A 90 -11.60 9.16 -5.24
N PRO A 91 -12.71 8.50 -4.85
CA PRO A 91 -12.87 7.98 -3.49
C PRO A 91 -12.03 6.73 -3.24
N GLY A 92 -10.98 6.89 -2.44
CA GLY A 92 -10.11 5.77 -2.13
C GLY A 92 -8.76 6.21 -1.59
N GLN A 93 -7.84 5.26 -1.44
CA GLN A 93 -6.51 5.56 -0.93
C GLN A 93 -5.50 5.64 -2.07
N TRP A 94 -4.68 6.69 -2.04
CA TRP A 94 -3.67 6.89 -3.07
C TRP A 94 -2.32 7.23 -2.46
N ALA A 95 -1.28 7.25 -3.28
CA ALA A 95 0.07 7.56 -2.82
C ALA A 95 0.86 8.32 -3.87
N GLY A 96 1.15 9.59 -3.60
CA GLY A 96 1.90 10.40 -4.54
C GLY A 96 3.39 10.17 -4.43
N ILE A 97 3.92 9.32 -5.31
CA ILE A 97 5.36 9.03 -5.31
C ILE A 97 6.09 9.83 -6.37
N VAL A 98 7.37 10.09 -6.14
CA VAL A 98 8.18 10.85 -7.09
C VAL A 98 9.22 9.95 -7.76
N LEU A 99 9.00 9.64 -9.03
CA LEU A 99 9.91 8.79 -9.78
C LEU A 99 11.24 9.50 -10.02
N ASP A 100 12.27 8.73 -10.38
CA ASP A 100 13.58 9.29 -10.65
C ASP A 100 13.89 9.29 -12.14
N GLU A 101 12.85 9.41 -12.95
CA GLU A 101 13.00 9.43 -14.40
C GLU A 101 11.74 9.96 -15.07
N PRO A 102 11.89 10.61 -16.25
CA PRO A 102 10.76 11.16 -16.99
C PRO A 102 9.87 10.08 -17.60
N ILE A 103 9.27 9.26 -16.74
CA ILE A 103 8.40 8.19 -17.19
C ILE A 103 7.10 8.15 -16.39
N GLY A 104 6.66 9.32 -15.93
CA GLY A 104 5.44 9.40 -15.15
C GLY A 104 4.26 9.85 -15.99
N LYS A 105 3.29 10.48 -15.33
CA LYS A 105 2.09 10.96 -16.03
C LYS A 105 1.64 12.30 -15.45
N ASN A 106 1.42 12.33 -14.13
CA ASN A 106 0.98 13.54 -13.46
C ASN A 106 2.15 14.28 -12.83
N ASP A 107 1.90 15.49 -12.35
CA ASP A 107 2.93 16.30 -11.72
C ASP A 107 2.61 16.57 -10.25
N GLY A 108 1.92 15.63 -9.62
CA GLY A 108 1.56 15.78 -8.23
C GLY A 108 0.47 16.82 -8.02
N SER A 109 -0.49 16.85 -8.95
CA SER A 109 -1.60 17.80 -8.86
C SER A 109 -2.79 17.31 -9.66
N VAL A 110 -3.97 17.38 -9.06
CA VAL A 110 -5.20 16.94 -9.71
C VAL A 110 -6.27 18.03 -9.67
N ALA A 111 -6.67 18.50 -10.84
CA ALA A 111 -7.68 19.54 -10.94
C ALA A 111 -7.24 20.81 -10.21
N GLY A 112 -5.94 21.04 -10.18
CA GLY A 112 -5.41 22.21 -9.51
C GLY A 112 -4.98 21.93 -8.08
N VAL A 113 -5.54 20.87 -7.49
CA VAL A 113 -5.21 20.50 -6.12
C VAL A 113 -3.79 19.94 -6.03
N ARG A 114 -2.92 20.66 -5.32
CA ARG A 114 -1.54 20.24 -5.16
C ARG A 114 -1.39 19.34 -3.94
N TYR A 115 -1.07 18.07 -4.18
CA TYR A 115 -0.90 17.10 -3.10
C TYR A 115 0.56 17.05 -2.65
N PHE A 116 1.47 17.04 -3.63
CA PHE A 116 2.90 16.99 -3.34
C PHE A 116 3.71 17.61 -4.47
N GLN A 117 4.54 18.58 -4.12
CA GLN A 117 5.38 19.27 -5.11
C GLN A 117 6.44 18.33 -5.65
N CYS A 118 6.47 18.17 -6.97
CA CYS A 118 7.45 17.30 -7.62
C CYS A 118 7.71 17.75 -9.05
N GLU A 119 8.59 17.02 -9.74
CA GLU A 119 8.93 17.34 -11.13
C GLU A 119 7.94 16.69 -12.09
N PRO A 120 7.72 17.29 -13.27
CA PRO A 120 6.81 16.76 -14.28
C PRO A 120 7.16 15.35 -14.71
N LEU A 121 6.17 14.59 -15.18
CA LEU A 121 6.38 13.22 -15.62
C LEU A 121 7.10 12.39 -14.56
N LYS A 122 6.67 12.53 -13.32
CA LYS A 122 7.28 11.78 -12.22
C LYS A 122 6.26 11.50 -11.12
N GLY A 123 5.50 12.53 -10.73
CA GLY A 123 4.50 12.37 -9.70
C GLY A 123 3.28 11.61 -10.19
N ILE A 124 3.20 10.34 -9.83
CA ILE A 124 2.08 9.50 -10.23
C ILE A 124 1.24 9.08 -9.03
N PHE A 125 -0.06 8.92 -9.25
CA PHE A 125 -0.97 8.52 -8.18
C PHE A 125 -1.37 7.06 -8.32
N THR A 126 -0.79 6.22 -7.46
CA THR A 126 -1.09 4.79 -7.48
C THR A 126 -1.35 4.27 -6.07
N ARG A 127 -1.96 3.09 -5.99
CA ARG A 127 -2.26 2.48 -4.70
C ARG A 127 -0.99 1.99 -4.02
N PRO A 128 -0.87 2.20 -2.69
CA PRO A 128 0.31 1.76 -1.93
C PRO A 128 0.58 0.27 -2.07
N SER A 129 -0.50 -0.51 -2.13
CA SER A 129 -0.39 -1.96 -2.26
C SER A 129 0.40 -2.34 -3.51
N LYS A 130 0.34 -1.48 -4.53
CA LYS A 130 1.04 -1.74 -5.78
C LYS A 130 2.55 -1.53 -5.62
N LEU A 131 2.91 -0.68 -4.67
CA LEU A 131 4.32 -0.38 -4.40
C LEU A 131 5.03 -1.59 -3.82
N THR A 132 6.34 -1.69 -4.06
CA THR A 132 7.13 -2.80 -3.56
C THR A 132 8.52 -2.32 -3.12
N ARG A 133 9.12 -3.04 -2.18
CA ARG A 133 10.44 -2.69 -1.67
C ARG A 133 11.54 -3.31 -2.52
N LYS A 134 12.37 -2.44 -3.10
CA LYS A 134 13.47 -2.92 -3.95
C LYS A 134 12.95 -3.70 -5.14
N VAL A 135 13.80 -3.89 -6.14
CA VAL A 135 13.42 -4.63 -7.35
C VAL A 135 13.53 -6.13 -7.12
N SER A 136 12.49 -6.86 -7.53
CA SER A 136 12.47 -8.31 -7.38
C SER A 136 11.46 -8.94 -8.33
N GLY A 137 11.71 -10.19 -8.71
CA GLY A 137 10.82 -10.89 -9.62
C GLY A 137 11.12 -12.38 -9.69
N PRO A 138 10.81 -13.02 -10.83
CA PRO A 138 11.04 -14.46 -11.01
C PRO A 138 12.48 -14.84 -10.69
N SER A 139 12.80 -16.12 -10.89
CA SER A 139 14.14 -16.63 -10.63
C SER A 139 14.79 -17.14 -11.92
N SER A 140 14.47 -16.50 -13.03
CA SER A 140 15.02 -16.90 -14.33
C SER A 140 16.43 -16.33 -14.50
N GLY A 141 16.54 -15.01 -14.53
CA GLY A 141 17.83 -14.38 -14.70
C GLY A 141 17.80 -13.24 -15.72
N GLY A 1 14.56 -29.49 35.83
CA GLY A 1 14.83 -30.95 36.02
C GLY A 1 16.22 -31.33 35.56
N SER A 2 16.36 -32.55 35.04
CA SER A 2 17.65 -33.05 34.56
C SER A 2 17.46 -34.23 33.61
N SER A 3 18.56 -34.78 33.14
CA SER A 3 18.52 -35.92 32.22
C SER A 3 19.51 -37.00 32.64
N GLY A 4 19.74 -37.10 33.94
CA GLY A 4 20.67 -38.10 34.46
C GLY A 4 21.17 -37.78 35.84
N SER A 5 21.11 -38.75 36.74
CA SER A 5 21.56 -38.55 38.11
C SER A 5 23.08 -38.71 38.22
N SER A 6 23.77 -37.59 38.36
CA SER A 6 25.23 -37.60 38.48
C SER A 6 25.67 -38.16 39.82
N GLY A 7 24.85 -37.94 40.85
CA GLY A 7 25.17 -38.44 42.18
C GLY A 7 24.74 -39.88 42.38
N MET A 8 25.65 -40.81 42.09
CA MET A 8 25.36 -42.23 42.25
C MET A 8 26.63 -43.06 42.15
N SER A 9 26.54 -44.33 42.51
CA SER A 9 27.69 -45.23 42.45
C SER A 9 28.08 -45.52 41.01
N MET A 10 29.14 -44.87 40.55
CA MET A 10 29.61 -45.06 39.17
C MET A 10 31.10 -45.36 39.17
N LEU A 11 31.87 -44.58 39.93
CA LEU A 11 33.31 -44.76 40.00
C LEU A 11 33.88 -44.09 41.25
N LYS A 12 35.02 -44.58 41.71
CA LYS A 12 35.67 -44.03 42.89
C LYS A 12 37.11 -43.62 42.58
N PRO A 13 37.46 -42.34 42.82
CA PRO A 13 38.81 -41.84 42.56
C PRO A 13 39.89 -42.68 43.25
N SER A 14 41.14 -42.42 42.90
CA SER A 14 42.26 -43.16 43.48
C SER A 14 43.50 -42.27 43.59
N GLY A 15 43.99 -41.79 42.45
CA GLY A 15 45.16 -40.93 42.45
C GLY A 15 44.98 -39.71 41.58
N LEU A 16 43.75 -39.17 41.56
CA LEU A 16 43.45 -38.00 40.76
C LEU A 16 43.69 -38.27 39.28
N LYS A 17 43.08 -37.45 38.43
CA LYS A 17 43.23 -37.60 36.98
C LYS A 17 42.75 -38.97 36.52
N ALA A 18 41.50 -39.01 36.04
CA ALA A 18 40.91 -40.25 35.56
C ALA A 18 40.55 -40.15 34.08
N PRO A 19 40.60 -41.28 33.36
CA PRO A 19 40.26 -41.32 31.93
C PRO A 19 38.78 -41.11 31.67
N THR A 20 38.36 -41.33 30.43
CA THR A 20 36.97 -41.16 30.05
C THR A 20 36.26 -42.51 29.99
N LYS A 21 35.27 -42.69 30.86
CA LYS A 21 34.51 -43.94 30.91
C LYS A 21 33.05 -43.70 30.53
N ILE A 22 32.39 -44.75 30.06
CA ILE A 22 30.98 -44.65 29.66
C ILE A 22 30.45 -46.00 29.20
N LEU A 23 31.29 -46.74 28.47
CA LEU A 23 30.90 -48.05 27.95
C LEU A 23 29.74 -47.93 26.96
N LYS A 24 30.05 -47.55 25.73
CA LYS A 24 29.04 -47.39 24.70
C LYS A 24 28.00 -46.35 25.10
N PRO A 25 28.28 -45.06 24.84
CA PRO A 25 27.35 -43.98 25.19
C PRO A 25 25.97 -44.17 24.56
N GLY A 26 25.92 -44.18 23.23
CA GLY A 26 24.66 -44.37 22.54
C GLY A 26 24.31 -43.18 21.67
N SER A 27 23.01 -42.90 21.54
CA SER A 27 22.55 -41.78 20.72
C SER A 27 22.95 -41.97 19.27
N THR A 28 22.33 -41.19 18.39
CA THR A 28 22.62 -41.27 16.97
C THR A 28 22.12 -40.02 16.24
N ALA A 29 22.13 -38.90 16.93
CA ALA A 29 21.67 -37.64 16.35
C ALA A 29 22.85 -36.75 15.96
N LEU A 30 22.56 -35.68 15.25
CA LEU A 30 23.61 -34.75 14.81
C LEU A 30 23.00 -33.49 14.21
N LYS A 31 22.26 -33.65 13.11
CA LYS A 31 21.63 -32.53 12.44
C LYS A 31 22.67 -31.51 11.96
N THR A 32 22.26 -30.61 11.08
CA THR A 32 23.15 -29.59 10.55
C THR A 32 22.42 -28.26 10.38
N PRO A 33 23.03 -27.14 10.80
CA PRO A 33 22.43 -25.82 10.68
C PRO A 33 22.56 -25.25 9.28
N THR A 34 22.02 -25.98 8.29
CA THR A 34 22.07 -25.54 6.91
C THR A 34 21.12 -26.38 6.05
N ALA A 35 21.27 -27.70 6.11
CA ALA A 35 20.43 -28.60 5.34
C ALA A 35 20.23 -29.91 6.07
N VAL A 36 19.00 -30.15 6.52
CA VAL A 36 18.66 -31.38 7.23
C VAL A 36 18.27 -32.49 6.27
N VAL A 37 18.99 -33.61 6.33
CA VAL A 37 18.71 -34.75 5.46
C VAL A 37 17.64 -35.64 6.06
N ALA A 38 16.41 -35.48 5.60
CA ALA A 38 15.29 -36.28 6.09
C ALA A 38 14.15 -36.31 5.08
N PRO A 39 13.63 -37.50 4.75
CA PRO A 39 12.53 -37.64 3.78
C PRO A 39 11.19 -37.23 4.38
N VAL A 40 10.79 -35.99 4.14
CA VAL A 40 9.53 -35.47 4.65
C VAL A 40 8.57 -35.13 3.51
N GLU A 41 7.31 -35.51 3.68
CA GLU A 41 6.29 -35.25 2.66
C GLU A 41 5.09 -34.54 3.27
N LYS A 42 4.56 -33.55 2.54
CA LYS A 42 3.42 -32.79 3.01
C LYS A 42 2.11 -33.41 2.52
N THR A 43 0.99 -32.82 2.91
CA THR A 43 -0.32 -33.32 2.51
C THR A 43 -0.99 -32.36 1.50
N ILE A 44 -0.16 -31.71 0.69
CA ILE A 44 -0.67 -30.77 -0.30
C ILE A 44 -0.50 -31.33 -1.71
N SER A 45 0.53 -32.14 -1.91
CA SER A 45 0.80 -32.74 -3.21
C SER A 45 0.00 -34.04 -3.39
N SER A 46 -1.31 -33.91 -3.45
CA SER A 46 -2.18 -35.07 -3.62
C SER A 46 -3.51 -34.66 -4.25
N GLU A 47 -3.82 -35.24 -5.41
CA GLU A 47 -5.05 -34.93 -6.11
C GLU A 47 -6.21 -35.77 -5.56
N LYS A 48 -7.31 -35.10 -5.26
CA LYS A 48 -8.49 -35.78 -4.72
C LYS A 48 -8.19 -36.44 -3.38
N ALA A 49 -8.85 -35.98 -2.34
CA ALA A 49 -8.65 -36.52 -1.00
C ALA A 49 -9.95 -37.09 -0.44
N SER A 50 -10.98 -36.25 -0.38
CA SER A 50 -12.28 -36.67 0.13
C SER A 50 -13.32 -35.58 -0.07
N SER A 51 -13.11 -34.44 0.56
CA SER A 51 -14.04 -33.32 0.44
C SER A 51 -13.34 -32.00 0.79
N THR A 52 -12.58 -32.00 1.88
CA THR A 52 -11.87 -30.81 2.32
C THR A 52 -12.84 -29.70 2.70
N PRO A 53 -13.66 -29.93 3.74
CA PRO A 53 -14.64 -28.96 4.21
C PRO A 53 -13.99 -27.77 4.90
N SER A 54 -13.83 -26.67 4.18
CA SER A 54 -13.21 -25.46 4.73
C SER A 54 -13.37 -24.29 3.77
N SER A 55 -12.83 -23.13 4.16
CA SER A 55 -12.90 -21.94 3.34
C SER A 55 -11.71 -21.02 3.60
N GLU A 56 -11.58 -19.99 2.78
CA GLU A 56 -10.48 -19.03 2.92
C GLU A 56 -10.97 -17.60 2.74
N THR A 57 -10.72 -16.76 3.74
CA THR A 57 -11.13 -15.36 3.69
C THR A 57 -10.09 -14.47 4.34
N GLN A 58 -8.91 -14.40 3.71
CA GLN A 58 -7.82 -13.58 4.22
C GLN A 58 -7.50 -12.44 3.25
N GLU A 59 -7.75 -11.22 3.68
CA GLU A 59 -7.49 -10.04 2.85
C GLU A 59 -7.35 -8.79 3.70
N GLU A 60 -6.90 -8.97 4.94
CA GLU A 60 -6.73 -7.85 5.86
C GLU A 60 -5.27 -7.38 5.89
N PHE A 61 -5.02 -6.28 6.59
CA PHE A 61 -3.67 -5.73 6.69
C PHE A 61 -3.12 -5.38 5.33
N VAL A 62 -3.23 -4.11 4.96
CA VAL A 62 -2.73 -3.63 3.68
C VAL A 62 -1.35 -3.00 3.82
N ASP A 63 -0.52 -3.60 4.65
CA ASP A 63 0.84 -3.09 4.87
C ASP A 63 0.80 -1.69 5.47
N ASP A 64 1.97 -1.12 5.72
CA ASP A 64 2.07 0.22 6.28
C ASP A 64 3.16 1.03 5.58
N PHE A 65 2.77 2.15 4.99
CA PHE A 65 3.72 3.01 4.29
C PHE A 65 3.92 4.33 5.03
N ARG A 66 4.94 5.08 4.64
CA ARG A 66 5.24 6.35 5.28
C ARG A 66 5.86 7.33 4.27
N VAL A 67 5.76 8.62 4.58
CA VAL A 67 6.31 9.66 3.71
C VAL A 67 7.81 9.77 3.87
N GLY A 68 8.53 9.72 2.75
CA GLY A 68 9.98 9.81 2.80
C GLY A 68 10.65 8.46 2.68
N GLU A 69 9.98 7.52 2.03
CA GLU A 69 10.53 6.18 1.85
C GLU A 69 10.72 5.85 0.37
N ARG A 70 11.51 4.83 0.09
CA ARG A 70 11.76 4.42 -1.28
C ARG A 70 10.91 3.21 -1.67
N VAL A 71 10.06 3.39 -2.68
CA VAL A 71 9.19 2.33 -3.14
C VAL A 71 9.20 2.22 -4.66
N TRP A 72 8.72 1.09 -5.16
CA TRP A 72 8.67 0.87 -6.61
C TRP A 72 7.23 0.86 -7.12
N VAL A 73 6.89 1.82 -7.96
CA VAL A 73 5.54 1.92 -8.52
C VAL A 73 5.28 0.78 -9.50
N ASN A 74 4.26 -0.02 -9.20
CA ASN A 74 3.90 -1.15 -10.06
C ASN A 74 5.05 -2.16 -10.14
N GLY A 75 5.87 -2.20 -9.09
CA GLY A 75 6.99 -3.13 -9.07
C GLY A 75 7.97 -2.89 -10.21
N ASN A 76 8.15 -1.62 -10.58
CA ASN A 76 9.07 -1.27 -11.65
C ASN A 76 9.13 0.25 -11.84
N LYS A 77 9.38 0.97 -10.75
CA LYS A 77 9.48 2.42 -10.80
C LYS A 77 9.83 3.00 -9.43
N PRO A 78 11.13 3.00 -9.08
CA PRO A 78 11.60 3.53 -7.80
C PRO A 78 11.33 5.02 -7.64
N GLY A 79 11.07 5.44 -6.41
CA GLY A 79 10.78 6.84 -6.15
C GLY A 79 10.70 7.15 -4.67
N PHE A 80 10.07 8.27 -4.34
CA PHE A 80 9.92 8.67 -2.94
C PHE A 80 8.48 9.08 -2.64
N ILE A 81 7.90 8.49 -1.60
CA ILE A 81 6.53 8.78 -1.21
C ILE A 81 6.43 10.18 -0.61
N GLN A 82 5.41 10.92 -1.03
CA GLN A 82 5.20 12.27 -0.53
C GLN A 82 3.80 12.43 0.06
N PHE A 83 2.80 11.88 -0.65
CA PHE A 83 1.41 11.96 -0.19
C PHE A 83 0.93 10.58 0.27
N LEU A 84 0.13 10.59 1.34
CA LEU A 84 -0.40 9.33 1.88
C LEU A 84 -1.74 9.58 2.57
N GLY A 85 -2.83 9.27 1.87
CA GLY A 85 -4.15 9.46 2.43
C GLY A 85 -5.25 9.22 1.41
N GLU A 86 -6.00 10.27 1.09
CA GLU A 86 -7.08 10.17 0.12
C GLU A 86 -7.06 11.36 -0.84
N THR A 87 -7.58 11.13 -2.04
CA THR A 87 -7.62 12.18 -3.06
C THR A 87 -9.01 12.82 -3.13
N GLN A 88 -9.12 13.91 -3.88
CA GLN A 88 -10.39 14.61 -4.02
C GLN A 88 -11.21 14.02 -5.15
N PHE A 89 -10.54 13.67 -6.25
CA PHE A 89 -11.21 13.08 -7.41
C PHE A 89 -11.68 11.66 -7.10
N ALA A 90 -10.94 10.97 -6.25
CA ALA A 90 -11.27 9.60 -5.87
C ALA A 90 -11.30 9.44 -4.36
N PRO A 91 -12.28 8.68 -3.83
CA PRO A 91 -12.41 8.44 -2.38
C PRO A 91 -11.38 7.44 -1.86
N GLY A 92 -10.96 6.53 -2.73
CA GLY A 92 -9.98 5.53 -2.33
C GLY A 92 -8.69 6.15 -1.83
N GLN A 93 -7.84 5.33 -1.23
CA GLN A 93 -6.57 5.79 -0.70
C GLN A 93 -5.47 5.64 -1.74
N TRP A 94 -4.70 6.72 -1.96
CA TRP A 94 -3.63 6.71 -2.92
C TRP A 94 -2.29 7.02 -2.24
N ALA A 95 -1.21 7.01 -3.03
CA ALA A 95 0.12 7.29 -2.51
C ALA A 95 1.03 7.87 -3.59
N GLY A 96 1.25 9.17 -3.53
CA GLY A 96 2.10 9.83 -4.51
C GLY A 96 3.55 9.44 -4.37
N ILE A 97 4.27 9.43 -5.48
CA ILE A 97 5.69 9.07 -5.48
C ILE A 97 6.47 9.90 -6.48
N VAL A 98 7.65 10.36 -6.08
CA VAL A 98 8.50 11.17 -6.94
C VAL A 98 9.55 10.31 -7.62
N LEU A 99 9.37 10.09 -8.93
CA LEU A 99 10.31 9.29 -9.71
C LEU A 99 11.63 10.03 -9.90
N ASP A 100 12.62 9.31 -10.41
CA ASP A 100 13.94 9.90 -10.64
C ASP A 100 14.01 10.55 -12.02
N GLU A 101 13.32 9.95 -12.99
CA GLU A 101 13.30 10.48 -14.35
C GLU A 101 11.88 10.79 -14.80
N PRO A 102 11.72 11.69 -15.79
CA PRO A 102 10.40 12.07 -16.31
C PRO A 102 9.75 10.93 -17.11
N ILE A 103 9.44 9.84 -16.42
CA ILE A 103 8.81 8.69 -17.05
C ILE A 103 7.37 8.52 -16.59
N GLY A 104 7.04 9.11 -15.45
CA GLY A 104 5.68 9.01 -14.92
C GLY A 104 4.65 9.56 -15.87
N LYS A 105 3.48 9.89 -15.35
CA LYS A 105 2.39 10.43 -16.15
C LYS A 105 1.57 11.44 -15.36
N ASN A 106 2.24 12.22 -14.53
CA ASN A 106 1.57 13.23 -13.72
C ASN A 106 2.58 14.20 -13.11
N ASP A 107 2.08 15.26 -12.49
CA ASP A 107 2.94 16.26 -11.86
C ASP A 107 2.71 16.33 -10.36
N GLY A 108 2.06 15.29 -9.81
CA GLY A 108 1.79 15.27 -8.38
C GLY A 108 0.42 15.81 -8.03
N SER A 109 -0.10 16.71 -8.87
CA SER A 109 -1.41 17.29 -8.64
C SER A 109 -2.45 16.71 -9.59
N VAL A 110 -3.72 16.88 -9.25
CA VAL A 110 -4.81 16.37 -10.06
C VAL A 110 -5.90 17.43 -10.24
N ALA A 111 -6.07 17.90 -11.47
CA ALA A 111 -7.07 18.91 -11.77
C ALA A 111 -6.82 20.19 -10.97
N GLY A 112 -5.55 20.46 -10.69
CA GLY A 112 -5.20 21.65 -9.95
C GLY A 112 -4.96 21.37 -8.47
N VAL A 113 -5.56 20.29 -7.98
CA VAL A 113 -5.40 19.92 -6.58
C VAL A 113 -4.00 19.38 -6.31
N ARG A 114 -3.18 20.20 -5.64
CA ARG A 114 -1.81 19.82 -5.32
C ARG A 114 -1.76 19.00 -4.03
N TYR A 115 -1.19 17.80 -4.11
CA TYR A 115 -1.08 16.93 -2.95
C TYR A 115 0.35 16.89 -2.42
N PHE A 116 1.32 16.97 -3.33
CA PHE A 116 2.73 16.96 -2.96
C PHE A 116 3.59 17.60 -4.04
N GLN A 117 4.38 18.59 -3.66
CA GLN A 117 5.25 19.29 -4.59
C GLN A 117 6.31 18.34 -5.15
N CYS A 118 6.33 18.23 -6.48
CA CYS A 118 7.30 17.36 -7.15
C CYS A 118 7.59 17.85 -8.56
N GLU A 119 8.46 17.14 -9.26
CA GLU A 119 8.84 17.50 -10.62
C GLU A 119 7.82 16.97 -11.63
N PRO A 120 7.66 17.66 -12.78
CA PRO A 120 6.71 17.24 -13.82
C PRO A 120 7.04 15.87 -14.38
N LEU A 121 6.00 15.13 -14.76
CA LEU A 121 6.17 13.80 -15.33
C LEU A 121 6.93 12.88 -14.37
N LYS A 122 6.74 13.09 -13.08
CA LYS A 122 7.41 12.27 -12.06
C LYS A 122 6.41 11.85 -10.98
N GLY A 123 5.64 12.79 -10.48
CA GLY A 123 4.66 12.49 -9.45
C GLY A 123 3.51 11.65 -9.97
N ILE A 124 3.55 10.36 -9.70
CA ILE A 124 2.50 9.45 -10.15
C ILE A 124 1.63 8.98 -8.98
N PHE A 125 0.32 9.01 -9.17
CA PHE A 125 -0.61 8.59 -8.13
C PHE A 125 -1.00 7.12 -8.31
N THR A 126 -0.81 6.33 -7.25
CA THR A 126 -1.14 4.92 -7.29
C THR A 126 -1.52 4.41 -5.90
N ARG A 127 -2.13 3.23 -5.85
CA ARG A 127 -2.54 2.64 -4.59
C ARG A 127 -1.34 2.09 -3.82
N PRO A 128 -1.33 2.24 -2.48
CA PRO A 128 -0.22 1.75 -1.65
C PRO A 128 0.03 0.26 -1.83
N SER A 129 -1.06 -0.50 -1.96
CA SER A 129 -0.96 -1.94 -2.15
C SER A 129 -0.17 -2.29 -3.41
N LYS A 130 -0.20 -1.39 -4.39
CA LYS A 130 0.51 -1.61 -5.64
C LYS A 130 2.01 -1.41 -5.45
N LEU A 131 2.38 -0.56 -4.50
CA LEU A 131 3.78 -0.28 -4.23
C LEU A 131 4.50 -1.54 -3.74
N THR A 132 5.75 -1.70 -4.15
CA THR A 132 6.54 -2.86 -3.76
C THR A 132 7.98 -2.45 -3.42
N ARG A 133 8.55 -3.12 -2.42
CA ARG A 133 9.92 -2.83 -2.00
C ARG A 133 10.93 -3.57 -2.88
N LYS A 134 11.84 -2.81 -3.48
CA LYS A 134 12.86 -3.39 -4.35
C LYS A 134 12.23 -4.11 -5.54
N VAL A 135 12.98 -4.20 -6.63
CA VAL A 135 12.49 -4.85 -7.84
C VAL A 135 12.36 -6.36 -7.63
N SER A 136 11.13 -6.83 -7.50
CA SER A 136 10.86 -8.25 -7.29
C SER A 136 10.79 -8.99 -8.62
N GLY A 137 11.06 -10.29 -8.59
CA GLY A 137 11.02 -11.08 -9.80
C GLY A 137 12.35 -11.75 -10.11
N PRO A 138 12.69 -12.83 -9.39
CA PRO A 138 13.96 -13.55 -9.59
C PRO A 138 14.17 -13.92 -11.05
N SER A 139 13.25 -14.70 -11.60
CA SER A 139 13.34 -15.14 -12.98
C SER A 139 12.27 -14.46 -13.84
N SER A 140 12.47 -14.49 -15.16
CA SER A 140 11.51 -13.88 -16.08
C SER A 140 11.64 -14.49 -17.47
N GLY A 141 10.76 -14.08 -18.38
CA GLY A 141 10.79 -14.60 -19.73
C GLY A 141 9.64 -14.09 -20.57
N GLY A 1 -40.34 -34.61 -1.97
CA GLY A 1 -39.47 -35.80 -2.10
C GLY A 1 -38.56 -35.99 -0.89
N SER A 2 -37.56 -36.85 -1.02
CA SER A 2 -36.63 -37.12 0.06
C SER A 2 -37.36 -37.68 1.28
N SER A 3 -37.28 -38.99 1.47
CA SER A 3 -37.93 -39.65 2.59
C SER A 3 -36.94 -40.52 3.36
N GLY A 4 -35.70 -40.05 3.45
CA GLY A 4 -34.67 -40.79 4.16
C GLY A 4 -34.89 -40.78 5.66
N SER A 5 -34.45 -41.85 6.33
CA SER A 5 -34.60 -41.96 7.77
C SER A 5 -33.24 -42.08 8.45
N SER A 6 -32.81 -41.01 9.09
CA SER A 6 -31.52 -40.99 9.78
C SER A 6 -31.61 -40.23 11.10
N GLY A 7 -31.34 -40.92 12.20
CA GLY A 7 -31.41 -40.29 13.51
C GLY A 7 -32.19 -41.12 14.51
N MET A 8 -31.90 -40.92 15.79
CA MET A 8 -32.58 -41.65 16.85
C MET A 8 -33.75 -40.85 17.41
N SER A 9 -34.96 -41.28 17.08
CA SER A 9 -36.17 -40.59 17.54
C SER A 9 -36.71 -41.25 18.80
N MET A 10 -37.34 -40.46 19.66
CA MET A 10 -37.90 -40.97 20.91
C MET A 10 -36.82 -41.59 21.79
N LEU A 11 -36.41 -40.85 22.81
CA LEU A 11 -35.38 -41.32 23.73
C LEU A 11 -35.96 -41.58 25.12
N LYS A 12 -35.52 -42.64 25.76
CA LYS A 12 -35.99 -42.99 27.09
C LYS A 12 -34.85 -43.56 27.95
N PRO A 13 -34.15 -42.68 28.68
CA PRO A 13 -33.03 -43.09 29.54
C PRO A 13 -33.41 -44.23 30.48
N SER A 14 -32.43 -45.08 30.79
CA SER A 14 -32.66 -46.22 31.67
C SER A 14 -31.38 -46.61 32.40
N GLY A 15 -30.39 -47.05 31.64
CA GLY A 15 -29.12 -47.46 32.23
C GLY A 15 -28.88 -48.95 32.11
N LEU A 16 -27.71 -49.31 31.59
CA LEU A 16 -27.35 -50.72 31.42
C LEU A 16 -25.84 -50.91 31.52
N LYS A 17 -25.22 -50.23 32.49
CA LYS A 17 -23.79 -50.33 32.70
C LYS A 17 -23.45 -51.48 33.64
N ALA A 18 -22.15 -51.74 33.81
CA ALA A 18 -21.70 -52.81 34.68
C ALA A 18 -21.19 -52.25 36.02
N PRO A 19 -21.91 -52.51 37.13
CA PRO A 19 -21.51 -52.04 38.45
C PRO A 19 -20.25 -52.72 38.96
N THR A 20 -19.11 -52.03 38.83
CA THR A 20 -17.84 -52.57 39.28
C THR A 20 -17.10 -51.57 40.17
N LYS A 21 -16.87 -50.38 39.63
CA LYS A 21 -16.17 -49.33 40.36
C LYS A 21 -14.75 -49.77 40.74
N ILE A 22 -13.77 -49.09 40.18
CA ILE A 22 -12.36 -49.41 40.45
C ILE A 22 -11.64 -48.22 41.07
N LEU A 23 -11.33 -48.33 42.37
CA LEU A 23 -10.64 -47.27 43.07
C LEU A 23 -9.13 -47.50 43.09
N LYS A 24 -8.72 -48.67 43.56
CA LYS A 24 -7.30 -49.01 43.62
C LYS A 24 -7.04 -50.36 42.95
N PRO A 25 -7.04 -50.40 41.61
CA PRO A 25 -6.80 -51.63 40.85
C PRO A 25 -5.34 -52.09 40.94
N GLY A 26 -4.97 -52.63 42.10
CA GLY A 26 -3.61 -53.11 42.28
C GLY A 26 -2.79 -52.17 43.15
N SER A 27 -3.12 -50.88 43.11
CA SER A 27 -2.40 -49.88 43.89
C SER A 27 -0.94 -49.83 43.49
N THR A 28 -0.57 -48.81 42.72
CA THR A 28 0.80 -48.65 42.27
C THR A 28 1.15 -47.18 42.07
N ALA A 29 2.29 -46.77 42.61
CA ALA A 29 2.73 -45.38 42.50
C ALA A 29 3.54 -45.17 41.22
N LEU A 30 3.11 -44.20 40.41
CA LEU A 30 3.79 -43.90 39.16
C LEU A 30 3.11 -42.74 38.43
N LYS A 31 1.80 -42.70 38.48
CA LYS A 31 1.03 -41.64 37.83
C LYS A 31 1.24 -41.68 36.32
N THR A 32 0.37 -40.99 35.59
CA THR A 32 0.45 -40.93 34.13
C THR A 32 1.79 -40.34 33.70
N PRO A 33 2.39 -40.90 32.64
CA PRO A 33 3.68 -40.41 32.12
C PRO A 33 3.58 -39.03 31.50
N THR A 34 2.36 -38.65 31.10
CA THR A 34 2.12 -37.35 30.48
C THR A 34 2.88 -37.22 29.17
N ALA A 35 2.20 -37.56 28.07
CA ALA A 35 2.80 -37.48 26.75
C ALA A 35 1.82 -36.93 25.73
N VAL A 36 1.59 -35.63 25.78
CA VAL A 36 0.67 -34.96 24.86
C VAL A 36 1.42 -34.26 23.73
N VAL A 37 0.95 -34.47 22.50
CA VAL A 37 1.58 -33.86 21.34
C VAL A 37 0.62 -32.91 20.64
N ALA A 38 1.11 -31.70 20.33
CA ALA A 38 0.30 -30.70 19.66
C ALA A 38 0.76 -30.48 18.22
N PRO A 39 0.03 -31.04 17.23
CA PRO A 39 0.38 -30.91 15.82
C PRO A 39 0.22 -29.48 15.31
N VAL A 40 1.22 -28.99 14.59
CA VAL A 40 1.19 -27.64 14.05
C VAL A 40 0.91 -27.64 12.55
N GLU A 41 0.43 -26.52 12.04
CA GLU A 41 0.12 -26.39 10.62
C GLU A 41 0.04 -24.93 10.21
N LYS A 42 -0.64 -24.13 11.01
CA LYS A 42 -0.80 -22.71 10.73
C LYS A 42 0.56 -22.01 10.71
N THR A 43 1.28 -22.10 11.82
CA THR A 43 2.60 -21.48 11.92
C THR A 43 3.64 -22.27 11.15
N ILE A 44 4.78 -21.65 10.88
CA ILE A 44 5.86 -22.29 10.14
C ILE A 44 5.41 -22.69 8.75
N SER A 45 5.95 -22.01 7.74
CA SER A 45 5.60 -22.30 6.36
C SER A 45 6.81 -22.11 5.44
N SER A 46 7.50 -23.21 5.14
CA SER A 46 8.67 -23.15 4.28
C SER A 46 8.27 -23.13 2.81
N GLU A 47 9.25 -23.17 1.93
CA GLU A 47 9.00 -23.16 0.49
C GLU A 47 10.09 -23.91 -0.27
N LYS A 48 9.94 -25.23 -0.35
CA LYS A 48 10.91 -26.07 -1.05
C LYS A 48 10.36 -26.55 -2.38
N ALA A 49 9.15 -27.11 -2.34
CA ALA A 49 8.51 -27.62 -3.54
C ALA A 49 7.27 -26.79 -3.89
N SER A 50 7.32 -25.50 -3.56
CA SER A 50 6.20 -24.61 -3.84
C SER A 50 6.69 -23.31 -4.47
N SER A 51 7.65 -22.66 -3.81
CA SER A 51 8.21 -21.41 -4.30
C SER A 51 7.15 -20.32 -4.33
N THR A 52 6.29 -20.35 -5.35
CA THR A 52 5.23 -19.36 -5.49
C THR A 52 4.07 -19.91 -6.31
N PRO A 53 3.09 -20.55 -5.64
CA PRO A 53 1.92 -21.12 -6.32
C PRO A 53 1.23 -20.12 -7.23
N SER A 54 1.13 -18.88 -6.78
CA SER A 54 0.50 -17.82 -7.57
C SER A 54 -0.96 -18.17 -7.87
N SER A 55 -1.82 -17.99 -6.88
CA SER A 55 -3.23 -18.29 -7.04
C SER A 55 -4.06 -17.62 -5.94
N GLU A 56 -3.73 -17.95 -4.68
CA GLU A 56 -4.45 -17.38 -3.55
C GLU A 56 -3.55 -16.41 -2.78
N THR A 57 -2.25 -16.68 -2.77
CA THR A 57 -1.29 -15.84 -2.08
C THR A 57 -0.47 -15.01 -3.07
N GLN A 58 -0.97 -13.82 -3.38
CA GLN A 58 -0.29 -12.93 -4.32
C GLN A 58 -0.53 -11.46 -3.95
N GLU A 59 -1.79 -11.13 -3.69
CA GLU A 59 -2.17 -9.77 -3.34
C GLU A 59 -3.06 -9.75 -2.10
N GLU A 60 -2.44 -9.63 -0.93
CA GLU A 60 -3.17 -9.60 0.32
C GLU A 60 -2.44 -8.77 1.37
N PHE A 61 -3.17 -8.33 2.38
CA PHE A 61 -2.59 -7.52 3.44
C PHE A 61 -1.98 -6.23 2.90
N VAL A 62 -2.77 -5.16 2.90
CA VAL A 62 -2.32 -3.87 2.40
C VAL A 62 -1.51 -3.12 3.46
N ASP A 63 -0.20 -3.32 3.44
CA ASP A 63 0.69 -2.67 4.39
C ASP A 63 0.81 -1.18 4.09
N ASP A 64 0.63 -0.36 5.11
CA ASP A 64 0.73 1.09 4.95
C ASP A 64 2.15 1.51 4.58
N PHE A 65 2.31 2.77 4.21
CA PHE A 65 3.61 3.30 3.83
C PHE A 65 3.89 4.62 4.53
N ARG A 66 5.17 4.97 4.64
CA ARG A 66 5.57 6.21 5.29
C ARG A 66 6.04 7.24 4.26
N VAL A 67 5.95 8.52 4.62
CA VAL A 67 6.37 9.59 3.73
C VAL A 67 7.89 9.75 3.74
N GLY A 68 8.54 9.32 2.66
CA GLY A 68 9.98 9.43 2.57
C GLY A 68 10.65 8.07 2.56
N GLU A 69 10.08 7.13 1.83
CA GLU A 69 10.63 5.79 1.74
C GLU A 69 10.69 5.32 0.29
N ARG A 70 11.79 4.66 -0.08
CA ARG A 70 11.96 4.16 -1.43
C ARG A 70 10.93 3.09 -1.75
N VAL A 71 10.26 3.24 -2.90
CA VAL A 71 9.24 2.28 -3.32
C VAL A 71 9.28 2.08 -4.83
N TRP A 72 8.84 0.90 -5.27
CA TRP A 72 8.83 0.58 -6.69
C TRP A 72 7.40 0.39 -7.19
N VAL A 73 6.87 1.43 -7.84
CA VAL A 73 5.51 1.38 -8.38
C VAL A 73 5.39 0.31 -9.45
N ASN A 74 4.44 -0.59 -9.29
CA ASN A 74 4.23 -1.67 -10.26
C ASN A 74 5.41 -2.63 -10.27
N GLY A 75 6.26 -2.55 -9.23
CA GLY A 75 7.41 -3.42 -9.14
C GLY A 75 8.47 -3.10 -10.18
N ASN A 76 8.67 -1.81 -10.46
CA ASN A 76 9.67 -1.40 -11.44
C ASN A 76 9.66 0.13 -11.62
N LYS A 77 9.46 0.85 -10.52
CA LYS A 77 9.43 2.31 -10.57
C LYS A 77 9.92 2.90 -9.25
N PRO A 78 11.25 3.00 -9.06
CA PRO A 78 11.83 3.56 -7.84
C PRO A 78 11.51 5.05 -7.67
N GLY A 79 11.23 5.45 -6.44
CA GLY A 79 10.91 6.85 -6.18
C GLY A 79 10.80 7.14 -4.70
N PHE A 80 10.11 8.23 -4.37
CA PHE A 80 9.93 8.63 -2.97
C PHE A 80 8.50 9.08 -2.72
N ILE A 81 7.88 8.50 -1.69
CA ILE A 81 6.51 8.84 -1.34
C ILE A 81 6.43 10.23 -0.69
N GLN A 82 5.42 11.00 -1.08
CA GLN A 82 5.25 12.34 -0.54
C GLN A 82 3.88 12.48 0.12
N PHE A 83 2.83 12.18 -0.64
CA PHE A 83 1.46 12.26 -0.13
C PHE A 83 0.93 10.89 0.25
N LEU A 84 0.09 10.84 1.27
CA LEU A 84 -0.49 9.60 1.74
C LEU A 84 -1.85 9.84 2.41
N GLY A 85 -2.92 9.59 1.67
CA GLY A 85 -4.25 9.79 2.20
C GLY A 85 -5.31 9.73 1.13
N GLU A 86 -6.43 10.42 1.36
CA GLU A 86 -7.53 10.44 0.42
C GLU A 86 -7.31 11.51 -0.65
N THR A 87 -8.19 11.54 -1.64
CA THR A 87 -8.08 12.51 -2.72
C THR A 87 -9.42 13.22 -2.95
N GLN A 88 -9.45 14.10 -3.95
CA GLN A 88 -10.67 14.84 -4.27
C GLN A 88 -11.34 14.29 -5.51
N PHE A 89 -10.55 14.06 -6.57
CA PHE A 89 -11.09 13.54 -7.82
C PHE A 89 -11.81 12.21 -7.60
N ALA A 90 -11.39 11.47 -6.58
CA ALA A 90 -12.00 10.19 -6.27
C ALA A 90 -11.68 9.75 -4.84
N PRO A 91 -12.66 9.16 -4.15
CA PRO A 91 -12.48 8.71 -2.76
C PRO A 91 -11.67 7.42 -2.68
N GLY A 92 -11.02 7.19 -1.54
CA GLY A 92 -10.22 6.00 -1.35
C GLY A 92 -8.85 6.31 -0.79
N GLN A 93 -7.87 5.49 -1.17
CA GLN A 93 -6.50 5.67 -0.70
C GLN A 93 -5.54 5.85 -1.86
N TRP A 94 -4.80 6.95 -1.86
CA TRP A 94 -3.84 7.23 -2.92
C TRP A 94 -2.50 7.68 -2.34
N ALA A 95 -1.43 6.99 -2.73
CA ALA A 95 -0.09 7.31 -2.25
C ALA A 95 0.76 7.91 -3.36
N GLY A 96 1.03 9.21 -3.26
CA GLY A 96 1.83 9.89 -4.26
C GLY A 96 3.31 9.58 -4.12
N ILE A 97 3.95 9.24 -5.23
CA ILE A 97 5.38 8.93 -5.23
C ILE A 97 6.12 9.74 -6.28
N VAL A 98 7.35 10.11 -5.96
CA VAL A 98 8.17 10.89 -6.88
C VAL A 98 9.34 10.06 -7.43
N LEU A 99 9.31 9.80 -8.72
CA LEU A 99 10.35 9.01 -9.38
C LEU A 99 11.64 9.82 -9.50
N ASP A 100 12.70 9.16 -9.95
CA ASP A 100 13.99 9.81 -10.12
C ASP A 100 14.19 10.28 -11.56
N GLU A 101 13.61 9.55 -12.50
CA GLU A 101 13.72 9.88 -13.91
C GLU A 101 12.38 10.35 -14.47
N PRO A 102 12.41 11.18 -15.53
CA PRO A 102 11.19 11.70 -16.15
C PRO A 102 10.42 10.62 -16.92
N ILE A 103 9.97 9.60 -16.19
CA ILE A 103 9.21 8.51 -16.80
C ILE A 103 7.75 8.56 -16.39
N GLY A 104 7.47 9.23 -15.28
CA GLY A 104 6.10 9.33 -14.80
C GLY A 104 5.18 10.03 -15.81
N LYS A 105 4.07 10.56 -15.33
CA LYS A 105 3.11 11.25 -16.20
C LYS A 105 2.53 12.46 -15.49
N ASN A 106 2.09 12.28 -14.25
CA ASN A 106 1.50 13.35 -13.47
C ASN A 106 2.58 14.27 -12.91
N ASP A 107 2.16 15.32 -12.21
CA ASP A 107 3.10 16.27 -11.61
C ASP A 107 2.68 16.61 -10.18
N GLY A 108 2.06 15.65 -9.51
CA GLY A 108 1.63 15.88 -8.15
C GLY A 108 0.48 16.86 -8.04
N SER A 109 -0.42 16.81 -9.02
CA SER A 109 -1.58 17.70 -9.04
C SER A 109 -2.72 17.10 -9.85
N VAL A 110 -3.95 17.33 -9.39
CA VAL A 110 -5.13 16.81 -10.06
C VAL A 110 -6.32 17.76 -9.92
N ALA A 111 -6.81 18.25 -11.05
CA ALA A 111 -7.94 19.17 -11.05
C ALA A 111 -7.62 20.42 -10.24
N GLY A 112 -6.39 20.90 -10.35
CA GLY A 112 -5.99 22.10 -9.63
C GLY A 112 -5.84 21.86 -8.15
N VAL A 113 -5.53 20.61 -7.78
CA VAL A 113 -5.36 20.25 -6.38
C VAL A 113 -3.98 19.65 -6.12
N ARG A 114 -3.08 20.47 -5.60
CA ARG A 114 -1.71 20.02 -5.31
C ARG A 114 -1.68 19.19 -4.03
N TYR A 115 -1.19 17.96 -4.14
CA TYR A 115 -1.10 17.07 -2.99
C TYR A 115 0.32 17.01 -2.46
N PHE A 116 1.29 17.00 -3.37
CA PHE A 116 2.70 16.94 -3.00
C PHE A 116 3.57 17.54 -4.09
N GLN A 117 4.37 18.54 -3.71
CA GLN A 117 5.26 19.20 -4.66
C GLN A 117 6.35 18.26 -5.14
N CYS A 118 6.45 18.10 -6.45
CA CYS A 118 7.46 17.22 -7.04
C CYS A 118 7.89 17.72 -8.41
N GLU A 119 8.83 17.02 -9.04
CA GLU A 119 9.32 17.40 -10.35
C GLU A 119 8.37 16.91 -11.45
N PRO A 120 8.32 17.63 -12.59
CA PRO A 120 7.45 17.25 -13.72
C PRO A 120 7.78 15.88 -14.28
N LEU A 121 6.75 15.14 -14.68
CA LEU A 121 6.93 13.81 -15.24
C LEU A 121 7.57 12.87 -14.23
N LYS A 122 7.13 12.96 -12.97
CA LYS A 122 7.67 12.12 -11.92
C LYS A 122 6.57 11.73 -10.92
N GLY A 123 5.79 12.71 -10.50
CA GLY A 123 4.72 12.45 -9.56
C GLY A 123 3.62 11.60 -10.16
N ILE A 124 3.41 10.42 -9.60
CA ILE A 124 2.38 9.51 -10.10
C ILE A 124 1.51 8.99 -8.94
N PHE A 125 0.20 8.95 -9.18
CA PHE A 125 -0.74 8.48 -8.17
C PHE A 125 -1.15 7.04 -8.44
N THR A 126 -0.81 6.15 -7.51
CA THR A 126 -1.14 4.73 -7.65
C THR A 126 -1.56 4.14 -6.31
N ARG A 127 -1.88 2.85 -6.31
CA ARG A 127 -2.31 2.17 -5.10
C ARG A 127 -1.09 1.74 -4.27
N PRO A 128 -1.11 2.00 -2.95
CA PRO A 128 0.00 1.62 -2.06
C PRO A 128 0.30 0.14 -2.12
N SER A 129 -0.74 -0.67 -2.22
CA SER A 129 -0.58 -2.12 -2.29
C SER A 129 0.27 -2.53 -3.48
N LYS A 130 0.24 -1.72 -4.54
CA LYS A 130 1.01 -2.00 -5.74
C LYS A 130 2.50 -1.72 -5.51
N LEU A 131 2.79 -0.79 -4.61
CA LEU A 131 4.17 -0.43 -4.30
C LEU A 131 4.94 -1.64 -3.78
N THR A 132 6.24 -1.67 -4.05
CA THR A 132 7.09 -2.77 -3.61
C THR A 132 8.51 -2.28 -3.34
N ARG A 133 9.19 -2.96 -2.42
CA ARG A 133 10.56 -2.59 -2.06
C ARG A 133 11.57 -3.37 -2.89
N LYS A 134 12.50 -2.65 -3.53
CA LYS A 134 13.51 -3.27 -4.36
C LYS A 134 12.89 -4.01 -5.54
N VAL A 135 13.59 -4.01 -6.66
CA VAL A 135 13.10 -4.68 -7.86
C VAL A 135 12.89 -6.17 -7.62
N SER A 136 11.86 -6.73 -8.26
CA SER A 136 11.54 -8.15 -8.10
C SER A 136 11.79 -8.90 -9.41
N GLY A 137 12.65 -9.91 -9.35
CA GLY A 137 12.95 -10.70 -10.53
C GLY A 137 14.28 -11.41 -10.43
N PRO A 138 15.40 -10.70 -10.70
CA PRO A 138 16.73 -11.28 -10.64
C PRO A 138 17.16 -11.59 -9.21
N SER A 139 16.63 -10.82 -8.27
CA SER A 139 16.96 -11.02 -6.85
C SER A 139 15.97 -11.96 -6.18
N SER A 140 14.70 -11.84 -6.54
CA SER A 140 13.66 -12.69 -5.98
C SER A 140 13.59 -12.52 -4.45
N GLY A 141 12.64 -13.23 -3.84
CA GLY A 141 12.48 -13.15 -2.40
C GLY A 141 11.21 -12.42 -2.00
N GLY A 1 3.17 66.98 33.38
CA GLY A 1 4.04 66.06 32.59
C GLY A 1 3.23 65.14 31.70
N SER A 2 2.22 64.49 32.26
CA SER A 2 1.37 63.57 31.52
C SER A 2 0.63 64.30 30.40
N SER A 3 0.40 63.60 29.30
CA SER A 3 -0.31 64.19 28.16
C SER A 3 -1.82 64.20 28.40
N GLY A 4 -2.42 65.38 28.29
CA GLY A 4 -3.85 65.50 28.50
C GLY A 4 -4.29 66.95 28.60
N SER A 5 -4.39 67.45 29.83
CA SER A 5 -4.81 68.82 30.07
C SER A 5 -3.66 69.64 30.64
N SER A 6 -3.18 69.25 31.82
CA SER A 6 -2.09 69.95 32.47
C SER A 6 -0.74 69.36 32.07
N GLY A 7 0.21 70.23 31.75
CA GLY A 7 1.53 69.78 31.35
C GLY A 7 1.59 69.39 29.88
N MET A 8 2.65 69.82 29.20
CA MET A 8 2.83 69.51 27.79
C MET A 8 3.98 68.54 27.57
N SER A 9 3.77 67.54 26.73
CA SER A 9 4.80 66.56 26.44
C SER A 9 4.56 65.90 25.08
N MET A 10 5.57 65.18 24.60
CA MET A 10 5.47 64.50 23.31
C MET A 10 6.02 63.07 23.40
N LEU A 11 5.22 62.18 23.98
CA LEU A 11 5.62 60.78 24.12
C LEU A 11 4.43 59.85 23.91
N LYS A 12 4.59 58.91 22.98
CA LYS A 12 3.53 57.95 22.68
C LYS A 12 3.70 56.67 23.49
N PRO A 13 2.62 56.20 24.15
CA PRO A 13 2.67 54.98 24.96
C PRO A 13 3.15 53.78 24.16
N SER A 14 3.04 53.87 22.83
CA SER A 14 3.46 52.79 21.95
C SER A 14 2.48 51.62 22.00
N GLY A 15 1.40 51.73 21.24
CA GLY A 15 0.40 50.68 21.21
C GLY A 15 -0.39 50.59 22.50
N LEU A 16 -1.43 49.76 22.51
CA LEU A 16 -2.25 49.59 23.69
C LEU A 16 -2.01 48.22 24.33
N LYS A 17 -1.65 48.23 25.61
CA LYS A 17 -1.38 47.00 26.34
C LYS A 17 -2.22 46.94 27.62
N ALA A 18 -2.98 45.86 27.75
CA ALA A 18 -3.83 45.67 28.92
C ALA A 18 -3.86 44.21 29.36
N PRO A 19 -3.20 43.88 30.49
CA PRO A 19 -3.16 42.51 31.00
C PRO A 19 -4.52 42.02 31.49
N THR A 20 -4.63 40.72 31.73
CA THR A 20 -5.88 40.14 32.19
C THR A 20 -5.62 39.11 33.30
N LYS A 21 -6.52 39.06 34.27
CA LYS A 21 -6.39 38.13 35.38
C LYS A 21 -7.14 36.83 35.09
N ILE A 22 -6.40 35.72 35.03
CA ILE A 22 -7.01 34.42 34.76
C ILE A 22 -7.16 33.61 36.04
N LEU A 23 -6.27 33.85 36.99
CA LEU A 23 -6.31 33.13 38.26
C LEU A 23 -6.93 34.00 39.35
N LYS A 24 -7.75 33.39 40.20
CA LYS A 24 -8.41 34.10 41.28
C LYS A 24 -8.63 33.19 42.49
N PRO A 25 -7.65 33.13 43.41
CA PRO A 25 -7.73 32.29 44.61
C PRO A 25 -9.03 32.51 45.38
N GLY A 26 -9.69 31.41 45.72
CA GLY A 26 -10.94 31.51 46.46
C GLY A 26 -11.12 30.36 47.43
N SER A 27 -11.36 30.69 48.70
CA SER A 27 -11.55 29.69 49.73
C SER A 27 -10.31 28.80 49.87
N THR A 28 -9.60 28.97 50.97
CA THR A 28 -8.39 28.19 51.23
C THR A 28 -8.70 27.00 52.13
N ALA A 29 -9.84 26.36 51.89
CA ALA A 29 -10.25 25.20 52.68
C ALA A 29 -9.68 23.92 52.10
N LEU A 30 -10.17 23.54 50.94
CA LEU A 30 -9.72 22.32 50.26
C LEU A 30 -10.10 21.08 51.06
N LYS A 31 -9.34 20.82 52.12
CA LYS A 31 -9.59 19.66 52.97
C LYS A 31 -9.47 18.36 52.17
N THR A 32 -9.31 17.25 52.88
CA THR A 32 -9.18 15.95 52.24
C THR A 32 -9.22 14.82 53.27
N PRO A 33 -10.41 14.21 53.47
CA PRO A 33 -10.57 13.11 54.44
C PRO A 33 -9.84 11.84 54.01
N THR A 34 -9.74 10.89 54.92
CA THR A 34 -9.07 9.63 54.64
C THR A 34 -9.93 8.73 53.76
N ALA A 35 -9.90 8.98 52.46
CA ALA A 35 -10.68 8.19 51.52
C ALA A 35 -10.33 8.55 50.07
N VAL A 36 -9.93 7.55 49.30
CA VAL A 36 -9.56 7.75 47.90
C VAL A 36 -10.36 6.83 46.98
N VAL A 37 -11.47 7.35 46.46
CA VAL A 37 -12.31 6.57 45.56
C VAL A 37 -11.87 6.72 44.11
N ALA A 38 -10.64 6.26 43.83
CA ALA A 38 -10.09 6.33 42.49
C ALA A 38 -9.98 7.79 42.02
N PRO A 39 -9.06 8.06 41.08
CA PRO A 39 -8.86 9.42 40.54
C PRO A 39 -10.01 9.88 39.66
N VAL A 40 -10.64 8.91 38.98
CA VAL A 40 -11.75 9.22 38.09
C VAL A 40 -12.96 8.35 38.41
N GLU A 41 -14.04 8.53 37.66
CA GLU A 41 -15.26 7.76 37.86
C GLU A 41 -15.69 7.07 36.57
N LYS A 42 -16.26 5.89 36.69
CA LYS A 42 -16.73 5.12 35.54
C LYS A 42 -15.57 4.83 34.58
N THR A 43 -15.88 4.18 33.47
CA THR A 43 -14.86 3.84 32.47
C THR A 43 -15.42 3.96 31.07
N ILE A 44 -15.27 5.13 30.46
CA ILE A 44 -15.76 5.38 29.12
C ILE A 44 -14.77 6.23 28.31
N SER A 45 -13.49 6.08 28.62
CA SER A 45 -12.44 6.83 27.94
C SER A 45 -11.16 6.01 27.85
N SER A 46 -11.30 4.69 27.76
CA SER A 46 -10.15 3.81 27.67
C SER A 46 -10.33 2.79 26.56
N GLU A 47 -11.51 2.16 26.51
CA GLU A 47 -11.81 1.16 25.49
C GLU A 47 -12.87 1.68 24.54
N LYS A 48 -12.62 1.56 23.24
CA LYS A 48 -13.55 2.00 22.23
C LYS A 48 -13.44 1.15 20.96
N ALA A 49 -14.55 1.01 20.25
CA ALA A 49 -14.57 0.22 19.02
C ALA A 49 -13.80 0.91 17.91
N SER A 50 -12.97 0.15 17.21
CA SER A 50 -12.17 0.68 16.12
C SER A 50 -11.38 -0.42 15.42
N SER A 51 -10.83 -1.33 16.21
CA SER A 51 -10.06 -2.44 15.68
C SER A 51 -10.82 -3.76 15.80
N THR A 52 -11.24 -4.30 14.66
CA THR A 52 -11.98 -5.55 14.64
C THR A 52 -11.52 -6.44 13.48
N PRO A 53 -11.55 -7.77 13.66
CA PRO A 53 -11.14 -8.72 12.63
C PRO A 53 -12.14 -8.80 11.47
N SER A 54 -11.63 -9.06 10.27
CA SER A 54 -12.47 -9.16 9.09
C SER A 54 -11.67 -9.62 7.88
N SER A 55 -10.72 -8.78 7.46
CA SER A 55 -9.88 -9.10 6.31
C SER A 55 -8.51 -8.42 6.43
N GLU A 56 -7.54 -9.17 6.96
CA GLU A 56 -6.19 -8.64 7.13
C GLU A 56 -5.37 -8.82 5.85
N THR A 57 -5.50 -9.99 5.24
CA THR A 57 -4.78 -10.29 4.01
C THR A 57 -5.38 -11.50 3.30
N GLN A 58 -5.77 -11.31 2.05
CA GLN A 58 -6.36 -12.38 1.25
C GLN A 58 -5.30 -13.37 0.79
N GLU A 59 -4.19 -12.85 0.27
CA GLU A 59 -3.10 -13.69 -0.20
C GLU A 59 -1.82 -12.88 -0.36
N GLU A 60 -1.93 -11.73 -1.02
CA GLU A 60 -0.79 -10.86 -1.24
C GLU A 60 -0.33 -10.21 0.07
N PHE A 61 0.96 -9.94 0.17
CA PHE A 61 1.52 -9.32 1.36
C PHE A 61 1.49 -7.80 1.26
N VAL A 62 0.62 -7.18 2.03
CA VAL A 62 0.49 -5.72 2.03
C VAL A 62 0.88 -5.13 3.38
N ASP A 63 1.63 -4.03 3.34
CA ASP A 63 2.08 -3.37 4.56
C ASP A 63 1.86 -1.86 4.47
N ASP A 64 1.79 -1.21 5.62
CA ASP A 64 1.59 0.24 5.68
C ASP A 64 2.87 0.98 5.32
N PHE A 65 2.75 1.98 4.45
CA PHE A 65 3.90 2.77 4.02
C PHE A 65 3.93 4.11 4.74
N ARG A 66 5.08 4.78 4.67
CA ARG A 66 5.24 6.09 5.32
C ARG A 66 5.68 7.14 4.32
N VAL A 67 5.42 8.40 4.63
CA VAL A 67 5.79 9.50 3.75
C VAL A 67 7.30 9.74 3.78
N GLY A 68 7.97 9.37 2.70
CA GLY A 68 9.41 9.55 2.62
C GLY A 68 10.16 8.23 2.58
N GLU A 69 9.53 7.21 2.02
CA GLU A 69 10.15 5.89 1.91
C GLU A 69 10.30 5.47 0.46
N ARG A 70 11.43 4.84 0.15
CA ARG A 70 11.70 4.38 -1.21
C ARG A 70 10.84 3.17 -1.56
N VAL A 71 10.10 3.26 -2.67
CA VAL A 71 9.26 2.17 -3.11
C VAL A 71 9.36 1.96 -4.62
N TRP A 72 8.95 0.78 -5.07
CA TRP A 72 8.99 0.44 -6.49
C TRP A 72 7.60 0.25 -7.06
N VAL A 73 7.15 1.18 -7.90
CA VAL A 73 5.84 1.10 -8.51
C VAL A 73 5.82 0.04 -9.61
N ASN A 74 4.79 -0.81 -9.58
CA ASN A 74 4.66 -1.87 -10.56
C ASN A 74 5.81 -2.87 -10.46
N GLY A 75 6.51 -2.85 -9.32
CA GLY A 75 7.61 -3.77 -9.12
C GLY A 75 8.78 -3.48 -10.04
N ASN A 76 9.00 -2.20 -10.36
CA ASN A 76 10.10 -1.82 -11.25
C ASN A 76 10.08 -0.31 -11.50
N LYS A 77 9.92 0.47 -10.43
CA LYS A 77 9.90 1.93 -10.54
C LYS A 77 10.22 2.58 -9.21
N PRO A 78 11.51 2.72 -8.87
CA PRO A 78 11.94 3.35 -7.62
C PRO A 78 11.53 4.81 -7.53
N GLY A 79 11.28 5.28 -6.31
CA GLY A 79 10.88 6.67 -6.12
C GLY A 79 10.75 7.03 -4.65
N PHE A 80 9.99 8.09 -4.38
CA PHE A 80 9.79 8.54 -3.01
C PHE A 80 8.35 9.02 -2.82
N ILE A 81 7.72 8.56 -1.74
CA ILE A 81 6.34 8.94 -1.44
C ILE A 81 6.29 10.33 -0.82
N GLN A 82 5.30 11.11 -1.21
CA GLN A 82 5.13 12.47 -0.70
C GLN A 82 3.77 12.63 -0.02
N PHE A 83 2.73 12.08 -0.65
CA PHE A 83 1.38 12.16 -0.11
C PHE A 83 0.84 10.77 0.22
N LEU A 84 0.09 10.67 1.31
CA LEU A 84 -0.48 9.40 1.74
C LEU A 84 -1.88 9.60 2.31
N GLY A 85 -2.89 9.32 1.50
CA GLY A 85 -4.26 9.47 1.95
C GLY A 85 -5.26 9.38 0.81
N GLU A 86 -6.53 9.56 1.12
CA GLU A 86 -7.59 9.50 0.12
C GLU A 86 -7.65 10.81 -0.67
N THR A 87 -7.66 10.69 -2.00
CA THR A 87 -7.71 11.86 -2.87
C THR A 87 -9.14 12.41 -2.93
N GLN A 88 -9.33 13.41 -3.78
CA GLN A 88 -10.64 14.03 -3.95
C GLN A 88 -11.13 13.90 -5.38
N PHE A 89 -10.70 12.84 -6.06
CA PHE A 89 -11.09 12.60 -7.45
C PHE A 89 -11.16 11.10 -7.74
N ALA A 90 -11.30 10.30 -6.70
CA ALA A 90 -11.37 8.85 -6.85
C ALA A 90 -11.56 8.16 -5.51
N PRO A 91 -12.38 7.09 -5.46
CA PRO A 91 -12.63 6.34 -4.23
C PRO A 91 -11.46 5.44 -3.84
N GLY A 92 -10.95 5.64 -2.62
CA GLY A 92 -9.83 4.84 -2.15
C GLY A 92 -8.66 5.70 -1.70
N GLN A 93 -7.66 5.06 -1.10
CA GLN A 93 -6.48 5.76 -0.62
C GLN A 93 -5.35 5.68 -1.65
N TRP A 94 -4.83 6.84 -2.03
CA TRP A 94 -3.74 6.91 -3.00
C TRP A 94 -2.41 7.24 -2.32
N ALA A 95 -1.33 7.13 -3.07
CA ALA A 95 -0.01 7.43 -2.54
C ALA A 95 0.87 8.12 -3.59
N GLY A 96 1.05 9.43 -3.42
CA GLY A 96 1.87 10.18 -4.35
C GLY A 96 3.34 9.86 -4.24
N ILE A 97 3.95 9.44 -5.35
CA ILE A 97 5.36 9.09 -5.37
C ILE A 97 6.09 9.86 -6.47
N VAL A 98 7.26 10.40 -6.13
CA VAL A 98 8.06 11.16 -7.08
C VAL A 98 9.14 10.27 -7.71
N LEU A 99 8.91 9.88 -8.96
CA LEU A 99 9.86 9.03 -9.68
C LEU A 99 11.15 9.79 -9.96
N ASP A 100 12.24 9.04 -10.12
CA ASP A 100 13.55 9.64 -10.40
C ASP A 100 13.88 9.53 -11.88
N GLU A 101 12.86 9.61 -12.72
CA GLU A 101 13.06 9.52 -14.16
C GLU A 101 11.80 9.97 -14.91
N PRO A 102 11.97 10.47 -16.15
CA PRO A 102 10.84 10.94 -16.97
C PRO A 102 9.99 9.78 -17.51
N ILE A 103 9.43 9.00 -16.60
CA ILE A 103 8.60 7.87 -16.99
C ILE A 103 7.15 8.08 -16.57
N GLY A 104 6.95 8.82 -15.48
CA GLY A 104 5.60 9.07 -14.99
C GLY A 104 4.76 9.83 -15.99
N LYS A 105 3.82 10.63 -15.49
CA LYS A 105 2.93 11.41 -16.35
C LYS A 105 2.37 12.61 -15.60
N ASN A 106 1.90 12.37 -14.39
CA ASN A 106 1.33 13.43 -13.56
C ASN A 106 2.43 14.32 -12.98
N ASP A 107 2.02 15.44 -12.39
CA ASP A 107 2.97 16.37 -11.79
C ASP A 107 2.58 16.69 -10.35
N GLY A 108 1.99 15.72 -9.67
CA GLY A 108 1.58 15.92 -8.29
C GLY A 108 0.46 16.94 -8.17
N SER A 109 -0.52 16.86 -9.06
CA SER A 109 -1.64 17.78 -9.05
C SER A 109 -2.85 17.19 -9.78
N VAL A 110 -4.00 17.18 -9.12
CA VAL A 110 -5.22 16.64 -9.71
C VAL A 110 -6.40 17.55 -9.45
N ALA A 111 -7.02 18.04 -10.53
CA ALA A 111 -8.17 18.93 -10.41
C ALA A 111 -7.82 20.19 -9.63
N GLY A 112 -6.74 20.85 -10.04
CA GLY A 112 -6.32 22.06 -9.36
C GLY A 112 -6.01 21.83 -7.89
N VAL A 113 -5.61 20.62 -7.56
CA VAL A 113 -5.28 20.26 -6.18
C VAL A 113 -3.87 19.71 -6.07
N ARG A 114 -2.97 20.53 -5.55
CA ARG A 114 -1.57 20.11 -5.39
C ARG A 114 -1.39 19.30 -4.12
N TYR A 115 -1.12 18.01 -4.29
CA TYR A 115 -0.91 17.12 -3.14
C TYR A 115 0.54 17.11 -2.70
N PHE A 116 1.46 17.21 -3.67
CA PHE A 116 2.88 17.22 -3.38
C PHE A 116 3.67 17.78 -4.55
N GLN A 117 4.38 18.88 -4.31
CA GLN A 117 5.18 19.52 -5.35
C GLN A 117 6.25 18.57 -5.87
N CYS A 118 6.33 18.46 -7.19
CA CYS A 118 7.31 17.58 -7.83
C CYS A 118 7.59 18.02 -9.27
N GLU A 119 8.47 17.29 -9.95
CA GLU A 119 8.82 17.61 -11.32
C GLU A 119 7.99 16.80 -12.30
N PRO A 120 7.77 17.32 -13.51
CA PRO A 120 6.98 16.64 -14.55
C PRO A 120 7.52 15.24 -14.87
N LEU A 121 6.62 14.33 -15.19
CA LEU A 121 7.00 12.95 -15.52
C LEU A 121 7.71 12.29 -14.35
N LYS A 122 7.34 12.70 -13.13
CA LYS A 122 7.95 12.14 -11.92
C LYS A 122 6.87 11.74 -10.92
N GLY A 123 6.02 12.69 -10.57
CA GLY A 123 4.95 12.41 -9.61
C GLY A 123 3.81 11.65 -10.23
N ILE A 124 3.45 10.53 -9.62
CA ILE A 124 2.36 9.70 -10.12
C ILE A 124 1.51 9.15 -8.99
N PHE A 125 0.19 9.21 -9.15
CA PHE A 125 -0.73 8.71 -8.13
C PHE A 125 -1.07 7.25 -8.35
N THR A 126 -0.65 6.40 -7.41
CA THR A 126 -0.91 4.97 -7.50
C THR A 126 -1.29 4.40 -6.14
N ARG A 127 -1.90 3.23 -6.14
CA ARG A 127 -2.33 2.57 -4.91
C ARG A 127 -1.12 2.00 -4.16
N PRO A 128 -1.14 2.05 -2.81
CA PRO A 128 -0.05 1.53 -1.99
C PRO A 128 0.24 0.07 -2.29
N SER A 129 -0.82 -0.70 -2.51
CA SER A 129 -0.68 -2.13 -2.79
C SER A 129 0.17 -2.35 -4.05
N LYS A 130 0.20 -1.37 -4.93
CA LYS A 130 0.98 -1.47 -6.16
C LYS A 130 2.46 -1.31 -5.88
N LEU A 131 2.79 -0.59 -4.81
CA LEU A 131 4.17 -0.36 -4.44
C LEU A 131 4.82 -1.65 -3.95
N THR A 132 6.12 -1.78 -4.16
CA THR A 132 6.86 -2.97 -3.74
C THR A 132 8.26 -2.60 -3.26
N ARG A 133 8.77 -3.37 -2.31
CA ARG A 133 10.10 -3.13 -1.76
C ARG A 133 11.17 -3.74 -2.65
N LYS A 134 12.02 -2.89 -3.22
CA LYS A 134 13.08 -3.35 -4.09
C LYS A 134 12.53 -4.09 -5.30
N VAL A 135 13.37 -4.28 -6.32
CA VAL A 135 12.96 -4.98 -7.53
C VAL A 135 12.98 -6.49 -7.33
N SER A 136 11.89 -7.16 -7.70
CA SER A 136 11.79 -8.60 -7.57
C SER A 136 11.34 -9.24 -8.88
N GLY A 137 11.84 -10.44 -9.14
CA GLY A 137 11.49 -11.14 -10.36
C GLY A 137 10.14 -11.82 -10.27
N PRO A 138 10.10 -13.09 -9.85
CA PRO A 138 8.85 -13.85 -9.72
C PRO A 138 7.99 -13.36 -8.55
N SER A 139 6.99 -12.54 -8.87
CA SER A 139 6.11 -11.99 -7.85
C SER A 139 5.13 -13.05 -7.36
N SER A 140 4.70 -13.93 -8.27
CA SER A 140 3.77 -14.99 -7.92
C SER A 140 4.49 -16.16 -7.28
N GLY A 141 4.08 -16.50 -6.06
CA GLY A 141 4.69 -17.61 -5.34
C GLY A 141 3.74 -18.27 -4.37
N GLY A 1 -20.80 0.57 39.16
CA GLY A 1 -22.26 0.84 39.02
C GLY A 1 -22.98 0.90 40.36
N SER A 2 -23.14 -0.26 40.99
CA SER A 2 -23.81 -0.34 42.28
C SER A 2 -23.05 -1.24 43.24
N SER A 3 -23.02 -2.54 42.93
CA SER A 3 -22.33 -3.51 43.76
C SER A 3 -20.84 -3.53 43.44
N GLY A 4 -20.02 -3.19 44.44
CA GLY A 4 -18.59 -3.17 44.24
C GLY A 4 -17.86 -4.11 45.19
N SER A 5 -17.42 -5.25 44.67
CA SER A 5 -16.71 -6.24 45.49
C SER A 5 -16.13 -7.35 44.63
N SER A 6 -16.94 -7.82 43.68
CA SER A 6 -16.51 -8.89 42.78
C SER A 6 -16.78 -8.52 41.33
N GLY A 7 -15.86 -8.89 40.44
CA GLY A 7 -16.02 -8.58 39.03
C GLY A 7 -16.73 -9.68 38.28
N MET A 8 -15.97 -10.63 37.76
CA MET A 8 -16.54 -11.75 37.01
C MET A 8 -15.82 -13.05 37.34
N SER A 9 -16.45 -13.87 38.17
CA SER A 9 -15.86 -15.15 38.57
C SER A 9 -16.49 -16.30 37.79
N MET A 10 -17.05 -15.99 36.63
CA MET A 10 -17.68 -17.00 35.78
C MET A 10 -17.66 -16.57 34.32
N LEU A 11 -16.59 -16.93 33.62
CA LEU A 11 -16.45 -16.59 32.20
C LEU A 11 -16.59 -17.83 31.32
N LYS A 12 -16.95 -17.62 30.06
CA LYS A 12 -17.12 -18.71 29.12
C LYS A 12 -17.30 -18.18 27.70
N PRO A 13 -18.39 -17.44 27.44
CA PRO A 13 -18.67 -16.87 26.13
C PRO A 13 -17.77 -15.69 25.79
N SER A 14 -18.11 -14.97 24.72
CA SER A 14 -17.33 -13.82 24.30
C SER A 14 -18.11 -12.97 23.31
N GLY A 15 -19.21 -12.40 23.75
CA GLY A 15 -20.04 -11.57 22.89
C GLY A 15 -21.51 -11.89 23.01
N LEU A 16 -21.82 -13.14 23.37
CA LEU A 16 -23.20 -13.56 23.52
C LEU A 16 -23.95 -13.47 22.20
N LYS A 17 -24.42 -14.62 21.70
CA LYS A 17 -25.15 -14.68 20.44
C LYS A 17 -26.57 -15.17 20.65
N ALA A 18 -27.47 -14.23 20.95
CA ALA A 18 -28.88 -14.57 21.18
C ALA A 18 -29.79 -13.72 20.30
N PRO A 19 -30.01 -14.13 19.04
CA PRO A 19 -30.87 -13.41 18.11
C PRO A 19 -32.35 -13.50 18.49
N THR A 20 -33.04 -12.36 18.49
CA THR A 20 -34.45 -12.31 18.83
C THR A 20 -35.12 -11.11 18.18
N LYS A 21 -35.77 -11.35 17.05
CA LYS A 21 -36.46 -10.28 16.33
C LYS A 21 -37.87 -10.71 15.92
N ILE A 22 -38.84 -9.83 16.15
CA ILE A 22 -40.23 -10.13 15.80
C ILE A 22 -41.03 -8.84 15.64
N LEU A 23 -41.49 -8.58 14.43
CA LEU A 23 -42.28 -7.39 14.14
C LEU A 23 -43.29 -7.65 13.04
N LYS A 24 -42.79 -8.13 11.89
CA LYS A 24 -43.65 -8.43 10.74
C LYS A 24 -43.41 -9.85 10.25
N PRO A 25 -43.53 -10.85 11.14
CA PRO A 25 -43.34 -12.26 10.77
C PRO A 25 -44.47 -12.79 9.91
N GLY A 26 -44.36 -12.59 8.60
CA GLY A 26 -45.38 -13.06 7.68
C GLY A 26 -44.79 -13.79 6.49
N SER A 27 -43.72 -14.56 6.73
CA SER A 27 -43.07 -15.31 5.66
C SER A 27 -42.40 -16.56 6.22
N THR A 28 -41.44 -16.36 7.12
CA THR A 28 -40.72 -17.47 7.72
C THR A 28 -41.43 -17.96 8.98
N ALA A 29 -42.32 -18.93 8.80
CA ALA A 29 -43.08 -19.50 9.92
C ALA A 29 -43.57 -20.89 9.59
N LEU A 30 -42.79 -21.63 8.81
CA LEU A 30 -43.15 -22.99 8.41
C LEU A 30 -41.91 -23.79 8.04
N LYS A 31 -42.11 -25.07 7.74
CA LYS A 31 -41.01 -25.95 7.35
C LYS A 31 -39.99 -26.06 8.48
N THR A 32 -40.00 -27.21 9.16
CA THR A 32 -39.08 -27.44 10.26
C THR A 32 -39.28 -26.42 11.38
N PRO A 33 -40.39 -26.55 12.13
CA PRO A 33 -40.71 -25.64 13.23
C PRO A 33 -39.81 -25.86 14.43
N THR A 34 -39.12 -24.80 14.85
CA THR A 34 -38.22 -24.88 16.00
C THR A 34 -39.00 -24.79 17.30
N ALA A 35 -39.60 -23.63 17.55
CA ALA A 35 -40.37 -23.42 18.76
C ALA A 35 -39.51 -23.59 20.01
N VAL A 36 -39.24 -22.49 20.70
CA VAL A 36 -38.43 -22.52 21.91
C VAL A 36 -39.10 -21.76 23.04
N VAL A 37 -39.66 -22.51 24.00
CA VAL A 37 -40.33 -21.90 25.14
C VAL A 37 -40.20 -22.78 26.38
N ALA A 38 -39.06 -23.46 26.50
CA ALA A 38 -38.82 -24.33 27.63
C ALA A 38 -37.76 -23.73 28.56
N PRO A 39 -37.72 -24.17 29.83
CA PRO A 39 -36.76 -23.67 30.81
C PRO A 39 -35.34 -24.13 30.51
N VAL A 40 -35.22 -25.29 29.88
CA VAL A 40 -33.92 -25.84 29.53
C VAL A 40 -33.21 -24.98 28.49
N GLU A 41 -32.06 -24.44 28.86
CA GLU A 41 -31.29 -23.60 27.96
C GLU A 41 -29.93 -24.23 27.64
N LYS A 42 -29.83 -24.84 26.46
CA LYS A 42 -28.59 -25.48 26.04
C LYS A 42 -28.60 -25.75 24.54
N THR A 43 -27.56 -25.28 23.86
CA THR A 43 -27.45 -25.47 22.42
C THR A 43 -26.08 -26.01 22.04
N ILE A 44 -26.01 -27.33 21.82
CA ILE A 44 -24.75 -27.98 21.45
C ILE A 44 -24.37 -27.65 20.01
N SER A 45 -23.46 -26.69 19.85
CA SER A 45 -23.01 -26.29 18.52
C SER A 45 -21.50 -26.48 18.37
N SER A 46 -21.12 -27.32 17.42
CA SER A 46 -19.71 -27.59 17.17
C SER A 46 -19.18 -26.78 15.99
N GLU A 47 -18.06 -26.11 16.21
CA GLU A 47 -17.45 -25.28 15.16
C GLU A 47 -17.02 -26.14 13.98
N LYS A 48 -17.52 -25.80 12.80
CA LYS A 48 -17.18 -26.55 11.59
C LYS A 48 -17.59 -25.77 10.34
N ALA A 49 -16.66 -25.63 9.40
CA ALA A 49 -16.94 -24.92 8.16
C ALA A 49 -15.77 -25.04 7.19
N SER A 50 -14.56 -24.91 7.72
CA SER A 50 -13.35 -25.00 6.89
C SER A 50 -12.32 -25.91 7.55
N SER A 51 -11.76 -25.44 8.66
CA SER A 51 -10.75 -26.21 9.39
C SER A 51 -10.45 -25.59 10.74
N THR A 52 -9.91 -24.37 10.73
CA THR A 52 -9.58 -23.66 11.96
C THR A 52 -9.06 -22.26 11.67
N PRO A 53 -7.93 -22.14 10.95
CA PRO A 53 -7.35 -20.85 10.60
C PRO A 53 -8.20 -20.08 9.60
N SER A 54 -7.85 -18.81 9.38
CA SER A 54 -8.59 -17.97 8.45
C SER A 54 -7.71 -16.84 7.93
N SER A 55 -7.00 -16.17 8.85
CA SER A 55 -6.12 -15.07 8.49
C SER A 55 -4.73 -15.26 9.10
N GLU A 56 -3.70 -15.13 8.27
CA GLU A 56 -2.32 -15.29 8.73
C GLU A 56 -1.38 -14.43 7.91
N THR A 57 -0.27 -14.02 8.53
CA THR A 57 0.71 -13.19 7.84
C THR A 57 1.43 -13.98 6.75
N GLN A 58 1.74 -13.30 5.65
CA GLN A 58 2.43 -13.94 4.53
C GLN A 58 3.93 -13.64 4.58
N GLU A 59 4.46 -13.46 5.79
CA GLU A 59 5.88 -13.17 5.96
C GLU A 59 6.27 -11.87 5.24
N GLU A 60 5.36 -10.90 5.26
CA GLU A 60 5.60 -9.61 4.61
C GLU A 60 4.75 -8.53 5.24
N PHE A 61 5.31 -7.83 6.23
CA PHE A 61 4.60 -6.76 6.91
C PHE A 61 4.41 -5.56 5.99
N VAL A 62 3.33 -5.58 5.21
CA VAL A 62 3.03 -4.50 4.28
C VAL A 62 1.56 -4.11 4.34
N ASP A 63 1.24 -3.15 5.21
CA ASP A 63 -0.14 -2.70 5.36
C ASP A 63 -0.25 -1.20 5.13
N ASP A 64 0.58 -0.43 5.83
CA ASP A 64 0.59 1.02 5.71
C ASP A 64 1.97 1.53 5.29
N PHE A 65 2.01 2.72 4.74
CA PHE A 65 3.27 3.33 4.30
C PHE A 65 3.56 4.61 5.07
N ARG A 66 4.69 5.22 4.76
CA ARG A 66 5.10 6.45 5.45
C ARG A 66 5.68 7.45 4.45
N VAL A 67 5.62 8.74 4.80
CA VAL A 67 6.15 9.79 3.94
C VAL A 67 7.66 9.90 4.08
N GLY A 68 8.36 9.66 2.97
CA GLY A 68 9.81 9.74 2.99
C GLY A 68 10.48 8.38 2.90
N GLU A 69 9.91 7.51 2.06
CA GLU A 69 10.45 6.17 1.88
C GLU A 69 10.70 5.88 0.41
N ARG A 70 11.32 4.73 0.12
CA ARG A 70 11.61 4.33 -1.25
C ARG A 70 10.76 3.14 -1.66
N VAL A 71 9.94 3.33 -2.69
CA VAL A 71 9.08 2.27 -3.19
C VAL A 71 9.21 2.10 -4.70
N TRP A 72 8.65 1.02 -5.22
CA TRP A 72 8.70 0.74 -6.65
C TRP A 72 7.29 0.58 -7.22
N VAL A 73 6.85 1.59 -7.97
CA VAL A 73 5.52 1.56 -8.57
C VAL A 73 5.40 0.39 -9.55
N ASN A 74 4.45 -0.49 -9.29
CA ASN A 74 4.23 -1.65 -10.14
C ASN A 74 5.42 -2.62 -10.08
N GLY A 75 6.23 -2.48 -9.04
CA GLY A 75 7.39 -3.34 -8.89
C GLY A 75 8.44 -3.11 -9.95
N ASN A 76 8.61 -1.86 -10.36
CA ASN A 76 9.60 -1.51 -11.38
C ASN A 76 9.62 -0.01 -11.64
N LYS A 77 9.61 0.77 -10.55
CA LYS A 77 9.64 2.23 -10.66
C LYS A 77 10.05 2.87 -9.34
N PRO A 78 11.38 2.92 -9.07
CA PRO A 78 11.91 3.52 -7.84
C PRO A 78 11.52 4.99 -7.70
N GLY A 79 11.12 5.38 -6.50
CA GLY A 79 10.73 6.75 -6.25
C GLY A 79 10.68 7.09 -4.78
N PHE A 80 9.93 8.13 -4.44
CA PHE A 80 9.79 8.55 -3.05
C PHE A 80 8.37 9.04 -2.77
N ILE A 81 7.72 8.39 -1.81
CA ILE A 81 6.35 8.75 -1.44
C ILE A 81 6.32 10.11 -0.73
N GLN A 82 5.44 10.99 -1.20
CA GLN A 82 5.31 12.32 -0.61
C GLN A 82 3.94 12.49 0.05
N PHE A 83 2.90 12.04 -0.65
CA PHE A 83 1.54 12.14 -0.14
C PHE A 83 1.00 10.77 0.27
N LEU A 84 0.23 10.74 1.34
CA LEU A 84 -0.36 9.49 1.83
C LEU A 84 -1.71 9.74 2.47
N GLY A 85 -2.76 9.16 1.88
CA GLY A 85 -4.10 9.33 2.41
C GLY A 85 -5.17 9.17 1.35
N GLU A 86 -6.20 10.00 1.43
CA GLU A 86 -7.29 9.95 0.47
C GLU A 86 -7.25 11.13 -0.49
N THR A 87 -7.91 10.99 -1.63
CA THR A 87 -7.94 12.06 -2.63
C THR A 87 -9.36 12.52 -2.88
N GLN A 88 -9.52 13.47 -3.82
CA GLN A 88 -10.83 13.99 -4.16
C GLN A 88 -11.26 13.55 -5.55
N PHE A 89 -10.29 13.40 -6.44
CA PHE A 89 -10.56 12.97 -7.81
C PHE A 89 -11.12 11.56 -7.85
N ALA A 90 -10.58 10.69 -6.99
CA ALA A 90 -11.03 9.30 -6.92
C ALA A 90 -10.99 8.79 -5.50
N PRO A 91 -12.07 8.09 -5.06
CA PRO A 91 -12.15 7.54 -3.70
C PRO A 91 -10.98 6.61 -3.39
N GLY A 92 -11.14 5.80 -2.34
CA GLY A 92 -10.09 4.88 -1.95
C GLY A 92 -8.86 5.58 -1.42
N GLN A 93 -7.78 4.82 -1.24
CA GLN A 93 -6.53 5.39 -0.74
C GLN A 93 -5.49 5.51 -1.85
N TRP A 94 -4.75 6.62 -1.84
CA TRP A 94 -3.72 6.85 -2.84
C TRP A 94 -2.38 7.20 -2.19
N ALA A 95 -1.32 7.13 -2.97
CA ALA A 95 0.02 7.43 -2.47
C ALA A 95 0.89 8.05 -3.55
N GLY A 96 1.12 9.36 -3.47
CA GLY A 96 1.93 10.04 -4.45
C GLY A 96 3.41 9.72 -4.30
N ILE A 97 4.05 9.32 -5.40
CA ILE A 97 5.46 8.98 -5.39
C ILE A 97 6.23 9.81 -6.40
N VAL A 98 7.49 10.12 -6.09
CA VAL A 98 8.33 10.91 -6.98
C VAL A 98 9.40 10.04 -7.62
N LEU A 99 9.39 9.99 -8.95
CA LEU A 99 10.36 9.20 -9.69
C LEU A 99 11.70 9.92 -9.79
N ASP A 100 12.67 9.29 -10.45
CA ASP A 100 14.00 9.88 -10.60
C ASP A 100 14.16 10.49 -11.99
N GLU A 101 13.58 9.84 -12.99
CA GLU A 101 13.66 10.32 -14.37
C GLU A 101 12.30 10.77 -14.87
N PRO A 102 12.27 11.64 -15.90
CA PRO A 102 11.02 12.16 -16.48
C PRO A 102 10.23 11.06 -17.19
N ILE A 103 9.78 10.07 -16.44
CA ILE A 103 9.01 8.96 -17.00
C ILE A 103 7.57 8.99 -16.51
N GLY A 104 7.34 9.62 -15.35
CA GLY A 104 6.01 9.71 -14.79
C GLY A 104 5.01 10.34 -15.75
N LYS A 105 3.81 10.60 -15.26
CA LYS A 105 2.77 11.20 -16.09
C LYS A 105 2.22 12.47 -15.42
N ASN A 106 1.98 12.39 -14.12
CA ASN A 106 1.45 13.52 -13.36
C ASN A 106 2.58 14.35 -12.76
N ASP A 107 2.22 15.48 -12.16
CA ASP A 107 3.21 16.36 -11.54
C ASP A 107 2.81 16.70 -10.11
N GLY A 108 2.13 15.78 -9.46
CA GLY A 108 1.70 15.99 -8.09
C GLY A 108 0.50 16.93 -8.00
N SER A 109 -0.32 16.95 -9.04
CA SER A 109 -1.50 17.80 -9.06
C SER A 109 -2.60 17.17 -9.91
N VAL A 110 -3.76 16.95 -9.29
CA VAL A 110 -4.89 16.36 -9.99
C VAL A 110 -6.13 17.26 -9.89
N ALA A 111 -6.63 17.70 -11.05
CA ALA A 111 -7.80 18.55 -11.09
C ALA A 111 -7.55 19.85 -10.33
N GLY A 112 -6.33 20.37 -10.42
CA GLY A 112 -6.00 21.60 -9.74
C GLY A 112 -5.91 21.42 -8.23
N VAL A 113 -5.55 20.22 -7.80
CA VAL A 113 -5.42 19.92 -6.39
C VAL A 113 -4.02 19.44 -6.05
N ARG A 114 -3.20 20.35 -5.51
CA ARG A 114 -1.84 20.02 -5.15
C ARG A 114 -1.79 19.16 -3.88
N TYR A 115 -1.12 18.02 -3.98
CA TYR A 115 -1.00 17.11 -2.85
C TYR A 115 0.43 17.05 -2.33
N PHE A 116 1.39 17.15 -3.25
CA PHE A 116 2.79 17.11 -2.89
C PHE A 116 3.66 17.72 -3.99
N GLN A 117 4.51 18.66 -3.61
CA GLN A 117 5.40 19.32 -4.57
C GLN A 117 6.50 18.36 -5.04
N CYS A 118 6.61 18.21 -6.36
CA CYS A 118 7.61 17.33 -6.94
C CYS A 118 8.02 17.81 -8.33
N GLU A 119 8.93 17.08 -8.96
CA GLU A 119 9.41 17.44 -10.29
C GLU A 119 8.44 16.97 -11.36
N PRO A 120 8.38 17.67 -12.50
CA PRO A 120 7.49 17.32 -13.60
C PRO A 120 7.79 15.95 -14.19
N LEU A 121 6.74 15.25 -14.62
CA LEU A 121 6.90 13.92 -15.20
C LEU A 121 7.55 12.96 -14.23
N LYS A 122 7.34 13.19 -12.93
CA LYS A 122 7.91 12.33 -11.90
C LYS A 122 6.86 11.92 -10.89
N GLY A 123 6.05 12.89 -10.44
CA GLY A 123 5.01 12.60 -9.48
C GLY A 123 3.87 11.79 -10.07
N ILE A 124 3.69 10.57 -9.58
CA ILE A 124 2.63 9.69 -10.07
C ILE A 124 1.78 9.19 -8.92
N PHE A 125 0.47 9.10 -9.16
CA PHE A 125 -0.46 8.63 -8.14
C PHE A 125 -0.79 7.16 -8.35
N THR A 126 -0.78 6.39 -7.27
CA THR A 126 -1.09 4.97 -7.33
C THR A 126 -1.54 4.44 -5.97
N ARG A 127 -1.95 3.18 -5.93
CA ARG A 127 -2.39 2.56 -4.69
C ARG A 127 -1.20 2.09 -3.85
N PRO A 128 -1.31 2.18 -2.52
CA PRO A 128 -0.23 1.75 -1.61
C PRO A 128 0.13 0.28 -1.80
N SER A 129 -0.89 -0.57 -1.88
CA SER A 129 -0.69 -2.00 -2.05
C SER A 129 0.01 -2.29 -3.37
N LYS A 130 -0.11 -1.39 -4.34
CA LYS A 130 0.52 -1.57 -5.64
C LYS A 130 2.03 -1.35 -5.55
N LEU A 131 2.45 -0.57 -4.56
CA LEU A 131 3.87 -0.29 -4.36
C LEU A 131 4.60 -1.52 -3.82
N THR A 132 5.91 -1.53 -3.97
CA THR A 132 6.72 -2.64 -3.49
C THR A 132 8.15 -2.19 -3.18
N ARG A 133 8.88 -3.01 -2.44
CA ARG A 133 10.25 -2.69 -2.06
C ARG A 133 11.24 -3.42 -2.96
N LYS A 134 12.18 -2.66 -3.54
CA LYS A 134 13.19 -3.23 -4.42
C LYS A 134 12.55 -3.88 -5.63
N VAL A 135 13.32 -3.99 -6.72
CA VAL A 135 12.82 -4.59 -7.95
C VAL A 135 12.82 -6.11 -7.86
N SER A 136 11.82 -6.74 -8.47
CA SER A 136 11.70 -8.19 -8.47
C SER A 136 12.05 -8.78 -9.83
N GLY A 137 11.76 -8.01 -10.88
CA GLY A 137 12.04 -8.47 -12.23
C GLY A 137 12.88 -7.47 -13.02
N PRO A 138 13.70 -7.95 -13.97
CA PRO A 138 14.55 -7.08 -14.79
C PRO A 138 13.75 -6.25 -15.78
N SER A 139 14.45 -5.62 -16.71
CA SER A 139 13.80 -4.79 -17.72
C SER A 139 14.67 -4.65 -18.96
N SER A 140 14.05 -4.71 -20.13
CA SER A 140 14.77 -4.59 -21.39
C SER A 140 14.26 -3.40 -22.20
N GLY A 141 15.09 -2.94 -23.14
CA GLY A 141 14.70 -1.81 -23.97
C GLY A 141 15.14 -1.97 -25.42
N GLY A 1 16.30 8.08 46.39
CA GLY A 1 16.42 7.41 45.07
C GLY A 1 16.62 8.38 43.94
N SER A 2 15.98 8.12 42.80
CA SER A 2 16.10 8.99 41.63
C SER A 2 15.11 8.57 40.55
N SER A 3 14.05 9.35 40.40
CA SER A 3 13.02 9.07 39.40
C SER A 3 12.14 10.28 39.16
N GLY A 4 11.26 10.18 38.16
CA GLY A 4 10.38 11.28 37.83
C GLY A 4 11.10 12.44 37.17
N SER A 5 10.38 13.19 36.36
CA SER A 5 10.96 14.33 35.66
C SER A 5 12.10 13.90 34.76
N SER A 6 11.76 13.19 33.68
CA SER A 6 12.76 12.71 32.73
C SER A 6 12.10 12.01 31.55
N GLY A 7 11.09 11.19 31.85
CA GLY A 7 10.39 10.47 30.80
C GLY A 7 9.49 9.38 31.35
N MET A 8 8.55 8.91 30.53
CA MET A 8 7.63 7.86 30.94
C MET A 8 6.93 7.25 29.73
N SER A 9 7.50 6.17 29.21
CA SER A 9 6.93 5.48 28.06
C SER A 9 5.63 4.79 28.43
N MET A 10 4.94 4.27 27.42
CA MET A 10 3.66 3.58 27.63
C MET A 10 3.58 2.32 26.78
N LEU A 11 2.81 1.34 27.25
CA LEU A 11 2.64 0.08 26.53
C LEU A 11 1.20 -0.08 26.06
N LYS A 12 0.99 -0.99 25.12
CA LYS A 12 -0.35 -1.25 24.59
C LYS A 12 -0.77 -2.69 24.87
N PRO A 13 -1.30 -2.96 26.08
CA PRO A 13 -1.74 -4.31 26.47
C PRO A 13 -2.70 -4.91 25.46
N SER A 14 -3.84 -4.24 25.27
CA SER A 14 -4.85 -4.72 24.33
C SER A 14 -4.42 -4.43 22.89
N GLY A 15 -4.36 -5.49 22.08
CA GLY A 15 -3.97 -5.34 20.69
C GLY A 15 -5.16 -5.16 19.76
N LEU A 16 -6.01 -6.18 19.70
CA LEU A 16 -7.19 -6.13 18.85
C LEU A 16 -8.17 -7.25 19.22
N LYS A 17 -9.36 -6.87 19.66
CA LYS A 17 -10.38 -7.84 20.03
C LYS A 17 -11.71 -7.52 19.37
N ALA A 18 -11.98 -8.19 18.25
CA ALA A 18 -13.22 -7.98 17.52
C ALA A 18 -14.42 -8.57 18.26
N PRO A 19 -14.41 -9.89 18.49
CA PRO A 19 -15.49 -10.59 19.20
C PRO A 19 -15.49 -10.28 20.68
N THR A 20 -16.69 -10.14 21.26
CA THR A 20 -16.83 -9.85 22.68
C THR A 20 -18.01 -10.60 23.28
N LYS A 21 -19.21 -10.27 22.83
CA LYS A 21 -20.43 -10.91 23.32
C LYS A 21 -21.46 -11.06 22.20
N ILE A 22 -21.50 -12.25 21.60
CA ILE A 22 -22.44 -12.52 20.52
C ILE A 22 -23.49 -13.53 20.95
N LEU A 23 -24.65 -13.49 20.31
CA LEU A 23 -25.74 -14.41 20.63
C LEU A 23 -26.72 -14.52 19.47
N LYS A 24 -27.31 -15.70 19.32
CA LYS A 24 -28.28 -15.94 18.25
C LYS A 24 -28.79 -17.38 18.31
N PRO A 25 -27.90 -18.37 18.16
CA PRO A 25 -28.28 -19.78 18.19
C PRO A 25 -28.61 -20.26 19.60
N GLY A 26 -27.82 -19.83 20.57
CA GLY A 26 -28.05 -20.22 21.95
C GLY A 26 -29.16 -19.43 22.60
N SER A 27 -30.39 -19.75 22.24
CA SER A 27 -31.56 -19.07 22.79
C SER A 27 -32.85 -19.79 22.41
N THR A 28 -33.28 -20.70 23.27
CA THR A 28 -34.50 -21.46 23.02
C THR A 28 -35.52 -21.26 24.15
N ALA A 29 -35.49 -20.07 24.75
CA ALA A 29 -36.39 -19.73 25.83
C ALA A 29 -37.73 -19.20 25.30
N LEU A 30 -37.67 -18.54 24.16
CA LEU A 30 -38.87 -17.98 23.53
C LEU A 30 -39.10 -18.58 22.16
N LYS A 31 -38.19 -18.30 21.23
CA LYS A 31 -38.30 -18.81 19.87
C LYS A 31 -37.05 -18.47 19.05
N THR A 32 -36.92 -19.10 17.90
CA THR A 32 -35.77 -18.86 17.02
C THR A 32 -36.08 -19.26 15.58
N PRO A 33 -35.90 -18.33 14.62
CA PRO A 33 -36.18 -18.61 13.20
C PRO A 33 -35.45 -19.85 12.70
N THR A 34 -35.76 -20.26 11.48
CA THR A 34 -35.14 -21.44 10.88
C THR A 34 -34.25 -21.04 9.71
N ALA A 35 -34.69 -20.02 8.96
CA ALA A 35 -33.94 -19.55 7.81
C ALA A 35 -34.49 -18.22 7.32
N VAL A 36 -33.91 -17.71 6.23
CA VAL A 36 -34.34 -16.44 5.66
C VAL A 36 -34.60 -16.58 4.16
N VAL A 37 -35.29 -15.59 3.59
CA VAL A 37 -35.61 -15.60 2.17
C VAL A 37 -35.13 -14.32 1.50
N ALA A 38 -34.18 -14.45 0.59
CA ALA A 38 -33.63 -13.31 -0.13
C ALA A 38 -32.94 -13.75 -1.43
N PRO A 39 -33.66 -13.67 -2.56
CA PRO A 39 -33.10 -14.06 -3.86
C PRO A 39 -32.00 -13.12 -4.33
N VAL A 40 -32.26 -11.81 -4.25
CA VAL A 40 -31.28 -10.81 -4.66
C VAL A 40 -31.03 -9.81 -3.54
N GLU A 41 -29.79 -9.34 -3.44
CA GLU A 41 -29.41 -8.37 -2.42
C GLU A 41 -30.28 -7.11 -2.50
N LYS A 42 -30.88 -6.88 -3.67
CA LYS A 42 -31.73 -5.71 -3.87
C LYS A 42 -30.93 -4.41 -3.70
N THR A 43 -29.86 -4.28 -4.49
CA THR A 43 -29.02 -3.10 -4.43
C THR A 43 -27.93 -3.15 -5.49
N ILE A 44 -28.18 -2.51 -6.63
CA ILE A 44 -27.22 -2.48 -7.73
C ILE A 44 -27.03 -3.87 -8.32
N SER A 45 -27.51 -4.05 -9.55
CA SER A 45 -27.40 -5.34 -10.22
C SER A 45 -25.95 -5.63 -10.62
N SER A 46 -25.34 -6.58 -9.92
CA SER A 46 -23.95 -6.94 -10.20
C SER A 46 -23.59 -8.26 -9.50
N GLU A 47 -22.49 -8.87 -9.93
CA GLU A 47 -22.04 -10.13 -9.35
C GLU A 47 -20.62 -9.99 -8.80
N LYS A 48 -19.69 -9.62 -9.68
CA LYS A 48 -18.29 -9.44 -9.29
C LYS A 48 -17.97 -7.98 -9.05
N ALA A 49 -17.19 -7.71 -8.00
CA ALA A 49 -16.81 -6.35 -7.66
C ALA A 49 -15.51 -5.95 -8.36
N SER A 50 -14.57 -6.89 -8.44
CA SER A 50 -13.29 -6.63 -9.08
C SER A 50 -13.48 -6.25 -10.55
N SER A 51 -12.47 -5.62 -11.12
CA SER A 51 -12.53 -5.20 -12.53
C SER A 51 -11.76 -6.17 -13.42
N THR A 52 -10.52 -6.48 -13.04
CA THR A 52 -9.69 -7.39 -13.81
C THR A 52 -8.38 -7.67 -13.08
N PRO A 53 -7.55 -6.63 -12.87
CA PRO A 53 -6.25 -6.78 -12.18
C PRO A 53 -6.43 -7.22 -10.72
N SER A 54 -6.33 -8.52 -10.50
CA SER A 54 -6.47 -9.07 -9.15
C SER A 54 -5.14 -9.03 -8.41
N SER A 55 -5.19 -9.28 -7.10
CA SER A 55 -3.99 -9.27 -6.27
C SER A 55 -4.29 -9.76 -4.87
N GLU A 56 -4.43 -11.07 -4.71
CA GLU A 56 -4.72 -11.66 -3.41
C GLU A 56 -3.54 -11.49 -2.46
N THR A 57 -3.84 -11.32 -1.17
CA THR A 57 -2.81 -11.15 -0.16
C THR A 57 -2.26 -12.50 0.29
N GLN A 58 -1.42 -13.11 -0.54
CA GLN A 58 -0.83 -14.41 -0.22
C GLN A 58 0.67 -14.28 0.00
N GLU A 59 1.34 -13.56 -0.91
CA GLU A 59 2.78 -13.36 -0.82
C GLU A 59 3.11 -11.93 -0.44
N GLU A 60 2.37 -10.98 -1.01
CA GLU A 60 2.57 -9.57 -0.73
C GLU A 60 1.76 -9.13 0.49
N PHE A 61 2.42 -8.42 1.41
CA PHE A 61 1.75 -7.94 2.61
C PHE A 61 1.29 -6.50 2.44
N VAL A 62 0.01 -6.33 2.14
CA VAL A 62 -0.56 -4.99 1.96
C VAL A 62 -0.68 -4.25 3.28
N ASP A 63 -0.12 -3.05 3.34
CA ASP A 63 -0.16 -2.23 4.55
C ASP A 63 0.07 -0.77 4.22
N ASP A 64 0.00 0.08 5.25
CA ASP A 64 0.21 1.51 5.06
C ASP A 64 1.69 1.83 4.90
N PHE A 65 1.97 2.95 4.24
CA PHE A 65 3.35 3.38 4.01
C PHE A 65 3.64 4.68 4.75
N ARG A 66 4.89 5.14 4.65
CA ARG A 66 5.30 6.38 5.30
C ARG A 66 5.89 7.36 4.30
N VAL A 67 6.02 8.62 4.71
CA VAL A 67 6.56 9.65 3.84
C VAL A 67 8.08 9.74 3.98
N GLY A 68 8.78 9.59 2.87
CA GLY A 68 10.24 9.66 2.89
C GLY A 68 10.89 8.29 2.77
N GLU A 69 10.24 7.40 2.01
CA GLU A 69 10.77 6.06 1.82
C GLU A 69 10.81 5.71 0.34
N ARG A 70 11.66 4.74 -0.01
CA ARG A 70 11.80 4.31 -1.39
C ARG A 70 10.77 3.22 -1.73
N VAL A 71 10.11 3.38 -2.87
CA VAL A 71 9.11 2.42 -3.31
C VAL A 71 9.16 2.22 -4.83
N TRP A 72 8.79 1.03 -5.28
CA TRP A 72 8.80 0.72 -6.70
C TRP A 72 7.38 0.63 -7.24
N VAL A 73 6.99 1.63 -8.03
CA VAL A 73 5.65 1.67 -8.62
C VAL A 73 5.46 0.54 -9.62
N ASN A 74 4.41 -0.26 -9.41
CA ASN A 74 4.12 -1.38 -10.29
C ASN A 74 5.26 -2.41 -10.27
N GLY A 75 6.07 -2.36 -9.21
CA GLY A 75 7.18 -3.29 -9.10
C GLY A 75 8.23 -3.10 -10.17
N ASN A 76 8.45 -1.84 -10.57
CA ASN A 76 9.44 -1.53 -11.59
C ASN A 76 9.52 -0.02 -11.81
N LYS A 77 9.57 0.74 -10.72
CA LYS A 77 9.66 2.19 -10.81
C LYS A 77 9.97 2.80 -9.44
N PRO A 78 11.27 2.92 -9.09
CA PRO A 78 11.69 3.48 -7.81
C PRO A 78 11.35 4.97 -7.69
N GLY A 79 11.18 5.43 -6.46
CA GLY A 79 10.85 6.82 -6.23
C GLY A 79 10.83 7.18 -4.77
N PHE A 80 10.05 8.20 -4.42
CA PHE A 80 9.95 8.64 -3.03
C PHE A 80 8.51 9.07 -2.70
N ILE A 81 7.97 8.55 -1.60
CA ILE A 81 6.62 8.88 -1.18
C ILE A 81 6.55 10.31 -0.65
N GLN A 82 5.39 10.94 -0.81
CA GLN A 82 5.19 12.31 -0.34
C GLN A 82 3.80 12.48 0.24
N PHE A 83 2.78 12.05 -0.50
CA PHE A 83 1.40 12.15 -0.06
C PHE A 83 0.86 10.80 0.40
N LEU A 84 0.02 10.83 1.44
CA LEU A 84 -0.55 9.59 1.97
C LEU A 84 -1.95 9.86 2.53
N GLY A 85 -2.95 9.18 1.95
CA GLY A 85 -4.31 9.35 2.41
C GLY A 85 -5.31 9.24 1.28
N GLU A 86 -6.48 9.86 1.45
CA GLU A 86 -7.52 9.83 0.44
C GLU A 86 -7.46 11.06 -0.46
N THR A 87 -8.10 10.98 -1.62
CA THR A 87 -8.12 12.09 -2.56
C THR A 87 -9.54 12.63 -2.73
N GLN A 88 -9.67 13.63 -3.60
CA GLN A 88 -10.98 14.24 -3.85
C GLN A 88 -11.47 13.90 -5.26
N PHE A 89 -10.54 13.69 -6.18
CA PHE A 89 -10.88 13.36 -7.55
C PHE A 89 -11.37 11.92 -7.67
N ALA A 90 -10.84 11.04 -6.82
CA ALA A 90 -11.23 9.63 -6.83
C ALA A 90 -11.32 9.08 -5.41
N PRO A 91 -12.19 8.09 -5.19
CA PRO A 91 -12.38 7.46 -3.88
C PRO A 91 -11.21 6.55 -3.50
N GLY A 92 -11.41 5.76 -2.45
CA GLY A 92 -10.36 4.86 -2.00
C GLY A 92 -9.11 5.59 -1.55
N GLN A 93 -8.09 4.83 -1.14
CA GLN A 93 -6.84 5.42 -0.68
C GLN A 93 -5.87 5.61 -1.85
N TRP A 94 -4.94 6.54 -1.70
CA TRP A 94 -3.96 6.82 -2.73
C TRP A 94 -2.58 7.07 -2.12
N ALA A 95 -1.57 7.14 -2.98
CA ALA A 95 -0.20 7.38 -2.52
C ALA A 95 0.62 8.06 -3.61
N GLY A 96 1.16 9.24 -3.30
CA GLY A 96 1.96 9.96 -4.25
C GLY A 96 3.44 9.65 -4.14
N ILE A 97 4.08 9.37 -5.26
CA ILE A 97 5.50 9.05 -5.28
C ILE A 97 6.25 9.87 -6.34
N VAL A 98 7.42 10.37 -5.98
CA VAL A 98 8.22 11.17 -6.90
C VAL A 98 9.31 10.32 -7.54
N LEU A 99 9.26 10.19 -8.86
CA LEU A 99 10.25 9.40 -9.59
C LEU A 99 11.56 10.17 -9.72
N ASP A 100 12.57 9.52 -10.29
CA ASP A 100 13.88 10.15 -10.47
C ASP A 100 14.20 10.31 -11.96
N GLU A 101 13.16 10.52 -12.76
CA GLU A 101 13.33 10.71 -14.19
C GLU A 101 12.01 11.13 -14.85
N PRO A 102 12.08 11.82 -16.00
CA PRO A 102 10.89 12.27 -16.72
C PRO A 102 10.15 11.14 -17.42
N ILE A 103 9.72 10.15 -16.63
CA ILE A 103 9.01 9.01 -17.18
C ILE A 103 7.59 8.90 -16.61
N GLY A 104 7.36 9.54 -15.46
CA GLY A 104 6.05 9.50 -14.84
C GLY A 104 4.96 10.01 -15.75
N LYS A 105 3.77 10.22 -15.20
CA LYS A 105 2.63 10.71 -15.97
C LYS A 105 2.04 11.98 -15.35
N ASN A 106 1.86 11.95 -14.04
CA ASN A 106 1.30 13.09 -13.32
C ASN A 106 2.40 14.04 -12.87
N ASP A 107 2.01 15.17 -12.29
CA ASP A 107 2.96 16.16 -11.81
C ASP A 107 2.66 16.56 -10.38
N GLY A 108 2.16 15.61 -9.59
CA GLY A 108 1.84 15.88 -8.20
C GLY A 108 0.64 16.80 -8.06
N SER A 109 -0.25 16.75 -9.04
CA SER A 109 -1.45 17.59 -9.00
C SER A 109 -2.56 16.98 -9.84
N VAL A 110 -3.73 16.79 -9.23
CA VAL A 110 -4.87 16.21 -9.92
C VAL A 110 -6.11 17.10 -9.79
N ALA A 111 -6.75 17.40 -10.91
CA ALA A 111 -7.94 18.22 -10.92
C ALA A 111 -7.64 19.61 -10.35
N GLY A 112 -6.41 20.08 -10.55
CA GLY A 112 -6.02 21.38 -10.06
C GLY A 112 -5.76 21.37 -8.56
N VAL A 113 -5.34 20.23 -8.05
CA VAL A 113 -5.06 20.09 -6.62
C VAL A 113 -3.69 19.43 -6.40
N ARG A 114 -2.73 20.21 -5.92
CA ARG A 114 -1.39 19.70 -5.67
C ARG A 114 -1.30 19.08 -4.28
N TYR A 115 -0.92 17.80 -4.23
CA TYR A 115 -0.80 17.09 -2.97
C TYR A 115 0.64 17.12 -2.47
N PHE A 116 1.59 17.04 -3.40
CA PHE A 116 3.01 17.06 -3.05
C PHE A 116 3.84 17.70 -4.15
N GLN A 117 4.60 18.73 -3.79
CA GLN A 117 5.44 19.43 -4.76
C GLN A 117 6.55 18.52 -5.28
N CYS A 118 6.57 18.33 -6.60
CA CYS A 118 7.58 17.48 -7.22
C CYS A 118 7.85 17.92 -8.65
N GLU A 119 8.90 17.36 -9.25
CA GLU A 119 9.26 17.70 -10.62
C GLU A 119 8.27 17.08 -11.61
N PRO A 120 8.07 17.72 -12.78
CA PRO A 120 7.16 17.22 -13.80
C PRO A 120 7.54 15.83 -14.30
N LEU A 121 6.52 15.03 -14.63
CA LEU A 121 6.74 13.68 -15.12
C LEU A 121 7.46 12.83 -14.08
N LYS A 122 6.99 12.89 -12.84
CA LYS A 122 7.59 12.12 -11.76
C LYS A 122 6.55 11.74 -10.72
N GLY A 123 5.76 12.72 -10.29
CA GLY A 123 4.73 12.47 -9.30
C GLY A 123 3.58 11.65 -9.86
N ILE A 124 3.55 10.37 -9.50
CA ILE A 124 2.50 9.48 -9.98
C ILE A 124 1.58 9.06 -8.83
N PHE A 125 0.27 9.07 -9.09
CA PHE A 125 -0.71 8.69 -8.08
C PHE A 125 -1.15 7.24 -8.26
N THR A 126 -0.77 6.39 -7.31
CA THR A 126 -1.13 4.98 -7.37
C THR A 126 -1.48 4.46 -5.97
N ARG A 127 -1.98 3.22 -5.92
CA ARG A 127 -2.36 2.61 -4.65
C ARG A 127 -1.13 2.07 -3.92
N PRO A 128 -1.08 2.21 -2.59
CA PRO A 128 0.05 1.72 -1.79
C PRO A 128 0.29 0.23 -1.97
N SER A 129 -0.80 -0.52 -2.13
CA SER A 129 -0.72 -1.96 -2.30
C SER A 129 0.05 -2.32 -3.58
N LYS A 130 0.02 -1.40 -4.55
CA LYS A 130 0.71 -1.62 -5.82
C LYS A 130 2.22 -1.46 -5.65
N LEU A 131 2.61 -0.63 -4.69
CA LEU A 131 4.02 -0.38 -4.43
C LEU A 131 4.71 -1.65 -3.91
N THR A 132 6.01 -1.76 -4.19
CA THR A 132 6.77 -2.93 -3.75
C THR A 132 8.20 -2.53 -3.42
N ARG A 133 8.83 -3.30 -2.53
CA ARG A 133 10.21 -3.04 -2.12
C ARG A 133 11.20 -3.70 -3.07
N LYS A 134 12.05 -2.88 -3.69
CA LYS A 134 13.05 -3.39 -4.62
C LYS A 134 12.39 -4.10 -5.79
N VAL A 135 13.15 -4.30 -6.87
CA VAL A 135 12.64 -4.96 -8.05
C VAL A 135 12.70 -6.48 -7.91
N SER A 136 11.60 -7.14 -8.23
CA SER A 136 11.53 -8.60 -8.13
C SER A 136 11.17 -9.21 -9.48
N GLY A 137 12.16 -9.36 -10.34
CA GLY A 137 11.94 -9.94 -11.65
C GLY A 137 12.01 -8.91 -12.76
N PRO A 138 13.17 -8.78 -13.44
CA PRO A 138 13.36 -7.82 -14.53
C PRO A 138 12.51 -8.15 -15.75
N SER A 139 11.72 -7.19 -16.20
CA SER A 139 10.86 -7.38 -17.36
C SER A 139 11.15 -6.34 -18.43
N SER A 140 11.92 -6.71 -19.43
CA SER A 140 12.28 -5.81 -20.52
C SER A 140 13.01 -6.54 -21.63
N GLY A 141 13.27 -5.84 -22.73
CA GLY A 141 13.96 -6.45 -23.85
C GLY A 141 13.75 -5.69 -25.15
N GLY A 1 8.90 23.03 12.00
CA GLY A 1 9.46 21.67 12.25
C GLY A 1 8.62 20.57 11.64
N SER A 2 8.77 20.34 10.34
CA SER A 2 8.01 19.31 9.65
C SER A 2 8.62 19.01 8.28
N SER A 3 8.05 18.03 7.59
CA SER A 3 8.53 17.65 6.27
C SER A 3 7.60 18.17 5.17
N GLY A 4 8.19 18.67 4.09
CA GLY A 4 7.40 19.19 2.99
C GLY A 4 8.21 19.40 1.73
N SER A 5 8.45 20.66 1.38
CA SER A 5 9.23 20.99 0.20
C SER A 5 10.60 21.55 0.59
N SER A 6 11.13 21.07 1.70
CA SER A 6 12.43 21.52 2.18
C SER A 6 13.38 20.34 2.37
N GLY A 7 12.86 19.27 2.97
CA GLY A 7 13.67 18.09 3.21
C GLY A 7 14.71 18.30 4.30
N MET A 8 14.33 17.98 5.53
CA MET A 8 15.23 18.13 6.67
C MET A 8 15.99 16.85 6.94
N SER A 9 17.32 16.92 6.84
CA SER A 9 18.17 15.75 7.08
C SER A 9 19.58 16.18 7.46
N MET A 10 20.26 16.83 6.53
CA MET A 10 21.63 17.30 6.76
C MET A 10 22.03 18.35 5.74
N LEU A 11 21.73 18.08 4.47
CA LEU A 11 22.06 19.00 3.39
C LEU A 11 21.17 20.24 3.44
N LYS A 12 21.74 21.36 3.87
CA LYS A 12 21.00 22.61 3.96
C LYS A 12 21.93 23.81 3.82
N PRO A 13 22.15 24.30 2.59
CA PRO A 13 23.03 25.45 2.34
C PRO A 13 22.46 26.74 2.91
N SER A 14 21.14 26.80 3.04
CA SER A 14 20.47 27.98 3.57
C SER A 14 19.99 27.74 4.99
N GLY A 15 20.25 28.69 5.88
CA GLY A 15 19.84 28.56 7.26
C GLY A 15 20.97 28.82 8.23
N LEU A 16 20.72 28.58 9.51
CA LEU A 16 21.72 28.79 10.55
C LEU A 16 21.31 28.11 11.85
N LYS A 17 20.64 26.97 11.73
CA LYS A 17 20.19 26.22 12.90
C LYS A 17 20.98 24.92 13.06
N ALA A 18 21.29 24.59 14.31
CA ALA A 18 22.06 23.38 14.59
C ALA A 18 21.40 22.56 15.71
N PRO A 19 21.57 21.23 15.69
CA PRO A 19 21.00 20.35 16.71
C PRO A 19 21.34 20.78 18.12
N THR A 20 20.85 20.03 19.10
CA THR A 20 21.12 20.33 20.51
C THR A 20 21.29 19.06 21.32
N LYS A 21 21.93 18.05 20.72
CA LYS A 21 22.16 16.79 21.40
C LYS A 21 23.20 15.96 20.66
N ILE A 22 24.38 15.80 21.27
CA ILE A 22 25.46 15.04 20.67
C ILE A 22 25.64 13.70 21.38
N LEU A 23 25.36 12.61 20.66
CA LEU A 23 25.50 11.28 21.22
C LEU A 23 26.87 10.68 20.90
N LYS A 24 27.63 10.37 21.94
CA LYS A 24 28.96 9.81 21.76
C LYS A 24 28.86 8.32 21.35
N PRO A 25 28.26 7.48 22.20
CA PRO A 25 28.11 6.06 21.93
C PRO A 25 27.04 5.78 20.87
N GLY A 26 27.48 5.38 19.68
CA GLY A 26 26.54 5.09 18.61
C GLY A 26 26.91 3.84 17.84
N SER A 27 25.93 3.26 17.15
CA SER A 27 26.15 2.05 16.38
C SER A 27 25.23 2.00 15.16
N THR A 28 25.64 1.25 14.14
CA THR A 28 24.86 1.12 12.92
C THR A 28 23.80 0.03 13.06
N ALA A 29 24.21 -1.12 13.57
CA ALA A 29 23.30 -2.24 13.77
C ALA A 29 22.26 -1.92 14.83
N LEU A 30 21.17 -2.68 14.84
CA LEU A 30 20.11 -2.48 15.81
C LEU A 30 19.95 -3.71 16.71
N LYS A 31 19.85 -3.47 18.01
CA LYS A 31 19.69 -4.56 18.98
C LYS A 31 19.12 -4.04 20.29
N THR A 32 18.20 -4.80 20.87
CA THR A 32 17.57 -4.42 22.14
C THR A 32 18.60 -4.43 23.27
N PRO A 33 18.79 -3.27 23.94
CA PRO A 33 19.74 -3.17 25.06
C PRO A 33 19.53 -4.24 26.12
N THR A 34 20.60 -4.59 26.82
CA THR A 34 20.52 -5.60 27.87
C THR A 34 21.15 -5.09 29.17
N ALA A 35 21.06 -3.78 29.39
CA ALA A 35 21.62 -3.17 30.59
C ALA A 35 20.79 -1.97 31.03
N VAL A 36 20.09 -2.12 32.15
CA VAL A 36 19.26 -1.05 32.67
C VAL A 36 18.12 -0.70 31.72
N VAL A 37 17.63 -1.73 31.01
CA VAL A 37 16.54 -1.54 30.06
C VAL A 37 15.53 -2.67 30.15
N ALA A 38 14.55 -2.52 31.02
CA ALA A 38 13.52 -3.53 31.21
C ALA A 38 12.14 -2.96 30.92
N PRO A 39 11.13 -3.84 30.72
CA PRO A 39 9.76 -3.42 30.44
C PRO A 39 9.10 -2.76 31.64
N VAL A 40 8.20 -1.82 31.38
CA VAL A 40 7.50 -1.11 32.44
C VAL A 40 6.02 -1.50 32.46
N GLU A 41 5.35 -1.19 33.58
CA GLU A 41 3.93 -1.51 33.73
C GLU A 41 3.18 -0.34 34.35
N LYS A 42 2.43 0.38 33.52
CA LYS A 42 1.66 1.53 33.99
C LYS A 42 0.17 1.29 33.81
N THR A 43 -0.19 0.64 32.70
CA THR A 43 -1.60 0.35 32.41
C THR A 43 -2.42 1.64 32.36
N ILE A 44 -1.81 2.71 31.84
CA ILE A 44 -2.49 3.99 31.73
C ILE A 44 -2.84 4.31 30.28
N SER A 45 -4.02 4.90 30.07
CA SER A 45 -4.47 5.25 28.73
C SER A 45 -4.55 6.77 28.58
N SER A 46 -3.76 7.31 27.67
CA SER A 46 -3.75 8.75 27.42
C SER A 46 -4.43 9.08 26.09
N GLU A 47 -4.31 8.17 25.13
CA GLU A 47 -4.93 8.37 23.83
C GLU A 47 -6.41 7.99 23.86
N LYS A 48 -6.68 6.68 23.86
CA LYS A 48 -8.04 6.19 23.89
C LYS A 48 -8.10 4.76 24.42
N ALA A 49 -9.32 4.24 24.59
CA ALA A 49 -9.50 2.89 25.09
C ALA A 49 -10.02 1.97 24.00
N SER A 50 -9.63 2.24 22.76
CA SER A 50 -10.06 1.43 21.63
C SER A 50 -9.30 1.83 20.35
N SER A 51 -9.01 0.84 19.52
CA SER A 51 -8.30 1.10 18.27
C SER A 51 -9.25 1.04 17.08
N THR A 52 -9.22 2.09 16.26
CA THR A 52 -10.08 2.16 15.09
C THR A 52 -9.65 1.15 14.03
N PRO A 53 -8.36 1.15 13.65
CA PRO A 53 -7.83 0.22 12.65
C PRO A 53 -8.13 -1.24 12.99
N SER A 54 -8.25 -2.07 11.96
CA SER A 54 -8.55 -3.48 12.14
C SER A 54 -8.54 -4.21 10.81
N SER A 55 -8.50 -5.54 10.87
CA SER A 55 -8.50 -6.36 9.66
C SER A 55 -7.28 -6.05 8.80
N GLU A 56 -6.21 -6.80 9.01
CA GLU A 56 -4.99 -6.60 8.25
C GLU A 56 -5.05 -7.35 6.91
N THR A 57 -5.56 -8.58 6.95
CA THR A 57 -5.67 -9.39 5.75
C THR A 57 -7.08 -9.98 5.63
N GLN A 58 -7.67 -9.85 4.45
CA GLN A 58 -9.01 -10.36 4.21
C GLN A 58 -9.22 -10.66 2.73
N GLU A 59 -8.89 -9.69 1.88
CA GLU A 59 -9.04 -9.85 0.45
C GLU A 59 -7.70 -9.68 -0.27
N GLU A 60 -6.93 -8.70 0.18
CA GLU A 60 -5.62 -8.42 -0.41
C GLU A 60 -4.59 -8.09 0.67
N PHE A 61 -3.32 -8.29 0.34
CA PHE A 61 -2.24 -8.01 1.28
C PHE A 61 -1.69 -6.61 1.09
N VAL A 62 -2.19 -5.66 1.87
CA VAL A 62 -1.75 -4.27 1.78
C VAL A 62 -0.69 -3.97 2.82
N ASP A 63 0.40 -3.33 2.39
CA ASP A 63 1.48 -2.97 3.29
C ASP A 63 1.42 -1.50 3.67
N ASP A 64 1.94 -1.17 4.86
CA ASP A 64 1.94 0.20 5.33
C ASP A 64 3.17 0.95 4.82
N PHE A 65 2.96 2.22 4.46
CA PHE A 65 4.06 3.04 3.95
C PHE A 65 4.17 4.34 4.76
N ARG A 66 5.20 5.12 4.44
CA ARG A 66 5.42 6.40 5.12
C ARG A 66 5.94 7.45 4.16
N VAL A 67 5.67 8.72 4.46
CA VAL A 67 6.11 9.82 3.61
C VAL A 67 7.63 9.97 3.66
N GLY A 68 8.29 9.69 2.54
CA GLY A 68 9.73 9.79 2.48
C GLY A 68 10.41 8.44 2.49
N GLU A 69 9.95 7.54 1.63
CA GLU A 69 10.53 6.20 1.55
C GLU A 69 10.69 5.77 0.10
N ARG A 70 11.71 4.97 -0.17
CA ARG A 70 11.97 4.48 -1.52
C ARG A 70 11.06 3.31 -1.86
N VAL A 71 10.18 3.51 -2.83
CA VAL A 71 9.25 2.47 -3.26
C VAL A 71 9.28 2.28 -4.77
N TRP A 72 8.90 1.09 -5.22
CA TRP A 72 8.88 0.77 -6.64
C TRP A 72 7.45 0.57 -7.14
N VAL A 73 6.93 1.56 -7.85
CA VAL A 73 5.57 1.48 -8.38
C VAL A 73 5.48 0.44 -9.49
N ASN A 74 4.45 -0.39 -9.45
CA ASN A 74 4.27 -1.43 -10.46
C ASN A 74 5.43 -2.43 -10.43
N GLY A 75 6.17 -2.44 -9.32
CA GLY A 75 7.29 -3.37 -9.19
C GLY A 75 8.39 -3.10 -10.20
N ASN A 76 8.59 -1.83 -10.54
CA ASN A 76 9.62 -1.45 -11.50
C ASN A 76 9.64 0.06 -11.73
N LYS A 77 9.42 0.82 -10.67
CA LYS A 77 9.41 2.28 -10.77
C LYS A 77 9.86 2.92 -9.46
N PRO A 78 11.18 3.07 -9.25
CA PRO A 78 11.72 3.68 -8.03
C PRO A 78 11.25 5.12 -7.84
N GLY A 79 10.93 5.47 -6.60
CA GLY A 79 10.48 6.81 -6.31
C GLY A 79 10.40 7.09 -4.82
N PHE A 80 9.91 8.27 -4.46
CA PHE A 80 9.77 8.65 -3.06
C PHE A 80 8.36 9.11 -2.75
N ILE A 81 7.75 8.51 -1.73
CA ILE A 81 6.39 8.85 -1.34
C ILE A 81 6.34 10.25 -0.71
N GLN A 82 5.34 11.03 -1.11
CA GLN A 82 5.17 12.38 -0.59
C GLN A 82 3.80 12.57 0.03
N PHE A 83 2.78 12.07 -0.67
CA PHE A 83 1.40 12.18 -0.18
C PHE A 83 0.84 10.81 0.19
N LEU A 84 0.00 10.78 1.21
CA LEU A 84 -0.61 9.53 1.67
C LEU A 84 -1.97 9.80 2.32
N GLY A 85 -3.03 9.31 1.68
CA GLY A 85 -4.36 9.50 2.21
C GLY A 85 -5.42 9.45 1.12
N GLU A 86 -6.46 10.28 1.27
CA GLU A 86 -7.55 10.32 0.30
C GLU A 86 -7.20 11.25 -0.86
N THR A 87 -8.12 11.38 -1.80
CA THR A 87 -7.92 12.23 -2.96
C THR A 87 -9.14 13.12 -3.20
N GLN A 88 -9.09 13.90 -4.28
CA GLN A 88 -10.19 14.79 -4.62
C GLN A 88 -11.01 14.22 -5.79
N PHE A 89 -10.34 13.48 -6.66
CA PHE A 89 -11.00 12.89 -7.83
C PHE A 89 -11.46 11.47 -7.51
N ALA A 90 -10.71 10.77 -6.67
CA ALA A 90 -11.04 9.41 -6.29
C ALA A 90 -11.42 9.32 -4.82
N PRO A 91 -12.42 8.49 -4.48
CA PRO A 91 -12.88 8.32 -3.09
C PRO A 91 -11.93 7.46 -2.27
N GLY A 92 -11.45 6.37 -2.88
CA GLY A 92 -10.55 5.48 -2.19
C GLY A 92 -9.27 6.18 -1.73
N GLN A 93 -8.25 5.40 -1.41
CA GLN A 93 -6.99 5.94 -0.95
C GLN A 93 -5.94 5.91 -2.07
N TRP A 94 -4.94 6.78 -1.95
CA TRP A 94 -3.88 6.85 -2.94
C TRP A 94 -2.58 7.33 -2.32
N ALA A 95 -1.45 6.97 -2.93
CA ALA A 95 -0.14 7.36 -2.43
C ALA A 95 0.71 7.97 -3.54
N GLY A 96 1.06 9.24 -3.37
CA GLY A 96 1.87 9.93 -4.37
C GLY A 96 3.34 9.65 -4.20
N ILE A 97 4.02 9.30 -5.29
CA ILE A 97 5.44 9.01 -5.26
C ILE A 97 6.19 9.84 -6.30
N VAL A 98 7.43 10.19 -5.99
CA VAL A 98 8.26 10.98 -6.89
C VAL A 98 9.36 10.12 -7.52
N LEU A 99 9.16 9.73 -8.77
CA LEU A 99 10.13 8.91 -9.47
C LEU A 99 11.40 9.70 -9.76
N ASP A 100 12.53 9.00 -9.86
CA ASP A 100 13.81 9.63 -10.12
C ASP A 100 14.17 9.53 -11.61
N GLU A 101 13.15 9.45 -12.46
CA GLU A 101 13.36 9.34 -13.90
C GLU A 101 12.14 9.84 -14.66
N PRO A 102 12.36 10.43 -15.86
CA PRO A 102 11.27 10.95 -16.69
C PRO A 102 10.35 9.85 -17.21
N ILE A 103 9.66 9.18 -16.30
CA ILE A 103 8.75 8.10 -16.67
C ILE A 103 7.46 8.17 -15.87
N GLY A 104 7.09 9.38 -15.45
CA GLY A 104 5.87 9.55 -14.67
C GLY A 104 4.70 9.94 -15.55
N LYS A 105 3.56 10.21 -14.91
CA LYS A 105 2.35 10.58 -15.63
C LYS A 105 1.85 11.96 -15.19
N ASN A 106 1.96 12.23 -13.88
CA ASN A 106 1.52 13.50 -13.33
C ASN A 106 2.67 14.24 -12.65
N ASP A 107 2.40 15.44 -12.16
CA ASP A 107 3.41 16.24 -11.48
C ASP A 107 3.04 16.46 -10.02
N GLY A 108 2.48 15.43 -9.39
CA GLY A 108 2.09 15.53 -8.00
C GLY A 108 0.87 16.42 -7.80
N SER A 109 0.01 16.48 -8.81
CA SER A 109 -1.20 17.29 -8.74
C SER A 109 -2.26 16.75 -9.68
N VAL A 110 -3.52 16.95 -9.31
CA VAL A 110 -4.64 16.48 -10.12
C VAL A 110 -5.88 17.37 -9.91
N ALA A 111 -6.42 17.88 -11.01
CA ALA A 111 -7.60 18.74 -10.95
C ALA A 111 -7.34 19.97 -10.08
N GLY A 112 -6.18 20.58 -10.27
CA GLY A 112 -5.84 21.76 -9.49
C GLY A 112 -5.65 21.46 -8.02
N VAL A 113 -5.31 20.20 -7.71
CA VAL A 113 -5.12 19.79 -6.33
C VAL A 113 -3.65 19.46 -6.07
N ARG A 114 -2.94 20.40 -5.46
CA ARG A 114 -1.52 20.21 -5.16
C ARG A 114 -1.34 19.34 -3.92
N TYR A 115 -0.93 18.09 -4.13
CA TYR A 115 -0.71 17.16 -3.04
C TYR A 115 0.74 17.20 -2.56
N PHE A 116 1.67 17.15 -3.50
CA PHE A 116 3.09 17.18 -3.18
C PHE A 116 3.90 17.77 -4.34
N GLN A 117 4.63 18.85 -4.05
CA GLN A 117 5.45 19.50 -5.07
C GLN A 117 6.55 18.57 -5.58
N CYS A 118 6.62 18.42 -6.90
CA CYS A 118 7.62 17.56 -7.51
C CYS A 118 7.89 17.98 -8.96
N GLU A 119 8.98 17.48 -9.53
CA GLU A 119 9.35 17.79 -10.89
C GLU A 119 8.43 17.08 -11.89
N PRO A 120 8.24 17.66 -13.09
CA PRO A 120 7.39 17.06 -14.12
C PRO A 120 7.83 15.67 -14.50
N LEU A 121 6.86 14.82 -14.83
CA LEU A 121 7.15 13.44 -15.22
C LEU A 121 7.88 12.69 -14.10
N LYS A 122 7.55 13.03 -12.87
CA LYS A 122 8.17 12.40 -11.71
C LYS A 122 7.11 11.92 -10.72
N GLY A 123 6.14 12.79 -10.45
CA GLY A 123 5.08 12.43 -9.51
C GLY A 123 4.09 11.46 -10.12
N ILE A 124 3.57 10.56 -9.30
CA ILE A 124 2.60 9.57 -9.76
C ILE A 124 1.70 9.10 -8.62
N PHE A 125 0.45 8.81 -8.95
CA PHE A 125 -0.51 8.34 -7.94
C PHE A 125 -0.92 6.90 -8.23
N THR A 126 -0.80 6.05 -7.20
CA THR A 126 -1.16 4.65 -7.34
C THR A 126 -1.49 4.03 -5.99
N ARG A 127 -2.10 2.85 -6.00
CA ARG A 127 -2.49 2.17 -4.77
C ARG A 127 -1.25 1.67 -4.03
N PRO A 128 -1.22 1.80 -2.70
CA PRO A 128 -0.09 1.36 -1.88
C PRO A 128 0.27 -0.10 -2.13
N SER A 129 -0.76 -0.92 -2.36
CA SER A 129 -0.56 -2.34 -2.62
C SER A 129 0.32 -2.56 -3.84
N LYS A 130 0.28 -1.62 -4.77
CA LYS A 130 1.07 -1.72 -5.99
C LYS A 130 2.54 -1.42 -5.71
N LEU A 131 2.80 -0.58 -4.71
CA LEU A 131 4.15 -0.20 -4.34
C LEU A 131 4.92 -1.42 -3.81
N THR A 132 6.22 -1.45 -4.08
CA THR A 132 7.06 -2.55 -3.63
C THR A 132 8.46 -2.06 -3.26
N ARG A 133 9.03 -2.64 -2.21
CA ARG A 133 10.36 -2.25 -1.75
C ARG A 133 11.43 -2.96 -2.57
N LYS A 134 12.21 -2.18 -3.32
CA LYS A 134 13.28 -2.74 -4.14
C LYS A 134 12.72 -3.67 -5.21
N VAL A 135 13.37 -3.70 -6.37
CA VAL A 135 12.93 -4.55 -7.46
C VAL A 135 12.96 -6.02 -7.06
N SER A 136 11.81 -6.69 -7.17
CA SER A 136 11.70 -8.09 -6.81
C SER A 136 11.66 -8.97 -8.06
N GLY A 137 12.83 -9.40 -8.51
CA GLY A 137 12.91 -10.23 -9.70
C GLY A 137 13.37 -9.46 -10.93
N PRO A 138 14.14 -10.10 -11.82
CA PRO A 138 14.64 -9.46 -13.03
C PRO A 138 13.54 -9.29 -14.09
N SER A 139 13.88 -8.59 -15.17
CA SER A 139 12.93 -8.35 -16.25
C SER A 139 13.21 -9.25 -17.44
N SER A 140 13.67 -10.48 -17.16
CA SER A 140 13.98 -11.44 -18.21
C SER A 140 13.19 -12.73 -18.02
N GLY A 141 12.82 -13.36 -19.13
CA GLY A 141 12.06 -14.60 -19.06
C GLY A 141 10.57 -14.37 -19.20
N GLY A 1 -11.67 25.02 -35.28
CA GLY A 1 -11.21 25.89 -36.40
C GLY A 1 -12.32 26.80 -36.92
N SER A 2 -12.95 26.40 -38.02
CA SER A 2 -14.02 27.19 -38.61
C SER A 2 -13.52 28.57 -39.02
N SER A 3 -12.25 28.66 -39.39
CA SER A 3 -11.65 29.92 -39.80
C SER A 3 -11.20 29.87 -41.25
N GLY A 4 -12.08 30.28 -42.16
CA GLY A 4 -11.75 30.27 -43.57
C GLY A 4 -12.97 30.07 -44.45
N SER A 5 -12.74 29.85 -45.74
CA SER A 5 -13.83 29.63 -46.69
C SER A 5 -13.75 28.24 -47.30
N SER A 6 -14.90 27.69 -47.64
CA SER A 6 -14.97 26.35 -48.23
C SER A 6 -16.29 26.15 -48.98
N GLY A 7 -16.19 25.87 -50.28
CA GLY A 7 -17.38 25.64 -51.08
C GLY A 7 -17.74 24.18 -51.20
N MET A 8 -17.37 23.57 -52.32
CA MET A 8 -17.65 22.16 -52.54
C MET A 8 -19.16 21.91 -52.59
N SER A 9 -19.64 21.41 -53.73
CA SER A 9 -21.06 21.14 -53.90
C SER A 9 -21.36 19.67 -53.67
N MET A 10 -20.59 19.03 -52.80
CA MET A 10 -20.77 17.62 -52.50
C MET A 10 -20.38 17.32 -51.06
N LEU A 11 -21.12 16.43 -50.42
CA LEU A 11 -20.86 16.05 -49.04
C LEU A 11 -21.02 14.55 -48.83
N LYS A 12 -20.55 14.05 -47.70
CA LYS A 12 -20.64 12.63 -47.39
C LYS A 12 -19.87 11.78 -48.40
N PRO A 13 -19.33 10.63 -47.97
CA PRO A 13 -18.57 9.74 -48.85
C PRO A 13 -19.33 9.39 -50.12
N SER A 14 -18.61 9.26 -51.22
CA SER A 14 -19.22 8.92 -52.50
C SER A 14 -18.17 8.42 -53.49
N GLY A 15 -18.10 7.10 -53.65
CA GLY A 15 -17.13 6.52 -54.56
C GLY A 15 -17.77 5.56 -55.56
N LEU A 16 -18.59 6.12 -56.45
CA LEU A 16 -19.26 5.32 -57.47
C LEU A 16 -20.23 4.33 -56.82
N LYS A 17 -21.49 4.38 -57.24
CA LYS A 17 -22.51 3.49 -56.70
C LYS A 17 -22.62 2.22 -57.53
N ALA A 18 -22.44 1.08 -56.88
CA ALA A 18 -22.52 -0.21 -57.55
C ALA A 18 -23.51 -1.14 -56.86
N PRO A 19 -24.09 -2.09 -57.61
CA PRO A 19 -25.07 -3.05 -57.06
C PRO A 19 -24.43 -4.03 -56.09
N THR A 20 -25.17 -5.08 -55.74
CA THR A 20 -24.69 -6.10 -54.83
C THR A 20 -23.90 -7.18 -55.57
N LYS A 21 -22.60 -6.97 -55.70
CA LYS A 21 -21.73 -7.92 -56.40
C LYS A 21 -20.65 -8.46 -55.46
N ILE A 22 -19.85 -7.55 -54.92
CA ILE A 22 -18.77 -7.92 -54.01
C ILE A 22 -18.61 -6.90 -52.89
N LEU A 23 -18.22 -5.69 -53.25
CA LEU A 23 -18.04 -4.63 -52.27
C LEU A 23 -16.99 -5.02 -51.23
N LYS A 24 -16.49 -4.03 -50.50
CA LYS A 24 -15.49 -4.27 -49.46
C LYS A 24 -16.15 -4.87 -48.21
N PRO A 25 -15.86 -6.15 -47.91
CA PRO A 25 -16.42 -6.83 -46.73
C PRO A 25 -15.89 -6.26 -45.42
N GLY A 26 -14.59 -5.97 -45.39
CA GLY A 26 -13.98 -5.42 -44.20
C GLY A 26 -13.21 -6.46 -43.41
N SER A 27 -13.91 -7.14 -42.50
CA SER A 27 -13.30 -8.18 -41.67
C SER A 27 -12.18 -7.59 -40.81
N THR A 28 -12.55 -7.09 -39.64
CA THR A 28 -11.58 -6.49 -38.73
C THR A 28 -11.37 -7.38 -37.50
N ALA A 29 -11.58 -8.68 -37.67
CA ALA A 29 -11.42 -9.63 -36.58
C ALA A 29 -12.27 -9.25 -35.37
N LEU A 30 -13.40 -8.60 -35.63
CA LEU A 30 -14.31 -8.18 -34.57
C LEU A 30 -15.73 -8.00 -35.10
N LYS A 31 -16.67 -7.80 -34.19
CA LYS A 31 -18.07 -7.60 -34.55
C LYS A 31 -18.90 -7.22 -33.34
N THR A 32 -18.69 -7.93 -32.24
CA THR A 32 -19.42 -7.67 -31.01
C THR A 32 -18.55 -7.92 -29.79
N PRO A 33 -17.71 -6.94 -29.41
CA PRO A 33 -16.82 -7.06 -28.25
C PRO A 33 -17.58 -7.05 -26.93
N THR A 34 -18.78 -6.48 -26.93
CA THR A 34 -19.60 -6.40 -25.74
C THR A 34 -19.00 -5.45 -24.71
N ALA A 35 -17.85 -5.83 -24.17
CA ALA A 35 -17.16 -5.01 -23.18
C ALA A 35 -15.64 -5.10 -23.34
N VAL A 36 -14.95 -4.09 -22.83
CA VAL A 36 -13.49 -4.05 -22.92
C VAL A 36 -12.89 -3.21 -21.80
N VAL A 37 -12.34 -3.87 -20.79
CA VAL A 37 -11.73 -3.19 -19.66
C VAL A 37 -10.44 -2.50 -20.07
N ALA A 38 -10.34 -1.21 -19.77
CA ALA A 38 -9.15 -0.43 -20.11
C ALA A 38 -9.15 0.92 -19.39
N PRO A 39 -8.32 1.06 -18.34
CA PRO A 39 -8.23 2.31 -17.58
C PRO A 39 -7.64 3.45 -18.40
N VAL A 40 -6.81 3.11 -19.39
CA VAL A 40 -6.19 4.11 -20.25
C VAL A 40 -6.90 4.21 -21.59
N GLU A 41 -8.21 3.97 -21.57
CA GLU A 41 -9.01 4.03 -22.80
C GLU A 41 -10.43 4.50 -22.49
N LYS A 42 -11.08 3.84 -21.55
CA LYS A 42 -12.44 4.20 -21.17
C LYS A 42 -12.75 3.74 -19.75
N THR A 43 -13.33 4.63 -18.95
CA THR A 43 -13.68 4.30 -17.57
C THR A 43 -15.00 4.96 -17.17
N ILE A 44 -16.10 4.23 -17.37
CA ILE A 44 -17.43 4.74 -17.04
C ILE A 44 -18.43 3.60 -16.95
N SER A 45 -18.01 2.48 -16.37
CA SER A 45 -18.88 1.32 -16.23
C SER A 45 -19.25 1.09 -14.77
N SER A 46 -20.53 1.16 -14.47
CA SER A 46 -21.01 0.96 -13.10
C SER A 46 -20.98 -0.52 -12.72
N GLU A 47 -21.08 -0.80 -11.42
CA GLU A 47 -21.06 -2.17 -10.94
C GLU A 47 -19.76 -2.88 -11.31
N LYS A 48 -19.55 -4.06 -10.73
CA LYS A 48 -18.35 -4.82 -11.00
C LYS A 48 -18.68 -6.10 -11.77
N ALA A 49 -17.65 -6.75 -12.33
CA ALA A 49 -17.84 -7.98 -13.07
C ALA A 49 -16.73 -8.98 -12.76
N SER A 50 -15.49 -8.50 -12.77
CA SER A 50 -14.34 -9.36 -12.50
C SER A 50 -14.04 -9.39 -11.00
N SER A 51 -15.05 -9.76 -10.21
CA SER A 51 -14.90 -9.83 -8.76
C SER A 51 -14.12 -11.09 -8.36
N THR A 52 -13.34 -10.97 -7.30
CA THR A 52 -12.54 -12.08 -6.82
C THR A 52 -12.91 -12.43 -5.37
N PRO A 53 -13.30 -13.69 -5.11
CA PRO A 53 -13.67 -14.13 -3.76
C PRO A 53 -12.46 -14.29 -2.85
N SER A 54 -12.39 -13.46 -1.81
CA SER A 54 -11.28 -13.50 -0.86
C SER A 54 -11.63 -14.38 0.33
N SER A 55 -10.61 -14.82 1.05
CA SER A 55 -10.80 -15.68 2.22
C SER A 55 -9.96 -15.19 3.39
N GLU A 56 -8.65 -15.39 3.29
CA GLU A 56 -7.73 -14.97 4.36
C GLU A 56 -6.28 -15.17 3.94
N THR A 57 -5.54 -14.08 3.84
CA THR A 57 -4.13 -14.14 3.45
C THR A 57 -3.26 -13.42 4.46
N GLN A 58 -2.47 -14.19 5.21
CA GLN A 58 -1.58 -13.63 6.22
C GLN A 58 -0.19 -13.38 5.64
N GLU A 59 0.75 -13.02 6.51
CA GLU A 59 2.12 -12.74 6.08
C GLU A 59 2.20 -11.47 5.27
N GLU A 60 1.59 -11.47 4.10
CA GLU A 60 1.59 -10.30 3.22
C GLU A 60 0.71 -9.18 3.80
N PHE A 61 1.35 -8.09 4.21
CA PHE A 61 0.63 -6.96 4.77
C PHE A 61 1.09 -5.65 4.14
N VAL A 62 0.41 -5.22 3.09
CA VAL A 62 0.76 -3.98 2.41
C VAL A 62 -0.48 -3.16 2.10
N ASP A 63 -0.67 -2.07 2.86
CA ASP A 63 -1.82 -1.19 2.67
C ASP A 63 -1.42 0.27 2.84
N ASP A 64 -0.70 0.56 3.91
CA ASP A 64 -0.26 1.93 4.19
C ASP A 64 1.26 2.02 4.10
N PHE A 65 1.75 3.24 3.86
CA PHE A 65 3.19 3.48 3.75
C PHE A 65 3.58 4.75 4.51
N ARG A 66 4.87 5.09 4.43
CA ARG A 66 5.37 6.28 5.11
C ARG A 66 5.93 7.28 4.11
N VAL A 67 6.03 8.54 4.52
CA VAL A 67 6.54 9.59 3.66
C VAL A 67 8.05 9.72 3.79
N GLY A 68 8.76 9.45 2.70
CA GLY A 68 10.20 9.54 2.71
C GLY A 68 10.87 8.18 2.59
N GLU A 69 10.20 7.26 1.90
CA GLU A 69 10.73 5.91 1.71
C GLU A 69 10.84 5.58 0.23
N ARG A 70 11.80 4.71 -0.10
CA ARG A 70 12.01 4.31 -1.49
C ARG A 70 11.10 3.14 -1.86
N VAL A 71 10.07 3.43 -2.64
CA VAL A 71 9.13 2.41 -3.08
C VAL A 71 9.20 2.19 -4.59
N TRP A 72 8.76 1.03 -5.03
CA TRP A 72 8.77 0.70 -6.45
C TRP A 72 7.35 0.63 -7.01
N VAL A 73 7.03 1.55 -7.92
CA VAL A 73 5.70 1.59 -8.52
C VAL A 73 5.54 0.47 -9.54
N ASN A 74 4.41 -0.24 -9.47
CA ASN A 74 4.14 -1.34 -10.38
C ASN A 74 5.23 -2.41 -10.31
N GLY A 75 5.96 -2.42 -9.19
CA GLY A 75 7.02 -3.40 -9.01
C GLY A 75 8.14 -3.23 -10.02
N ASN A 76 8.41 -1.98 -10.41
CA ASN A 76 9.47 -1.70 -11.37
C ASN A 76 9.59 -0.21 -11.63
N LYS A 77 9.61 0.58 -10.56
CA LYS A 77 9.73 2.03 -10.67
C LYS A 77 10.02 2.67 -9.32
N PRO A 78 11.31 2.82 -8.96
CA PRO A 78 11.72 3.41 -7.68
C PRO A 78 11.35 4.89 -7.60
N GLY A 79 11.02 5.34 -6.38
CA GLY A 79 10.67 6.73 -6.18
C GLY A 79 10.58 7.11 -4.72
N PHE A 80 9.94 8.23 -4.43
CA PHE A 80 9.79 8.70 -3.07
C PHE A 80 8.35 9.12 -2.78
N ILE A 81 7.75 8.53 -1.75
CA ILE A 81 6.38 8.85 -1.38
C ILE A 81 6.29 10.23 -0.74
N GLN A 82 5.24 10.97 -1.10
CA GLN A 82 5.04 12.31 -0.56
C GLN A 82 3.65 12.45 0.05
N PHE A 83 2.64 12.00 -0.69
CA PHE A 83 1.26 12.08 -0.22
C PHE A 83 0.78 10.71 0.25
N LEU A 84 0.07 10.69 1.38
CA LEU A 84 -0.46 9.46 1.94
C LEU A 84 -1.76 9.70 2.69
N GLY A 85 -2.86 9.26 2.11
CA GLY A 85 -4.16 9.44 2.72
C GLY A 85 -5.31 9.32 1.74
N GLU A 86 -6.27 10.24 1.83
CA GLU A 86 -7.41 10.23 0.94
C GLU A 86 -7.24 11.26 -0.18
N THR A 87 -8.13 11.22 -1.16
CA THR A 87 -8.07 12.14 -2.29
C THR A 87 -9.37 12.93 -2.42
N GLN A 88 -9.35 13.98 -3.21
CA GLN A 88 -10.52 14.82 -3.42
C GLN A 88 -11.35 14.32 -4.60
N PHE A 89 -10.69 13.68 -5.56
CA PHE A 89 -11.37 13.16 -6.73
C PHE A 89 -11.78 11.71 -6.52
N ALA A 90 -10.96 10.96 -5.78
CA ALA A 90 -11.26 9.56 -5.50
C ALA A 90 -11.55 9.35 -4.01
N PRO A 91 -12.50 8.45 -3.69
CA PRO A 91 -12.87 8.16 -2.30
C PRO A 91 -11.85 7.25 -1.61
N GLY A 92 -11.40 6.23 -2.33
CA GLY A 92 -10.43 5.31 -1.76
C GLY A 92 -9.15 6.00 -1.32
N GLN A 93 -8.13 5.21 -1.03
CA GLN A 93 -6.84 5.75 -0.60
C GLN A 93 -5.82 5.71 -1.73
N TRP A 94 -4.88 6.65 -1.72
CA TRP A 94 -3.84 6.71 -2.74
C TRP A 94 -2.49 7.06 -2.12
N ALA A 95 -1.45 7.09 -2.95
CA ALA A 95 -0.11 7.41 -2.49
C ALA A 95 0.72 8.01 -3.61
N GLY A 96 1.12 9.27 -3.45
CA GLY A 96 1.92 9.94 -4.45
C GLY A 96 3.40 9.65 -4.30
N ILE A 97 4.03 9.22 -5.39
CA ILE A 97 5.45 8.90 -5.38
C ILE A 97 6.19 9.65 -6.48
N VAL A 98 7.34 10.22 -6.14
CA VAL A 98 8.14 10.96 -7.10
C VAL A 98 9.27 10.09 -7.65
N LEU A 99 9.37 10.03 -8.98
CA LEU A 99 10.41 9.24 -9.63
C LEU A 99 11.68 10.06 -9.81
N ASP A 100 12.73 9.41 -10.30
CA ASP A 100 14.01 10.07 -10.51
C ASP A 100 14.31 10.20 -12.00
N GLU A 101 13.26 10.34 -12.80
CA GLU A 101 13.42 10.48 -14.25
C GLU A 101 12.10 10.91 -14.89
N PRO A 102 12.18 11.60 -16.04
CA PRO A 102 10.99 12.07 -16.76
C PRO A 102 10.24 10.93 -17.45
N ILE A 103 9.76 9.97 -16.64
CA ILE A 103 9.03 8.83 -17.18
C ILE A 103 7.76 8.57 -16.37
N GLY A 104 7.22 9.61 -15.76
CA GLY A 104 6.01 9.47 -14.97
C GLY A 104 4.75 9.74 -15.78
N LYS A 105 3.72 10.23 -15.10
CA LYS A 105 2.46 10.52 -15.75
C LYS A 105 1.81 11.77 -15.15
N ASN A 106 1.76 11.82 -13.82
CA ASN A 106 1.17 12.96 -13.12
C ASN A 106 2.25 13.95 -12.69
N ASP A 107 1.82 15.06 -12.12
CA ASP A 107 2.75 16.09 -11.67
C ASP A 107 2.44 16.53 -10.24
N GLY A 108 1.97 15.58 -9.43
CA GLY A 108 1.64 15.89 -8.05
C GLY A 108 0.45 16.82 -7.93
N SER A 109 -0.43 16.79 -8.93
CA SER A 109 -1.61 17.63 -8.93
C SER A 109 -2.75 16.99 -9.71
N VAL A 110 -3.98 17.23 -9.27
CA VAL A 110 -5.16 16.68 -9.93
C VAL A 110 -6.33 17.66 -9.90
N ALA A 111 -6.72 18.12 -11.08
CA ALA A 111 -7.83 19.07 -11.18
C ALA A 111 -7.53 20.35 -10.43
N GLY A 112 -6.26 20.71 -10.37
CA GLY A 112 -5.85 21.92 -9.67
C GLY A 112 -5.68 21.70 -8.18
N VAL A 113 -5.33 20.48 -7.79
CA VAL A 113 -5.15 20.15 -6.40
C VAL A 113 -3.74 19.60 -6.15
N ARG A 114 -2.86 20.44 -5.64
CA ARG A 114 -1.48 20.05 -5.36
C ARG A 114 -1.41 19.19 -4.10
N TYR A 115 -1.06 17.92 -4.26
CA TYR A 115 -0.96 17.00 -3.14
C TYR A 115 0.46 16.98 -2.58
N PHE A 116 1.44 17.16 -3.46
CA PHE A 116 2.84 17.16 -3.07
C PHE A 116 3.72 17.77 -4.15
N GLN A 117 4.47 18.80 -3.79
CA GLN A 117 5.35 19.48 -4.72
C GLN A 117 6.43 18.54 -5.23
N CYS A 118 6.49 18.38 -6.55
CA CYS A 118 7.49 17.50 -7.16
C CYS A 118 7.79 17.95 -8.59
N GLU A 119 8.82 17.35 -9.18
CA GLU A 119 9.21 17.68 -10.55
C GLU A 119 8.25 17.06 -11.57
N PRO A 120 8.05 17.74 -12.70
CA PRO A 120 7.15 17.25 -13.76
C PRO A 120 7.52 15.86 -14.24
N LEU A 121 6.51 15.05 -14.54
CA LEU A 121 6.73 13.69 -15.01
C LEU A 121 7.51 12.87 -13.98
N LYS A 122 7.23 13.11 -12.70
CA LYS A 122 7.90 12.40 -11.63
C LYS A 122 6.91 11.91 -10.58
N GLY A 123 6.01 12.80 -10.18
CA GLY A 123 5.01 12.44 -9.18
C GLY A 123 3.81 11.74 -9.79
N ILE A 124 3.66 10.45 -9.49
CA ILE A 124 2.55 9.67 -10.02
C ILE A 124 1.64 9.19 -8.88
N PHE A 125 0.35 9.05 -9.19
CA PHE A 125 -0.62 8.61 -8.21
C PHE A 125 -0.95 7.12 -8.40
N THR A 126 -0.60 6.31 -7.40
CA THR A 126 -0.86 4.88 -7.45
C THR A 126 -1.22 4.34 -6.08
N ARG A 127 -1.82 3.15 -6.05
CA ARG A 127 -2.21 2.53 -4.79
C ARG A 127 -1.00 1.97 -4.05
N PRO A 128 -0.98 2.07 -2.71
CA PRO A 128 0.13 1.57 -1.89
C PRO A 128 0.41 0.09 -2.13
N SER A 129 -0.66 -0.68 -2.26
CA SER A 129 -0.54 -2.12 -2.49
C SER A 129 0.26 -2.41 -3.76
N LYS A 130 0.19 -1.49 -4.71
CA LYS A 130 0.90 -1.63 -5.97
C LYS A 130 2.40 -1.42 -5.79
N LEU A 131 2.76 -0.64 -4.78
CA LEU A 131 4.17 -0.35 -4.49
C LEU A 131 4.85 -1.57 -3.91
N THR A 132 6.14 -1.74 -4.23
CA THR A 132 6.92 -2.87 -3.74
C THR A 132 8.26 -2.40 -3.18
N ARG A 133 8.77 -3.15 -2.21
CA ARG A 133 10.05 -2.81 -1.59
C ARG A 133 11.22 -3.37 -2.42
N LYS A 134 11.95 -2.47 -3.07
CA LYS A 134 13.09 -2.85 -3.88
C LYS A 134 12.66 -3.78 -5.02
N VAL A 135 13.50 -3.91 -6.03
CA VAL A 135 13.21 -4.77 -7.18
C VAL A 135 13.13 -6.22 -6.76
N SER A 136 11.91 -6.70 -6.50
CA SER A 136 11.70 -8.08 -6.09
C SER A 136 10.92 -8.85 -7.16
N GLY A 137 11.02 -10.17 -7.11
CA GLY A 137 10.31 -11.00 -8.07
C GLY A 137 10.80 -10.78 -9.49
N PRO A 138 12.06 -11.13 -9.78
CA PRO A 138 12.64 -10.97 -11.12
C PRO A 138 12.03 -11.92 -12.14
N SER A 139 11.72 -13.13 -11.69
CA SER A 139 11.13 -14.14 -12.57
C SER A 139 10.50 -15.26 -11.75
N SER A 140 11.22 -15.72 -10.73
CA SER A 140 10.73 -16.80 -9.87
C SER A 140 10.92 -16.45 -8.40
N GLY A 141 9.83 -16.47 -7.64
CA GLY A 141 9.91 -16.14 -6.23
C GLY A 141 9.76 -17.38 -5.35
N GLY A 1 56.35 -4.28 8.42
CA GLY A 1 57.17 -4.18 9.65
C GLY A 1 56.35 -4.24 10.92
N SER A 2 55.46 -3.26 11.09
CA SER A 2 54.60 -3.21 12.27
C SER A 2 53.31 -3.96 12.02
N SER A 3 52.85 -3.96 10.78
CA SER A 3 51.62 -4.66 10.42
C SER A 3 51.86 -5.65 9.28
N GLY A 4 52.07 -6.92 9.64
CA GLY A 4 52.33 -7.93 8.64
C GLY A 4 52.29 -9.34 9.22
N SER A 5 51.46 -10.19 8.65
CA SER A 5 51.34 -11.57 9.12
C SER A 5 50.77 -11.62 10.54
N SER A 6 51.61 -11.33 11.53
CA SER A 6 51.20 -11.35 12.92
C SER A 6 50.15 -10.27 13.18
N GLY A 7 49.42 -10.41 14.29
CA GLY A 7 48.40 -9.45 14.63
C GLY A 7 47.01 -9.91 14.23
N MET A 8 46.81 -11.21 14.18
CA MET A 8 45.52 -11.79 13.80
C MET A 8 44.89 -12.54 14.97
N SER A 9 45.18 -12.08 16.19
CA SER A 9 44.64 -12.70 17.39
C SER A 9 44.71 -11.75 18.58
N MET A 10 45.86 -11.11 18.76
CA MET A 10 46.05 -10.17 19.85
C MET A 10 45.22 -8.92 19.65
N LEU A 11 44.63 -8.41 20.73
CA LEU A 11 43.81 -7.22 20.66
C LEU A 11 44.67 -5.96 20.68
N LYS A 12 44.02 -4.81 20.81
CA LYS A 12 44.73 -3.53 20.83
C LYS A 12 44.82 -2.99 22.26
N PRO A 13 45.76 -2.06 22.50
CA PRO A 13 45.95 -1.45 23.83
C PRO A 13 44.65 -0.89 24.39
N SER A 14 44.70 -0.42 25.63
CA SER A 14 43.54 0.14 26.29
C SER A 14 43.65 1.67 26.40
N GLY A 15 42.58 2.37 26.03
CA GLY A 15 42.59 3.82 26.09
C GLY A 15 42.29 4.34 27.48
N LEU A 16 41.27 5.18 27.58
CA LEU A 16 40.87 5.75 28.87
C LEU A 16 39.37 5.63 29.08
N LYS A 17 38.60 6.28 28.21
CA LYS A 17 37.15 6.26 28.31
C LYS A 17 36.50 6.70 26.99
N ALA A 18 35.30 6.20 26.73
CA ALA A 18 34.58 6.55 25.51
C ALA A 18 33.98 7.95 25.60
N PRO A 19 33.79 8.61 24.45
CA PRO A 19 33.22 9.97 24.40
C PRO A 19 31.89 10.06 25.16
N THR A 20 31.36 11.27 25.25
CA THR A 20 30.09 11.50 25.94
C THR A 20 28.94 11.55 24.96
N LYS A 21 27.80 10.98 25.37
CA LYS A 21 26.61 10.95 24.52
C LYS A 21 25.38 10.55 25.34
N ILE A 22 24.67 11.55 25.85
CA ILE A 22 23.47 11.32 26.64
C ILE A 22 23.67 10.19 27.66
N LEU A 23 24.81 10.22 28.35
CA LEU A 23 25.13 9.21 29.34
C LEU A 23 25.16 9.81 30.74
N LYS A 24 24.02 9.76 31.43
CA LYS A 24 23.92 10.30 32.78
C LYS A 24 22.76 9.67 33.53
N PRO A 25 22.97 9.33 34.82
CA PRO A 25 21.92 8.72 35.65
C PRO A 25 20.86 9.73 36.10
N GLY A 26 19.65 9.57 35.58
CA GLY A 26 18.58 10.48 35.94
C GLY A 26 17.56 9.84 36.86
N SER A 27 16.74 8.95 36.32
CA SER A 27 15.73 8.26 37.10
C SER A 27 15.46 6.87 36.54
N THR A 28 16.27 5.89 36.97
CA THR A 28 16.12 4.51 36.52
C THR A 28 16.19 4.43 35.00
N ALA A 29 15.99 3.23 34.47
CA ALA A 29 16.03 3.02 33.02
C ALA A 29 14.96 2.02 32.58
N LEU A 30 13.83 2.04 33.27
CA LEU A 30 12.72 1.14 32.94
C LEU A 30 11.39 1.73 33.39
N LYS A 31 11.34 2.22 34.63
CA LYS A 31 10.13 2.82 35.17
C LYS A 31 9.83 4.16 34.50
N THR A 32 8.63 4.69 34.74
CA THR A 32 8.23 5.97 34.16
C THR A 32 7.18 6.65 35.04
N PRO A 33 7.18 7.99 35.08
CA PRO A 33 6.22 8.75 35.88
C PRO A 33 4.80 8.67 35.32
N THR A 34 3.86 8.29 36.17
CA THR A 34 2.47 8.16 35.77
C THR A 34 2.31 7.09 34.70
N ALA A 35 1.14 6.46 34.65
CA ALA A 35 0.86 5.43 33.66
C ALA A 35 -0.61 5.45 33.25
N VAL A 36 -0.91 6.25 32.24
CA VAL A 36 -2.28 6.36 31.73
C VAL A 36 -2.41 5.73 30.35
N VAL A 37 -1.63 4.69 30.11
CA VAL A 37 -1.65 4.00 28.82
C VAL A 37 -2.07 2.54 28.98
N ALA A 38 -3.35 2.27 28.75
CA ALA A 38 -3.88 0.91 28.87
C ALA A 38 -4.36 0.38 27.52
N PRO A 39 -4.30 -0.95 27.33
CA PRO A 39 -4.73 -1.57 26.07
C PRO A 39 -6.24 -1.51 25.88
N VAL A 40 -6.71 -0.41 25.30
CA VAL A 40 -8.14 -0.22 25.06
C VAL A 40 -8.43 -0.12 23.57
N GLU A 41 -8.03 -1.15 22.82
CA GLU A 41 -8.26 -1.18 21.38
C GLU A 41 -9.48 -2.01 21.03
N LYS A 42 -9.73 -3.05 21.83
CA LYS A 42 -10.86 -3.93 21.61
C LYS A 42 -11.85 -3.84 22.76
N THR A 43 -11.39 -4.18 23.96
CA THR A 43 -12.24 -4.13 25.15
C THR A 43 -13.39 -5.12 25.03
N ILE A 44 -13.53 -5.98 26.03
CA ILE A 44 -14.59 -6.98 26.05
C ILE A 44 -14.44 -7.95 24.89
N SER A 45 -15.07 -9.13 25.02
CA SER A 45 -15.00 -10.15 23.99
C SER A 45 -13.58 -10.68 23.83
N SER A 46 -12.99 -11.12 24.94
CA SER A 46 -11.63 -11.66 24.93
C SER A 46 -11.43 -12.64 26.08
N GLU A 47 -11.74 -13.90 25.83
CA GLU A 47 -11.59 -14.94 26.84
C GLU A 47 -10.36 -15.80 26.56
N LYS A 48 -9.52 -15.98 27.57
CA LYS A 48 -8.31 -16.77 27.43
C LYS A 48 -8.12 -17.69 28.64
N ALA A 49 -7.53 -18.86 28.40
CA ALA A 49 -7.31 -19.83 29.47
C ALA A 49 -5.81 -20.12 29.62
N SER A 50 -5.14 -20.30 28.49
CA SER A 50 -3.70 -20.60 28.50
C SER A 50 -2.89 -19.31 28.47
N SER A 51 -1.57 -19.45 28.51
CA SER A 51 -0.67 -18.29 28.49
C SER A 51 -0.66 -17.65 27.12
N THR A 52 0.16 -16.61 26.96
CA THR A 52 0.27 -15.91 25.69
C THR A 52 1.44 -16.43 24.86
N PRO A 53 1.17 -16.99 23.67
CA PRO A 53 2.23 -17.51 22.80
C PRO A 53 3.34 -16.50 22.55
N SER A 54 4.53 -17.01 22.25
CA SER A 54 5.68 -16.15 22.00
C SER A 54 6.06 -16.18 20.52
N SER A 55 5.83 -17.33 19.88
CA SER A 55 6.15 -17.49 18.46
C SER A 55 4.88 -17.58 17.63
N GLU A 56 3.83 -16.90 18.07
CA GLU A 56 2.55 -16.92 17.37
C GLU A 56 2.22 -15.53 16.81
N THR A 57 3.26 -14.78 16.44
CA THR A 57 3.07 -13.45 15.90
C THR A 57 3.97 -13.22 14.69
N GLN A 58 3.53 -12.35 13.79
CA GLN A 58 4.30 -12.04 12.58
C GLN A 58 4.56 -10.54 12.47
N GLU A 59 5.78 -10.19 12.09
CA GLU A 59 6.15 -8.79 11.94
C GLU A 59 6.33 -8.43 10.47
N GLU A 60 6.62 -7.15 10.20
CA GLU A 60 6.81 -6.69 8.84
C GLU A 60 5.56 -6.91 8.00
N PHE A 61 4.51 -6.14 8.30
CA PHE A 61 3.25 -6.26 7.58
C PHE A 61 3.05 -5.07 6.65
N VAL A 62 2.88 -5.35 5.35
CA VAL A 62 2.68 -4.31 4.36
C VAL A 62 1.23 -3.86 4.31
N ASP A 63 0.84 -2.96 5.22
CA ASP A 63 -0.52 -2.47 5.28
C ASP A 63 -0.57 -0.98 4.94
N ASP A 64 0.43 -0.24 5.41
CA ASP A 64 0.50 1.19 5.16
C ASP A 64 1.94 1.66 5.05
N PHE A 65 2.17 2.70 4.25
CA PHE A 65 3.51 3.25 4.06
C PHE A 65 3.66 4.59 4.76
N ARG A 66 4.83 5.20 4.62
CA ARG A 66 5.10 6.49 5.25
C ARG A 66 5.71 7.46 4.24
N VAL A 67 5.67 8.75 4.57
CA VAL A 67 6.23 9.78 3.69
C VAL A 67 7.72 9.99 3.96
N GLY A 68 8.54 9.71 2.96
CA GLY A 68 9.97 9.87 3.12
C GLY A 68 10.72 8.56 2.98
N GLU A 69 10.24 7.70 2.10
CA GLU A 69 10.86 6.40 1.86
C GLU A 69 10.95 6.10 0.37
N ARG A 70 11.59 4.98 0.04
CA ARG A 70 11.74 4.58 -1.35
C ARG A 70 10.91 3.34 -1.65
N VAL A 71 10.12 3.41 -2.72
CA VAL A 71 9.27 2.29 -3.11
C VAL A 71 9.27 2.11 -4.62
N TRP A 72 8.85 0.93 -5.07
CA TRP A 72 8.80 0.63 -6.50
C TRP A 72 7.36 0.47 -6.97
N VAL A 73 6.90 1.44 -7.76
CA VAL A 73 5.54 1.41 -8.28
C VAL A 73 5.34 0.22 -9.23
N ASN A 74 4.36 -0.61 -8.94
CA ASN A 74 4.08 -1.79 -9.76
C ASN A 74 5.27 -2.75 -9.76
N GLY A 75 6.12 -2.64 -8.75
CA GLY A 75 7.28 -3.50 -8.66
C GLY A 75 8.25 -3.32 -9.82
N ASN A 76 8.42 -2.07 -10.26
CA ASN A 76 9.32 -1.77 -11.37
C ASN A 76 9.36 -0.27 -11.65
N LYS A 77 9.36 0.53 -10.58
CA LYS A 77 9.40 1.98 -10.73
C LYS A 77 9.75 2.65 -9.39
N PRO A 78 11.05 2.85 -9.12
CA PRO A 78 11.50 3.48 -7.88
C PRO A 78 11.04 4.94 -7.76
N GLY A 79 10.95 5.42 -6.54
CA GLY A 79 10.53 6.79 -6.31
C GLY A 79 10.46 7.14 -4.84
N PHE A 80 10.08 8.39 -4.54
CA PHE A 80 9.97 8.84 -3.17
C PHE A 80 8.53 9.19 -2.81
N ILE A 81 8.06 8.66 -1.68
CA ILE A 81 6.69 8.91 -1.23
C ILE A 81 6.56 10.31 -0.65
N GLN A 82 5.55 11.04 -1.12
CA GLN A 82 5.31 12.40 -0.64
C GLN A 82 3.91 12.52 -0.05
N PHE A 83 2.92 11.92 -0.71
CA PHE A 83 1.54 11.98 -0.26
C PHE A 83 1.05 10.58 0.12
N LEU A 84 0.18 10.52 1.12
CA LEU A 84 -0.38 9.24 1.58
C LEU A 84 -1.79 9.43 2.13
N GLY A 85 -2.77 8.89 1.43
CA GLY A 85 -4.15 9.00 1.86
C GLY A 85 -5.12 9.02 0.70
N GLU A 86 -6.27 9.65 0.91
CA GLU A 86 -7.31 9.74 -0.12
C GLU A 86 -7.16 11.02 -0.92
N THR A 87 -7.49 10.94 -2.22
CA THR A 87 -7.39 12.10 -3.09
C THR A 87 -8.77 12.72 -3.34
N GLN A 88 -8.80 13.76 -4.15
CA GLN A 88 -10.06 14.44 -4.47
C GLN A 88 -10.49 14.15 -5.90
N PHE A 89 -9.51 14.01 -6.80
CA PHE A 89 -9.78 13.73 -8.19
C PHE A 89 -10.49 12.38 -8.36
N ALA A 90 -10.13 11.42 -7.51
CA ALA A 90 -10.73 10.10 -7.55
C ALA A 90 -10.89 9.51 -6.15
N PRO A 91 -12.01 8.81 -5.89
CA PRO A 91 -12.27 8.20 -4.59
C PRO A 91 -11.42 6.95 -4.35
N GLY A 92 -10.92 6.81 -3.11
CA GLY A 92 -10.10 5.66 -2.78
C GLY A 92 -8.78 6.06 -2.14
N GLN A 93 -7.97 5.06 -1.81
CA GLN A 93 -6.67 5.30 -1.19
C GLN A 93 -5.56 5.37 -2.24
N TRP A 94 -4.83 6.47 -2.24
CA TRP A 94 -3.74 6.66 -3.19
C TRP A 94 -2.44 7.04 -2.46
N ALA A 95 -1.33 6.96 -3.19
CA ALA A 95 -0.03 7.29 -2.61
C ALA A 95 0.87 7.98 -3.64
N GLY A 96 1.06 9.28 -3.46
CA GLY A 96 1.89 10.03 -4.38
C GLY A 96 3.36 9.71 -4.23
N ILE A 97 4.03 9.43 -5.35
CA ILE A 97 5.45 9.11 -5.34
C ILE A 97 6.21 9.94 -6.37
N VAL A 98 7.51 10.16 -6.10
CA VAL A 98 8.34 10.93 -7.01
C VAL A 98 9.42 10.06 -7.64
N LEU A 99 9.28 9.81 -8.94
CA LEU A 99 10.23 8.99 -9.67
C LEU A 99 11.57 9.70 -9.82
N ASP A 100 12.61 8.95 -10.19
CA ASP A 100 13.93 9.51 -10.36
C ASP A 100 14.23 9.75 -11.84
N GLU A 101 13.19 10.05 -12.61
CA GLU A 101 13.34 10.30 -14.04
C GLU A 101 12.06 10.90 -14.63
N PRO A 102 12.19 11.66 -15.72
CA PRO A 102 11.03 12.29 -16.38
C PRO A 102 10.19 11.29 -17.15
N ILE A 103 9.64 10.30 -16.43
CA ILE A 103 8.81 9.28 -17.04
C ILE A 103 7.48 9.13 -16.32
N GLY A 104 7.09 10.18 -15.60
CA GLY A 104 5.83 10.15 -14.88
C GLY A 104 4.66 10.62 -15.71
N LYS A 105 3.49 10.75 -15.10
CA LYS A 105 2.30 11.20 -15.78
C LYS A 105 1.74 12.47 -15.14
N ASN A 106 1.82 12.55 -13.82
CA ASN A 106 1.32 13.70 -13.10
C ASN A 106 2.47 14.58 -12.61
N ASP A 107 2.13 15.75 -12.08
CA ASP A 107 3.15 16.68 -11.57
C ASP A 107 2.81 17.13 -10.16
N GLY A 108 2.15 16.25 -9.40
CA GLY A 108 1.79 16.58 -8.04
C GLY A 108 0.60 17.52 -7.97
N SER A 109 -0.28 17.43 -8.96
CA SER A 109 -1.46 18.29 -9.00
C SER A 109 -2.53 17.68 -9.91
N VAL A 110 -3.75 17.59 -9.40
CA VAL A 110 -4.87 17.03 -10.16
C VAL A 110 -6.11 17.88 -10.00
N ALA A 111 -6.64 18.35 -11.13
CA ALA A 111 -7.85 19.18 -11.12
C ALA A 111 -7.64 20.45 -10.29
N GLY A 112 -6.41 20.96 -10.31
CA GLY A 112 -6.11 22.16 -9.56
C GLY A 112 -6.01 21.91 -8.07
N VAL A 113 -5.64 20.68 -7.71
CA VAL A 113 -5.51 20.30 -6.31
C VAL A 113 -4.13 19.72 -6.02
N ARG A 114 -3.25 20.52 -5.47
CA ARG A 114 -1.88 20.09 -5.14
C ARG A 114 -1.88 19.20 -3.91
N TYR A 115 -1.43 17.96 -4.07
CA TYR A 115 -1.37 17.02 -2.96
C TYR A 115 0.04 16.95 -2.37
N PHE A 116 1.05 17.08 -3.24
CA PHE A 116 2.43 17.04 -2.80
C PHE A 116 3.35 17.68 -3.83
N GLN A 117 4.12 18.68 -3.40
CA GLN A 117 5.04 19.37 -4.30
C GLN A 117 6.12 18.44 -4.81
N CYS A 118 6.22 18.31 -6.12
CA CYS A 118 7.22 17.43 -6.74
C CYS A 118 7.66 17.98 -8.09
N GLU A 119 8.57 17.26 -8.75
CA GLU A 119 9.07 17.68 -10.06
C GLU A 119 8.14 17.17 -11.17
N PRO A 120 8.08 17.89 -12.30
CA PRO A 120 7.24 17.50 -13.44
C PRO A 120 7.62 16.14 -14.02
N LEU A 121 6.61 15.43 -14.50
CA LEU A 121 6.84 14.11 -15.09
C LEU A 121 7.48 13.15 -14.09
N LYS A 122 7.19 13.34 -12.81
CA LYS A 122 7.74 12.50 -11.77
C LYS A 122 6.66 12.07 -10.78
N GLY A 123 5.84 13.03 -10.35
CA GLY A 123 4.78 12.73 -9.42
C GLY A 123 3.70 11.86 -10.03
N ILE A 124 3.36 10.76 -9.35
CA ILE A 124 2.34 9.84 -9.83
C ILE A 124 1.55 9.25 -8.68
N PHE A 125 0.25 9.01 -8.92
CA PHE A 125 -0.62 8.44 -7.90
C PHE A 125 -0.82 6.94 -8.12
N THR A 126 -0.65 6.16 -7.06
CA THR A 126 -0.81 4.72 -7.14
C THR A 126 -1.20 4.14 -5.78
N ARG A 127 -1.87 2.99 -5.80
CA ARG A 127 -2.30 2.33 -4.58
C ARG A 127 -1.10 1.83 -3.78
N PRO A 128 -1.11 2.02 -2.44
CA PRO A 128 0.00 1.58 -1.58
C PRO A 128 0.27 0.09 -1.72
N SER A 129 -0.78 -0.69 -1.84
CA SER A 129 -0.65 -2.14 -1.97
C SER A 129 0.13 -2.51 -3.23
N LYS A 130 0.09 -1.63 -4.22
CA LYS A 130 0.81 -1.87 -5.48
C LYS A 130 2.31 -1.65 -5.31
N LEU A 131 2.67 -0.85 -4.31
CA LEU A 131 4.08 -0.56 -4.04
C LEU A 131 4.86 -1.84 -3.75
N THR A 132 6.17 -1.76 -3.86
CA THR A 132 7.04 -2.92 -3.60
C THR A 132 8.46 -2.47 -3.25
N ARG A 133 9.12 -3.23 -2.39
CA ARG A 133 10.48 -2.92 -1.98
C ARG A 133 11.48 -3.44 -2.99
N LYS A 134 12.27 -2.54 -3.57
CA LYS A 134 13.28 -2.91 -4.56
C LYS A 134 12.63 -3.59 -5.75
N VAL A 135 13.42 -3.80 -6.81
CA VAL A 135 12.92 -4.44 -8.02
C VAL A 135 12.79 -5.95 -7.83
N SER A 136 11.94 -6.36 -6.90
CA SER A 136 11.72 -7.77 -6.61
C SER A 136 13.04 -8.46 -6.27
N GLY A 137 13.97 -7.71 -5.69
CA GLY A 137 15.25 -8.27 -5.32
C GLY A 137 15.88 -7.56 -4.12
N PRO A 138 15.77 -8.14 -2.91
CA PRO A 138 16.34 -7.54 -1.71
C PRO A 138 17.79 -7.14 -1.88
N SER A 139 18.29 -6.30 -0.99
CA SER A 139 19.68 -5.83 -1.05
C SER A 139 20.39 -6.08 0.29
N SER A 140 20.03 -7.17 0.95
CA SER A 140 20.63 -7.52 2.23
C SER A 140 20.38 -6.43 3.26
N GLY A 141 19.26 -5.75 3.13
CA GLY A 141 18.92 -4.68 4.06
C GLY A 141 17.48 -4.22 3.92
N GLY A 1 -1.87 9.38 -48.17
CA GLY A 1 -2.55 8.16 -48.68
C GLY A 1 -1.60 7.01 -48.91
N SER A 2 -0.79 6.71 -47.90
CA SER A 2 0.17 5.62 -47.99
C SER A 2 -0.07 4.58 -46.89
N SER A 3 0.56 3.41 -47.04
CA SER A 3 0.40 2.34 -46.07
C SER A 3 1.33 2.55 -44.88
N GLY A 4 0.87 2.16 -43.70
CA GLY A 4 1.67 2.32 -42.50
C GLY A 4 1.06 1.65 -41.29
N SER A 5 0.37 0.53 -41.52
CA SER A 5 -0.27 -0.22 -40.44
C SER A 5 0.30 -1.62 -40.35
N SER A 6 0.67 -2.03 -39.13
CA SER A 6 1.22 -3.35 -38.90
C SER A 6 2.50 -3.55 -39.71
N GLY A 7 3.13 -4.72 -39.53
CA GLY A 7 4.36 -5.02 -40.24
C GLY A 7 4.18 -6.13 -41.25
N MET A 8 3.25 -7.04 -40.98
CA MET A 8 3.00 -8.16 -41.87
C MET A 8 1.50 -8.45 -41.95
N SER A 9 0.79 -7.61 -42.70
CA SER A 9 -0.66 -7.77 -42.86
C SER A 9 -0.97 -8.63 -44.08
N MET A 10 -2.26 -8.86 -44.32
CA MET A 10 -2.69 -9.67 -45.45
C MET A 10 -4.22 -9.73 -45.52
N LEU A 11 -4.86 -9.84 -44.36
CA LEU A 11 -6.32 -9.92 -44.29
C LEU A 11 -6.82 -11.20 -44.95
N LYS A 12 -7.54 -12.02 -44.19
CA LYS A 12 -8.09 -13.27 -44.71
C LYS A 12 -8.84 -14.03 -43.62
N PRO A 13 -8.16 -14.39 -42.52
CA PRO A 13 -8.77 -15.12 -41.41
C PRO A 13 -9.83 -14.30 -40.69
N SER A 14 -9.67 -12.98 -40.72
CA SER A 14 -10.61 -12.07 -40.07
C SER A 14 -10.96 -10.90 -40.99
N GLY A 15 -11.95 -10.11 -40.58
CA GLY A 15 -12.36 -8.96 -41.36
C GLY A 15 -13.85 -8.91 -41.57
N LEU A 16 -14.61 -9.17 -40.50
CA LEU A 16 -16.06 -9.15 -40.57
C LEU A 16 -16.65 -8.24 -39.50
N LYS A 17 -17.36 -7.20 -39.94
CA LYS A 17 -17.98 -6.26 -39.01
C LYS A 17 -18.96 -6.96 -38.07
N ALA A 18 -18.98 -6.52 -36.82
CA ALA A 18 -19.87 -7.11 -35.82
C ALA A 18 -21.15 -6.30 -35.68
N PRO A 19 -22.27 -6.95 -35.34
CA PRO A 19 -23.57 -6.29 -35.17
C PRO A 19 -23.49 -5.12 -34.19
N THR A 20 -24.65 -4.56 -33.86
CA THR A 20 -24.71 -3.44 -32.93
C THR A 20 -24.49 -3.90 -31.49
N LYS A 21 -24.14 -2.97 -30.62
CA LYS A 21 -23.91 -3.28 -29.21
C LYS A 21 -22.79 -4.30 -29.06
N ILE A 22 -21.57 -3.81 -28.83
CA ILE A 22 -20.41 -4.66 -28.67
C ILE A 22 -20.40 -5.33 -27.29
N LEU A 23 -20.30 -6.66 -27.29
CA LEU A 23 -20.29 -7.41 -26.03
C LEU A 23 -19.15 -8.44 -26.04
N LYS A 24 -18.07 -8.13 -25.34
CA LYS A 24 -16.93 -9.02 -25.26
C LYS A 24 -15.97 -8.59 -24.15
N PRO A 25 -15.88 -9.37 -23.06
CA PRO A 25 -15.00 -9.06 -21.93
C PRO A 25 -13.57 -8.76 -22.38
N GLY A 26 -12.89 -7.92 -21.62
CA GLY A 26 -11.51 -7.57 -21.96
C GLY A 26 -11.43 -6.74 -23.22
N SER A 27 -10.22 -6.66 -23.79
CA SER A 27 -10.01 -5.89 -25.01
C SER A 27 -10.22 -6.76 -26.24
N THR A 28 -10.56 -6.11 -27.36
CA THR A 28 -10.80 -6.82 -28.61
C THR A 28 -9.66 -6.56 -29.60
N ALA A 29 -9.25 -7.62 -30.29
CA ALA A 29 -8.17 -7.52 -31.27
C ALA A 29 -8.36 -8.52 -32.40
N LEU A 30 -7.33 -8.67 -33.23
CA LEU A 30 -7.39 -9.60 -34.35
C LEU A 30 -6.70 -10.91 -34.02
N LYS A 31 -5.68 -10.83 -33.18
CA LYS A 31 -4.92 -12.01 -32.77
C LYS A 31 -5.17 -12.33 -31.30
N THR A 32 -5.57 -13.58 -31.03
CA THR A 32 -5.84 -14.01 -29.67
C THR A 32 -4.55 -14.19 -28.87
N PRO A 33 -3.60 -14.98 -29.41
CA PRO A 33 -2.32 -15.23 -28.75
C PRO A 33 -1.35 -14.07 -28.89
N THR A 34 -0.15 -14.23 -28.35
CA THR A 34 0.86 -13.19 -28.42
C THR A 34 1.96 -13.56 -29.43
N ALA A 35 2.36 -14.82 -29.42
CA ALA A 35 3.39 -15.30 -30.33
C ALA A 35 3.05 -16.69 -30.87
N VAL A 36 3.87 -17.17 -31.78
CA VAL A 36 3.67 -18.49 -32.38
C VAL A 36 4.14 -19.60 -31.44
N VAL A 37 3.72 -20.82 -31.73
CA VAL A 37 4.10 -21.97 -30.91
C VAL A 37 4.66 -23.09 -31.77
N ALA A 38 5.70 -23.75 -31.27
CA ALA A 38 6.34 -24.85 -31.99
C ALA A 38 7.19 -25.70 -31.06
N PRO A 39 7.58 -26.91 -31.51
CA PRO A 39 8.39 -27.83 -30.71
C PRO A 39 9.85 -27.40 -30.62
N VAL A 40 10.21 -26.33 -31.35
CA VAL A 40 11.57 -25.83 -31.35
C VAL A 40 11.94 -25.26 -29.98
N GLU A 41 12.50 -26.10 -29.12
CA GLU A 41 12.90 -25.68 -27.78
C GLU A 41 14.16 -24.82 -27.84
N LYS A 42 13.97 -23.51 -27.71
CA LYS A 42 15.10 -22.57 -27.75
C LYS A 42 15.92 -22.65 -26.47
N THR A 43 15.28 -22.32 -25.35
CA THR A 43 15.95 -22.36 -24.04
C THR A 43 17.14 -21.41 -24.03
N ILE A 44 16.99 -20.27 -24.70
CA ILE A 44 18.05 -19.26 -24.75
C ILE A 44 17.48 -17.87 -24.57
N SER A 45 18.00 -17.14 -23.58
CA SER A 45 17.54 -15.78 -23.30
C SER A 45 16.06 -15.77 -22.96
N SER A 46 15.58 -16.84 -22.34
CA SER A 46 14.18 -16.96 -21.96
C SER A 46 13.91 -16.19 -20.67
N GLU A 47 14.91 -16.14 -19.79
CA GLU A 47 14.78 -15.44 -18.52
C GLU A 47 13.66 -16.04 -17.68
N LYS A 48 13.46 -17.35 -17.83
CA LYS A 48 12.42 -18.05 -17.09
C LYS A 48 12.88 -19.45 -16.70
N ALA A 49 13.49 -19.57 -15.54
CA ALA A 49 13.97 -20.86 -15.06
C ALA A 49 12.82 -21.77 -14.66
N SER A 50 12.11 -21.41 -13.60
CA SER A 50 10.97 -22.19 -13.12
C SER A 50 9.78 -21.29 -12.81
N SER A 51 8.60 -21.88 -12.78
CA SER A 51 7.38 -21.13 -12.48
C SER A 51 6.89 -21.42 -11.07
N THR A 52 6.66 -20.36 -10.31
CA THR A 52 6.19 -20.51 -8.93
C THR A 52 5.24 -19.37 -8.57
N PRO A 53 4.07 -19.29 -9.24
CA PRO A 53 3.09 -18.24 -8.98
C PRO A 53 2.69 -18.17 -7.51
N SER A 54 2.70 -19.33 -6.85
CA SER A 54 2.34 -19.40 -5.43
C SER A 54 3.27 -18.54 -4.59
N SER A 55 2.86 -17.29 -4.35
CA SER A 55 3.65 -16.36 -3.56
C SER A 55 2.80 -15.19 -3.09
N GLU A 56 2.22 -14.47 -4.05
CA GLU A 56 1.38 -13.32 -3.74
C GLU A 56 0.58 -12.88 -4.97
N THR A 57 -0.61 -13.44 -5.13
CA THR A 57 -1.46 -13.12 -6.26
C THR A 57 -2.93 -13.09 -5.84
N GLN A 58 -3.58 -11.95 -6.02
CA GLN A 58 -4.98 -11.80 -5.66
C GLN A 58 -5.19 -12.06 -4.17
N GLU A 59 -4.69 -11.14 -3.34
CA GLU A 59 -4.83 -11.26 -1.90
C GLU A 59 -5.01 -9.90 -1.25
N GLU A 60 -6.12 -9.72 -0.54
CA GLU A 60 -6.41 -8.46 0.13
C GLU A 60 -5.43 -8.21 1.27
N PHE A 61 -4.43 -7.39 1.00
CA PHE A 61 -3.41 -7.07 2.00
C PHE A 61 -2.61 -5.83 1.59
N VAL A 62 -2.67 -4.80 2.41
CA VAL A 62 -1.95 -3.56 2.13
C VAL A 62 -1.01 -3.19 3.28
N ASP A 63 0.19 -2.76 2.94
CA ASP A 63 1.18 -2.38 3.94
C ASP A 63 1.20 -0.87 4.14
N ASP A 64 1.08 -0.44 5.39
CA ASP A 64 1.07 0.98 5.72
C ASP A 64 2.43 1.61 5.41
N PHE A 65 2.41 2.70 4.65
CA PHE A 65 3.64 3.39 4.27
C PHE A 65 3.77 4.71 5.02
N ARG A 66 4.84 5.45 4.74
CA ARG A 66 5.08 6.73 5.39
C ARG A 66 5.60 7.76 4.39
N VAL A 67 5.53 9.03 4.77
CA VAL A 67 5.99 10.11 3.90
C VAL A 67 7.50 10.30 4.03
N GLY A 68 8.23 9.98 2.96
CA GLY A 68 9.67 10.11 2.97
C GLY A 68 10.38 8.78 2.92
N GLU A 69 9.94 7.90 2.02
CA GLU A 69 10.55 6.58 1.88
C GLU A 69 10.64 6.19 0.41
N ARG A 70 11.43 5.15 0.13
CA ARG A 70 11.62 4.67 -1.24
C ARG A 70 10.66 3.53 -1.54
N VAL A 71 10.01 3.60 -2.70
CA VAL A 71 9.08 2.57 -3.12
C VAL A 71 9.15 2.32 -4.61
N TRP A 72 8.70 1.15 -5.05
CA TRP A 72 8.72 0.79 -6.46
C TRP A 72 7.30 0.73 -7.02
N VAL A 73 6.99 1.67 -7.91
CA VAL A 73 5.67 1.73 -8.53
C VAL A 73 5.43 0.52 -9.43
N ASN A 74 4.36 -0.21 -9.16
CA ASN A 74 4.02 -1.39 -9.94
C ASN A 74 5.10 -2.45 -9.84
N GLY A 75 5.93 -2.36 -8.81
CA GLY A 75 7.00 -3.32 -8.63
C GLY A 75 8.04 -3.25 -9.72
N ASN A 76 8.32 -2.05 -10.21
CA ASN A 76 9.30 -1.86 -11.27
C ASN A 76 9.46 -0.38 -11.60
N LYS A 77 9.56 0.45 -10.57
CA LYS A 77 9.72 1.89 -10.74
C LYS A 77 10.03 2.56 -9.40
N PRO A 78 11.33 2.67 -9.06
CA PRO A 78 11.75 3.31 -7.80
C PRO A 78 11.38 4.78 -7.73
N GLY A 79 11.15 5.27 -6.52
CA GLY A 79 10.79 6.65 -6.33
C GLY A 79 10.78 7.06 -4.87
N PHE A 80 10.06 8.15 -4.57
CA PHE A 80 9.96 8.63 -3.19
C PHE A 80 8.54 9.07 -2.86
N ILE A 81 7.99 8.52 -1.78
CA ILE A 81 6.64 8.85 -1.36
C ILE A 81 6.56 10.28 -0.83
N GLN A 82 5.45 10.95 -1.10
CA GLN A 82 5.26 12.32 -0.65
C GLN A 82 3.89 12.49 0.01
N PHE A 83 2.86 11.97 -0.65
CA PHE A 83 1.50 12.06 -0.13
C PHE A 83 0.95 10.68 0.22
N LEU A 84 0.08 10.63 1.23
CA LEU A 84 -0.50 9.36 1.65
C LEU A 84 -1.89 9.59 2.25
N GLY A 85 -2.93 9.30 1.45
CA GLY A 85 -4.28 9.48 1.93
C GLY A 85 -5.29 9.49 0.79
N GLU A 86 -6.43 10.15 1.02
CA GLU A 86 -7.48 10.24 0.01
C GLU A 86 -7.19 11.36 -0.99
N THR A 87 -8.10 11.56 -1.93
CA THR A 87 -7.95 12.60 -2.93
C THR A 87 -9.26 13.36 -3.12
N GLN A 88 -9.22 14.36 -4.00
CA GLN A 88 -10.41 15.17 -4.28
C GLN A 88 -10.90 14.98 -5.71
N PHE A 89 -10.29 14.03 -6.43
CA PHE A 89 -10.69 13.76 -7.81
C PHE A 89 -11.34 12.38 -7.93
N ALA A 90 -10.90 11.45 -7.10
CA ALA A 90 -11.45 10.10 -7.11
C ALA A 90 -11.47 9.50 -5.69
N PRO A 91 -12.57 8.83 -5.32
CA PRO A 91 -12.71 8.22 -4.00
C PRO A 91 -11.85 6.97 -3.84
N GLY A 92 -10.98 6.98 -2.84
CA GLY A 92 -10.11 5.84 -2.61
C GLY A 92 -8.79 6.25 -1.97
N GLN A 93 -7.89 5.28 -1.81
CA GLN A 93 -6.58 5.53 -1.22
C GLN A 93 -5.51 5.62 -2.30
N TRP A 94 -4.69 6.66 -2.22
CA TRP A 94 -3.62 6.87 -3.20
C TRP A 94 -2.28 7.08 -2.49
N ALA A 95 -1.20 7.03 -3.26
CA ALA A 95 0.14 7.23 -2.71
C ALA A 95 1.04 7.98 -3.69
N GLY A 96 1.26 9.26 -3.41
CA GLY A 96 2.09 10.07 -4.28
C GLY A 96 3.56 9.68 -4.20
N ILE A 97 4.13 9.31 -5.34
CA ILE A 97 5.54 8.91 -5.39
C ILE A 97 6.29 9.70 -6.45
N VAL A 98 7.53 10.08 -6.14
CA VAL A 98 8.35 10.84 -7.07
C VAL A 98 9.40 9.94 -7.72
N LEU A 99 9.25 9.73 -9.03
CA LEU A 99 10.18 8.90 -9.79
C LEU A 99 11.52 9.61 -9.98
N ASP A 100 12.53 8.86 -10.39
CA ASP A 100 13.85 9.41 -10.62
C ASP A 100 14.12 9.61 -12.11
N GLU A 101 13.06 9.85 -12.86
CA GLU A 101 13.17 10.06 -14.30
C GLU A 101 11.86 10.57 -14.89
N PRO A 102 11.93 11.31 -16.01
CA PRO A 102 10.73 11.86 -16.66
C PRO A 102 9.87 10.78 -17.29
N ILE A 103 9.32 9.91 -16.45
CA ILE A 103 8.47 8.82 -16.92
C ILE A 103 7.25 8.65 -16.02
N GLY A 104 6.79 9.75 -15.44
CA GLY A 104 5.63 9.69 -14.57
C GLY A 104 4.33 9.91 -15.32
N LYS A 105 3.25 10.12 -14.56
CA LYS A 105 1.93 10.34 -15.17
C LYS A 105 1.20 11.48 -14.48
N ASN A 106 1.97 12.45 -13.96
CA ASN A 106 1.41 13.60 -13.28
C ASN A 106 2.49 14.57 -12.83
N ASP A 107 2.10 15.59 -12.09
CA ASP A 107 3.06 16.59 -11.61
C ASP A 107 2.73 16.99 -10.17
N GLY A 108 2.20 16.05 -9.40
CA GLY A 108 1.85 16.33 -8.01
C GLY A 108 0.67 17.28 -7.90
N SER A 109 -0.22 17.24 -8.88
CA SER A 109 -1.40 18.11 -8.87
C SER A 109 -2.48 17.56 -9.79
N VAL A 110 -3.69 17.44 -9.27
CA VAL A 110 -4.81 16.92 -10.05
C VAL A 110 -6.04 17.82 -9.91
N ALA A 111 -6.62 18.21 -11.04
CA ALA A 111 -7.80 19.06 -11.04
C ALA A 111 -7.52 20.39 -10.33
N GLY A 112 -6.26 20.78 -10.29
CA GLY A 112 -5.88 22.03 -9.64
C GLY A 112 -5.50 21.83 -8.19
N VAL A 113 -5.89 20.70 -7.62
CA VAL A 113 -5.58 20.40 -6.22
C VAL A 113 -4.14 19.89 -6.08
N ARG A 114 -3.39 20.52 -5.19
CA ARG A 114 -2.00 20.12 -4.94
C ARG A 114 -1.90 19.19 -3.74
N TYR A 115 -1.15 18.11 -3.90
CA TYR A 115 -0.96 17.14 -2.83
C TYR A 115 0.50 17.07 -2.40
N PHE A 116 1.40 17.10 -3.38
CA PHE A 116 2.83 17.03 -3.09
C PHE A 116 3.63 17.65 -4.22
N GLN A 117 4.53 18.58 -3.89
CA GLN A 117 5.36 19.25 -4.89
C GLN A 117 6.44 18.30 -5.41
N CYS A 118 6.59 18.25 -6.72
CA CYS A 118 7.59 17.40 -7.35
C CYS A 118 7.94 17.89 -8.75
N GLU A 119 8.84 17.18 -9.42
CA GLU A 119 9.26 17.54 -10.76
C GLU A 119 8.29 17.00 -11.80
N PRO A 120 8.18 17.67 -12.96
CA PRO A 120 7.28 17.24 -14.04
C PRO A 120 7.59 15.82 -14.52
N LEU A 121 6.54 15.09 -14.88
CA LEU A 121 6.68 13.73 -15.36
C LEU A 121 7.38 12.84 -14.32
N LYS A 122 6.90 12.88 -13.09
CA LYS A 122 7.47 12.08 -12.02
C LYS A 122 6.41 11.70 -10.98
N GLY A 123 5.68 12.70 -10.51
CA GLY A 123 4.64 12.46 -9.53
C GLY A 123 3.52 11.60 -10.07
N ILE A 124 3.25 10.48 -9.40
CA ILE A 124 2.19 9.57 -9.83
C ILE A 124 1.30 9.17 -8.66
N PHE A 125 0.05 8.84 -8.96
CA PHE A 125 -0.90 8.43 -7.93
C PHE A 125 -1.33 6.99 -8.13
N THR A 126 -0.87 6.10 -7.25
CA THR A 126 -1.20 4.68 -7.34
C THR A 126 -1.56 4.13 -5.97
N ARG A 127 -1.89 2.84 -5.93
CA ARG A 127 -2.26 2.18 -4.68
C ARG A 127 -1.01 1.71 -3.93
N PRO A 128 -0.91 2.04 -2.63
CA PRO A 128 0.25 1.65 -1.80
C PRO A 128 0.50 0.15 -1.86
N SER A 129 -0.58 -0.62 -1.92
CA SER A 129 -0.48 -2.08 -1.97
C SER A 129 0.33 -2.52 -3.18
N LYS A 130 0.28 -1.73 -4.24
CA LYS A 130 1.01 -2.04 -5.46
C LYS A 130 2.51 -1.75 -5.29
N LEU A 131 2.82 -0.75 -4.47
CA LEU A 131 4.20 -0.37 -4.22
C LEU A 131 4.94 -1.48 -3.46
N THR A 132 6.12 -1.85 -3.95
CA THR A 132 6.91 -2.89 -3.32
C THR A 132 8.29 -2.37 -2.94
N ARG A 133 8.87 -2.93 -1.89
CA ARG A 133 10.19 -2.52 -1.43
C ARG A 133 11.30 -3.19 -2.26
N LYS A 134 12.06 -2.38 -2.98
CA LYS A 134 13.14 -2.89 -3.81
C LYS A 134 12.61 -3.83 -4.88
N VAL A 135 13.38 -4.02 -5.94
CA VAL A 135 12.98 -4.91 -7.03
C VAL A 135 12.75 -6.34 -6.53
N SER A 136 11.52 -6.64 -6.17
CA SER A 136 11.15 -7.97 -5.67
C SER A 136 10.77 -8.89 -6.81
N GLY A 137 10.53 -10.16 -6.49
CA GLY A 137 10.15 -11.12 -7.50
C GLY A 137 10.99 -12.39 -7.43
N PRO A 138 11.67 -12.77 -8.54
CA PRO A 138 12.49 -13.98 -8.57
C PRO A 138 13.51 -14.02 -7.42
N SER A 139 14.06 -15.20 -7.18
CA SER A 139 15.04 -15.37 -6.11
C SER A 139 16.40 -15.74 -6.68
N SER A 140 17.31 -14.78 -6.72
CA SER A 140 18.65 -15.00 -7.24
C SER A 140 19.71 -14.56 -6.22
N GLY A 141 19.54 -13.36 -5.69
CA GLY A 141 20.49 -12.85 -4.71
C GLY A 141 20.03 -11.55 -4.09
N GLY A 1 -57.68 -56.83 -20.05
CA GLY A 1 -57.70 -55.37 -20.35
C GLY A 1 -56.86 -55.01 -21.56
N SER A 2 -55.57 -55.33 -21.50
CA SER A 2 -54.66 -55.05 -22.60
C SER A 2 -54.64 -56.21 -23.60
N SER A 3 -53.94 -55.99 -24.71
CA SER A 3 -53.84 -57.02 -25.75
C SER A 3 -52.58 -56.82 -26.58
N GLY A 4 -52.34 -55.58 -27.01
CA GLY A 4 -51.16 -55.29 -27.81
C GLY A 4 -49.87 -55.58 -27.08
N SER A 5 -49.49 -54.69 -26.18
CA SER A 5 -48.27 -54.86 -25.41
C SER A 5 -48.26 -53.94 -24.19
N SER A 6 -47.42 -54.26 -23.22
CA SER A 6 -47.31 -53.46 -22.00
C SER A 6 -46.31 -52.33 -22.18
N GLY A 7 -45.23 -52.61 -22.90
CA GLY A 7 -44.21 -51.60 -23.13
C GLY A 7 -44.74 -50.42 -23.93
N MET A 8 -44.72 -49.23 -23.32
CA MET A 8 -45.19 -48.03 -23.98
C MET A 8 -44.59 -46.78 -23.33
N SER A 9 -43.90 -45.98 -24.13
CA SER A 9 -43.27 -44.76 -23.64
C SER A 9 -43.18 -43.72 -24.75
N MET A 10 -43.04 -42.45 -24.35
CA MET A 10 -42.94 -41.36 -25.31
C MET A 10 -41.58 -41.38 -26.02
N LEU A 11 -41.62 -41.45 -27.35
CA LEU A 11 -40.40 -41.47 -28.15
C LEU A 11 -39.57 -40.22 -27.91
N LYS A 12 -38.63 -40.30 -26.97
CA LYS A 12 -37.77 -39.17 -26.65
C LYS A 12 -36.29 -39.58 -26.72
N PRO A 13 -35.64 -39.36 -27.88
CA PRO A 13 -34.22 -39.70 -28.06
C PRO A 13 -33.31 -38.86 -27.19
N SER A 14 -33.51 -37.54 -27.22
CA SER A 14 -32.70 -36.62 -26.43
C SER A 14 -31.22 -36.70 -26.84
N GLY A 15 -30.52 -37.71 -26.33
CA GLY A 15 -29.12 -37.87 -26.66
C GLY A 15 -28.53 -39.15 -26.07
N LEU A 16 -27.21 -39.21 -26.01
CA LEU A 16 -26.52 -40.39 -25.47
C LEU A 16 -25.88 -40.06 -24.12
N LYS A 17 -25.58 -38.79 -23.89
CA LYS A 17 -24.95 -38.36 -22.65
C LYS A 17 -23.57 -38.98 -22.49
N ALA A 18 -22.55 -38.28 -22.97
CA ALA A 18 -21.18 -38.77 -22.88
C ALA A 18 -20.19 -37.75 -23.45
N PRO A 19 -20.32 -37.43 -24.75
CA PRO A 19 -19.43 -36.46 -25.40
C PRO A 19 -19.64 -35.03 -24.90
N THR A 20 -19.31 -34.82 -23.62
CA THR A 20 -19.46 -33.50 -23.01
C THR A 20 -18.19 -33.09 -22.28
N LYS A 21 -17.81 -33.88 -21.27
CA LYS A 21 -16.62 -33.61 -20.49
C LYS A 21 -16.74 -32.29 -19.75
N ILE A 22 -16.54 -32.33 -18.43
CA ILE A 22 -16.62 -31.13 -17.61
C ILE A 22 -15.25 -30.46 -17.46
N LEU A 23 -15.25 -29.14 -17.33
CA LEU A 23 -14.01 -28.39 -17.18
C LEU A 23 -13.52 -28.44 -15.74
N LYS A 24 -13.26 -29.64 -15.23
CA LYS A 24 -12.79 -29.82 -13.87
C LYS A 24 -11.29 -29.52 -13.77
N PRO A 25 -10.46 -30.28 -14.51
CA PRO A 25 -9.00 -30.08 -14.49
C PRO A 25 -8.57 -28.85 -15.29
N GLY A 26 -7.27 -28.74 -15.53
CA GLY A 26 -6.75 -27.61 -16.28
C GLY A 26 -5.25 -27.66 -16.45
N SER A 27 -4.55 -28.14 -15.41
CA SER A 27 -3.10 -28.23 -15.45
C SER A 27 -2.66 -29.36 -16.39
N THR A 28 -1.35 -29.53 -16.51
CA THR A 28 -0.80 -30.57 -17.38
C THR A 28 0.04 -31.55 -16.57
N ALA A 29 0.52 -32.61 -17.23
CA ALA A 29 1.32 -33.62 -16.58
C ALA A 29 0.57 -34.29 -15.44
N LEU A 30 0.99 -35.49 -15.08
CA LEU A 30 0.34 -36.24 -14.00
C LEU A 30 1.24 -36.30 -12.77
N LYS A 31 1.03 -35.36 -11.85
CA LYS A 31 1.81 -35.32 -10.62
C LYS A 31 1.15 -34.39 -9.60
N THR A 32 1.90 -34.03 -8.56
CA THR A 32 1.39 -33.15 -7.51
C THR A 32 0.91 -31.82 -8.10
N PRO A 33 -0.16 -31.26 -7.55
CA PRO A 33 -0.72 -29.97 -8.02
C PRO A 33 0.16 -28.79 -7.64
N THR A 34 0.83 -28.20 -8.63
CA THR A 34 1.71 -27.06 -8.40
C THR A 34 2.60 -27.27 -7.19
N ALA A 35 3.24 -26.20 -6.73
CA ALA A 35 4.12 -26.27 -5.57
C ALA A 35 3.45 -25.68 -4.33
N VAL A 36 2.23 -26.12 -4.08
CA VAL A 36 1.46 -25.64 -2.93
C VAL A 36 0.23 -26.50 -2.69
N VAL A 37 -0.11 -26.69 -1.41
CA VAL A 37 -1.28 -27.49 -1.06
C VAL A 37 -2.58 -26.72 -1.28
N ALA A 38 -3.26 -27.03 -2.37
CA ALA A 38 -4.51 -26.36 -2.70
C ALA A 38 -5.46 -27.31 -3.45
N PRO A 39 -6.42 -27.92 -2.74
CA PRO A 39 -7.38 -28.83 -3.36
C PRO A 39 -8.05 -28.25 -4.60
N VAL A 40 -8.58 -27.03 -4.46
CA VAL A 40 -9.24 -26.35 -5.56
C VAL A 40 -8.50 -25.08 -5.95
N GLU A 41 -8.88 -24.50 -7.08
CA GLU A 41 -8.25 -23.28 -7.57
C GLU A 41 -9.18 -22.08 -7.42
N LYS A 42 -8.64 -20.89 -7.55
CA LYS A 42 -9.42 -19.67 -7.44
C LYS A 42 -10.54 -19.63 -8.47
N THR A 43 -11.67 -19.02 -8.10
CA THR A 43 -12.81 -18.91 -9.00
C THR A 43 -13.63 -17.68 -8.69
N ILE A 44 -14.32 -17.16 -9.70
CA ILE A 44 -15.15 -15.97 -9.54
C ILE A 44 -16.60 -16.25 -9.93
N SER A 45 -16.79 -16.95 -11.04
CA SER A 45 -18.12 -17.29 -11.51
C SER A 45 -18.09 -18.56 -12.36
N SER A 46 -19.22 -18.87 -12.99
CA SER A 46 -19.32 -20.06 -13.83
C SER A 46 -20.24 -19.80 -15.02
N GLU A 47 -21.41 -19.23 -14.75
CA GLU A 47 -22.37 -18.93 -15.80
C GLU A 47 -21.76 -18.03 -16.87
N LYS A 48 -22.47 -17.87 -17.98
CA LYS A 48 -21.99 -17.03 -19.08
C LYS A 48 -21.87 -15.58 -18.64
N ALA A 49 -20.66 -15.04 -18.73
CA ALA A 49 -20.41 -13.65 -18.35
C ALA A 49 -19.08 -13.15 -18.91
N SER A 50 -18.05 -13.98 -18.80
CA SER A 50 -16.72 -13.63 -19.30
C SER A 50 -16.10 -12.52 -18.47
N SER A 51 -16.69 -11.32 -18.56
CA SER A 51 -16.20 -10.17 -17.82
C SER A 51 -17.27 -9.61 -16.89
N THR A 52 -16.84 -9.06 -15.76
CA THR A 52 -17.77 -8.50 -14.78
C THR A 52 -17.72 -6.98 -14.80
N PRO A 53 -18.74 -6.32 -14.23
CA PRO A 53 -18.82 -4.85 -14.18
C PRO A 53 -17.79 -4.25 -13.24
N SER A 54 -17.53 -4.94 -12.13
CA SER A 54 -16.57 -4.47 -11.13
C SER A 54 -15.47 -5.51 -10.92
N SER A 55 -14.24 -5.03 -10.81
CA SER A 55 -13.10 -5.92 -10.60
C SER A 55 -12.63 -5.86 -9.16
N GLU A 56 -13.30 -6.61 -8.28
CA GLU A 56 -12.95 -6.65 -6.87
C GLU A 56 -11.62 -7.36 -6.65
N THR A 57 -10.85 -6.89 -5.68
CA THR A 57 -9.55 -7.48 -5.37
C THR A 57 -9.57 -8.11 -3.98
N GLN A 58 -8.98 -9.30 -3.88
CA GLN A 58 -8.92 -10.01 -2.60
C GLN A 58 -7.55 -9.87 -1.97
N GLU A 59 -7.39 -10.42 -0.76
CA GLU A 59 -6.12 -10.37 -0.04
C GLU A 59 -5.52 -8.96 -0.07
N GLU A 60 -4.27 -8.85 0.38
CA GLU A 60 -3.58 -7.57 0.40
C GLU A 60 -2.09 -7.75 0.65
N PHE A 61 -1.35 -6.65 0.64
CA PHE A 61 0.09 -6.70 0.87
C PHE A 61 0.64 -5.31 1.16
N VAL A 62 0.91 -5.03 2.43
CA VAL A 62 1.44 -3.74 2.85
C VAL A 62 2.69 -3.90 3.69
N ASP A 63 3.78 -3.30 3.25
CA ASP A 63 5.05 -3.38 3.98
C ASP A 63 5.27 -2.13 4.83
N ASP A 64 4.17 -1.55 5.31
CA ASP A 64 4.25 -0.34 6.13
C ASP A 64 4.97 0.78 5.40
N PHE A 65 4.22 1.52 4.59
CA PHE A 65 4.79 2.62 3.83
C PHE A 65 4.67 3.93 4.61
N ARG A 66 5.61 4.86 4.35
CA ARG A 66 5.60 6.15 5.02
C ARG A 66 6.19 7.23 4.12
N VAL A 67 5.72 8.46 4.31
CA VAL A 67 6.19 9.59 3.51
C VAL A 67 7.68 9.83 3.73
N GLY A 68 8.47 9.64 2.67
CA GLY A 68 9.90 9.83 2.77
C GLY A 68 10.67 8.54 2.72
N GLU A 69 10.17 7.58 1.95
CA GLU A 69 10.82 6.28 1.82
C GLU A 69 10.87 5.83 0.36
N ARG A 70 11.78 4.92 0.05
CA ARG A 70 11.94 4.42 -1.31
C ARG A 70 10.93 3.31 -1.59
N VAL A 71 10.32 3.36 -2.77
CA VAL A 71 9.34 2.36 -3.16
C VAL A 71 9.33 2.15 -4.68
N TRP A 72 8.73 1.05 -5.11
CA TRP A 72 8.67 0.73 -6.54
C TRP A 72 7.23 0.63 -7.00
N VAL A 73 6.79 1.61 -7.80
CA VAL A 73 5.43 1.63 -8.31
C VAL A 73 5.26 0.60 -9.43
N ASN A 74 4.21 -0.21 -9.32
CA ASN A 74 3.95 -1.24 -10.32
C ASN A 74 5.06 -2.29 -10.35
N GLY A 75 5.84 -2.35 -9.26
CA GLY A 75 6.92 -3.30 -9.18
C GLY A 75 8.02 -3.04 -10.21
N ASN A 76 8.24 -1.77 -10.51
CA ASN A 76 9.27 -1.39 -11.48
C ASN A 76 9.31 0.13 -11.69
N LYS A 77 9.32 0.86 -10.57
CA LYS A 77 9.35 2.32 -10.63
C LYS A 77 9.84 2.91 -9.31
N PRO A 78 11.16 2.99 -9.12
CA PRO A 78 11.76 3.54 -7.89
C PRO A 78 11.42 5.01 -7.69
N GLY A 79 11.06 5.37 -6.46
CA GLY A 79 10.72 6.74 -6.16
C GLY A 79 10.55 6.99 -4.66
N PHE A 80 10.15 8.19 -4.31
CA PHE A 80 9.95 8.56 -2.91
C PHE A 80 8.49 8.96 -2.65
N ILE A 81 7.94 8.46 -1.55
CA ILE A 81 6.56 8.77 -1.18
C ILE A 81 6.43 10.19 -0.64
N GLN A 82 5.38 10.88 -1.06
CA GLN A 82 5.15 12.25 -0.62
C GLN A 82 3.76 12.40 -0.01
N PHE A 83 2.76 11.82 -0.68
CA PHE A 83 1.39 11.89 -0.22
C PHE A 83 0.84 10.50 0.07
N LEU A 84 0.08 10.38 1.15
CA LEU A 84 -0.51 9.10 1.55
C LEU A 84 -1.86 9.30 2.21
N GLY A 85 -2.89 8.67 1.64
CA GLY A 85 -4.23 8.80 2.18
C GLY A 85 -5.28 8.96 1.10
N GLU A 86 -6.46 9.45 1.48
CA GLU A 86 -7.54 9.67 0.53
C GLU A 86 -7.29 10.90 -0.32
N THR A 87 -8.25 11.23 -1.18
CA THR A 87 -8.13 12.39 -2.05
C THR A 87 -9.48 13.06 -2.25
N GLN A 88 -9.50 14.11 -3.06
CA GLN A 88 -10.73 14.84 -3.33
C GLN A 88 -11.40 14.33 -4.61
N PHE A 89 -10.59 14.00 -5.60
CA PHE A 89 -11.10 13.50 -6.87
C PHE A 89 -11.69 12.10 -6.71
N ALA A 90 -11.13 11.34 -5.78
CA ALA A 90 -11.60 9.98 -5.53
C ALA A 90 -11.45 9.62 -4.06
N PRO A 91 -12.40 8.83 -3.51
CA PRO A 91 -12.37 8.42 -2.10
C PRO A 91 -11.33 7.33 -1.84
N GLY A 92 -11.01 6.57 -2.88
CA GLY A 92 -10.02 5.50 -2.74
C GLY A 92 -8.68 6.01 -2.23
N GLN A 93 -7.93 5.13 -1.59
CA GLN A 93 -6.62 5.49 -1.05
C GLN A 93 -5.59 5.60 -2.17
N TRP A 94 -4.75 6.64 -2.10
CA TRP A 94 -3.72 6.86 -3.10
C TRP A 94 -2.37 7.14 -2.44
N ALA A 95 -1.31 7.16 -3.24
CA ALA A 95 0.03 7.43 -2.74
C ALA A 95 0.88 8.14 -3.79
N GLY A 96 1.19 9.40 -3.52
CA GLY A 96 2.00 10.17 -4.45
C GLY A 96 3.48 9.88 -4.31
N ILE A 97 4.10 9.36 -5.37
CA ILE A 97 5.51 9.04 -5.36
C ILE A 97 6.28 9.88 -6.39
N VAL A 98 7.54 10.15 -6.09
CA VAL A 98 8.38 10.94 -6.98
C VAL A 98 9.45 10.07 -7.63
N LEU A 99 9.31 9.83 -8.93
CA LEU A 99 10.28 9.02 -9.66
C LEU A 99 11.60 9.75 -9.82
N ASP A 100 12.61 9.05 -10.34
CA ASP A 100 13.92 9.64 -10.55
C ASP A 100 14.14 10.01 -12.01
N GLU A 101 13.49 9.26 -12.90
CA GLU A 101 13.61 9.50 -14.34
C GLU A 101 12.30 10.05 -14.90
N PRO A 102 12.39 10.81 -16.03
CA PRO A 102 11.21 11.39 -16.66
C PRO A 102 10.33 10.33 -17.33
N ILE A 103 9.79 9.43 -16.52
CA ILE A 103 8.92 8.37 -17.03
C ILE A 103 7.58 8.36 -16.31
N GLY A 104 7.16 9.53 -15.84
CA GLY A 104 5.90 9.64 -15.14
C GLY A 104 4.77 10.06 -16.05
N LYS A 105 3.63 10.40 -15.46
CA LYS A 105 2.45 10.82 -16.22
C LYS A 105 1.84 12.10 -15.64
N ASN A 106 1.72 12.14 -14.31
CA ASN A 106 1.16 13.29 -13.63
C ASN A 106 2.26 14.24 -13.16
N ASP A 107 1.85 15.37 -12.61
CA ASP A 107 2.80 16.36 -12.12
C ASP A 107 2.49 16.75 -10.67
N GLY A 108 1.96 15.79 -9.92
CA GLY A 108 1.63 16.05 -8.52
C GLY A 108 0.50 17.06 -8.38
N SER A 109 -0.46 17.01 -9.29
CA SER A 109 -1.60 17.92 -9.25
C SER A 109 -2.82 17.30 -9.92
N VAL A 110 -3.93 17.26 -9.20
CA VAL A 110 -5.17 16.69 -9.72
C VAL A 110 -6.34 17.64 -9.48
N ALA A 111 -6.97 18.07 -10.58
CA ALA A 111 -8.11 18.97 -10.50
C ALA A 111 -7.72 20.28 -9.80
N GLY A 112 -6.54 20.79 -10.12
CA GLY A 112 -6.08 22.03 -9.52
C GLY A 112 -5.81 21.89 -8.04
N VAL A 113 -5.46 20.67 -7.62
CA VAL A 113 -5.17 20.41 -6.22
C VAL A 113 -3.80 19.77 -6.05
N ARG A 114 -2.82 20.57 -5.63
CA ARG A 114 -1.46 20.08 -5.43
C ARG A 114 -1.36 19.30 -4.13
N TYR A 115 -0.96 18.04 -4.23
CA TYR A 115 -0.81 17.19 -3.05
C TYR A 115 0.64 17.11 -2.61
N PHE A 116 1.54 16.94 -3.58
CA PHE A 116 2.97 16.85 -3.29
C PHE A 116 3.80 17.48 -4.40
N GLN A 117 4.57 18.51 -4.06
CA GLN A 117 5.40 19.20 -5.04
C GLN A 117 6.48 18.27 -5.58
N CYS A 118 6.57 18.19 -6.90
CA CYS A 118 7.55 17.35 -7.56
C CYS A 118 7.83 17.83 -8.98
N GLU A 119 8.73 17.13 -9.66
CA GLU A 119 9.09 17.48 -11.03
C GLU A 119 8.13 16.84 -12.03
N PRO A 120 7.94 17.45 -13.21
CA PRO A 120 7.04 16.93 -14.24
C PRO A 120 7.46 15.54 -14.73
N LEU A 121 6.48 14.74 -15.15
CA LEU A 121 6.75 13.40 -15.64
C LEU A 121 7.43 12.54 -14.58
N LYS A 122 7.04 12.75 -13.33
CA LYS A 122 7.62 12.00 -12.22
C LYS A 122 6.54 11.63 -11.20
N GLY A 123 5.77 12.63 -10.78
CA GLY A 123 4.72 12.38 -9.80
C GLY A 123 3.61 11.52 -10.35
N ILE A 124 3.28 10.46 -9.64
CA ILE A 124 2.23 9.54 -10.07
C ILE A 124 1.39 9.06 -8.89
N PHE A 125 0.09 8.95 -9.08
CA PHE A 125 -0.81 8.51 -8.03
C PHE A 125 -1.20 7.05 -8.23
N THR A 126 -0.88 6.20 -7.25
CA THR A 126 -1.20 4.79 -7.32
C THR A 126 -1.57 4.24 -5.95
N ARG A 127 -1.90 2.96 -5.90
CA ARG A 127 -2.27 2.32 -4.63
C ARG A 127 -1.03 1.85 -3.87
N PRO A 128 -0.98 2.11 -2.55
CA PRO A 128 0.15 1.71 -1.71
C PRO A 128 0.43 0.21 -1.79
N SER A 129 -0.64 -0.57 -1.84
CA SER A 129 -0.52 -2.03 -1.91
C SER A 129 0.29 -2.45 -3.15
N LYS A 130 0.24 -1.62 -4.18
CA LYS A 130 0.96 -1.91 -5.43
C LYS A 130 2.46 -1.66 -5.25
N LEU A 131 2.80 -0.75 -4.34
CA LEU A 131 4.19 -0.42 -4.07
C LEU A 131 4.97 -1.65 -3.62
N THR A 132 6.27 -1.68 -3.93
CA THR A 132 7.12 -2.80 -3.56
C THR A 132 8.43 -2.30 -2.95
N ARG A 133 9.29 -3.24 -2.56
CA ARG A 133 10.58 -2.89 -1.97
C ARG A 133 11.73 -3.45 -2.80
N LYS A 134 12.45 -2.57 -3.49
CA LYS A 134 13.57 -2.97 -4.32
C LYS A 134 13.13 -3.98 -5.38
N VAL A 135 11.98 -3.73 -5.99
CA VAL A 135 11.46 -4.61 -7.03
C VAL A 135 11.21 -6.01 -6.46
N SER A 136 10.34 -6.77 -7.13
CA SER A 136 10.03 -8.13 -6.71
C SER A 136 10.28 -9.12 -7.83
N GLY A 137 10.88 -10.26 -7.48
CA GLY A 137 11.17 -11.28 -8.47
C GLY A 137 11.97 -12.44 -7.88
N PRO A 138 13.23 -12.62 -8.32
CA PRO A 138 14.08 -13.71 -7.82
C PRO A 138 14.19 -13.71 -6.30
N SER A 139 14.19 -12.51 -5.71
CA SER A 139 14.29 -12.37 -4.27
C SER A 139 12.90 -12.33 -3.63
N SER A 140 12.75 -13.06 -2.53
CA SER A 140 11.47 -13.11 -1.83
C SER A 140 11.69 -13.38 -0.34
N GLY A 141 10.62 -13.23 0.44
CA GLY A 141 10.71 -13.47 1.87
C GLY A 141 10.67 -14.94 2.23
N GLY A 1 -38.11 -31.41 31.83
CA GLY A 1 -38.14 -30.23 30.94
C GLY A 1 -39.32 -30.24 29.99
N SER A 2 -40.47 -30.68 30.48
CA SER A 2 -41.68 -30.74 29.66
C SER A 2 -42.53 -29.48 29.85
N SER A 3 -42.48 -28.91 31.05
CA SER A 3 -43.24 -27.70 31.35
C SER A 3 -42.47 -26.81 32.32
N GLY A 4 -41.95 -27.40 33.38
CA GLY A 4 -41.20 -26.65 34.37
C GLY A 4 -42.09 -26.04 35.44
N SER A 5 -43.19 -26.73 35.75
CA SER A 5 -44.13 -26.26 36.75
C SER A 5 -44.43 -27.35 37.78
N SER A 6 -44.29 -27.00 39.05
CA SER A 6 -44.54 -27.96 40.13
C SER A 6 -45.05 -27.24 41.38
N GLY A 7 -45.44 -28.02 42.38
CA GLY A 7 -45.95 -27.45 43.61
C GLY A 7 -47.26 -28.06 44.05
N MET A 8 -47.37 -29.38 43.93
CA MET A 8 -48.59 -30.09 44.31
C MET A 8 -48.32 -31.06 45.46
N SER A 9 -47.19 -31.74 45.39
CA SER A 9 -46.82 -32.71 46.42
C SER A 9 -45.45 -32.36 47.02
N MET A 10 -45.17 -31.06 47.13
CA MET A 10 -43.90 -30.59 47.68
C MET A 10 -44.14 -29.62 48.84
N LEU A 11 -45.25 -29.81 49.54
CA LEU A 11 -45.60 -28.94 50.66
C LEU A 11 -45.38 -29.68 51.99
N LYS A 12 -44.13 -30.09 52.23
CA LYS A 12 -43.80 -30.81 53.44
C LYS A 12 -43.86 -29.88 54.66
N PRO A 13 -43.14 -28.74 54.62
CA PRO A 13 -43.12 -27.78 55.73
C PRO A 13 -44.45 -27.03 55.87
N SER A 14 -44.68 -26.48 57.06
CA SER A 14 -45.91 -25.73 57.32
C SER A 14 -45.86 -24.36 56.67
N GLY A 15 -46.83 -23.51 57.01
CA GLY A 15 -46.88 -22.17 56.46
C GLY A 15 -48.26 -21.78 56.01
N LEU A 16 -49.06 -22.76 55.58
CA LEU A 16 -50.42 -22.52 55.12
C LEU A 16 -50.43 -21.68 53.85
N LYS A 17 -50.20 -20.38 54.00
CA LYS A 17 -50.18 -19.47 52.87
C LYS A 17 -48.77 -19.35 52.29
N ALA A 18 -47.77 -19.63 53.11
CA ALA A 18 -46.38 -19.56 52.66
C ALA A 18 -45.98 -18.12 52.34
N PRO A 19 -45.26 -17.45 53.26
CA PRO A 19 -44.83 -16.07 53.07
C PRO A 19 -43.78 -15.93 51.96
N THR A 20 -42.79 -16.80 52.00
CA THR A 20 -41.72 -16.78 50.99
C THR A 20 -41.58 -18.14 50.33
N LYS A 21 -40.98 -18.14 49.14
CA LYS A 21 -40.77 -19.38 48.39
C LYS A 21 -40.00 -19.12 47.11
N ILE A 22 -38.67 -19.11 47.22
CA ILE A 22 -37.80 -18.87 46.07
C ILE A 22 -37.05 -20.14 45.67
N LEU A 23 -37.16 -20.53 44.41
CA LEU A 23 -36.49 -21.71 43.91
C LEU A 23 -35.55 -21.37 42.75
N LYS A 24 -34.33 -21.85 42.83
CA LYS A 24 -33.34 -21.59 41.79
C LYS A 24 -32.97 -22.88 41.05
N PRO A 25 -33.69 -23.20 39.97
CA PRO A 25 -33.44 -24.41 39.18
C PRO A 25 -31.98 -24.55 38.78
N GLY A 26 -31.42 -25.74 38.93
CA GLY A 26 -30.04 -25.98 38.58
C GLY A 26 -29.84 -27.30 37.87
N SER A 27 -30.03 -28.39 38.59
CA SER A 27 -29.87 -29.73 38.02
C SER A 27 -28.44 -29.93 37.52
N THR A 28 -27.56 -30.38 38.41
CA THR A 28 -26.17 -30.61 38.04
C THR A 28 -25.62 -31.87 38.73
N ALA A 29 -25.86 -31.95 40.04
CA ALA A 29 -25.39 -33.10 40.82
C ALA A 29 -23.87 -33.22 40.77
N LEU A 30 -23.35 -34.30 41.33
CA LEU A 30 -21.91 -34.53 41.34
C LEU A 30 -21.60 -36.00 41.63
N LYS A 31 -20.93 -36.66 40.69
CA LYS A 31 -20.57 -38.06 40.84
C LYS A 31 -19.10 -38.29 40.53
N THR A 32 -18.67 -39.54 40.59
CA THR A 32 -17.28 -39.90 40.32
C THR A 32 -17.19 -41.19 39.51
N PRO A 33 -16.72 -41.10 38.25
CA PRO A 33 -16.60 -42.28 37.37
C PRO A 33 -15.85 -43.42 38.05
N THR A 34 -15.97 -44.63 37.49
CA THR A 34 -15.31 -45.80 38.03
C THR A 34 -13.86 -45.86 37.56
N ALA A 35 -13.64 -45.54 36.29
CA ALA A 35 -12.29 -45.57 35.72
C ALA A 35 -12.09 -44.42 34.75
N VAL A 36 -10.85 -44.20 34.34
CA VAL A 36 -10.52 -43.13 33.41
C VAL A 36 -11.15 -43.37 32.04
N VAL A 37 -12.12 -42.54 31.69
CA VAL A 37 -12.80 -42.66 30.40
C VAL A 37 -11.88 -42.29 29.26
N ALA A 38 -12.39 -42.39 28.04
CA ALA A 38 -11.60 -42.08 26.85
C ALA A 38 -11.81 -40.61 26.43
N PRO A 39 -10.73 -39.93 26.01
CA PRO A 39 -10.80 -38.53 25.58
C PRO A 39 -11.45 -38.37 24.21
N VAL A 40 -11.69 -37.13 23.82
CA VAL A 40 -12.31 -36.84 22.52
C VAL A 40 -13.67 -37.50 22.41
N GLU A 41 -14.68 -36.85 22.97
CA GLU A 41 -16.05 -37.39 22.92
C GLU A 41 -16.79 -36.87 21.69
N LYS A 42 -17.23 -37.79 20.85
CA LYS A 42 -17.95 -37.43 19.63
C LYS A 42 -18.57 -38.67 18.97
N THR A 43 -19.83 -38.91 19.25
CA THR A 43 -20.53 -40.07 18.69
C THR A 43 -21.90 -39.67 18.16
N ILE A 44 -21.90 -38.86 17.10
CA ILE A 44 -23.14 -38.41 16.49
C ILE A 44 -23.25 -38.85 15.03
N SER A 45 -22.11 -38.94 14.35
CA SER A 45 -22.08 -39.36 12.96
C SER A 45 -22.86 -38.40 12.08
N SER A 46 -22.47 -38.30 10.81
CA SER A 46 -23.15 -37.41 9.87
C SER A 46 -23.09 -35.96 10.36
N GLU A 47 -23.60 -35.05 9.54
CA GLU A 47 -23.62 -33.64 9.88
C GLU A 47 -22.21 -33.11 10.10
N LYS A 48 -21.65 -32.47 9.08
CA LYS A 48 -20.30 -31.92 9.17
C LYS A 48 -20.15 -30.70 8.27
N ALA A 49 -19.21 -29.82 8.62
CA ALA A 49 -18.96 -28.62 7.84
C ALA A 49 -17.50 -28.23 7.88
N SER A 50 -16.94 -28.12 9.08
CA SER A 50 -15.53 -27.77 9.25
C SER A 50 -14.62 -28.80 8.58
N SER A 51 -13.32 -28.61 8.74
CA SER A 51 -12.35 -29.53 8.15
C SER A 51 -12.44 -29.53 6.63
N THR A 52 -11.31 -29.71 5.97
CA THR A 52 -11.27 -29.74 4.51
C THR A 52 -11.76 -28.42 3.93
N PRO A 53 -11.01 -27.32 4.15
CA PRO A 53 -11.38 -26.00 3.64
C PRO A 53 -11.24 -25.90 2.14
N SER A 54 -12.31 -25.47 1.47
CA SER A 54 -12.31 -25.33 0.03
C SER A 54 -11.55 -24.09 -0.40
N SER A 55 -11.86 -22.96 0.23
CA SER A 55 -11.21 -21.69 -0.08
C SER A 55 -11.07 -20.83 1.18
N GLU A 56 -9.83 -20.55 1.55
CA GLU A 56 -9.55 -19.74 2.74
C GLU A 56 -9.88 -18.27 2.48
N THR A 57 -9.77 -17.46 3.51
CA THR A 57 -10.05 -16.03 3.40
C THR A 57 -8.87 -15.20 3.89
N GLN A 58 -7.66 -15.72 3.71
CA GLN A 58 -6.45 -15.03 4.15
C GLN A 58 -5.63 -14.56 2.95
N GLU A 59 -5.83 -13.31 2.56
CA GLU A 59 -5.11 -12.74 1.42
C GLU A 59 -5.02 -11.22 1.54
N GLU A 60 -4.47 -10.58 0.51
CA GLU A 60 -4.32 -9.14 0.50
C GLU A 60 -3.44 -8.67 1.66
N PHE A 61 -2.14 -8.53 1.39
CA PHE A 61 -1.20 -8.10 2.41
C PHE A 61 -0.56 -6.77 2.02
N VAL A 62 -1.15 -5.67 2.45
CA VAL A 62 -0.64 -4.35 2.14
C VAL A 62 0.30 -3.85 3.24
N ASP A 63 1.57 -3.68 2.89
CA ASP A 63 2.57 -3.22 3.84
C ASP A 63 2.34 -1.76 4.20
N ASP A 64 3.06 -1.29 5.22
CA ASP A 64 2.94 0.10 5.66
C ASP A 64 3.72 1.04 4.75
N PHE A 65 3.25 2.27 4.62
CA PHE A 65 3.92 3.26 3.79
C PHE A 65 3.94 4.63 4.47
N ARG A 66 5.12 5.22 4.58
CA ARG A 66 5.27 6.52 5.22
C ARG A 66 5.85 7.54 4.23
N VAL A 67 5.87 8.80 4.64
CA VAL A 67 6.39 9.87 3.80
C VAL A 67 7.92 9.95 3.90
N GLY A 68 8.58 9.80 2.76
CA GLY A 68 10.03 9.87 2.74
C GLY A 68 10.67 8.50 2.59
N GLU A 69 9.96 7.58 1.94
CA GLU A 69 10.46 6.23 1.74
C GLU A 69 10.52 5.89 0.24
N ARG A 70 11.43 4.98 -0.11
CA ARG A 70 11.58 4.57 -1.50
C ARG A 70 10.66 3.41 -1.83
N VAL A 71 9.77 3.62 -2.79
CA VAL A 71 8.83 2.59 -3.20
C VAL A 71 8.90 2.33 -4.71
N TRP A 72 8.33 1.22 -5.14
CA TRP A 72 8.34 0.85 -6.56
C TRP A 72 6.94 0.88 -7.14
N VAL A 73 6.62 1.92 -7.90
CA VAL A 73 5.31 2.07 -8.51
C VAL A 73 5.06 0.94 -9.52
N ASN A 74 4.00 0.16 -9.28
CA ASN A 74 3.66 -0.94 -10.16
C ASN A 74 4.72 -2.04 -10.12
N GLY A 75 5.52 -2.03 -9.06
CA GLY A 75 6.57 -3.03 -8.91
C GLY A 75 7.64 -2.92 -9.99
N ASN A 76 8.01 -1.70 -10.32
CA ASN A 76 9.04 -1.46 -11.33
C ASN A 76 9.23 0.03 -11.59
N LYS A 77 9.27 0.81 -10.52
CA LYS A 77 9.46 2.25 -10.62
C LYS A 77 9.85 2.85 -9.27
N PRO A 78 11.16 2.88 -8.98
CA PRO A 78 11.67 3.44 -7.71
C PRO A 78 11.47 4.95 -7.61
N GLY A 79 11.27 5.44 -6.39
CA GLY A 79 11.06 6.86 -6.19
C GLY A 79 11.00 7.23 -4.72
N PHE A 80 10.10 8.15 -4.39
CA PHE A 80 9.94 8.59 -3.01
C PHE A 80 8.51 9.03 -2.73
N ILE A 81 7.98 8.63 -1.58
CA ILE A 81 6.62 8.98 -1.21
C ILE A 81 6.55 10.41 -0.66
N GLN A 82 5.52 11.14 -1.07
CA GLN A 82 5.34 12.52 -0.61
C GLN A 82 3.98 12.70 0.05
N PHE A 83 2.94 12.13 -0.57
CA PHE A 83 1.59 12.22 -0.03
C PHE A 83 1.06 10.85 0.34
N LEU A 84 0.19 10.81 1.36
CA LEU A 84 -0.40 9.56 1.82
C LEU A 84 -1.78 9.79 2.42
N GLY A 85 -2.80 9.21 1.80
CA GLY A 85 -4.15 9.37 2.30
C GLY A 85 -5.17 9.47 1.17
N GLU A 86 -6.39 9.85 1.52
CA GLU A 86 -7.46 9.99 0.53
C GLU A 86 -7.17 11.14 -0.43
N THR A 87 -8.03 11.28 -1.43
CA THR A 87 -7.87 12.34 -2.42
C THR A 87 -9.17 13.09 -2.64
N GLN A 88 -9.18 14.02 -3.59
CA GLN A 88 -10.37 14.80 -3.90
C GLN A 88 -10.85 14.55 -5.33
N PHE A 89 -10.21 13.61 -6.03
CA PHE A 89 -10.57 13.29 -7.39
C PHE A 89 -11.11 11.86 -7.49
N ALA A 90 -10.52 10.96 -6.71
CA ALA A 90 -10.93 9.56 -6.71
C ALA A 90 -11.09 9.04 -5.29
N PRO A 91 -12.16 8.25 -5.04
CA PRO A 91 -12.42 7.68 -3.71
C PRO A 91 -11.51 6.50 -3.39
N GLY A 92 -10.86 6.54 -2.24
CA GLY A 92 -9.97 5.46 -1.84
C GLY A 92 -8.67 5.96 -1.24
N GLN A 93 -7.71 5.07 -1.08
CA GLN A 93 -6.42 5.43 -0.50
C GLN A 93 -5.34 5.47 -1.58
N TRP A 94 -4.72 6.63 -1.76
CA TRP A 94 -3.67 6.79 -2.75
C TRP A 94 -2.33 7.07 -2.07
N ALA A 95 -1.29 7.22 -2.89
CA ALA A 95 0.05 7.49 -2.37
C ALA A 95 0.93 8.14 -3.43
N GLY A 96 1.16 9.44 -3.29
CA GLY A 96 1.99 10.16 -4.24
C GLY A 96 3.45 9.77 -4.15
N ILE A 97 4.04 9.44 -5.29
CA ILE A 97 5.45 9.06 -5.34
C ILE A 97 6.22 9.89 -6.34
N VAL A 98 7.52 10.07 -6.09
CA VAL A 98 8.37 10.85 -6.97
C VAL A 98 9.49 9.99 -7.55
N LEU A 99 9.40 9.71 -8.84
CA LEU A 99 10.40 8.90 -9.53
C LEU A 99 11.72 9.64 -9.64
N ASP A 100 12.79 8.91 -9.94
CA ASP A 100 14.11 9.51 -10.07
C ASP A 100 14.49 9.66 -11.54
N GLU A 101 13.49 9.87 -12.39
CA GLU A 101 13.72 10.04 -13.81
C GLU A 101 12.45 10.52 -14.51
N PRO A 102 12.61 11.20 -15.67
CA PRO A 102 11.46 11.72 -16.44
C PRO A 102 10.66 10.60 -17.10
N ILE A 103 10.08 9.72 -16.29
CA ILE A 103 9.28 8.61 -16.79
C ILE A 103 7.96 8.50 -16.06
N GLY A 104 7.44 9.65 -15.60
CA GLY A 104 6.19 9.67 -14.88
C GLY A 104 5.01 10.05 -15.77
N LYS A 105 4.04 10.74 -15.19
CA LYS A 105 2.85 11.16 -15.94
C LYS A 105 2.34 12.51 -15.41
N ASN A 106 2.22 12.60 -14.08
CA ASN A 106 1.74 13.82 -13.46
C ASN A 106 2.87 14.55 -12.73
N ASP A 107 2.55 15.70 -12.15
CA ASP A 107 3.55 16.49 -11.42
C ASP A 107 3.18 16.61 -9.95
N GLY A 108 2.52 15.58 -9.43
CA GLY A 108 2.12 15.59 -8.03
C GLY A 108 0.86 16.40 -7.79
N SER A 109 -0.02 16.42 -8.78
CA SER A 109 -1.27 17.17 -8.68
C SER A 109 -2.31 16.62 -9.64
N VAL A 110 -3.50 16.36 -9.12
CA VAL A 110 -4.60 15.83 -9.94
C VAL A 110 -5.78 16.79 -9.97
N ALA A 111 -6.20 17.14 -11.19
CA ALA A 111 -7.32 18.05 -11.37
C ALA A 111 -7.04 19.40 -10.72
N GLY A 112 -5.77 19.75 -10.62
CA GLY A 112 -5.38 21.02 -10.01
C GLY A 112 -5.07 20.88 -8.53
N VAL A 113 -5.57 19.81 -7.91
CA VAL A 113 -5.34 19.58 -6.49
C VAL A 113 -3.87 19.30 -6.22
N ARG A 114 -3.26 20.12 -5.37
CA ARG A 114 -1.86 19.95 -5.01
C ARG A 114 -1.70 19.04 -3.80
N TYR A 115 -1.08 17.89 -4.01
CA TYR A 115 -0.87 16.93 -2.93
C TYR A 115 0.59 16.94 -2.47
N PHE A 116 1.50 17.25 -3.38
CA PHE A 116 2.92 17.31 -3.07
C PHE A 116 3.71 17.91 -4.22
N GLN A 117 4.50 18.93 -3.92
CA GLN A 117 5.31 19.61 -4.94
C GLN A 117 6.48 18.73 -5.35
N CYS A 118 6.57 18.43 -6.64
CA CYS A 118 7.64 17.61 -7.18
C CYS A 118 8.06 18.07 -8.56
N GLU A 119 9.06 17.42 -9.13
CA GLU A 119 9.55 17.77 -10.46
C GLU A 119 8.61 17.23 -11.54
N PRO A 120 8.51 17.93 -12.68
CA PRO A 120 7.65 17.52 -13.79
C PRO A 120 7.98 16.13 -14.31
N LEU A 121 6.97 15.39 -14.73
CA LEU A 121 7.16 14.04 -15.26
C LEU A 121 7.76 13.12 -14.20
N LYS A 122 7.20 13.15 -13.00
CA LYS A 122 7.69 12.32 -11.90
C LYS A 122 6.54 11.97 -10.94
N GLY A 123 5.81 12.98 -10.50
CA GLY A 123 4.71 12.77 -9.60
C GLY A 123 3.63 11.87 -10.18
N ILE A 124 3.61 10.62 -9.76
CA ILE A 124 2.62 9.66 -10.25
C ILE A 124 1.74 9.14 -9.12
N PHE A 125 0.45 9.05 -9.38
CA PHE A 125 -0.51 8.58 -8.38
C PHE A 125 -0.90 7.13 -8.65
N THR A 126 -0.86 6.30 -7.61
CA THR A 126 -1.22 4.90 -7.75
C THR A 126 -1.61 4.31 -6.39
N ARG A 127 -2.17 3.10 -6.42
CA ARG A 127 -2.58 2.42 -5.19
C ARG A 127 -1.37 1.98 -4.38
N PRO A 128 -1.36 2.26 -3.07
CA PRO A 128 -0.24 1.88 -2.19
C PRO A 128 0.05 0.38 -2.25
N SER A 129 -1.00 -0.42 -2.33
CA SER A 129 -0.87 -1.87 -2.38
C SER A 129 -0.02 -2.29 -3.58
N LYS A 130 -0.03 -1.48 -4.63
CA LYS A 130 0.73 -1.78 -5.84
C LYS A 130 2.22 -1.53 -5.61
N LEU A 131 2.53 -0.56 -4.76
CA LEU A 131 3.91 -0.23 -4.45
C LEU A 131 4.64 -1.43 -3.84
N THR A 132 5.90 -1.61 -4.24
CA THR A 132 6.71 -2.71 -3.75
C THR A 132 8.04 -2.21 -3.21
N ARG A 133 8.87 -3.14 -2.73
CA ARG A 133 10.18 -2.79 -2.18
C ARG A 133 11.29 -3.53 -2.92
N LYS A 134 12.16 -2.77 -3.58
CA LYS A 134 13.27 -3.35 -4.33
C LYS A 134 12.76 -4.31 -5.39
N VAL A 135 11.58 -4.03 -5.93
CA VAL A 135 10.98 -4.86 -6.96
C VAL A 135 10.68 -6.25 -6.43
N SER A 136 9.75 -6.94 -7.09
CA SER A 136 9.36 -8.29 -6.68
C SER A 136 10.10 -9.34 -7.50
N GLY A 137 11.36 -9.07 -7.82
CA GLY A 137 12.15 -10.00 -8.61
C GLY A 137 13.32 -10.57 -7.83
N PRO A 138 13.69 -11.84 -8.07
CA PRO A 138 14.81 -12.48 -7.38
C PRO A 138 16.17 -11.95 -7.84
N SER A 139 17.24 -12.55 -7.34
CA SER A 139 18.58 -12.14 -7.70
C SER A 139 19.28 -13.22 -8.53
N SER A 140 19.24 -13.07 -9.85
CA SER A 140 19.86 -14.02 -10.75
C SER A 140 20.15 -13.39 -12.11
N GLY A 141 20.86 -14.12 -12.96
CA GLY A 141 21.20 -13.61 -14.28
C GLY A 141 20.38 -14.26 -15.37
N GLY A 1 -29.24 12.78 49.30
CA GLY A 1 -30.05 12.30 50.45
C GLY A 1 -29.74 13.02 51.74
N SER A 2 -29.89 14.34 51.73
CA SER A 2 -29.61 15.16 52.92
C SER A 2 -30.90 15.69 53.53
N SER A 3 -31.41 14.98 54.53
CA SER A 3 -32.64 15.38 55.20
C SER A 3 -32.80 14.65 56.53
N GLY A 4 -31.67 14.35 57.17
CA GLY A 4 -31.71 13.65 58.45
C GLY A 4 -30.88 12.38 58.44
N SER A 5 -29.64 12.48 57.95
CA SER A 5 -28.75 11.34 57.89
C SER A 5 -27.32 11.73 58.24
N SER A 6 -26.65 10.90 59.03
CA SER A 6 -25.28 11.17 59.43
C SER A 6 -24.41 9.92 59.28
N GLY A 7 -24.59 9.22 58.17
CA GLY A 7 -23.81 8.01 57.92
C GLY A 7 -23.81 7.61 56.46
N MET A 8 -22.67 7.10 55.99
CA MET A 8 -22.54 6.67 54.60
C MET A 8 -22.73 7.85 53.65
N SER A 9 -21.67 8.20 52.93
CA SER A 9 -21.73 9.30 51.98
C SER A 9 -22.00 8.80 50.57
N MET A 10 -22.52 9.69 49.72
CA MET A 10 -22.83 9.32 48.34
C MET A 10 -22.28 10.37 47.37
N LEU A 11 -21.64 9.89 46.31
CA LEU A 11 -21.07 10.78 45.30
C LEU A 11 -20.00 11.67 45.91
N LYS A 12 -18.74 11.30 45.71
CA LYS A 12 -17.62 12.07 46.24
C LYS A 12 -17.23 13.20 45.29
N PRO A 13 -17.44 14.47 45.71
CA PRO A 13 -17.10 15.63 44.88
C PRO A 13 -15.68 15.58 44.35
N SER A 14 -15.47 16.12 43.15
CA SER A 14 -14.15 16.13 42.53
C SER A 14 -13.74 17.56 42.17
N GLY A 15 -14.47 18.16 41.23
CA GLY A 15 -14.15 19.51 40.81
C GLY A 15 -12.77 19.62 40.20
N LEU A 16 -12.73 19.94 38.91
CA LEU A 16 -11.45 20.08 38.21
C LEU A 16 -11.65 20.81 36.88
N LYS A 17 -12.69 20.42 36.14
CA LYS A 17 -12.98 21.03 34.85
C LYS A 17 -14.36 21.68 34.86
N ALA A 18 -14.60 22.55 33.88
CA ALA A 18 -15.89 23.24 33.77
C ALA A 18 -17.02 22.25 33.51
N PRO A 19 -18.28 22.72 33.59
CA PRO A 19 -19.45 21.87 33.37
C PRO A 19 -19.37 21.12 32.05
N THR A 20 -19.70 19.83 32.09
CA THR A 20 -19.66 18.99 30.89
C THR A 20 -20.90 19.21 30.05
N LYS A 21 -22.07 19.10 30.66
CA LYS A 21 -23.33 19.28 29.96
C LYS A 21 -23.47 20.72 29.46
N ILE A 22 -23.62 20.87 28.15
CA ILE A 22 -23.76 22.19 27.54
C ILE A 22 -25.24 22.58 27.41
N LEU A 23 -25.96 22.51 28.52
CA LEU A 23 -27.38 22.84 28.54
C LEU A 23 -27.60 24.19 29.20
N LYS A 24 -28.63 24.91 28.75
CA LYS A 24 -28.95 26.23 29.29
C LYS A 24 -30.39 26.62 28.95
N PRO A 25 -31.21 26.92 29.98
CA PRO A 25 -32.61 27.32 29.76
C PRO A 25 -32.74 28.48 28.79
N GLY A 26 -33.63 28.33 27.81
CA GLY A 26 -33.84 29.38 26.83
C GLY A 26 -35.30 29.65 26.57
N SER A 27 -35.64 29.92 25.31
CA SER A 27 -37.02 30.21 24.94
C SER A 27 -37.24 29.97 23.44
N THR A 28 -38.46 29.58 23.09
CA THR A 28 -38.82 29.30 21.70
C THR A 28 -37.74 28.49 20.99
N ALA A 29 -37.84 28.41 19.67
CA ALA A 29 -36.88 27.67 18.87
C ALA A 29 -35.79 28.58 18.31
N LEU A 30 -35.26 29.46 19.16
CA LEU A 30 -34.22 30.38 18.76
C LEU A 30 -32.85 29.91 19.23
N LYS A 31 -32.24 29.00 18.47
CA LYS A 31 -30.93 28.47 18.81
C LYS A 31 -29.83 29.22 18.07
N THR A 32 -28.84 29.69 18.83
CA THR A 32 -27.72 30.44 18.24
C THR A 32 -26.61 29.49 17.79
N PRO A 33 -26.16 28.58 18.68
CA PRO A 33 -25.10 27.62 18.35
C PRO A 33 -25.52 26.67 17.22
N THR A 34 -25.18 27.03 15.99
CA THR A 34 -25.51 26.21 14.84
C THR A 34 -24.26 25.75 14.10
N ALA A 35 -23.75 24.59 14.48
CA ALA A 35 -22.55 24.05 13.86
C ALA A 35 -22.89 23.36 12.53
N VAL A 36 -22.85 24.13 11.44
CA VAL A 36 -23.16 23.59 10.13
C VAL A 36 -24.62 23.16 10.03
N VAL A 37 -25.53 24.08 10.32
CA VAL A 37 -26.96 23.79 10.27
C VAL A 37 -27.34 22.77 11.33
N ALA A 38 -28.47 23.01 12.01
CA ALA A 38 -28.95 22.11 13.04
C ALA A 38 -29.19 20.71 12.49
N PRO A 39 -28.46 19.70 12.99
CA PRO A 39 -28.61 18.31 12.52
C PRO A 39 -29.93 17.69 12.98
N VAL A 40 -30.18 16.46 12.53
CA VAL A 40 -31.41 15.77 12.89
C VAL A 40 -31.18 14.85 14.08
N GLU A 41 -32.26 14.21 14.54
CA GLU A 41 -32.18 13.29 15.67
C GLU A 41 -32.18 11.84 15.20
N LYS A 42 -31.60 11.61 14.02
CA LYS A 42 -31.53 10.27 13.45
C LYS A 42 -30.51 10.21 12.33
N THR A 43 -29.69 9.15 12.33
CA THR A 43 -28.67 8.97 11.31
C THR A 43 -28.27 7.51 11.19
N ILE A 44 -29.25 6.62 11.29
CA ILE A 44 -29.00 5.19 11.20
C ILE A 44 -29.62 4.60 9.93
N SER A 45 -30.75 5.17 9.51
CA SER A 45 -31.44 4.70 8.32
C SER A 45 -31.89 3.26 8.49
N SER A 46 -33.20 3.07 8.63
CA SER A 46 -33.77 1.73 8.80
C SER A 46 -33.22 1.07 10.05
N GLU A 47 -33.98 0.10 10.58
CA GLU A 47 -33.56 -0.61 11.78
C GLU A 47 -32.69 -1.82 11.44
N LYS A 48 -31.81 -2.19 12.35
CA LYS A 48 -30.91 -3.32 12.14
C LYS A 48 -30.27 -3.76 13.46
N ALA A 49 -29.58 -2.84 14.11
CA ALA A 49 -28.93 -3.14 15.39
C ALA A 49 -29.32 -2.12 16.46
N SER A 50 -29.32 -0.85 16.09
CA SER A 50 -29.68 0.21 17.02
C SER A 50 -28.72 0.25 18.20
N SER A 51 -27.83 1.23 18.21
CA SER A 51 -26.85 1.39 19.28
C SER A 51 -25.96 0.16 19.38
N THR A 52 -24.99 0.07 18.47
CA THR A 52 -24.06 -1.06 18.45
C THR A 52 -23.07 -0.97 19.61
N PRO A 53 -22.99 -2.02 20.44
CA PRO A 53 -22.08 -2.04 21.59
C PRO A 53 -20.61 -2.20 21.17
N SER A 54 -20.41 -2.81 20.01
CA SER A 54 -19.07 -3.02 19.48
C SER A 54 -18.24 -3.87 20.45
N SER A 55 -16.99 -4.12 20.07
CA SER A 55 -16.09 -4.92 20.90
C SER A 55 -14.65 -4.44 20.76
N GLU A 56 -14.12 -4.50 19.55
CA GLU A 56 -12.76 -4.06 19.28
C GLU A 56 -12.60 -3.60 17.84
N THR A 57 -11.52 -2.88 17.57
CA THR A 57 -11.25 -2.38 16.22
C THR A 57 -9.99 -3.01 15.65
N GLN A 58 -10.11 -3.57 14.45
CA GLN A 58 -8.98 -4.21 13.79
C GLN A 58 -9.01 -3.95 12.28
N GLU A 59 -7.94 -4.35 11.60
CA GLU A 59 -7.84 -4.16 10.15
C GLU A 59 -6.60 -4.84 9.59
N GLU A 60 -6.72 -5.39 8.39
CA GLU A 60 -5.60 -6.06 7.75
C GLU A 60 -4.47 -5.09 7.44
N PHE A 61 -3.23 -5.52 7.64
CA PHE A 61 -2.08 -4.69 7.38
C PHE A 61 -1.80 -4.59 5.88
N VAL A 62 -1.74 -3.35 5.39
CA VAL A 62 -1.49 -3.12 3.97
C VAL A 62 -0.13 -2.45 3.75
N ASP A 63 0.80 -2.73 4.65
CA ASP A 63 2.15 -2.15 4.55
C ASP A 63 2.09 -0.63 4.60
N ASP A 64 2.06 -0.07 5.80
CA ASP A 64 2.00 1.37 5.97
C ASP A 64 3.26 2.03 5.42
N PHE A 65 3.07 3.05 4.59
CA PHE A 65 4.19 3.77 3.98
C PHE A 65 4.33 5.16 4.59
N ARG A 66 5.53 5.73 4.48
CA ARG A 66 5.80 7.05 5.03
C ARG A 66 6.29 8.00 3.94
N VAL A 67 6.35 9.28 4.26
CA VAL A 67 6.80 10.30 3.31
C VAL A 67 8.33 10.39 3.30
N GLY A 68 8.93 9.98 2.19
CA GLY A 68 10.38 10.02 2.07
C GLY A 68 11.01 8.64 2.08
N GLU A 69 10.25 7.65 1.62
CA GLU A 69 10.75 6.28 1.57
C GLU A 69 10.95 5.82 0.12
N ARG A 70 11.83 4.85 -0.06
CA ARG A 70 12.12 4.32 -1.40
C ARG A 70 11.21 3.14 -1.72
N VAL A 71 10.29 3.35 -2.64
CA VAL A 71 9.36 2.30 -3.04
C VAL A 71 9.37 2.10 -4.56
N TRP A 72 8.92 0.94 -5.00
CA TRP A 72 8.88 0.62 -6.43
C TRP A 72 7.44 0.55 -6.93
N VAL A 73 7.05 1.52 -7.74
CA VAL A 73 5.70 1.57 -8.30
C VAL A 73 5.47 0.41 -9.25
N ASN A 74 4.39 -0.34 -9.01
CA ASN A 74 4.06 -1.48 -9.86
C ASN A 74 5.18 -2.52 -9.84
N GLY A 75 5.99 -2.49 -8.79
CA GLY A 75 7.08 -3.43 -8.67
C GLY A 75 8.10 -3.28 -9.79
N ASN A 76 8.32 -2.05 -10.23
CA ASN A 76 9.28 -1.79 -11.30
C ASN A 76 9.39 -0.28 -11.58
N LYS A 77 9.51 0.50 -10.52
CA LYS A 77 9.62 1.95 -10.64
C LYS A 77 9.97 2.60 -9.30
N PRO A 78 11.27 2.74 -9.01
CA PRO A 78 11.73 3.34 -7.76
C PRO A 78 11.37 4.82 -7.66
N GLY A 79 11.13 5.28 -6.43
CA GLY A 79 10.78 6.67 -6.22
C GLY A 79 10.66 7.03 -4.76
N PHE A 80 10.14 8.22 -4.47
CA PHE A 80 9.99 8.68 -3.10
C PHE A 80 8.55 9.11 -2.83
N ILE A 81 7.92 8.46 -1.86
CA ILE A 81 6.54 8.77 -1.50
C ILE A 81 6.43 10.17 -0.90
N GLN A 82 5.43 10.92 -1.34
CA GLN A 82 5.21 12.27 -0.84
C GLN A 82 3.84 12.42 -0.21
N PHE A 83 2.82 11.90 -0.90
CA PHE A 83 1.45 11.97 -0.40
C PHE A 83 0.96 10.58 0.01
N LEU A 84 0.17 10.53 1.08
CA LEU A 84 -0.38 9.28 1.57
C LEU A 84 -1.70 9.51 2.32
N GLY A 85 -2.81 9.24 1.63
CA GLY A 85 -4.11 9.42 2.24
C GLY A 85 -5.23 9.33 1.23
N GLU A 86 -6.35 10.00 1.53
CA GLU A 86 -7.50 9.99 0.62
C GLU A 86 -7.28 10.93 -0.56
N THR A 87 -8.32 11.10 -1.37
CA THR A 87 -8.23 11.97 -2.53
C THR A 87 -9.55 12.71 -2.76
N GLN A 88 -9.47 13.86 -3.42
CA GLN A 88 -10.65 14.66 -3.70
C GLN A 88 -11.32 14.22 -4.99
N PHE A 89 -10.51 13.73 -5.93
CA PHE A 89 -11.03 13.26 -7.22
C PHE A 89 -11.52 11.82 -7.12
N ALA A 90 -10.87 11.04 -6.25
CA ALA A 90 -11.23 9.64 -6.07
C ALA A 90 -11.70 9.38 -4.64
N PRO A 91 -12.64 8.45 -4.44
CA PRO A 91 -13.16 8.11 -3.12
C PRO A 91 -12.16 7.31 -2.29
N GLY A 92 -11.54 6.32 -2.93
CA GLY A 92 -10.57 5.49 -2.23
C GLY A 92 -9.32 6.27 -1.85
N GLN A 93 -8.27 5.54 -1.50
CA GLN A 93 -7.01 6.17 -1.11
C GLN A 93 -5.96 6.04 -2.22
N TRP A 94 -4.91 6.85 -2.12
CA TRP A 94 -3.85 6.83 -3.12
C TRP A 94 -2.50 7.13 -2.47
N ALA A 95 -1.44 7.10 -3.28
CA ALA A 95 -0.09 7.37 -2.78
C ALA A 95 0.77 7.99 -3.87
N GLY A 96 1.25 9.21 -3.63
CA GLY A 96 2.09 9.89 -4.59
C GLY A 96 3.55 9.62 -4.38
N ILE A 97 4.25 9.29 -5.47
CA ILE A 97 5.68 9.00 -5.40
C ILE A 97 6.45 9.80 -6.43
N VAL A 98 7.66 10.24 -6.06
CA VAL A 98 8.50 11.02 -6.96
C VAL A 98 9.53 10.14 -7.65
N LEU A 99 9.31 9.86 -8.93
CA LEU A 99 10.22 9.04 -9.70
C LEU A 99 11.55 9.74 -9.93
N ASP A 100 12.60 8.97 -10.16
CA ASP A 100 13.93 9.53 -10.39
C ASP A 100 14.24 9.63 -11.88
N GLU A 101 13.19 9.68 -12.69
CA GLU A 101 13.35 9.76 -14.14
C GLU A 101 12.03 10.16 -14.81
N PRO A 102 12.08 11.05 -15.82
CA PRO A 102 10.88 11.49 -16.53
C PRO A 102 10.10 10.33 -17.13
N ILE A 103 9.21 9.75 -16.32
CA ILE A 103 8.40 8.63 -16.78
C ILE A 103 7.14 8.48 -15.94
N GLY A 104 6.64 9.60 -15.43
CA GLY A 104 5.45 9.58 -14.61
C GLY A 104 4.19 9.87 -15.40
N LYS A 105 3.08 10.08 -14.70
CA LYS A 105 1.81 10.37 -15.36
C LYS A 105 1.04 11.45 -14.61
N ASN A 106 1.77 12.37 -13.97
CA ASN A 106 1.15 13.44 -13.22
C ASN A 106 2.19 14.49 -12.83
N ASP A 107 1.80 15.42 -11.97
CA ASP A 107 2.69 16.48 -11.52
C ASP A 107 2.33 16.94 -10.11
N GLY A 108 1.85 16.01 -9.30
CA GLY A 108 1.48 16.34 -7.94
C GLY A 108 0.32 17.31 -7.87
N SER A 109 -0.55 17.25 -8.89
CA SER A 109 -1.71 18.14 -8.94
C SER A 109 -2.82 17.52 -9.78
N VAL A 110 -3.99 17.35 -9.18
CA VAL A 110 -5.13 16.76 -9.86
C VAL A 110 -6.38 17.61 -9.67
N ALA A 111 -6.93 18.11 -10.78
CA ALA A 111 -8.13 18.94 -10.73
C ALA A 111 -7.89 20.20 -9.91
N GLY A 112 -6.71 20.79 -10.07
CA GLY A 112 -6.38 22.00 -9.33
C GLY A 112 -6.20 21.74 -7.85
N VAL A 113 -5.78 20.53 -7.51
CA VAL A 113 -5.55 20.16 -6.12
C VAL A 113 -4.13 19.70 -5.90
N ARG A 114 -3.37 20.47 -5.11
CA ARG A 114 -1.98 20.13 -4.81
C ARG A 114 -1.90 19.16 -3.65
N TYR A 115 -1.26 18.02 -3.87
CA TYR A 115 -1.10 17.01 -2.83
C TYR A 115 0.35 16.92 -2.37
N PHE A 116 1.28 17.23 -3.27
CA PHE A 116 2.70 17.18 -2.95
C PHE A 116 3.52 17.81 -4.07
N GLN A 117 4.39 18.75 -3.71
CA GLN A 117 5.24 19.43 -4.68
C GLN A 117 6.32 18.49 -5.21
N CYS A 118 6.39 18.36 -6.53
CA CYS A 118 7.37 17.49 -7.16
C CYS A 118 7.73 18.00 -8.56
N GLU A 119 8.61 17.28 -9.23
CA GLU A 119 9.04 17.64 -10.58
C GLU A 119 8.15 17.00 -11.63
N PRO A 120 8.00 17.64 -12.80
CA PRO A 120 7.16 17.12 -13.89
C PRO A 120 7.58 15.72 -14.32
N LEU A 121 6.60 14.89 -14.66
CA LEU A 121 6.86 13.52 -15.10
C LEU A 121 7.59 12.74 -14.01
N LYS A 122 7.31 13.08 -12.75
CA LYS A 122 7.93 12.41 -11.63
C LYS A 122 6.88 11.96 -10.61
N GLY A 123 5.96 12.84 -10.30
CA GLY A 123 4.90 12.52 -9.35
C GLY A 123 3.76 11.74 -9.98
N ILE A 124 3.48 10.57 -9.44
CA ILE A 124 2.41 9.72 -9.95
C ILE A 124 1.54 9.19 -8.83
N PHE A 125 0.25 9.02 -9.11
CA PHE A 125 -0.69 8.51 -8.11
C PHE A 125 -0.99 7.04 -8.35
N THR A 126 -0.83 6.23 -7.31
CA THR A 126 -1.09 4.80 -7.41
C THR A 126 -1.43 4.22 -6.04
N ARG A 127 -2.05 3.04 -6.05
CA ARG A 127 -2.44 2.38 -4.81
C ARG A 127 -1.21 1.92 -4.02
N PRO A 128 -1.18 2.19 -2.70
CA PRO A 128 -0.05 1.79 -1.85
C PRO A 128 0.23 0.30 -1.92
N SER A 129 -0.83 -0.49 -2.02
CA SER A 129 -0.70 -1.95 -2.09
C SER A 129 0.14 -2.36 -3.28
N LYS A 130 0.15 -1.54 -4.33
CA LYS A 130 0.93 -1.84 -5.53
C LYS A 130 2.42 -1.61 -5.29
N LEU A 131 2.73 -0.69 -4.38
CA LEU A 131 4.11 -0.38 -4.07
C LEU A 131 4.83 -1.61 -3.51
N THR A 132 6.15 -1.66 -3.69
CA THR A 132 6.95 -2.78 -3.20
C THR A 132 8.36 -2.33 -2.87
N ARG A 133 9.07 -3.15 -2.10
CA ARG A 133 10.45 -2.84 -1.72
C ARG A 133 11.43 -3.48 -2.68
N LYS A 134 12.26 -2.66 -3.31
CA LYS A 134 13.26 -3.15 -4.26
C LYS A 134 12.60 -3.94 -5.39
N VAL A 135 13.39 -4.27 -6.40
CA VAL A 135 12.88 -5.03 -7.55
C VAL A 135 12.82 -6.52 -7.24
N SER A 136 11.72 -7.16 -7.64
CA SER A 136 11.53 -8.58 -7.41
C SER A 136 11.92 -9.38 -8.65
N GLY A 137 11.61 -10.68 -8.63
CA GLY A 137 11.94 -11.53 -9.75
C GLY A 137 12.43 -12.90 -9.33
N PRO A 138 11.55 -13.92 -9.33
CA PRO A 138 11.91 -15.28 -8.93
C PRO A 138 12.87 -15.93 -9.92
N SER A 139 14.17 -15.85 -9.61
CA SER A 139 15.20 -16.43 -10.46
C SER A 139 15.16 -17.95 -10.41
N SER A 140 15.90 -18.59 -11.31
CA SER A 140 15.96 -20.04 -11.36
C SER A 140 14.57 -20.63 -11.63
N GLY A 141 14.02 -20.30 -12.79
CA GLY A 141 12.70 -20.80 -13.15
C GLY A 141 12.15 -20.15 -14.40
N GLY A 1 -14.89 7.83 48.13
CA GLY A 1 -13.95 8.41 49.13
C GLY A 1 -12.79 9.13 48.48
N SER A 2 -13.08 10.21 47.75
CA SER A 2 -12.06 10.99 47.09
C SER A 2 -11.30 10.14 46.07
N SER A 3 -10.37 10.76 45.35
CA SER A 3 -9.58 10.06 44.35
C SER A 3 -8.22 9.66 44.92
N GLY A 4 -8.21 9.28 46.19
CA GLY A 4 -6.97 8.87 46.83
C GLY A 4 -6.90 9.30 48.29
N SER A 5 -6.51 10.55 48.52
CA SER A 5 -6.40 11.09 49.87
C SER A 5 -5.38 10.29 50.68
N SER A 6 -4.12 10.68 50.58
CA SER A 6 -3.04 10.01 51.31
C SER A 6 -2.98 10.51 52.75
N GLY A 7 -3.12 11.82 52.93
CA GLY A 7 -3.06 12.40 54.26
C GLY A 7 -1.86 13.31 54.45
N MET A 8 -1.82 14.39 53.68
CA MET A 8 -0.72 15.34 53.77
C MET A 8 -1.11 16.69 53.18
N SER A 9 -1.20 17.70 54.03
CA SER A 9 -1.56 19.04 53.58
C SER A 9 -0.34 19.93 53.47
N MET A 10 -0.22 20.65 52.35
CA MET A 10 0.91 21.53 52.12
C MET A 10 0.62 22.50 50.97
N LEU A 11 0.12 21.96 49.87
CA LEU A 11 -0.21 22.77 48.70
C LEU A 11 -1.50 22.30 48.06
N LYS A 12 -2.04 23.13 47.15
CA LYS A 12 -3.28 22.79 46.47
C LYS A 12 -3.02 22.47 45.00
N PRO A 13 -3.35 21.23 44.56
CA PRO A 13 -3.14 20.82 43.16
C PRO A 13 -4.09 21.52 42.20
N SER A 14 -3.70 21.56 40.93
CA SER A 14 -4.53 22.20 39.90
C SER A 14 -3.98 21.91 38.51
N GLY A 15 -4.88 21.76 37.55
CA GLY A 15 -4.47 21.47 36.19
C GLY A 15 -4.58 22.68 35.28
N LEU A 16 -3.49 23.02 34.60
CA LEU A 16 -3.48 24.16 33.70
C LEU A 16 -2.16 24.23 32.93
N LYS A 17 -1.63 23.07 32.57
CA LYS A 17 -0.37 23.00 31.83
C LYS A 17 -0.25 21.68 31.10
N ALA A 18 -0.51 21.69 29.80
CA ALA A 18 -0.43 20.48 28.98
C ALA A 18 1.01 20.01 28.84
N PRO A 19 1.89 20.85 28.25
CA PRO A 19 3.30 20.50 28.06
C PRO A 19 4.06 20.43 29.38
N THR A 20 5.23 19.80 29.35
CA THR A 20 6.06 19.65 30.54
C THR A 20 7.23 20.63 30.52
N LYS A 21 8.01 20.56 29.44
CA LYS A 21 9.17 21.44 29.30
C LYS A 21 8.95 22.46 28.18
N ILE A 22 8.94 21.97 26.94
CA ILE A 22 8.74 22.84 25.79
C ILE A 22 8.02 22.11 24.67
N LEU A 23 7.16 21.16 25.05
CA LEU A 23 6.39 20.38 24.09
C LEU A 23 5.04 21.04 23.81
N LYS A 24 4.16 20.30 23.15
CA LYS A 24 2.82 20.81 22.84
C LYS A 24 1.85 19.66 22.56
N PRO A 25 2.09 18.87 21.49
CA PRO A 25 1.22 17.75 21.13
C PRO A 25 1.15 16.71 22.24
N GLY A 26 0.39 15.64 22.02
CA GLY A 26 0.25 14.60 23.01
C GLY A 26 0.01 13.24 22.39
N SER A 27 -0.13 12.22 23.24
CA SER A 27 -0.36 10.85 22.77
C SER A 27 -1.62 10.28 23.40
N THR A 28 -1.79 10.49 24.70
CA THR A 28 -2.96 9.98 25.42
C THR A 28 -3.60 11.10 26.24
N ALA A 29 -4.77 11.55 25.79
CA ALA A 29 -5.50 12.61 26.48
C ALA A 29 -6.97 12.24 26.66
N LEU A 30 -7.27 11.53 27.74
CA LEU A 30 -8.64 11.11 28.03
C LEU A 30 -8.98 11.35 29.49
N LYS A 31 -10.25 11.20 29.83
CA LYS A 31 -10.71 11.40 31.20
C LYS A 31 -10.60 10.10 32.00
N THR A 32 -10.78 10.21 33.31
CA THR A 32 -10.71 9.05 34.20
C THR A 32 -11.96 8.93 35.06
N PRO A 33 -12.91 8.06 34.67
CA PRO A 33 -14.15 7.86 35.42
C PRO A 33 -13.90 7.58 36.89
N THR A 34 -12.71 7.07 37.21
CA THR A 34 -12.35 6.75 38.59
C THR A 34 -13.41 5.88 39.25
N ALA A 35 -13.30 4.57 39.06
CA ALA A 35 -14.24 3.63 39.65
C ALA A 35 -13.58 2.28 39.89
N VAL A 36 -12.28 2.30 40.17
CA VAL A 36 -11.53 1.08 40.44
C VAL A 36 -11.51 0.17 39.20
N VAL A 37 -10.48 0.33 38.38
CA VAL A 37 -10.34 -0.47 37.17
C VAL A 37 -11.49 -0.20 36.20
N ALA A 38 -11.26 -0.52 34.92
CA ALA A 38 -12.27 -0.31 33.90
C ALA A 38 -12.52 -1.60 33.12
N PRO A 39 -13.74 -2.17 33.24
CA PRO A 39 -14.09 -3.41 32.53
C PRO A 39 -14.22 -3.21 31.02
N VAL A 40 -14.79 -2.08 30.63
CA VAL A 40 -14.97 -1.76 29.21
C VAL A 40 -14.17 -0.52 28.83
N GLU A 41 -14.22 -0.16 27.54
CA GLU A 41 -13.51 1.01 27.04
C GLU A 41 -12.00 0.85 27.27
N LYS A 42 -11.31 0.33 26.25
CA LYS A 42 -9.88 0.12 26.34
C LYS A 42 -9.15 1.46 26.42
N THR A 43 -7.90 1.42 26.87
CA THR A 43 -7.09 2.63 27.00
C THR A 43 -5.83 2.53 26.15
N ILE A 44 -5.94 1.90 24.98
CA ILE A 44 -4.82 1.74 24.09
C ILE A 44 -4.82 2.82 23.00
N SER A 45 -3.97 3.83 23.17
CA SER A 45 -3.88 4.91 22.21
C SER A 45 -2.82 4.61 21.14
N SER A 46 -1.72 3.99 21.56
CA SER A 46 -0.64 3.65 20.64
C SER A 46 -1.02 2.44 19.78
N GLU A 47 -0.83 2.58 18.47
CA GLU A 47 -1.15 1.49 17.55
C GLU A 47 -0.22 1.50 16.35
N LYS A 48 1.04 1.90 16.59
CA LYS A 48 2.03 1.95 15.52
C LYS A 48 2.52 0.55 15.17
N ALA A 49 3.21 0.44 14.04
CA ALA A 49 3.74 -0.84 13.59
C ALA A 49 5.24 -0.93 13.83
N SER A 50 5.66 -1.91 14.64
CA SER A 50 7.07 -2.10 14.95
C SER A 50 7.55 -3.46 14.48
N SER A 51 7.07 -4.52 15.12
CA SER A 51 7.44 -5.88 14.78
C SER A 51 8.94 -6.11 15.00
N THR A 52 9.27 -7.30 15.49
CA THR A 52 10.67 -7.63 15.75
C THR A 52 11.41 -7.93 14.45
N PRO A 53 10.88 -8.83 13.61
CA PRO A 53 11.52 -9.19 12.34
C PRO A 53 11.27 -8.14 11.26
N SER A 54 12.27 -7.93 10.41
CA SER A 54 12.17 -6.96 9.33
C SER A 54 12.31 -7.63 7.97
N SER A 55 11.72 -7.02 6.95
CA SER A 55 11.77 -7.55 5.59
C SER A 55 11.06 -8.90 5.51
N GLU A 56 11.73 -9.96 5.98
CA GLU A 56 11.17 -11.30 5.97
C GLU A 56 10.92 -11.77 4.54
N THR A 57 11.55 -12.88 4.17
CA THR A 57 11.39 -13.44 2.83
C THR A 57 10.37 -14.55 2.82
N GLN A 58 9.30 -14.38 3.60
CA GLN A 58 8.24 -15.38 3.68
C GLN A 58 6.92 -14.82 3.16
N GLU A 59 6.46 -13.74 3.78
CA GLU A 59 5.21 -13.12 3.38
C GLU A 59 4.96 -11.85 4.19
N GLU A 60 4.12 -10.96 3.65
CA GLU A 60 3.79 -9.71 4.33
C GLU A 60 2.57 -9.05 3.71
N PHE A 61 1.67 -8.58 4.56
CA PHE A 61 0.45 -7.93 4.09
C PHE A 61 0.41 -6.46 4.51
N VAL A 62 1.03 -5.61 3.71
CA VAL A 62 1.07 -4.18 3.99
C VAL A 62 -0.18 -3.48 3.50
N ASP A 63 -0.69 -2.54 4.29
CA ASP A 63 -1.89 -1.80 3.94
C ASP A 63 -1.67 -0.30 4.10
N ASP A 64 -0.42 0.12 3.99
CA ASP A 64 -0.06 1.54 4.11
C ASP A 64 1.44 1.75 3.96
N PHE A 65 1.86 3.00 3.92
CA PHE A 65 3.28 3.33 3.79
C PHE A 65 3.60 4.62 4.54
N ARG A 66 4.87 5.01 4.51
CA ARG A 66 5.32 6.22 5.18
C ARG A 66 5.83 7.25 4.17
N VAL A 67 5.77 8.52 4.55
CA VAL A 67 6.23 9.59 3.67
C VAL A 67 7.74 9.80 3.81
N GLY A 68 8.47 9.50 2.75
CA GLY A 68 9.91 9.67 2.76
C GLY A 68 10.64 8.34 2.73
N GLU A 69 10.19 7.43 1.88
CA GLU A 69 10.81 6.12 1.76
C GLU A 69 10.88 5.70 0.29
N ARG A 70 11.87 4.86 -0.02
CA ARG A 70 12.05 4.38 -1.38
C ARG A 70 11.10 3.23 -1.69
N VAL A 71 10.27 3.41 -2.71
CA VAL A 71 9.30 2.39 -3.10
C VAL A 71 9.30 2.19 -4.61
N TRP A 72 8.97 0.98 -5.05
CA TRP A 72 8.92 0.66 -6.46
C TRP A 72 7.49 0.43 -6.93
N VAL A 73 6.96 1.36 -7.71
CA VAL A 73 5.60 1.24 -8.22
C VAL A 73 5.50 0.15 -9.28
N ASN A 74 4.47 -0.68 -9.17
CA ASN A 74 4.26 -1.76 -10.12
C ASN A 74 5.43 -2.75 -10.09
N GLY A 75 6.22 -2.70 -9.02
CA GLY A 75 7.36 -3.60 -8.90
C GLY A 75 8.47 -3.28 -9.88
N ASN A 76 8.57 -2.01 -10.27
CA ASN A 76 9.60 -1.58 -11.21
C ASN A 76 9.52 -0.08 -11.46
N LYS A 77 9.57 0.71 -10.39
CA LYS A 77 9.51 2.16 -10.50
C LYS A 77 10.00 2.83 -9.22
N PRO A 78 11.32 2.94 -9.04
CA PRO A 78 11.92 3.56 -7.86
C PRO A 78 11.51 5.03 -7.71
N GLY A 79 11.14 5.41 -6.49
CA GLY A 79 10.72 6.78 -6.24
C GLY A 79 10.65 7.10 -4.75
N PHE A 80 9.94 8.16 -4.41
CA PHE A 80 9.80 8.56 -3.02
C PHE A 80 8.37 9.00 -2.73
N ILE A 81 7.81 8.49 -1.62
CA ILE A 81 6.45 8.82 -1.23
C ILE A 81 6.38 10.22 -0.63
N GLN A 82 5.45 11.02 -1.12
CA GLN A 82 5.27 12.39 -0.62
C GLN A 82 3.88 12.58 -0.03
N PHE A 83 2.88 12.01 -0.68
CA PHE A 83 1.50 12.12 -0.22
C PHE A 83 0.93 10.74 0.10
N LEU A 84 0.23 10.64 1.23
CA LEU A 84 -0.38 9.38 1.64
C LEU A 84 -1.71 9.61 2.32
N GLY A 85 -2.81 9.26 1.65
CA GLY A 85 -4.13 9.45 2.21
C GLY A 85 -5.19 9.62 1.14
N GLU A 86 -6.35 10.11 1.55
CA GLU A 86 -7.45 10.32 0.62
C GLU A 86 -7.14 11.44 -0.36
N THR A 87 -7.93 11.54 -1.43
CA THR A 87 -7.73 12.57 -2.43
C THR A 87 -9.04 13.29 -2.74
N GLN A 88 -9.01 14.14 -3.75
CA GLN A 88 -10.21 14.90 -4.15
C GLN A 88 -10.51 14.71 -5.63
N PHE A 89 -9.92 13.68 -6.23
CA PHE A 89 -10.15 13.40 -7.64
C PHE A 89 -10.78 12.03 -7.84
N ALA A 90 -10.41 11.09 -6.98
CA ALA A 90 -10.94 9.73 -7.06
C ALA A 90 -11.09 9.12 -5.67
N PRO A 91 -12.10 8.24 -5.49
CA PRO A 91 -12.34 7.58 -4.20
C PRO A 91 -11.27 6.55 -3.86
N GLY A 92 -11.36 5.99 -2.66
CA GLY A 92 -10.40 5.00 -2.23
C GLY A 92 -9.13 5.62 -1.69
N GLN A 93 -8.10 4.80 -1.48
CA GLN A 93 -6.82 5.28 -0.97
C GLN A 93 -5.82 5.47 -2.10
N TRP A 94 -4.99 6.49 -1.97
CA TRP A 94 -3.98 6.79 -2.98
C TRP A 94 -2.62 7.06 -2.34
N ALA A 95 -1.59 7.10 -3.15
CA ALA A 95 -0.23 7.36 -2.67
C ALA A 95 0.64 7.97 -3.75
N GLY A 96 1.05 9.22 -3.53
CA GLY A 96 1.88 9.91 -4.50
C GLY A 96 3.35 9.54 -4.37
N ILE A 97 4.00 9.25 -5.48
CA ILE A 97 5.41 8.88 -5.47
C ILE A 97 6.18 9.62 -6.57
N VAL A 98 7.32 10.17 -6.21
CA VAL A 98 8.14 10.91 -7.16
C VAL A 98 9.19 10.00 -7.81
N LEU A 99 9.09 9.84 -9.13
CA LEU A 99 10.03 9.00 -9.87
C LEU A 99 11.35 9.73 -10.11
N ASP A 100 12.29 9.03 -10.73
CA ASP A 100 13.60 9.61 -11.03
C ASP A 100 13.71 9.99 -12.50
N GLU A 101 13.02 9.23 -13.35
CA GLU A 101 13.04 9.50 -14.79
C GLU A 101 11.69 10.06 -15.26
N PRO A 102 11.68 10.77 -16.40
CA PRO A 102 10.47 11.36 -16.96
C PRO A 102 9.54 10.32 -17.55
N ILE A 103 9.06 9.40 -16.70
CA ILE A 103 8.16 8.35 -17.15
C ILE A 103 6.88 8.33 -16.31
N GLY A 104 6.48 9.50 -15.83
CA GLY A 104 5.28 9.60 -15.02
C GLY A 104 4.08 10.09 -15.81
N LYS A 105 3.08 10.60 -15.11
CA LYS A 105 1.87 11.11 -15.75
C LYS A 105 1.39 12.39 -15.06
N ASN A 106 1.33 12.35 -13.74
CA ASN A 106 0.88 13.50 -12.96
C ASN A 106 2.06 14.36 -12.53
N ASP A 107 1.77 15.56 -12.04
CA ASP A 107 2.81 16.48 -11.59
C ASP A 107 2.56 16.93 -10.15
N GLY A 108 2.23 15.97 -9.29
CA GLY A 108 1.96 16.29 -7.90
C GLY A 108 0.74 17.18 -7.72
N SER A 109 -0.18 17.10 -8.67
CA SER A 109 -1.40 17.90 -8.62
C SER A 109 -2.48 17.30 -9.51
N VAL A 110 -3.73 17.47 -9.11
CA VAL A 110 -4.86 16.94 -9.87
C VAL A 110 -5.91 18.02 -10.11
N ALA A 111 -5.99 18.49 -11.35
CA ALA A 111 -6.95 19.53 -11.72
C ALA A 111 -6.73 20.80 -10.90
N GLY A 112 -5.47 21.04 -10.53
CA GLY A 112 -5.15 22.22 -9.76
C GLY A 112 -4.89 21.91 -8.30
N VAL A 113 -5.50 20.83 -7.81
CA VAL A 113 -5.33 20.42 -6.42
C VAL A 113 -3.92 19.90 -6.17
N ARG A 114 -3.13 20.68 -5.43
CA ARG A 114 -1.76 20.30 -5.12
C ARG A 114 -1.72 19.35 -3.92
N TYR A 115 -1.00 18.25 -4.08
CA TYR A 115 -0.88 17.26 -3.00
C TYR A 115 0.55 17.20 -2.48
N PHE A 116 1.51 17.20 -3.40
CA PHE A 116 2.92 17.14 -3.03
C PHE A 116 3.80 17.69 -4.16
N GLN A 117 4.65 18.65 -3.82
CA GLN A 117 5.56 19.25 -4.80
C GLN A 117 6.53 18.21 -5.36
N CYS A 118 6.63 18.15 -6.68
CA CYS A 118 7.52 17.20 -7.34
C CYS A 118 7.85 17.66 -8.75
N GLU A 119 8.78 16.97 -9.39
CA GLU A 119 9.20 17.31 -10.75
C GLU A 119 8.18 16.80 -11.78
N PRO A 120 8.05 17.50 -12.91
CA PRO A 120 7.10 17.11 -13.97
C PRO A 120 7.34 15.69 -14.46
N LEU A 121 6.25 14.96 -14.71
CA LEU A 121 6.34 13.59 -15.19
C LEU A 121 7.09 12.72 -14.19
N LYS A 122 6.86 12.96 -12.90
CA LYS A 122 7.52 12.20 -11.85
C LYS A 122 6.51 11.74 -10.79
N GLY A 123 5.77 12.69 -10.25
CA GLY A 123 4.78 12.38 -9.23
C GLY A 123 3.58 11.66 -9.80
N ILE A 124 3.44 10.39 -9.48
CA ILE A 124 2.31 9.59 -9.97
C ILE A 124 1.45 9.09 -8.80
N PHE A 125 0.14 9.02 -9.03
CA PHE A 125 -0.79 8.55 -8.01
C PHE A 125 -1.16 7.09 -8.23
N THR A 126 -0.73 6.23 -7.31
CA THR A 126 -1.02 4.81 -7.39
C THR A 126 -1.41 4.24 -6.03
N ARG A 127 -1.85 2.99 -6.02
CA ARG A 127 -2.25 2.33 -4.78
C ARG A 127 -1.03 1.87 -3.98
N PRO A 128 -1.04 2.05 -2.65
CA PRO A 128 0.07 1.64 -1.79
C PRO A 128 0.39 0.17 -1.93
N SER A 129 -0.65 -0.67 -2.00
CA SER A 129 -0.48 -2.10 -2.12
C SER A 129 0.31 -2.46 -3.38
N LYS A 130 0.20 -1.60 -4.40
CA LYS A 130 0.90 -1.83 -5.67
C LYS A 130 2.39 -1.57 -5.51
N LEU A 131 2.75 -0.73 -4.54
CA LEU A 131 4.15 -0.38 -4.30
C LEU A 131 4.91 -1.58 -3.72
N THR A 132 6.22 -1.61 -3.95
CA THR A 132 7.05 -2.70 -3.46
C THR A 132 8.45 -2.19 -3.12
N ARG A 133 9.09 -2.81 -2.14
CA ARG A 133 10.43 -2.43 -1.73
C ARG A 133 11.49 -3.14 -2.57
N LYS A 134 12.36 -2.36 -3.20
CA LYS A 134 13.42 -2.92 -4.03
C LYS A 134 12.83 -3.72 -5.19
N VAL A 135 13.64 -3.95 -6.22
CA VAL A 135 13.21 -4.70 -7.39
C VAL A 135 13.37 -6.20 -7.15
N SER A 136 12.25 -6.93 -7.27
CA SER A 136 12.26 -8.37 -7.07
C SER A 136 11.35 -9.06 -8.07
N GLY A 137 11.31 -8.54 -9.29
CA GLY A 137 10.48 -9.12 -10.33
C GLY A 137 11.19 -10.21 -11.11
N PRO A 138 12.09 -9.83 -12.02
CA PRO A 138 12.85 -10.79 -12.84
C PRO A 138 13.86 -11.58 -12.02
N SER A 139 14.69 -12.36 -12.70
CA SER A 139 15.71 -13.16 -12.03
C SER A 139 17.07 -12.49 -12.12
N SER A 140 17.92 -12.76 -11.14
CA SER A 140 19.26 -12.18 -11.11
C SER A 140 20.21 -13.04 -10.28
N GLY A 141 19.76 -13.43 -9.10
CA GLY A 141 20.59 -14.25 -8.22
C GLY A 141 19.87 -15.52 -7.77
N GLY A 1 9.93 -8.26 -26.18
CA GLY A 1 10.04 -8.96 -24.87
C GLY A 1 9.34 -10.31 -24.87
N SER A 2 10.11 -11.37 -25.13
CA SER A 2 9.56 -12.71 -25.16
C SER A 2 9.87 -13.45 -23.87
N SER A 3 11.16 -13.67 -23.60
CA SER A 3 11.59 -14.36 -22.39
C SER A 3 11.02 -15.78 -22.35
N GLY A 4 10.87 -16.38 -23.52
CA GLY A 4 10.34 -17.74 -23.60
C GLY A 4 11.43 -18.78 -23.60
N SER A 5 12.41 -18.61 -24.48
CA SER A 5 13.51 -19.56 -24.58
C SER A 5 14.78 -18.86 -25.05
N SER A 6 14.73 -18.30 -26.25
CA SER A 6 15.88 -17.59 -26.81
C SER A 6 15.43 -16.54 -27.82
N GLY A 7 16.37 -15.68 -28.22
CA GLY A 7 16.04 -14.64 -29.18
C GLY A 7 15.71 -15.19 -30.55
N MET A 8 15.50 -14.30 -31.52
CA MET A 8 15.16 -14.71 -32.88
C MET A 8 16.09 -14.04 -33.89
N SER A 9 16.40 -14.75 -34.96
CA SER A 9 17.28 -14.23 -36.00
C SER A 9 16.53 -13.23 -36.89
N MET A 10 17.23 -12.17 -37.28
CA MET A 10 16.63 -11.14 -38.12
C MET A 10 17.35 -11.05 -39.46
N LEU A 11 16.68 -10.48 -40.45
CA LEU A 11 17.26 -10.32 -41.78
C LEU A 11 17.08 -8.90 -42.30
N LYS A 12 18.11 -8.08 -42.14
CA LYS A 12 18.06 -6.69 -42.59
C LYS A 12 16.93 -5.93 -41.89
N PRO A 13 17.21 -5.41 -40.69
CA PRO A 13 16.21 -4.66 -39.91
C PRO A 13 15.88 -3.31 -40.55
N SER A 14 16.85 -2.76 -41.28
CA SER A 14 16.68 -1.47 -41.92
C SER A 14 17.70 -1.28 -43.05
N GLY A 15 17.32 -0.50 -44.05
CA GLY A 15 18.22 -0.26 -45.17
C GLY A 15 19.00 1.02 -45.01
N LEU A 16 19.45 1.30 -43.79
CA LEU A 16 20.20 2.52 -43.51
C LEU A 16 21.34 2.23 -42.53
N LYS A 17 22.53 2.74 -42.84
CA LYS A 17 23.69 2.53 -41.99
C LYS A 17 23.70 3.54 -40.84
N ALA A 18 22.67 3.48 -40.00
CA ALA A 18 22.55 4.39 -38.87
C ALA A 18 21.54 3.87 -37.85
N PRO A 19 21.54 4.43 -36.63
CA PRO A 19 20.62 4.02 -35.57
C PRO A 19 19.16 4.33 -35.93
N THR A 20 18.32 3.31 -35.91
CA THR A 20 16.90 3.47 -36.23
C THR A 20 16.04 3.27 -34.99
N LYS A 21 15.00 4.09 -34.87
CA LYS A 21 14.09 4.00 -33.72
C LYS A 21 12.91 4.95 -33.90
N ILE A 22 11.82 4.66 -33.22
CA ILE A 22 10.62 5.49 -33.29
C ILE A 22 10.46 6.35 -32.05
N LEU A 23 10.67 7.66 -32.21
CA LEU A 23 10.55 8.59 -31.10
C LEU A 23 9.13 9.12 -30.99
N LYS A 24 8.71 9.88 -32.00
CA LYS A 24 7.36 10.45 -32.01
C LYS A 24 6.35 9.46 -32.57
N PRO A 25 6.62 8.90 -33.77
CA PRO A 25 5.72 7.94 -34.40
C PRO A 25 5.35 6.79 -33.47
N GLY A 26 4.53 5.87 -33.97
CA GLY A 26 4.11 4.73 -33.17
C GLY A 26 4.22 3.42 -33.91
N SER A 27 3.09 2.87 -34.33
CA SER A 27 3.06 1.61 -35.05
C SER A 27 2.06 1.66 -36.20
N THR A 28 0.80 1.91 -35.87
CA THR A 28 -0.26 1.97 -36.87
C THR A 28 -0.90 3.36 -36.89
N ALA A 29 -0.52 4.16 -37.89
CA ALA A 29 -1.06 5.52 -38.01
C ALA A 29 -2.48 5.49 -38.59
N LEU A 30 -2.73 4.51 -39.45
CA LEU A 30 -4.05 4.37 -40.07
C LEU A 30 -4.97 3.50 -39.22
N LYS A 31 -6.27 3.64 -39.44
CA LYS A 31 -7.25 2.86 -38.70
C LYS A 31 -7.83 1.74 -39.55
N THR A 32 -7.53 0.50 -39.19
CA THR A 32 -8.02 -0.66 -39.92
C THR A 32 -7.54 -0.62 -41.37
N PRO A 33 -6.37 -1.22 -41.65
CA PRO A 33 -5.80 -1.25 -43.00
C PRO A 33 -6.61 -2.13 -43.94
N THR A 34 -6.47 -1.89 -45.24
CA THR A 34 -7.19 -2.66 -46.25
C THR A 34 -8.69 -2.51 -46.08
N ALA A 35 -9.45 -2.92 -47.09
CA ALA A 35 -10.90 -2.82 -47.06
C ALA A 35 -11.54 -4.19 -46.85
N VAL A 36 -11.56 -4.65 -45.60
CA VAL A 36 -12.14 -5.95 -45.26
C VAL A 36 -11.80 -7.02 -46.29
N VAL A 37 -10.70 -7.74 -46.06
CA VAL A 37 -10.28 -8.79 -46.98
C VAL A 37 -10.82 -10.15 -46.54
N ALA A 38 -11.58 -10.78 -47.42
CA ALA A 38 -12.16 -12.09 -47.12
C ALA A 38 -13.11 -12.02 -45.94
N PRO A 39 -14.18 -12.83 -45.95
CA PRO A 39 -15.17 -12.85 -44.87
C PRO A 39 -14.64 -13.54 -43.62
N VAL A 40 -13.78 -14.54 -43.81
CA VAL A 40 -13.21 -15.29 -42.71
C VAL A 40 -11.79 -14.80 -42.40
N GLU A 41 -11.24 -15.27 -41.28
CA GLU A 41 -9.90 -14.89 -40.87
C GLU A 41 -9.50 -15.63 -39.60
N LYS A 42 -8.32 -16.26 -39.65
CA LYS A 42 -7.81 -17.01 -38.50
C LYS A 42 -7.08 -16.08 -37.53
N THR A 43 -7.08 -16.46 -36.25
CA THR A 43 -6.42 -15.66 -35.22
C THR A 43 -6.23 -16.48 -33.95
N ILE A 44 -5.04 -17.06 -33.80
CA ILE A 44 -4.72 -17.87 -32.63
C ILE A 44 -3.28 -18.38 -32.67
N SER A 45 -2.63 -18.38 -31.52
CA SER A 45 -1.24 -18.86 -31.44
C SER A 45 -1.10 -19.93 -30.36
N SER A 46 -2.16 -20.69 -30.15
CA SER A 46 -2.15 -21.75 -29.14
C SER A 46 -1.86 -21.18 -27.76
N GLU A 47 -2.11 -22.00 -26.73
CA GLU A 47 -1.88 -21.59 -25.36
C GLU A 47 -2.78 -20.42 -24.98
N LYS A 48 -3.46 -20.54 -23.83
CA LYS A 48 -4.36 -19.50 -23.35
C LYS A 48 -3.82 -18.86 -22.08
N ALA A 49 -2.49 -18.82 -21.96
CA ALA A 49 -1.85 -18.23 -20.79
C ALA A 49 -2.22 -18.98 -19.51
N SER A 50 -2.72 -20.20 -19.67
CA SER A 50 -3.12 -21.01 -18.52
C SER A 50 -3.98 -20.22 -17.55
N SER A 51 -5.25 -20.02 -17.89
CA SER A 51 -6.16 -19.28 -17.05
C SER A 51 -6.80 -20.18 -16.00
N THR A 52 -6.14 -20.31 -14.86
CA THR A 52 -6.64 -21.16 -13.77
C THR A 52 -7.72 -20.43 -12.97
N PRO A 53 -8.73 -21.16 -12.48
CA PRO A 53 -9.82 -20.58 -11.69
C PRO A 53 -9.38 -20.20 -10.28
N SER A 54 -9.06 -18.93 -10.08
CA SER A 54 -8.64 -18.44 -8.77
C SER A 54 -9.46 -17.23 -8.35
N SER A 55 -9.81 -17.19 -7.07
CA SER A 55 -10.61 -16.09 -6.53
C SER A 55 -10.24 -15.81 -5.07
N GLU A 56 -10.19 -14.53 -4.72
CA GLU A 56 -9.85 -14.14 -3.36
C GLU A 56 -10.52 -12.81 -3.00
N THR A 57 -11.35 -12.84 -1.96
CA THR A 57 -12.05 -11.65 -1.51
C THR A 57 -11.32 -10.99 -0.35
N GLN A 58 -10.00 -10.97 -0.42
CA GLN A 58 -9.18 -10.37 0.64
C GLN A 58 -8.99 -8.88 0.39
N GLU A 59 -9.65 -8.06 1.19
CA GLU A 59 -9.56 -6.61 1.05
C GLU A 59 -8.92 -5.99 2.30
N GLU A 60 -8.33 -4.81 2.14
CA GLU A 60 -7.69 -4.11 3.24
C GLU A 60 -7.26 -2.71 2.83
N PHE A 61 -7.12 -1.82 3.81
CA PHE A 61 -6.72 -0.44 3.55
C PHE A 61 -5.29 -0.39 3.04
N VAL A 62 -4.46 -1.31 3.51
CA VAL A 62 -3.06 -1.37 3.11
C VAL A 62 -2.38 -0.01 3.27
N ASP A 63 -1.90 0.26 4.48
CA ASP A 63 -1.23 1.53 4.77
C ASP A 63 0.06 1.30 5.53
N ASP A 64 0.91 0.42 5.00
CA ASP A 64 2.19 0.11 5.62
C ASP A 64 3.32 0.89 4.97
N PHE A 65 3.02 2.10 4.53
CA PHE A 65 4.01 2.96 3.89
C PHE A 65 4.11 4.30 4.61
N ARG A 66 5.30 4.90 4.57
CA ARG A 66 5.54 6.19 5.22
C ARG A 66 6.06 7.21 4.21
N VAL A 67 5.86 8.48 4.51
CA VAL A 67 6.32 9.56 3.64
C VAL A 67 7.84 9.68 3.67
N GLY A 68 8.45 9.72 2.49
CA GLY A 68 9.89 9.83 2.40
C GLY A 68 10.57 8.48 2.36
N GLU A 69 9.86 7.48 1.84
CA GLU A 69 10.41 6.12 1.75
C GLU A 69 10.63 5.73 0.29
N ARG A 70 11.50 4.75 0.08
CA ARG A 70 11.80 4.27 -1.27
C ARG A 70 10.94 3.07 -1.63
N VAL A 71 10.11 3.23 -2.64
CA VAL A 71 9.22 2.16 -3.09
C VAL A 71 9.28 1.98 -4.60
N TRP A 72 8.81 0.84 -5.08
CA TRP A 72 8.81 0.55 -6.51
C TRP A 72 7.39 0.48 -7.05
N VAL A 73 6.98 1.51 -7.79
CA VAL A 73 5.64 1.56 -8.37
C VAL A 73 5.47 0.47 -9.43
N ASN A 74 4.42 -0.33 -9.27
CA ASN A 74 4.15 -1.41 -10.21
C ASN A 74 5.25 -2.47 -10.19
N GLY A 75 6.08 -2.43 -9.13
CA GLY A 75 7.17 -3.38 -9.02
C GLY A 75 8.23 -3.19 -10.09
N ASN A 76 8.48 -1.93 -10.45
CA ASN A 76 9.48 -1.62 -11.46
C ASN A 76 9.61 -0.11 -11.67
N LYS A 77 9.56 0.64 -10.58
CA LYS A 77 9.65 2.10 -10.65
C LYS A 77 10.01 2.68 -9.29
N PRO A 78 11.30 2.83 -8.98
CA PRO A 78 11.76 3.39 -7.71
C PRO A 78 11.42 4.87 -7.57
N GLY A 79 11.05 5.28 -6.36
CA GLY A 79 10.71 6.66 -6.11
C GLY A 79 10.53 6.96 -4.64
N PHE A 80 10.15 8.20 -4.33
CA PHE A 80 9.94 8.61 -2.95
C PHE A 80 8.50 9.06 -2.73
N ILE A 81 7.83 8.41 -1.77
CA ILE A 81 6.44 8.74 -1.46
C ILE A 81 6.35 10.11 -0.78
N GLN A 82 5.49 10.97 -1.31
CA GLN A 82 5.30 12.31 -0.75
C GLN A 82 3.94 12.42 -0.06
N PHE A 83 2.88 12.15 -0.81
CA PHE A 83 1.52 12.22 -0.26
C PHE A 83 1.03 10.84 0.15
N LEU A 84 0.24 10.80 1.21
CA LEU A 84 -0.31 9.54 1.71
C LEU A 84 -1.61 9.78 2.47
N GLY A 85 -2.73 9.41 1.84
CA GLY A 85 -4.02 9.60 2.46
C GLY A 85 -5.17 9.35 1.50
N GLU A 86 -6.20 10.20 1.57
CA GLU A 86 -7.36 10.07 0.70
C GLU A 86 -7.45 11.24 -0.27
N THR A 87 -7.73 10.95 -1.53
CA THR A 87 -7.84 11.98 -2.55
C THR A 87 -9.26 12.56 -2.59
N GLN A 88 -9.47 13.52 -3.48
CA GLN A 88 -10.77 14.16 -3.61
C GLN A 88 -11.42 13.81 -4.95
N PHE A 89 -10.60 13.64 -5.97
CA PHE A 89 -11.09 13.29 -7.30
C PHE A 89 -11.54 11.84 -7.36
N ALA A 90 -10.74 10.95 -6.77
CA ALA A 90 -11.06 9.53 -6.76
C ALA A 90 -11.31 9.04 -5.33
N PRO A 91 -12.37 8.25 -5.12
CA PRO A 91 -12.69 7.72 -3.80
C PRO A 91 -11.79 6.55 -3.39
N GLY A 92 -11.02 6.75 -2.34
CA GLY A 92 -10.12 5.70 -1.87
C GLY A 92 -8.82 6.25 -1.34
N GLN A 93 -7.90 5.36 -0.98
CA GLN A 93 -6.60 5.77 -0.46
C GLN A 93 -5.55 5.78 -1.57
N TRP A 94 -4.80 6.87 -1.64
CA TRP A 94 -3.76 7.02 -2.65
C TRP A 94 -2.42 7.40 -2.02
N ALA A 95 -1.37 7.40 -2.83
CA ALA A 95 -0.03 7.75 -2.35
C ALA A 95 0.85 8.25 -3.48
N GLY A 96 1.20 9.53 -3.43
CA GLY A 96 2.04 10.10 -4.46
C GLY A 96 3.51 9.78 -4.27
N ILE A 97 4.19 9.44 -5.36
CA ILE A 97 5.60 9.09 -5.30
C ILE A 97 6.41 9.92 -6.32
N VAL A 98 7.66 10.19 -5.98
CA VAL A 98 8.53 10.97 -6.86
C VAL A 98 9.60 10.08 -7.48
N LEU A 99 9.62 10.03 -8.81
CA LEU A 99 10.59 9.22 -9.54
C LEU A 99 11.88 10.00 -9.77
N ASP A 100 12.93 9.28 -10.16
CA ASP A 100 14.22 9.90 -10.41
C ASP A 100 14.45 10.12 -11.91
N GLU A 101 13.36 10.36 -12.63
CA GLU A 101 13.43 10.58 -14.07
C GLU A 101 12.08 11.01 -14.63
N PRO A 102 12.07 11.82 -15.70
CA PRO A 102 10.84 12.29 -16.33
C PRO A 102 10.09 11.17 -17.05
N ILE A 103 9.65 10.17 -16.29
CA ILE A 103 8.91 9.04 -16.86
C ILE A 103 7.66 8.73 -16.05
N GLY A 104 7.08 9.77 -15.46
CA GLY A 104 5.88 9.58 -14.67
C GLY A 104 4.62 9.67 -15.50
N LYS A 105 3.48 9.86 -14.83
CA LYS A 105 2.20 9.95 -15.53
C LYS A 105 1.36 11.08 -14.95
N ASN A 106 2.02 12.12 -14.44
CA ASN A 106 1.33 13.26 -13.86
C ASN A 106 2.33 14.31 -13.37
N ASP A 107 1.84 15.29 -12.63
CA ASP A 107 2.69 16.35 -12.10
C ASP A 107 2.40 16.59 -10.61
N GLY A 108 2.04 15.53 -9.90
CA GLY A 108 1.75 15.65 -8.49
C GLY A 108 0.56 16.55 -8.22
N SER A 109 -0.39 16.58 -9.15
CA SER A 109 -1.57 17.40 -9.01
C SER A 109 -2.74 16.82 -9.81
N VAL A 110 -3.93 16.86 -9.23
CA VAL A 110 -5.13 16.33 -9.88
C VAL A 110 -6.34 17.19 -9.58
N ALA A 111 -7.07 17.56 -10.63
CA ALA A 111 -8.26 18.39 -10.48
C ALA A 111 -7.91 19.74 -9.84
N GLY A 112 -6.74 20.26 -10.17
CA GLY A 112 -6.32 21.53 -9.62
C GLY A 112 -6.12 21.47 -8.12
N VAL A 113 -5.79 20.29 -7.61
CA VAL A 113 -5.57 20.11 -6.18
C VAL A 113 -4.14 19.65 -5.90
N ARG A 114 -3.35 20.53 -5.31
CA ARG A 114 -1.96 20.22 -4.99
C ARG A 114 -1.89 19.26 -3.79
N TYR A 115 -1.24 18.12 -3.99
CA TYR A 115 -1.10 17.14 -2.93
C TYR A 115 0.35 17.05 -2.46
N PHE A 116 1.28 17.10 -3.42
CA PHE A 116 2.70 17.02 -3.10
C PHE A 116 3.53 17.68 -4.20
N GLN A 117 4.22 18.76 -3.86
CA GLN A 117 5.06 19.47 -4.82
C GLN A 117 6.15 18.56 -5.37
N CYS A 118 6.23 18.48 -6.70
CA CYS A 118 7.24 17.63 -7.34
C CYS A 118 7.49 18.09 -8.78
N GLU A 119 8.53 17.57 -9.39
CA GLU A 119 8.87 17.92 -10.77
C GLU A 119 7.91 17.25 -11.75
N PRO A 120 7.70 17.87 -12.93
CA PRO A 120 6.81 17.33 -13.96
C PRO A 120 7.26 15.95 -14.45
N LEU A 121 6.29 15.10 -14.78
CA LEU A 121 6.58 13.76 -15.27
C LEU A 121 7.33 12.94 -14.22
N LYS A 122 6.90 13.04 -12.97
CA LYS A 122 7.53 12.31 -11.87
C LYS A 122 6.48 11.86 -10.85
N GLY A 123 5.63 12.80 -10.43
CA GLY A 123 4.60 12.48 -9.47
C GLY A 123 3.47 11.66 -10.07
N ILE A 124 3.46 10.37 -9.78
CA ILE A 124 2.42 9.48 -10.29
C ILE A 124 1.50 9.02 -9.18
N PHE A 125 0.19 9.04 -9.45
CA PHE A 125 -0.80 8.62 -8.47
C PHE A 125 -1.21 7.18 -8.71
N THR A 126 -0.87 6.30 -7.76
CA THR A 126 -1.22 4.89 -7.87
C THR A 126 -1.63 4.33 -6.51
N ARG A 127 -2.08 3.08 -6.51
CA ARG A 127 -2.52 2.43 -5.27
C ARG A 127 -1.33 1.92 -4.48
N PRO A 128 -1.37 2.04 -3.14
CA PRO A 128 -0.29 1.59 -2.26
C PRO A 128 0.05 0.11 -2.48
N SER A 129 -0.98 -0.69 -2.75
CA SER A 129 -0.79 -2.12 -2.97
C SER A 129 0.16 -2.38 -4.14
N LYS A 130 0.21 -1.44 -5.07
CA LYS A 130 1.08 -1.58 -6.24
C LYS A 130 2.54 -1.35 -5.86
N LEU A 131 2.75 -0.54 -4.83
CA LEU A 131 4.10 -0.22 -4.36
C LEU A 131 4.77 -1.47 -3.76
N THR A 132 6.05 -1.64 -4.04
CA THR A 132 6.80 -2.78 -3.53
C THR A 132 8.22 -2.37 -3.14
N ARG A 133 8.84 -3.17 -2.27
CA ARG A 133 10.19 -2.90 -1.81
C ARG A 133 11.22 -3.56 -2.73
N LYS A 134 12.04 -2.74 -3.39
CA LYS A 134 13.06 -3.25 -4.28
C LYS A 134 12.44 -4.09 -5.39
N VAL A 135 13.23 -4.35 -6.44
CA VAL A 135 12.76 -5.16 -7.57
C VAL A 135 12.82 -6.64 -7.25
N SER A 136 11.68 -7.31 -7.33
CA SER A 136 11.60 -8.74 -7.05
C SER A 136 11.27 -9.53 -8.31
N GLY A 137 10.37 -8.98 -9.13
CA GLY A 137 9.98 -9.64 -10.36
C GLY A 137 9.11 -10.86 -10.12
N PRO A 138 7.86 -10.65 -9.69
CA PRO A 138 6.92 -11.76 -9.42
C PRO A 138 6.83 -12.73 -10.59
N SER A 139 6.86 -12.19 -11.80
CA SER A 139 6.77 -12.99 -13.02
C SER A 139 5.37 -13.60 -13.16
N SER A 140 5.04 -14.53 -12.27
CA SER A 140 3.74 -15.20 -12.30
C SER A 140 3.35 -15.69 -10.91
N GLY A 141 4.28 -16.36 -10.25
CA GLY A 141 4.02 -16.87 -8.91
C GLY A 141 3.84 -18.38 -8.90
N GLY A 1 64.69 -12.82 -10.00
CA GLY A 1 63.44 -13.61 -9.93
C GLY A 1 63.57 -14.81 -9.00
N SER A 2 62.96 -14.72 -7.82
CA SER A 2 63.02 -15.80 -6.85
C SER A 2 61.61 -16.21 -6.42
N SER A 3 60.80 -15.23 -6.02
CA SER A 3 59.43 -15.50 -5.59
C SER A 3 58.55 -15.87 -6.78
N GLY A 4 58.87 -15.31 -7.94
CA GLY A 4 58.09 -15.60 -9.14
C GLY A 4 56.68 -15.06 -9.05
N SER A 5 56.11 -14.74 -10.21
CA SER A 5 54.75 -14.21 -10.26
C SER A 5 53.87 -15.05 -11.18
N SER A 6 53.22 -16.05 -10.59
CA SER A 6 52.35 -16.94 -11.36
C SER A 6 51.45 -17.75 -10.42
N GLY A 7 52.04 -18.28 -9.36
CA GLY A 7 51.28 -19.07 -8.41
C GLY A 7 52.08 -20.25 -7.87
N MET A 8 52.40 -20.19 -6.58
CA MET A 8 53.17 -21.25 -5.93
C MET A 8 52.57 -21.60 -4.58
N SER A 9 52.30 -20.58 -3.78
CA SER A 9 51.72 -20.79 -2.46
C SER A 9 50.38 -20.05 -2.32
N MET A 10 49.81 -20.10 -1.12
CA MET A 10 48.53 -19.44 -0.86
C MET A 10 48.75 -18.07 -0.22
N LEU A 11 48.26 -17.03 -0.88
CA LEU A 11 48.39 -15.67 -0.36
C LEU A 11 47.09 -14.90 -0.51
N LYS A 12 46.19 -15.10 0.46
CA LYS A 12 44.90 -14.43 0.44
C LYS A 12 44.29 -14.39 1.84
N PRO A 13 44.43 -13.25 2.56
CA PRO A 13 43.89 -13.10 3.91
C PRO A 13 42.37 -13.06 3.93
N SER A 14 41.75 -14.17 3.52
CA SER A 14 40.30 -14.28 3.50
C SER A 14 39.69 -13.21 2.59
N GLY A 15 38.37 -13.25 2.44
CA GLY A 15 37.70 -12.29 1.59
C GLY A 15 36.18 -12.37 1.72
N LEU A 16 35.70 -12.48 2.95
CA LEU A 16 34.27 -12.56 3.22
C LEU A 16 33.84 -11.49 4.21
N LYS A 17 33.39 -10.34 3.69
CA LYS A 17 32.94 -9.25 4.53
C LYS A 17 32.15 -8.23 3.72
N ALA A 18 30.98 -7.84 4.24
CA ALA A 18 30.13 -6.88 3.56
C ALA A 18 29.15 -6.23 4.54
N PRO A 19 29.52 -5.08 5.13
CA PRO A 19 28.66 -4.36 6.08
C PRO A 19 27.25 -4.15 5.54
N THR A 20 27.12 -4.09 4.23
CA THR A 20 25.82 -3.90 3.59
C THR A 20 25.23 -5.22 3.14
N LYS A 21 23.93 -5.39 3.34
CA LYS A 21 23.25 -6.62 2.96
C LYS A 21 21.98 -6.32 2.18
N ILE A 22 21.49 -7.31 1.44
CA ILE A 22 20.28 -7.14 0.66
C ILE A 22 19.03 -7.06 1.54
N LEU A 23 19.08 -7.77 2.66
CA LEU A 23 17.96 -7.79 3.61
C LEU A 23 18.27 -6.94 4.84
N LYS A 24 17.31 -6.83 5.73
CA LYS A 24 17.48 -6.05 6.95
C LYS A 24 16.70 -6.68 8.11
N PRO A 25 17.41 -7.20 9.13
CA PRO A 25 16.78 -7.81 10.30
C PRO A 25 16.03 -6.80 11.16
N GLY A 26 15.23 -7.31 12.10
CA GLY A 26 14.48 -6.44 12.98
C GLY A 26 15.30 -5.94 14.16
N SER A 27 15.03 -4.72 14.59
CA SER A 27 15.75 -4.12 15.72
C SER A 27 14.80 -3.35 16.62
N THR A 28 15.16 -3.24 17.90
CA THR A 28 14.34 -2.52 18.87
C THR A 28 15.06 -1.28 19.37
N ALA A 29 14.46 -0.59 20.34
CA ALA A 29 15.05 0.61 20.91
C ALA A 29 15.14 1.72 19.86
N LEU A 30 14.82 2.94 20.28
CA LEU A 30 14.87 4.08 19.37
C LEU A 30 13.92 3.89 18.19
N LYS A 31 12.81 3.22 18.45
CA LYS A 31 11.81 2.96 17.41
C LYS A 31 10.42 3.33 17.90
N THR A 32 10.09 2.93 19.11
CA THR A 32 8.78 3.22 19.69
C THR A 32 8.86 4.43 20.62
N PRO A 33 7.77 5.22 20.68
CA PRO A 33 7.72 6.42 21.53
C PRO A 33 7.59 6.07 23.02
N THR A 34 8.71 6.12 23.73
CA THR A 34 8.73 5.80 25.15
C THR A 34 9.51 6.86 25.93
N ALA A 35 9.56 6.68 27.24
CA ALA A 35 10.28 7.62 28.10
C ALA A 35 11.02 6.89 29.22
N VAL A 36 11.99 7.56 29.81
CA VAL A 36 12.79 6.97 30.90
C VAL A 36 12.01 6.99 32.21
N VAL A 37 11.58 5.81 32.66
CA VAL A 37 10.83 5.69 33.90
C VAL A 37 11.25 4.44 34.67
N ALA A 38 11.69 4.64 35.91
CA ALA A 38 12.12 3.53 36.76
C ALA A 38 11.01 2.51 36.95
N PRO A 39 9.85 2.96 37.48
CA PRO A 39 8.70 2.10 37.73
C PRO A 39 7.83 1.93 36.48
N VAL A 40 8.05 0.83 35.75
CA VAL A 40 7.28 0.56 34.55
C VAL A 40 6.57 -0.78 34.65
N GLU A 41 5.25 -0.77 34.44
CA GLU A 41 4.45 -1.98 34.50
C GLU A 41 3.65 -2.17 33.22
N LYS A 42 3.72 -3.38 32.66
CA LYS A 42 3.00 -3.70 31.43
C LYS A 42 1.77 -4.54 31.72
N THR A 43 1.16 -4.33 32.88
CA THR A 43 -0.02 -5.07 33.28
C THR A 43 -1.21 -4.71 32.39
N ILE A 44 -1.66 -5.67 31.59
CA ILE A 44 -2.78 -5.45 30.70
C ILE A 44 -4.00 -6.25 31.14
N SER A 45 -5.18 -5.80 30.73
CA SER A 45 -6.43 -6.46 31.10
C SER A 45 -7.44 -6.38 29.96
N SER A 46 -8.02 -7.52 29.61
CA SER A 46 -9.01 -7.57 28.54
C SER A 46 -10.03 -8.68 28.78
N GLU A 47 -11.28 -8.42 28.43
CA GLU A 47 -12.35 -9.39 28.61
C GLU A 47 -13.45 -9.20 27.56
N LYS A 48 -14.17 -8.09 27.66
CA LYS A 48 -15.24 -7.80 26.72
C LYS A 48 -14.83 -6.67 25.77
N ALA A 49 -14.39 -7.05 24.58
CA ALA A 49 -13.97 -6.07 23.57
C ALA A 49 -13.71 -6.75 22.23
N SER A 50 -14.78 -7.01 21.49
CA SER A 50 -14.65 -7.65 20.18
C SER A 50 -16.02 -7.77 19.50
N SER A 51 -16.80 -6.69 19.56
CA SER A 51 -18.12 -6.66 18.95
C SER A 51 -18.28 -5.47 18.01
N THR A 52 -17.16 -4.91 17.57
CA THR A 52 -17.17 -3.77 16.67
C THR A 52 -17.14 -4.21 15.21
N PRO A 53 -16.16 -5.05 14.84
CA PRO A 53 -16.02 -5.54 13.46
C PRO A 53 -17.30 -6.19 12.95
N SER A 54 -17.49 -6.15 11.63
CA SER A 54 -18.68 -6.74 11.03
C SER A 54 -18.32 -8.01 10.24
N SER A 55 -17.44 -8.82 10.82
CA SER A 55 -17.02 -10.06 10.18
C SER A 55 -16.32 -9.77 8.86
N GLU A 56 -14.99 -9.75 8.88
CA GLU A 56 -14.20 -9.49 7.69
C GLU A 56 -13.56 -10.77 7.15
N THR A 57 -14.01 -11.20 5.99
CA THR A 57 -13.48 -12.42 5.38
C THR A 57 -12.68 -12.09 4.12
N GLN A 58 -11.64 -12.87 3.86
CA GLN A 58 -10.79 -12.66 2.69
C GLN A 58 -10.15 -11.28 2.73
N GLU A 59 -8.85 -11.24 3.03
CA GLU A 59 -8.11 -9.99 3.10
C GLU A 59 -6.90 -10.01 2.18
N GLU A 60 -6.03 -9.03 2.33
CA GLU A 60 -4.82 -8.94 1.51
C GLU A 60 -3.63 -8.48 2.34
N PHE A 61 -2.43 -8.65 1.79
CA PHE A 61 -1.21 -8.25 2.48
C PHE A 61 -0.75 -6.87 2.03
N VAL A 62 -0.87 -5.89 2.93
CA VAL A 62 -0.47 -4.53 2.62
C VAL A 62 0.62 -4.05 3.58
N ASP A 63 1.57 -3.29 3.04
CA ASP A 63 2.68 -2.77 3.85
C ASP A 63 2.36 -1.37 4.36
N ASP A 64 3.00 -1.00 5.47
CA ASP A 64 2.78 0.31 6.08
C ASP A 64 3.82 1.31 5.60
N PHE A 65 3.54 1.95 4.47
CA PHE A 65 4.46 2.94 3.91
C PHE A 65 4.33 4.28 4.62
N ARG A 66 5.33 5.13 4.48
CA ARG A 66 5.32 6.45 5.11
C ARG A 66 5.69 7.53 4.10
N VAL A 67 5.81 8.77 4.58
CA VAL A 67 6.15 9.89 3.73
C VAL A 67 7.65 10.15 3.73
N GLY A 68 8.25 10.15 2.53
CA GLY A 68 9.68 10.39 2.42
C GLY A 68 10.47 9.09 2.39
N GLU A 69 9.85 8.03 1.89
CA GLU A 69 10.50 6.73 1.81
C GLU A 69 10.67 6.30 0.35
N ARG A 70 11.47 5.26 0.14
CA ARG A 70 11.70 4.75 -1.20
C ARG A 70 10.77 3.58 -1.51
N VAL A 71 10.06 3.68 -2.63
CA VAL A 71 9.13 2.63 -3.03
C VAL A 71 9.20 2.39 -4.53
N TRP A 72 8.72 1.22 -4.96
CA TRP A 72 8.73 0.87 -6.38
C TRP A 72 7.31 0.78 -6.92
N VAL A 73 6.91 1.76 -7.72
CA VAL A 73 5.58 1.78 -8.30
C VAL A 73 5.43 0.68 -9.34
N ASN A 74 4.32 -0.06 -9.25
CA ASN A 74 4.05 -1.15 -10.19
C ASN A 74 5.10 -2.25 -10.06
N GLY A 75 5.84 -2.24 -8.95
CA GLY A 75 6.86 -3.25 -8.73
C GLY A 75 8.01 -3.16 -9.72
N ASN A 76 8.29 -1.95 -10.19
CA ASN A 76 9.37 -1.73 -11.14
C ASN A 76 9.53 -0.25 -11.48
N LYS A 77 9.44 0.59 -10.45
CA LYS A 77 9.57 2.04 -10.63
C LYS A 77 9.94 2.72 -9.33
N PRO A 78 11.25 2.86 -9.03
CA PRO A 78 11.72 3.50 -7.81
C PRO A 78 11.33 4.97 -7.73
N GLY A 79 10.95 5.41 -6.54
CA GLY A 79 10.55 6.80 -6.34
C GLY A 79 10.54 7.19 -4.88
N PHE A 80 9.81 8.26 -4.57
CA PHE A 80 9.71 8.76 -3.20
C PHE A 80 8.27 9.14 -2.87
N ILE A 81 7.74 8.53 -1.81
CA ILE A 81 6.37 8.81 -1.38
C ILE A 81 6.26 10.19 -0.74
N GLN A 82 5.32 10.99 -1.22
CA GLN A 82 5.11 12.32 -0.69
C GLN A 82 3.73 12.46 -0.05
N PHE A 83 2.74 11.84 -0.69
CA PHE A 83 1.36 11.89 -0.19
C PHE A 83 0.90 10.51 0.27
N LEU A 84 0.08 10.48 1.31
CA LEU A 84 -0.43 9.22 1.83
C LEU A 84 -1.80 9.42 2.50
N GLY A 85 -2.85 9.03 1.79
CA GLY A 85 -4.20 9.17 2.32
C GLY A 85 -5.26 9.11 1.25
N GLU A 86 -6.21 10.04 1.30
CA GLU A 86 -7.29 10.09 0.33
C GLU A 86 -7.17 11.33 -0.55
N THR A 87 -7.84 11.30 -1.70
CA THR A 87 -7.82 12.43 -2.62
C THR A 87 -9.20 13.06 -2.75
N GLN A 88 -9.30 14.07 -3.60
CA GLN A 88 -10.57 14.77 -3.82
C GLN A 88 -11.13 14.47 -5.21
N PHE A 89 -10.23 14.24 -6.16
CA PHE A 89 -10.64 13.93 -7.54
C PHE A 89 -11.24 12.53 -7.63
N ALA A 90 -10.73 11.62 -6.82
CA ALA A 90 -11.22 10.25 -6.82
C ALA A 90 -11.08 9.61 -5.43
N PRO A 91 -12.19 9.05 -4.89
CA PRO A 91 -12.19 8.42 -3.57
C PRO A 91 -11.12 7.33 -3.45
N GLY A 92 -11.20 6.55 -2.39
CA GLY A 92 -10.25 5.47 -2.18
C GLY A 92 -8.92 5.97 -1.63
N GLN A 93 -8.00 5.05 -1.40
CA GLN A 93 -6.69 5.40 -0.88
C GLN A 93 -5.67 5.55 -2.00
N TRP A 94 -4.86 6.59 -1.94
CA TRP A 94 -3.85 6.86 -2.95
C TRP A 94 -2.51 7.19 -2.31
N ALA A 95 -1.44 7.07 -3.10
CA ALA A 95 -0.10 7.36 -2.61
C ALA A 95 0.77 7.96 -3.71
N GLY A 96 1.08 9.25 -3.58
CA GLY A 96 1.90 9.91 -4.57
C GLY A 96 3.38 9.61 -4.40
N ILE A 97 4.01 9.15 -5.48
CA ILE A 97 5.42 8.82 -5.46
C ILE A 97 6.19 9.57 -6.54
N VAL A 98 7.38 10.05 -6.19
CA VAL A 98 8.21 10.79 -7.14
C VAL A 98 9.30 9.89 -7.72
N LEU A 99 9.16 9.58 -9.01
CA LEU A 99 10.14 8.73 -9.69
C LEU A 99 11.39 9.52 -10.03
N ASP A 100 12.37 8.84 -10.63
CA ASP A 100 13.62 9.47 -11.00
C ASP A 100 13.82 9.45 -12.53
N GLU A 101 12.71 9.33 -13.25
CA GLU A 101 12.76 9.30 -14.72
C GLU A 101 11.48 9.86 -15.32
N PRO A 102 11.54 10.36 -16.56
CA PRO A 102 10.38 10.94 -17.25
C PRO A 102 9.42 9.86 -17.76
N ILE A 103 8.93 9.03 -16.84
CA ILE A 103 8.01 7.96 -17.20
C ILE A 103 6.64 8.17 -16.56
N GLY A 104 6.61 8.93 -15.47
CA GLY A 104 5.35 9.19 -14.79
C GLY A 104 4.30 9.81 -15.70
N LYS A 105 3.21 10.28 -15.11
CA LYS A 105 2.13 10.89 -15.88
C LYS A 105 1.71 12.22 -15.26
N ASN A 106 1.53 12.22 -13.94
CA ASN A 106 1.12 13.43 -13.23
C ASN A 106 2.32 14.12 -12.58
N ASP A 107 2.07 15.28 -12.00
CA ASP A 107 3.14 16.05 -11.34
C ASP A 107 2.73 16.44 -9.92
N GLY A 108 1.91 15.60 -9.29
CA GLY A 108 1.47 15.88 -7.94
C GLY A 108 0.48 17.03 -7.89
N SER A 109 -0.30 17.19 -8.94
CA SER A 109 -1.29 18.26 -9.00
C SER A 109 -2.45 17.89 -9.93
N VAL A 110 -3.67 17.98 -9.43
CA VAL A 110 -4.85 17.64 -10.21
C VAL A 110 -5.95 18.68 -10.02
N ALA A 111 -6.30 19.37 -11.10
CA ALA A 111 -7.35 20.39 -11.05
C ALA A 111 -6.98 21.49 -10.06
N GLY A 112 -5.69 21.73 -9.89
CA GLY A 112 -5.23 22.76 -8.97
C GLY A 112 -4.91 22.21 -7.60
N VAL A 113 -5.46 21.04 -7.28
CA VAL A 113 -5.22 20.42 -5.98
C VAL A 113 -3.81 19.85 -5.90
N ARG A 114 -2.93 20.55 -5.20
CA ARG A 114 -1.55 20.11 -5.05
C ARG A 114 -1.41 19.17 -3.87
N TYR A 115 -0.85 17.98 -4.14
CA TYR A 115 -0.66 16.97 -3.10
C TYR A 115 0.82 16.87 -2.72
N PHE A 116 1.69 17.02 -3.70
CA PHE A 116 3.13 16.94 -3.47
C PHE A 116 3.91 17.53 -4.64
N GLN A 117 4.78 18.49 -4.35
CA GLN A 117 5.59 19.13 -5.37
C GLN A 117 6.66 18.19 -5.89
N CYS A 118 6.61 17.87 -7.18
CA CYS A 118 7.59 16.98 -7.79
C CYS A 118 7.86 17.38 -9.23
N GLU A 119 8.87 16.75 -9.84
CA GLU A 119 9.22 17.05 -11.22
C GLU A 119 8.21 16.45 -12.18
N PRO A 120 8.01 17.09 -13.35
CA PRO A 120 7.05 16.61 -14.36
C PRO A 120 7.35 15.20 -14.83
N LEU A 121 6.30 14.43 -15.10
CA LEU A 121 6.46 13.05 -15.56
C LEU A 121 7.17 12.19 -14.51
N LYS A 122 6.72 12.30 -13.27
CA LYS A 122 7.31 11.52 -12.19
C LYS A 122 6.28 11.21 -11.12
N GLY A 123 5.58 12.25 -10.66
CA GLY A 123 4.56 12.07 -9.64
C GLY A 123 3.37 11.28 -10.14
N ILE A 124 3.30 10.01 -9.75
CA ILE A 124 2.20 9.14 -10.16
C ILE A 124 1.41 8.64 -8.96
N PHE A 125 0.09 8.66 -9.07
CA PHE A 125 -0.79 8.20 -8.00
C PHE A 125 -1.15 6.73 -8.18
N THR A 126 -0.55 5.87 -7.36
CA THR A 126 -0.82 4.44 -7.43
C THR A 126 -1.15 3.87 -6.05
N ARG A 127 -1.75 2.68 -6.04
CA ARG A 127 -2.12 2.04 -4.79
C ARG A 127 -0.88 1.60 -4.01
N PRO A 128 -0.84 1.85 -2.69
CA PRO A 128 0.31 1.47 -1.86
C PRO A 128 0.61 -0.02 -1.95
N SER A 129 -0.44 -0.84 -2.02
CA SER A 129 -0.28 -2.29 -2.10
C SER A 129 0.53 -2.68 -3.34
N LYS A 130 0.47 -1.84 -4.37
CA LYS A 130 1.19 -2.09 -5.61
C LYS A 130 2.69 -1.81 -5.43
N LEU A 131 2.99 -0.86 -4.56
CA LEU A 131 4.39 -0.49 -4.29
C LEU A 131 5.17 -1.68 -3.76
N THR A 132 6.49 -1.65 -3.94
CA THR A 132 7.35 -2.73 -3.47
C THR A 132 8.66 -2.17 -2.91
N ARG A 133 9.53 -3.06 -2.45
CA ARG A 133 10.80 -2.66 -1.88
C ARG A 133 11.97 -3.25 -2.69
N LYS A 134 12.73 -2.38 -3.35
CA LYS A 134 13.86 -2.81 -4.15
C LYS A 134 13.42 -3.80 -5.24
N VAL A 135 12.29 -3.52 -5.86
CA VAL A 135 11.76 -4.38 -6.92
C VAL A 135 11.44 -5.76 -6.38
N SER A 136 10.48 -6.43 -7.01
CA SER A 136 10.07 -7.76 -6.60
C SER A 136 10.99 -8.83 -7.21
N GLY A 137 11.56 -9.66 -6.35
CA GLY A 137 12.46 -10.70 -6.81
C GLY A 137 13.89 -10.22 -6.95
N PRO A 138 14.71 -10.90 -7.78
CA PRO A 138 16.11 -10.53 -8.00
C PRO A 138 16.24 -9.22 -8.77
N SER A 139 17.25 -8.43 -8.42
CA SER A 139 17.49 -7.15 -9.08
C SER A 139 18.58 -7.29 -10.14
N SER A 140 18.58 -8.42 -10.83
CA SER A 140 19.57 -8.67 -11.86
C SER A 140 18.93 -9.37 -13.07
N GLY A 141 18.35 -10.54 -12.82
CA GLY A 141 17.71 -11.29 -13.89
C GLY A 141 16.20 -11.21 -13.83
N GLY A 1 21.11 10.58 -34.96
CA GLY A 1 20.37 10.73 -33.68
C GLY A 1 20.98 9.93 -32.55
N SER A 2 21.47 10.63 -31.53
CA SER A 2 22.09 9.97 -30.38
C SER A 2 21.04 9.34 -29.48
N SER A 3 20.56 8.16 -29.88
CA SER A 3 19.55 7.44 -29.10
C SER A 3 20.15 6.86 -27.83
N GLY A 4 19.94 7.57 -26.72
CA GLY A 4 20.48 7.10 -25.45
C GLY A 4 19.38 6.72 -24.47
N SER A 5 18.33 6.08 -24.98
CA SER A 5 17.21 5.65 -24.15
C SER A 5 17.33 4.17 -23.80
N SER A 6 18.56 3.70 -23.68
CA SER A 6 18.81 2.30 -23.35
C SER A 6 20.28 2.08 -22.98
N GLY A 7 20.64 2.48 -21.76
CA GLY A 7 22.01 2.33 -21.31
C GLY A 7 22.20 1.08 -20.47
N MET A 8 21.38 0.07 -20.71
CA MET A 8 21.47 -1.18 -19.97
C MET A 8 20.67 -2.29 -20.68
N SER A 9 20.50 -3.40 -19.98
CA SER A 9 19.75 -4.54 -20.54
C SER A 9 18.28 -4.19 -20.70
N MET A 10 17.70 -4.59 -21.82
CA MET A 10 16.29 -4.33 -22.11
C MET A 10 15.41 -5.42 -21.51
N LEU A 11 14.30 -5.01 -20.90
CA LEU A 11 13.37 -5.96 -20.29
C LEU A 11 11.98 -5.35 -20.18
N LYS A 12 11.61 -4.54 -21.17
CA LYS A 12 10.30 -3.90 -21.19
C LYS A 12 9.30 -4.72 -22.00
N PRO A 13 8.03 -4.73 -21.58
CA PRO A 13 6.98 -5.49 -22.27
C PRO A 13 6.92 -5.16 -23.75
N SER A 14 6.02 -5.84 -24.47
CA SER A 14 5.86 -5.63 -25.90
C SER A 14 4.41 -5.84 -26.32
N GLY A 15 3.72 -4.74 -26.60
CA GLY A 15 2.32 -4.83 -27.02
C GLY A 15 1.37 -4.60 -25.86
N LEU A 16 0.73 -5.67 -25.40
CA LEU A 16 -0.22 -5.58 -24.30
C LEU A 16 0.46 -5.92 -22.97
N LYS A 17 -0.03 -5.32 -21.89
CA LYS A 17 0.52 -5.56 -20.56
C LYS A 17 -0.37 -6.50 -19.76
N ALA A 18 -0.45 -7.75 -20.20
CA ALA A 18 -1.27 -8.75 -19.53
C ALA A 18 -2.73 -8.33 -19.49
N PRO A 19 -3.61 -9.01 -20.24
CA PRO A 19 -5.05 -8.69 -20.28
C PRO A 19 -5.65 -8.57 -18.89
N THR A 20 -6.74 -7.82 -18.78
CA THR A 20 -7.41 -7.61 -17.49
C THR A 20 -8.67 -8.47 -17.41
N LYS A 21 -9.00 -8.90 -16.20
CA LYS A 21 -10.18 -9.71 -15.97
C LYS A 21 -11.23 -8.95 -15.17
N ILE A 22 -12.33 -9.61 -14.86
CA ILE A 22 -13.42 -8.99 -14.11
C ILE A 22 -14.04 -9.99 -13.12
N LEU A 23 -13.88 -9.72 -11.84
CA LEU A 23 -14.42 -10.59 -10.79
C LEU A 23 -15.54 -9.88 -10.03
N LYS A 24 -16.77 -10.32 -10.26
CA LYS A 24 -17.92 -9.74 -9.59
C LYS A 24 -19.16 -10.63 -9.73
N PRO A 25 -19.34 -11.59 -8.79
CA PRO A 25 -20.48 -12.50 -8.82
C PRO A 25 -21.81 -11.78 -8.97
N GLY A 26 -22.03 -10.77 -8.11
CA GLY A 26 -23.26 -10.01 -8.16
C GLY A 26 -24.48 -10.88 -7.92
N SER A 27 -24.88 -11.01 -6.66
CA SER A 27 -26.04 -11.82 -6.30
C SER A 27 -26.95 -11.06 -5.33
N THR A 28 -28.00 -11.72 -4.88
CA THR A 28 -28.95 -11.11 -3.94
C THR A 28 -29.60 -9.88 -4.57
N ALA A 29 -30.47 -9.23 -3.81
CA ALA A 29 -31.16 -8.03 -4.28
C ALA A 29 -30.17 -6.94 -4.67
N LEU A 30 -30.44 -6.29 -5.79
CA LEU A 30 -29.57 -5.21 -6.28
C LEU A 30 -30.37 -3.99 -6.68
N LYS A 31 -31.46 -4.21 -7.41
CA LYS A 31 -32.32 -3.12 -7.86
C LYS A 31 -33.73 -3.28 -7.30
N THR A 32 -34.31 -4.46 -7.48
CA THR A 32 -35.66 -4.72 -6.99
C THR A 32 -35.75 -6.13 -6.40
N PRO A 33 -35.85 -6.24 -5.06
CA PRO A 33 -35.95 -7.53 -4.38
C PRO A 33 -37.31 -8.18 -4.56
N THR A 34 -37.66 -8.47 -5.81
CA THR A 34 -38.94 -9.09 -6.12
C THR A 34 -38.95 -9.63 -7.55
N ALA A 35 -37.79 -10.07 -8.02
CA ALA A 35 -37.66 -10.61 -9.37
C ALA A 35 -38.48 -11.88 -9.53
N VAL A 36 -39.33 -11.91 -10.55
CA VAL A 36 -40.17 -13.06 -10.81
C VAL A 36 -41.15 -13.31 -9.66
N VAL A 37 -42.36 -13.75 -10.01
CA VAL A 37 -43.38 -14.03 -9.01
C VAL A 37 -43.13 -15.37 -8.32
N ALA A 38 -43.15 -15.36 -6.99
CA ALA A 38 -42.93 -16.57 -6.21
C ALA A 38 -43.78 -16.58 -4.94
N PRO A 39 -44.05 -17.77 -4.39
CA PRO A 39 -44.85 -17.90 -3.17
C PRO A 39 -44.13 -17.37 -1.94
N VAL A 40 -44.90 -16.91 -0.96
CA VAL A 40 -44.33 -16.37 0.27
C VAL A 40 -44.47 -17.36 1.42
N GLU A 41 -43.35 -17.83 1.95
CA GLU A 41 -43.34 -18.78 3.05
C GLU A 41 -42.06 -18.67 3.86
N LYS A 42 -42.20 -18.66 5.18
CA LYS A 42 -41.04 -18.57 6.07
C LYS A 42 -40.50 -19.95 6.41
N THR A 43 -39.48 -20.38 5.67
CA THR A 43 -38.87 -21.68 5.90
C THR A 43 -37.35 -21.58 5.89
N ILE A 44 -36.82 -20.57 6.56
CA ILE A 44 -35.38 -20.37 6.62
C ILE A 44 -34.80 -20.90 7.93
N SER A 45 -33.48 -21.08 7.96
CA SER A 45 -32.80 -21.59 9.14
C SER A 45 -31.76 -20.58 9.65
N SER A 46 -32.24 -19.56 10.36
CA SER A 46 -31.36 -18.54 10.90
C SER A 46 -31.21 -18.68 12.41
N GLU A 47 -30.12 -19.31 12.83
CA GLU A 47 -29.85 -19.52 14.26
C GLU A 47 -28.45 -20.06 14.48
N LYS A 48 -28.13 -20.38 15.73
CA LYS A 48 -26.82 -20.91 16.07
C LYS A 48 -25.71 -19.92 15.70
N ALA A 49 -26.03 -18.64 15.78
CA ALA A 49 -25.06 -17.60 15.45
C ALA A 49 -24.76 -16.72 16.66
N SER A 50 -23.50 -16.36 16.83
CA SER A 50 -23.07 -15.53 17.95
C SER A 50 -22.10 -14.44 17.49
N SER A 51 -20.99 -14.86 16.89
CA SER A 51 -19.99 -13.92 16.40
C SER A 51 -19.10 -14.58 15.36
N THR A 52 -18.51 -15.71 15.72
CA THR A 52 -17.62 -16.43 14.82
C THR A 52 -16.43 -15.58 14.42
N PRO A 53 -15.23 -15.89 14.93
CA PRO A 53 -14.00 -15.14 14.61
C PRO A 53 -13.58 -15.31 13.15
N SER A 54 -14.18 -16.27 12.47
CA SER A 54 -13.85 -16.54 11.07
C SER A 54 -12.42 -17.02 10.93
N SER A 55 -12.25 -18.29 10.58
CA SER A 55 -10.92 -18.87 10.41
C SER A 55 -10.16 -18.17 9.29
N GLU A 56 -8.84 -18.21 9.35
CA GLU A 56 -8.00 -17.58 8.35
C GLU A 56 -6.52 -17.85 8.61
N THR A 57 -5.92 -18.69 7.77
CA THR A 57 -4.51 -19.04 7.92
C THR A 57 -3.66 -18.34 6.87
N GLN A 58 -4.10 -17.14 6.47
CA GLN A 58 -3.38 -16.36 5.47
C GLN A 58 -3.01 -14.98 6.01
N GLU A 59 -3.99 -14.30 6.60
CA GLU A 59 -3.77 -12.98 7.16
C GLU A 59 -3.32 -11.99 6.08
N GLU A 60 -4.28 -11.32 5.47
CA GLU A 60 -3.98 -10.35 4.42
C GLU A 60 -3.82 -8.95 5.00
N PHE A 61 -2.62 -8.62 5.43
CA PHE A 61 -2.34 -7.30 6.00
C PHE A 61 -1.37 -6.52 5.12
N VAL A 62 -1.71 -5.26 4.84
CA VAL A 62 -0.87 -4.41 4.01
C VAL A 62 0.17 -3.68 4.85
N ASP A 63 1.39 -3.59 4.34
CA ASP A 63 2.47 -2.92 5.04
C ASP A 63 2.21 -1.42 5.12
N ASP A 64 2.53 -0.82 6.27
CA ASP A 64 2.33 0.60 6.47
C ASP A 64 3.41 1.40 5.75
N PHE A 65 2.99 2.32 4.89
CA PHE A 65 3.92 3.16 4.15
C PHE A 65 3.89 4.61 4.65
N ARG A 66 5.06 5.13 4.98
CA ARG A 66 5.17 6.50 5.47
C ARG A 66 5.71 7.43 4.40
N VAL A 67 5.28 8.69 4.44
CA VAL A 67 5.73 9.67 3.46
C VAL A 67 7.22 9.96 3.61
N GLY A 68 8.01 9.51 2.64
CA GLY A 68 9.44 9.74 2.68
C GLY A 68 10.22 8.43 2.67
N GLU A 69 9.78 7.49 1.83
CA GLU A 69 10.44 6.20 1.72
C GLU A 69 10.62 5.80 0.26
N ARG A 70 11.50 4.85 0.02
CA ARG A 70 11.76 4.38 -1.34
C ARG A 70 10.93 3.14 -1.66
N VAL A 71 10.13 3.23 -2.73
CA VAL A 71 9.28 2.13 -3.13
C VAL A 71 9.26 1.99 -4.66
N TRP A 72 8.95 0.79 -5.13
CA TRP A 72 8.89 0.53 -6.56
C TRP A 72 7.44 0.36 -7.03
N VAL A 73 6.99 1.28 -7.87
CA VAL A 73 5.62 1.23 -8.39
C VAL A 73 5.48 0.12 -9.42
N ASN A 74 4.46 -0.73 -9.24
CA ASN A 74 4.22 -1.83 -10.15
C ASN A 74 5.42 -2.76 -10.23
N GLY A 75 6.24 -2.74 -9.17
CA GLY A 75 7.42 -3.59 -9.14
C GLY A 75 8.43 -3.25 -10.22
N ASN A 76 8.51 -1.97 -10.57
CA ASN A 76 9.45 -1.52 -11.60
C ASN A 76 9.38 0.00 -11.77
N LYS A 77 9.49 0.73 -10.66
CA LYS A 77 9.44 2.19 -10.70
C LYS A 77 9.77 2.77 -9.32
N PRO A 78 11.05 3.01 -9.04
CA PRO A 78 11.49 3.57 -7.76
C PRO A 78 11.06 5.03 -7.60
N GLY A 79 10.98 5.47 -6.35
CA GLY A 79 10.57 6.85 -6.08
C GLY A 79 10.39 7.13 -4.61
N PHE A 80 10.02 8.36 -4.28
CA PHE A 80 9.81 8.76 -2.90
C PHE A 80 8.36 9.13 -2.64
N ILE A 81 7.78 8.56 -1.59
CA ILE A 81 6.38 8.83 -1.25
C ILE A 81 6.22 10.22 -0.66
N GLN A 82 5.37 11.03 -1.27
CA GLN A 82 5.12 12.38 -0.81
C GLN A 82 3.71 12.53 -0.28
N PHE A 83 2.77 11.86 -0.93
CA PHE A 83 1.36 11.91 -0.52
C PHE A 83 0.87 10.53 -0.11
N LEU A 84 0.08 10.48 0.96
CA LEU A 84 -0.47 9.23 1.46
C LEU A 84 -1.82 9.45 2.13
N GLY A 85 -2.88 8.98 1.47
CA GLY A 85 -4.22 9.14 2.03
C GLY A 85 -5.27 9.33 0.95
N GLU A 86 -6.39 9.93 1.32
CA GLU A 86 -7.48 10.19 0.39
C GLU A 86 -7.14 11.34 -0.55
N THR A 87 -8.03 11.63 -1.48
CA THR A 87 -7.82 12.72 -2.44
C THR A 87 -9.12 13.49 -2.68
N GLN A 88 -9.04 14.49 -3.55
CA GLN A 88 -10.22 15.31 -3.86
C GLN A 88 -10.72 15.04 -5.28
N PHE A 89 -10.22 13.97 -5.90
CA PHE A 89 -10.62 13.61 -7.25
C PHE A 89 -11.27 12.23 -7.27
N ALA A 90 -10.74 11.32 -6.45
CA ALA A 90 -11.28 9.97 -6.37
C ALA A 90 -11.28 9.45 -4.93
N PRO A 91 -12.43 8.97 -4.43
CA PRO A 91 -12.54 8.45 -3.06
C PRO A 91 -11.83 7.11 -2.89
N GLY A 92 -11.04 7.00 -1.83
CA GLY A 92 -10.31 5.77 -1.57
C GLY A 92 -8.98 6.01 -0.91
N GLN A 93 -7.90 5.64 -1.60
CA GLN A 93 -6.55 5.82 -1.09
C GLN A 93 -5.54 5.88 -2.21
N TRP A 94 -4.73 6.94 -2.22
CA TRP A 94 -3.72 7.13 -3.24
C TRP A 94 -2.40 7.58 -2.62
N ALA A 95 -1.31 6.91 -3.00
CA ALA A 95 0.01 7.24 -2.48
C ALA A 95 0.88 7.88 -3.55
N GLY A 96 1.09 9.19 -3.44
CA GLY A 96 1.90 9.89 -4.41
C GLY A 96 3.38 9.58 -4.27
N ILE A 97 4.06 9.41 -5.40
CA ILE A 97 5.49 9.10 -5.40
C ILE A 97 6.23 9.94 -6.42
N VAL A 98 7.51 10.18 -6.16
CA VAL A 98 8.34 10.98 -7.06
C VAL A 98 9.40 10.11 -7.74
N LEU A 99 9.21 9.87 -9.04
CA LEU A 99 10.15 9.06 -9.80
C LEU A 99 11.50 9.76 -9.92
N ASP A 100 12.56 8.97 -10.10
CA ASP A 100 13.91 9.52 -10.23
C ASP A 100 14.13 10.08 -11.63
N GLU A 101 13.43 9.52 -12.61
CA GLU A 101 13.56 9.95 -14.00
C GLU A 101 12.19 10.28 -14.60
N PRO A 102 12.14 11.26 -15.51
CA PRO A 102 10.88 11.66 -16.15
C PRO A 102 10.20 10.51 -16.88
N ILE A 103 9.44 9.71 -16.15
CA ILE A 103 8.75 8.56 -16.72
C ILE A 103 7.43 8.30 -16.01
N GLY A 104 6.80 9.36 -15.51
CA GLY A 104 5.54 9.23 -14.81
C GLY A 104 4.35 9.54 -15.69
N LYS A 105 3.34 10.19 -15.12
CA LYS A 105 2.13 10.55 -15.86
C LYS A 105 1.62 11.92 -15.44
N ASN A 106 1.58 12.16 -14.13
CA ASN A 106 1.11 13.43 -13.61
C ASN A 106 2.27 14.25 -13.06
N ASP A 107 1.96 15.42 -12.50
CA ASP A 107 2.97 16.30 -11.94
C ASP A 107 2.66 16.62 -10.48
N GLY A 108 2.03 15.69 -9.79
CA GLY A 108 1.67 15.90 -8.40
C GLY A 108 0.55 16.90 -8.22
N SER A 109 -0.41 16.86 -9.12
CA SER A 109 -1.55 17.78 -9.07
C SER A 109 -2.73 17.24 -9.88
N VAL A 110 -3.92 17.32 -9.30
CA VAL A 110 -5.13 16.84 -9.99
C VAL A 110 -6.30 17.76 -9.71
N ALA A 111 -7.00 18.16 -10.78
CA ALA A 111 -8.15 19.04 -10.66
C ALA A 111 -7.76 20.37 -10.02
N GLY A 112 -6.52 20.79 -10.27
CA GLY A 112 -6.05 22.05 -9.71
C GLY A 112 -5.84 21.96 -8.21
N VAL A 113 -5.53 20.77 -7.71
CA VAL A 113 -5.30 20.56 -6.29
C VAL A 113 -3.87 20.10 -6.02
N ARG A 114 -3.17 20.83 -5.17
CA ARG A 114 -1.79 20.49 -4.83
C ARG A 114 -1.73 19.45 -3.72
N TYR A 115 -1.18 18.28 -4.02
CA TYR A 115 -1.07 17.21 -3.05
C TYR A 115 0.36 17.08 -2.53
N PHE A 116 1.32 17.42 -3.38
CA PHE A 116 2.73 17.34 -3.00
C PHE A 116 3.62 17.92 -4.10
N GLN A 117 4.43 18.91 -3.74
CA GLN A 117 5.33 19.54 -4.69
C GLN A 117 6.34 18.54 -5.24
N CYS A 118 6.38 18.41 -6.56
CA CYS A 118 7.30 17.48 -7.21
C CYS A 118 7.62 17.94 -8.63
N GLU A 119 8.45 17.17 -9.32
CA GLU A 119 8.84 17.49 -10.69
C GLU A 119 7.91 16.83 -11.70
N PRO A 120 7.73 17.44 -12.88
CA PRO A 120 6.86 16.89 -13.92
C PRO A 120 7.30 15.51 -14.40
N LEU A 121 6.34 14.70 -14.84
CA LEU A 121 6.63 13.37 -15.33
C LEU A 121 7.26 12.50 -14.25
N LYS A 122 7.06 12.88 -12.99
CA LYS A 122 7.63 12.12 -11.88
C LYS A 122 6.57 11.83 -10.81
N GLY A 123 5.74 12.83 -10.54
CA GLY A 123 4.68 12.65 -9.54
C GLY A 123 3.51 11.87 -10.08
N ILE A 124 3.33 10.66 -9.57
CA ILE A 124 2.23 9.80 -10.00
C ILE A 124 1.51 9.20 -8.80
N PHE A 125 0.21 8.99 -8.95
CA PHE A 125 -0.60 8.41 -7.87
C PHE A 125 -0.80 6.91 -8.08
N THR A 126 -0.60 6.14 -7.03
CA THR A 126 -0.76 4.69 -7.11
C THR A 126 -1.16 4.12 -5.75
N ARG A 127 -1.68 2.89 -5.75
CA ARG A 127 -2.11 2.24 -4.52
C ARG A 127 -0.91 1.66 -3.78
N PRO A 128 -0.92 1.70 -2.43
CA PRO A 128 0.17 1.18 -1.61
C PRO A 128 0.45 -0.29 -1.90
N SER A 129 -0.61 -1.06 -2.13
CA SER A 129 -0.48 -2.48 -2.42
C SER A 129 0.39 -2.72 -3.65
N LYS A 130 0.39 -1.75 -4.56
CA LYS A 130 1.19 -1.85 -5.78
C LYS A 130 2.66 -1.62 -5.50
N LEU A 131 2.95 -0.82 -4.48
CA LEU A 131 4.33 -0.53 -4.10
C LEU A 131 5.06 -1.79 -3.69
N THR A 132 6.36 -1.84 -3.98
CA THR A 132 7.17 -3.00 -3.63
C THR A 132 8.58 -2.57 -3.21
N ARG A 133 9.36 -3.54 -2.72
CA ARG A 133 10.72 -3.25 -2.28
C ARG A 133 11.73 -3.78 -3.30
N LYS A 134 12.48 -2.87 -3.92
CA LYS A 134 13.48 -3.25 -4.90
C LYS A 134 12.84 -4.00 -6.07
N VAL A 135 13.56 -4.08 -7.18
CA VAL A 135 13.08 -4.77 -8.36
C VAL A 135 13.17 -6.28 -8.20
N SER A 136 12.02 -6.95 -8.19
CA SER A 136 11.98 -8.40 -8.04
C SER A 136 11.21 -9.05 -9.19
N GLY A 137 11.40 -8.53 -10.39
CA GLY A 137 10.73 -9.07 -11.56
C GLY A 137 11.20 -10.46 -11.91
N PRO A 138 10.29 -11.40 -12.18
CA PRO A 138 10.65 -12.78 -12.53
C PRO A 138 11.10 -12.91 -13.99
N SER A 139 12.13 -12.16 -14.35
CA SER A 139 12.66 -12.19 -15.71
C SER A 139 11.56 -11.91 -16.72
N SER A 140 11.86 -12.15 -18.00
CA SER A 140 10.90 -11.91 -19.07
C SER A 140 10.30 -13.23 -19.55
N GLY A 141 9.00 -13.40 -19.31
CA GLY A 141 8.33 -14.62 -19.72
C GLY A 141 6.84 -14.57 -19.46
N GLY A 1 -6.55 -46.21 37.13
CA GLY A 1 -8.01 -45.89 37.19
C GLY A 1 -8.78 -46.86 38.07
N SER A 2 -8.54 -48.15 37.88
CA SER A 2 -9.22 -49.17 38.66
C SER A 2 -10.73 -49.10 38.45
N SER A 3 -11.20 -49.77 37.39
CA SER A 3 -12.62 -49.79 37.08
C SER A 3 -13.30 -51.02 37.66
N GLY A 4 -14.62 -51.01 37.69
CA GLY A 4 -15.37 -52.14 38.23
C GLY A 4 -16.82 -51.80 38.51
N SER A 5 -17.07 -50.54 38.86
CA SER A 5 -18.42 -50.09 39.15
C SER A 5 -19.11 -49.57 37.90
N SER A 6 -20.14 -50.29 37.46
CA SER A 6 -20.88 -49.91 36.27
C SER A 6 -22.39 -50.14 36.47
N GLY A 7 -23.20 -49.50 35.62
CA GLY A 7 -24.63 -49.65 35.72
C GLY A 7 -25.20 -50.51 34.61
N MET A 8 -26.27 -51.25 34.92
CA MET A 8 -26.91 -52.12 33.94
C MET A 8 -28.15 -51.45 33.35
N SER A 9 -27.95 -50.73 32.25
CA SER A 9 -29.05 -50.04 31.59
C SER A 9 -28.65 -49.59 30.19
N MET A 10 -29.59 -49.66 29.26
CA MET A 10 -29.34 -49.27 27.87
C MET A 10 -29.62 -47.78 27.68
N LEU A 11 -28.82 -47.15 26.82
CA LEU A 11 -28.98 -45.73 26.53
C LEU A 11 -28.72 -44.89 27.78
N LYS A 12 -28.07 -43.75 27.60
CA LYS A 12 -27.76 -42.86 28.72
C LYS A 12 -28.49 -41.52 28.56
N PRO A 13 -29.48 -41.25 29.42
CA PRO A 13 -30.25 -40.00 29.36
C PRO A 13 -29.40 -38.79 29.73
N SER A 14 -29.23 -37.87 28.77
CA SER A 14 -28.45 -36.67 28.98
C SER A 14 -29.22 -35.66 29.82
N GLY A 15 -28.95 -35.65 31.12
CA GLY A 15 -29.64 -34.73 32.02
C GLY A 15 -28.78 -33.53 32.38
N LEU A 16 -28.24 -32.85 31.37
CA LEU A 16 -27.39 -31.69 31.59
C LEU A 16 -28.04 -30.43 31.02
N LYS A 17 -28.01 -29.36 31.80
CA LYS A 17 -28.61 -28.09 31.38
C LYS A 17 -27.52 -27.05 31.12
N ALA A 18 -27.75 -26.21 30.11
CA ALA A 18 -26.80 -25.16 29.75
C ALA A 18 -27.30 -24.32 28.58
N PRO A 19 -27.65 -24.97 27.45
CA PRO A 19 -28.16 -24.27 26.27
C PRO A 19 -29.34 -23.36 26.60
N THR A 20 -30.36 -23.95 27.21
CA THR A 20 -31.56 -23.21 27.58
C THR A 20 -31.50 -22.75 29.03
N LYS A 21 -32.06 -21.57 29.30
CA LYS A 21 -32.07 -21.02 30.65
C LYS A 21 -33.27 -21.50 31.44
N ILE A 22 -34.46 -21.39 30.84
CA ILE A 22 -35.69 -21.80 31.48
C ILE A 22 -36.53 -22.67 30.55
N LEU A 23 -37.08 -23.75 31.09
CA LEU A 23 -37.91 -24.66 30.30
C LEU A 23 -39.28 -24.85 30.95
N LYS A 24 -40.13 -23.84 30.87
CA LYS A 24 -41.45 -23.89 31.46
C LYS A 24 -42.33 -22.76 30.93
N PRO A 25 -42.79 -22.88 29.67
CA PRO A 25 -43.64 -21.85 29.06
C PRO A 25 -45.04 -21.83 29.65
N GLY A 26 -45.62 -23.01 29.85
CA GLY A 26 -46.96 -23.09 30.42
C GLY A 26 -48.02 -23.38 29.37
N SER A 27 -47.63 -24.14 28.35
CA SER A 27 -48.57 -24.48 27.27
C SER A 27 -48.51 -25.98 26.96
N THR A 28 -49.57 -26.68 27.30
CA THR A 28 -49.65 -28.12 27.06
C THR A 28 -49.71 -28.42 25.56
N ALA A 29 -50.47 -27.60 24.83
CA ALA A 29 -50.61 -27.77 23.39
C ALA A 29 -50.37 -26.46 22.65
N LEU A 30 -51.39 -25.61 22.64
CA LEU A 30 -51.30 -24.31 21.97
C LEU A 30 -51.66 -23.19 22.93
N LYS A 31 -51.63 -21.95 22.42
CA LYS A 31 -51.95 -20.79 23.23
C LYS A 31 -53.05 -19.95 22.57
N THR A 32 -52.90 -19.74 21.26
CA THR A 32 -53.88 -18.95 20.51
C THR A 32 -53.87 -19.34 19.03
N PRO A 33 -55.02 -19.22 18.36
CA PRO A 33 -55.14 -19.56 16.94
C PRO A 33 -54.09 -18.87 16.08
N THR A 34 -54.02 -17.55 16.20
CA THR A 34 -53.05 -16.75 15.44
C THR A 34 -51.96 -16.21 16.35
N ALA A 35 -50.74 -16.68 16.15
CA ALA A 35 -49.60 -16.23 16.94
C ALA A 35 -48.29 -16.38 16.17
N VAL A 36 -48.00 -15.40 15.32
CA VAL A 36 -46.78 -15.41 14.53
C VAL A 36 -45.82 -14.31 14.97
N VAL A 37 -44.56 -14.68 15.18
CA VAL A 37 -43.54 -13.72 15.60
C VAL A 37 -42.54 -13.46 14.48
N ALA A 38 -41.66 -12.48 14.71
CA ALA A 38 -40.65 -12.11 13.72
C ALA A 38 -39.78 -13.32 13.36
N PRO A 39 -39.92 -13.86 12.14
CA PRO A 39 -39.13 -15.00 11.68
C PRO A 39 -37.67 -14.63 11.41
N VAL A 40 -37.39 -13.33 11.31
CA VAL A 40 -36.04 -12.86 11.04
C VAL A 40 -35.04 -13.43 12.03
N GLU A 41 -33.95 -14.00 11.52
CA GLU A 41 -32.93 -14.58 12.37
C GLU A 41 -31.59 -14.62 11.63
N LYS A 42 -31.37 -13.66 10.75
CA LYS A 42 -30.13 -13.59 9.98
C LYS A 42 -29.20 -12.52 10.54
N THR A 43 -28.17 -12.95 11.26
CA THR A 43 -27.21 -12.04 11.85
C THR A 43 -25.92 -12.00 11.04
N ILE A 44 -25.01 -11.11 11.42
CA ILE A 44 -23.73 -10.97 10.73
C ILE A 44 -23.94 -10.51 9.29
N SER A 45 -23.08 -9.59 8.84
CA SER A 45 -23.16 -9.07 7.48
C SER A 45 -22.37 -9.94 6.52
N SER A 46 -21.06 -10.02 6.73
CA SER A 46 -20.19 -10.81 5.89
C SER A 46 -19.70 -12.05 6.61
N GLU A 47 -19.57 -13.15 5.87
CA GLU A 47 -19.11 -14.42 6.44
C GLU A 47 -17.65 -14.31 6.89
N LYS A 48 -16.88 -13.52 6.16
CA LYS A 48 -15.46 -13.33 6.48
C LYS A 48 -15.28 -12.33 7.63
N ALA A 49 -14.05 -11.95 7.89
CA ALA A 49 -13.74 -11.00 8.95
C ALA A 49 -14.15 -11.55 10.32
N SER A 50 -14.02 -10.72 11.34
CA SER A 50 -14.36 -11.13 12.70
C SER A 50 -13.50 -12.29 13.17
N SER A 51 -12.25 -12.32 12.68
CA SER A 51 -11.32 -13.37 13.05
C SER A 51 -9.88 -12.88 12.97
N THR A 52 -8.95 -13.70 13.45
CA THR A 52 -7.54 -13.34 13.44
C THR A 52 -6.65 -14.58 13.29
N PRO A 53 -5.71 -14.58 12.34
CA PRO A 53 -4.81 -15.72 12.13
C PRO A 53 -3.75 -15.83 13.22
N SER A 54 -3.07 -16.98 13.24
CA SER A 54 -2.03 -17.21 14.24
C SER A 54 -0.64 -17.04 13.63
N SER A 55 -0.12 -15.82 13.69
CA SER A 55 1.20 -15.52 13.14
C SER A 55 1.70 -14.16 13.62
N GLU A 56 2.97 -14.10 14.00
CA GLU A 56 3.56 -12.86 14.48
C GLU A 56 4.93 -12.63 13.83
N THR A 57 5.05 -11.53 13.09
CA THR A 57 6.30 -11.20 12.41
C THR A 57 6.69 -12.29 11.43
N GLN A 58 5.70 -12.94 10.84
CA GLN A 58 5.94 -14.01 9.89
C GLN A 58 5.91 -13.47 8.45
N GLU A 59 4.95 -12.60 8.18
CA GLU A 59 4.81 -12.03 6.85
C GLU A 59 4.24 -10.60 6.94
N GLU A 60 5.06 -9.62 6.61
CA GLU A 60 4.65 -8.23 6.66
C GLU A 60 3.85 -7.86 5.41
N PHE A 61 2.70 -7.24 5.61
CA PHE A 61 1.84 -6.83 4.51
C PHE A 61 1.88 -5.32 4.30
N VAL A 62 2.11 -4.59 5.40
CA VAL A 62 2.18 -3.14 5.35
C VAL A 62 0.94 -2.55 4.67
N ASP A 63 -0.04 -2.19 5.50
CA ASP A 63 -1.29 -1.61 4.99
C ASP A 63 -1.08 -0.16 4.56
N ASP A 64 -0.34 0.59 5.36
CA ASP A 64 -0.07 1.99 5.07
C ASP A 64 1.41 2.20 4.76
N PHE A 65 1.78 3.46 4.50
CA PHE A 65 3.17 3.78 4.19
C PHE A 65 3.60 5.06 4.92
N ARG A 66 4.87 5.43 4.75
CA ARG A 66 5.40 6.62 5.40
C ARG A 66 6.04 7.55 4.37
N VAL A 67 5.73 8.84 4.46
CA VAL A 67 6.27 9.83 3.54
C VAL A 67 7.78 9.98 3.73
N GLY A 68 8.53 9.78 2.65
CA GLY A 68 9.97 9.90 2.71
C GLY A 68 10.66 8.55 2.66
N GLU A 69 10.04 7.59 1.99
CA GLU A 69 10.61 6.25 1.88
C GLU A 69 10.71 5.83 0.41
N ARG A 70 11.59 4.88 0.14
CA ARG A 70 11.80 4.39 -1.22
C ARG A 70 10.84 3.24 -1.54
N VAL A 71 10.15 3.36 -2.67
CA VAL A 71 9.21 2.33 -3.09
C VAL A 71 9.24 2.13 -4.60
N TRP A 72 8.83 0.95 -5.04
CA TRP A 72 8.81 0.63 -6.46
C TRP A 72 7.39 0.46 -6.97
N VAL A 73 6.92 1.45 -7.74
CA VAL A 73 5.57 1.40 -8.29
C VAL A 73 5.45 0.34 -9.36
N ASN A 74 4.38 -0.47 -9.28
CA ASN A 74 4.17 -1.54 -10.24
C ASN A 74 5.29 -2.56 -10.18
N GLY A 75 6.03 -2.57 -9.07
CA GLY A 75 7.12 -3.51 -8.91
C GLY A 75 8.23 -3.32 -9.94
N ASN A 76 8.44 -2.07 -10.35
CA ASN A 76 9.48 -1.76 -11.34
C ASN A 76 9.56 -0.26 -11.60
N LYS A 77 9.42 0.53 -10.54
CA LYS A 77 9.47 1.99 -10.69
C LYS A 77 9.82 2.64 -9.35
N PRO A 78 11.12 2.81 -9.06
CA PRO A 78 11.58 3.44 -7.80
C PRO A 78 11.14 4.89 -7.70
N GLY A 79 10.84 5.32 -6.47
CA GLY A 79 10.41 6.68 -6.24
C GLY A 79 10.28 7.01 -4.77
N PHE A 80 9.95 8.27 -4.47
CA PHE A 80 9.80 8.71 -3.09
C PHE A 80 8.36 9.13 -2.81
N ILE A 81 7.80 8.60 -1.73
CA ILE A 81 6.42 8.92 -1.35
C ILE A 81 6.33 10.31 -0.73
N GLN A 82 5.46 11.14 -1.28
CA GLN A 82 5.27 12.50 -0.78
C GLN A 82 3.92 12.66 -0.11
N PHE A 83 2.88 12.14 -0.77
CA PHE A 83 1.53 12.22 -0.23
C PHE A 83 0.99 10.84 0.11
N LEU A 84 0.30 10.74 1.25
CA LEU A 84 -0.27 9.47 1.69
C LEU A 84 -1.62 9.69 2.36
N GLY A 85 -2.69 9.43 1.61
CA GLY A 85 -4.02 9.59 2.15
C GLY A 85 -5.09 9.41 1.09
N GLU A 86 -6.21 10.12 1.24
CA GLU A 86 -7.31 10.02 0.30
C GLU A 86 -7.17 11.08 -0.80
N THR A 87 -8.11 11.07 -1.74
CA THR A 87 -8.10 12.02 -2.84
C THR A 87 -9.50 12.55 -3.11
N GLN A 88 -9.62 13.42 -4.12
CA GLN A 88 -10.90 14.00 -4.48
C GLN A 88 -11.27 13.67 -5.91
N PHE A 89 -10.29 13.75 -6.81
CA PHE A 89 -10.51 13.46 -8.22
C PHE A 89 -10.87 11.99 -8.42
N ALA A 90 -10.23 11.12 -7.66
CA ALA A 90 -10.48 9.68 -7.75
C ALA A 90 -10.85 9.10 -6.39
N PRO A 91 -11.73 8.09 -6.38
CA PRO A 91 -12.17 7.44 -5.13
C PRO A 91 -11.09 6.55 -4.53
N GLY A 92 -11.34 6.05 -3.33
CA GLY A 92 -10.38 5.18 -2.67
C GLY A 92 -9.18 5.95 -2.16
N GLN A 93 -8.13 5.21 -1.80
CA GLN A 93 -6.90 5.82 -1.30
C GLN A 93 -5.86 5.94 -2.41
N TRP A 94 -4.79 6.67 -2.13
CA TRP A 94 -3.71 6.87 -3.10
C TRP A 94 -2.42 7.25 -2.40
N ALA A 95 -1.30 7.11 -3.12
CA ALA A 95 0.00 7.43 -2.57
C ALA A 95 0.88 8.13 -3.61
N GLY A 96 1.07 9.43 -3.43
CA GLY A 96 1.88 10.20 -4.36
C GLY A 96 3.35 9.85 -4.26
N ILE A 97 3.94 9.47 -5.39
CA ILE A 97 5.36 9.10 -5.43
C ILE A 97 6.10 9.91 -6.49
N VAL A 98 7.36 10.21 -6.23
CA VAL A 98 8.19 10.97 -7.16
C VAL A 98 9.26 10.09 -7.79
N LEU A 99 9.33 10.11 -9.12
CA LEU A 99 10.31 9.31 -9.84
C LEU A 99 11.62 10.08 -10.01
N ASP A 100 12.66 9.37 -10.44
CA ASP A 100 13.97 9.99 -10.64
C ASP A 100 14.31 10.08 -12.12
N GLU A 101 13.29 10.32 -12.94
CA GLU A 101 13.49 10.44 -14.39
C GLU A 101 12.17 10.76 -15.09
N PRO A 102 12.23 11.59 -16.15
CA PRO A 102 11.03 11.99 -16.91
C PRO A 102 10.32 10.77 -17.52
N ILE A 103 9.51 10.10 -16.71
CA ILE A 103 8.78 8.93 -17.17
C ILE A 103 7.51 8.72 -16.35
N GLY A 104 6.96 9.81 -15.82
CA GLY A 104 5.76 9.72 -15.01
C GLY A 104 4.50 10.00 -15.82
N LYS A 105 3.44 10.38 -15.13
CA LYS A 105 2.17 10.68 -15.78
C LYS A 105 1.60 12.00 -15.27
N ASN A 106 1.62 12.19 -13.96
CA ASN A 106 1.10 13.41 -13.34
C ASN A 106 2.24 14.30 -12.84
N ASP A 107 1.89 15.43 -12.25
CA ASP A 107 2.88 16.36 -11.73
C ASP A 107 2.65 16.62 -10.24
N GLY A 108 1.95 15.71 -9.58
CA GLY A 108 1.69 15.87 -8.15
C GLY A 108 0.36 16.53 -7.88
N SER A 109 -0.09 17.37 -8.81
CA SER A 109 -1.36 18.07 -8.65
C SER A 109 -2.39 17.57 -9.65
N VAL A 110 -3.62 17.39 -9.19
CA VAL A 110 -4.70 16.92 -10.05
C VAL A 110 -6.01 17.65 -9.74
N ALA A 111 -6.72 18.07 -10.79
CA ALA A 111 -7.98 18.78 -10.62
C ALA A 111 -7.78 20.07 -9.85
N GLY A 112 -6.61 20.68 -10.00
CA GLY A 112 -6.32 21.92 -9.31
C GLY A 112 -6.04 21.71 -7.84
N VAL A 113 -5.78 20.47 -7.44
CA VAL A 113 -5.49 20.15 -6.05
C VAL A 113 -4.08 19.60 -5.91
N ARG A 114 -3.19 20.42 -5.32
CA ARG A 114 -1.81 20.02 -5.12
C ARG A 114 -1.66 19.16 -3.87
N TYR A 115 -1.13 17.96 -4.05
CA TYR A 115 -0.92 17.04 -2.93
C TYR A 115 0.54 17.01 -2.51
N PHE A 116 1.44 17.10 -3.48
CA PHE A 116 2.87 17.09 -3.21
C PHE A 116 3.65 17.74 -4.35
N GLN A 117 4.36 18.82 -4.04
CA GLN A 117 5.14 19.54 -5.04
C GLN A 117 6.26 18.66 -5.58
N CYS A 118 6.24 18.40 -6.88
CA CYS A 118 7.26 17.57 -7.51
C CYS A 118 7.57 18.07 -8.92
N GLU A 119 8.49 17.40 -9.59
CA GLU A 119 8.89 17.77 -10.94
C GLU A 119 7.92 17.18 -11.97
N PRO A 120 7.71 17.87 -13.11
CA PRO A 120 6.82 17.40 -14.17
C PRO A 120 7.23 16.04 -14.71
N LEU A 121 6.25 15.16 -14.91
CA LEU A 121 6.50 13.82 -15.42
C LEU A 121 7.25 12.97 -14.40
N LYS A 122 6.81 13.04 -13.14
CA LYS A 122 7.44 12.28 -12.08
C LYS A 122 6.42 11.88 -11.02
N GLY A 123 5.60 12.85 -10.61
CA GLY A 123 4.58 12.58 -9.59
C GLY A 123 3.46 11.72 -10.12
N ILE A 124 3.29 10.55 -9.53
CA ILE A 124 2.24 9.61 -9.94
C ILE A 124 1.41 9.17 -8.75
N PHE A 125 0.20 8.71 -9.03
CA PHE A 125 -0.70 8.24 -7.98
C PHE A 125 -1.04 6.77 -8.17
N THR A 126 -0.45 5.91 -7.36
CA THR A 126 -0.70 4.47 -7.44
C THR A 126 -1.11 3.91 -6.08
N ARG A 127 -1.72 2.72 -6.10
CA ARG A 127 -2.16 2.08 -4.86
C ARG A 127 -0.97 1.69 -3.99
N PRO A 128 -1.07 1.89 -2.66
CA PRO A 128 0.01 1.56 -1.73
C PRO A 128 0.37 0.09 -1.77
N SER A 129 -0.64 -0.77 -1.79
CA SER A 129 -0.43 -2.21 -1.83
C SER A 129 0.38 -2.62 -3.07
N LYS A 130 0.34 -1.79 -4.11
CA LYS A 130 1.06 -2.08 -5.34
C LYS A 130 2.56 -1.82 -5.15
N LEU A 131 2.89 -0.86 -4.29
CA LEU A 131 4.27 -0.52 -4.02
C LEU A 131 5.04 -1.73 -3.48
N THR A 132 6.25 -1.94 -4.01
CA THR A 132 7.08 -3.06 -3.58
C THR A 132 8.48 -2.58 -3.19
N ARG A 133 9.10 -3.29 -2.25
CA ARG A 133 10.44 -2.95 -1.80
C ARG A 133 11.51 -3.53 -2.72
N LYS A 134 12.23 -2.65 -3.40
CA LYS A 134 13.29 -3.08 -4.32
C LYS A 134 12.71 -3.95 -5.43
N VAL A 135 13.44 -4.05 -6.54
CA VAL A 135 13.00 -4.84 -7.68
C VAL A 135 13.08 -6.34 -7.37
N SER A 136 11.95 -7.02 -7.42
CA SER A 136 11.89 -8.45 -7.15
C SER A 136 11.88 -9.25 -8.44
N GLY A 137 11.18 -8.75 -9.45
CA GLY A 137 11.10 -9.43 -10.73
C GLY A 137 10.24 -10.68 -10.66
N PRO A 138 9.80 -11.20 -11.83
CA PRO A 138 8.97 -12.39 -11.89
C PRO A 138 9.73 -13.65 -11.51
N SER A 139 10.20 -13.71 -10.27
CA SER A 139 10.95 -14.86 -9.79
C SER A 139 11.14 -14.79 -8.28
N SER A 140 10.91 -15.92 -7.60
CA SER A 140 11.04 -15.98 -6.15
C SER A 140 12.51 -16.13 -5.76
N GLY A 141 13.27 -16.88 -6.56
CA GLY A 141 14.67 -17.08 -6.27
C GLY A 141 15.15 -18.46 -6.68
N GLY A 1 4.37 -8.72 -42.10
CA GLY A 1 3.31 -9.19 -41.18
C GLY A 1 3.18 -10.69 -41.15
N SER A 2 1.96 -11.19 -40.95
CA SER A 2 1.71 -12.62 -40.91
C SER A 2 2.49 -13.27 -39.77
N SER A 3 1.77 -13.73 -38.75
CA SER A 3 2.40 -14.39 -37.60
C SER A 3 1.68 -15.68 -37.25
N GLY A 4 2.23 -16.42 -36.29
CA GLY A 4 1.64 -17.68 -35.88
C GLY A 4 1.49 -17.78 -34.38
N SER A 5 2.54 -17.38 -33.65
CA SER A 5 2.52 -17.43 -32.19
C SER A 5 1.47 -16.47 -31.63
N SER A 6 1.40 -16.40 -30.30
CA SER A 6 0.45 -15.52 -29.64
C SER A 6 -0.99 -15.91 -30.00
N GLY A 7 -1.95 -15.28 -29.33
CA GLY A 7 -3.35 -15.56 -29.60
C GLY A 7 -4.24 -15.24 -28.42
N MET A 8 -5.01 -14.16 -28.55
CA MET A 8 -5.92 -13.74 -27.49
C MET A 8 -7.04 -14.76 -27.29
N SER A 9 -6.82 -15.70 -26.37
CA SER A 9 -7.81 -16.73 -26.10
C SER A 9 -8.98 -16.17 -25.30
N MET A 10 -9.90 -17.04 -24.89
CA MET A 10 -11.06 -16.62 -24.12
C MET A 10 -10.93 -17.02 -22.65
N LEU A 11 -9.79 -17.61 -22.29
CA LEU A 11 -9.56 -18.03 -20.91
C LEU A 11 -10.63 -19.03 -20.47
N LYS A 12 -10.42 -19.61 -19.29
CA LYS A 12 -11.36 -20.58 -18.74
C LYS A 12 -11.51 -21.78 -19.68
N PRO A 13 -10.65 -22.80 -19.52
CA PRO A 13 -10.69 -24.00 -20.35
C PRO A 13 -12.08 -24.63 -20.39
N SER A 14 -12.23 -25.67 -21.20
CA SER A 14 -13.51 -26.37 -21.32
C SER A 14 -13.31 -27.78 -21.87
N GLY A 15 -12.97 -28.71 -20.98
CA GLY A 15 -12.76 -30.09 -21.41
C GLY A 15 -12.45 -31.01 -20.24
N LEU A 16 -11.29 -30.80 -19.61
CA LEU A 16 -10.87 -31.61 -18.48
C LEU A 16 -10.77 -33.07 -18.89
N LYS A 17 -9.59 -33.48 -19.35
CA LYS A 17 -9.37 -34.85 -19.77
C LYS A 17 -8.13 -35.45 -19.09
N ALA A 18 -8.37 -36.17 -17.99
CA ALA A 18 -7.28 -36.79 -17.25
C ALA A 18 -7.82 -37.63 -16.09
N PRO A 19 -8.67 -37.03 -15.23
CA PRO A 19 -9.25 -37.73 -14.08
C PRO A 19 -10.32 -38.73 -14.51
N THR A 20 -9.88 -39.85 -15.06
CA THR A 20 -10.79 -40.90 -15.51
C THR A 20 -10.92 -42.01 -14.48
N LYS A 21 -12.10 -42.13 -13.88
CA LYS A 21 -12.35 -43.16 -12.88
C LYS A 21 -11.48 -42.95 -11.65
N ILE A 22 -12.08 -43.10 -10.47
CA ILE A 22 -11.36 -42.92 -9.21
C ILE A 22 -11.03 -44.28 -8.58
N LEU A 23 -11.87 -45.26 -8.84
CA LEU A 23 -11.67 -46.61 -8.29
C LEU A 23 -11.13 -47.55 -9.35
N LYS A 24 -10.68 -48.72 -8.92
CA LYS A 24 -10.13 -49.71 -9.84
C LYS A 24 -8.89 -49.17 -10.55
N PRO A 25 -7.99 -50.06 -11.00
CA PRO A 25 -6.76 -49.67 -11.70
C PRO A 25 -7.04 -48.73 -12.86
N GLY A 26 -5.98 -48.10 -13.37
CA GLY A 26 -6.12 -47.18 -14.48
C GLY A 26 -4.86 -47.09 -15.33
N SER A 27 -3.73 -46.91 -14.66
CA SER A 27 -2.44 -46.81 -15.35
C SER A 27 -2.02 -48.15 -15.93
N THR A 28 -1.65 -48.15 -17.20
CA THR A 28 -1.22 -49.37 -17.88
C THR A 28 0.22 -49.26 -18.33
N ALA A 29 0.59 -48.09 -18.84
CA ALA A 29 1.95 -47.85 -19.32
C ALA A 29 2.21 -46.37 -19.51
N LEU A 30 3.41 -45.92 -19.13
CA LEU A 30 3.78 -44.52 -19.26
C LEU A 30 4.70 -44.32 -20.46
N LYS A 31 4.19 -43.63 -21.48
CA LYS A 31 4.96 -43.36 -22.69
C LYS A 31 5.68 -42.02 -22.59
N THR A 32 4.92 -40.96 -22.35
CA THR A 32 5.48 -39.61 -22.24
C THR A 32 4.75 -38.81 -21.17
N PRO A 33 5.29 -38.77 -19.93
CA PRO A 33 4.67 -38.02 -18.83
C PRO A 33 4.33 -36.59 -19.22
N THR A 34 5.30 -35.89 -19.81
CA THR A 34 5.09 -34.51 -20.22
C THR A 34 6.22 -34.05 -21.15
N ALA A 35 6.69 -34.95 -22.00
CA ALA A 35 7.77 -34.64 -22.93
C ALA A 35 7.21 -34.08 -24.23
N VAL A 36 7.57 -32.83 -24.53
CA VAL A 36 7.11 -32.17 -25.75
C VAL A 36 8.20 -31.30 -26.36
N VAL A 37 8.78 -31.77 -27.46
CA VAL A 37 9.84 -31.03 -28.14
C VAL A 37 9.27 -29.88 -28.97
N ALA A 38 10.13 -28.92 -29.30
CA ALA A 38 9.71 -27.78 -30.09
C ALA A 38 10.90 -26.91 -30.50
N PRO A 39 11.66 -26.39 -29.51
CA PRO A 39 12.82 -25.55 -29.76
C PRO A 39 14.08 -26.37 -30.01
N VAL A 40 14.31 -27.37 -29.17
CA VAL A 40 15.49 -28.22 -29.29
C VAL A 40 15.17 -29.65 -28.90
N GLU A 41 15.64 -30.61 -29.69
CA GLU A 41 15.41 -32.02 -29.41
C GLU A 41 16.47 -32.58 -28.47
N LYS A 42 16.26 -32.38 -27.17
CA LYS A 42 17.21 -32.86 -26.17
C LYS A 42 16.70 -34.13 -25.51
N THR A 43 17.62 -34.95 -25.01
CA THR A 43 17.26 -36.20 -24.35
C THR A 43 16.85 -35.96 -22.90
N ILE A 44 16.45 -37.03 -22.22
CA ILE A 44 16.04 -36.93 -20.82
C ILE A 44 16.55 -38.11 -20.01
N SER A 45 17.08 -37.82 -18.83
CA SER A 45 17.61 -38.87 -17.95
C SER A 45 16.56 -39.32 -16.95
N SER A 46 16.92 -40.28 -16.11
CA SER A 46 16.01 -40.81 -15.10
C SER A 46 15.63 -39.72 -14.09
N GLU A 47 16.59 -38.86 -13.78
CA GLU A 47 16.36 -37.78 -12.82
C GLU A 47 17.13 -36.52 -13.22
N LYS A 48 16.67 -35.38 -12.74
CA LYS A 48 17.33 -34.10 -13.05
C LYS A 48 16.80 -32.99 -12.15
N ALA A 49 17.69 -32.15 -11.66
CA ALA A 49 17.31 -31.04 -10.80
C ALA A 49 17.19 -29.74 -11.59
N SER A 50 16.42 -28.79 -11.06
CA SER A 50 16.22 -27.51 -11.72
C SER A 50 15.50 -26.53 -10.80
N SER A 51 16.27 -25.83 -9.98
CA SER A 51 15.70 -24.86 -9.04
C SER A 51 16.70 -23.75 -8.74
N THR A 52 16.19 -22.57 -8.37
CA THR A 52 17.03 -21.44 -8.04
C THR A 52 17.14 -21.25 -6.53
N PRO A 53 18.30 -21.57 -5.93
CA PRO A 53 18.51 -21.43 -4.49
C PRO A 53 18.11 -20.05 -3.97
N SER A 54 16.89 -19.95 -3.46
CA SER A 54 16.38 -18.68 -2.94
C SER A 54 16.77 -18.51 -1.48
N SER A 55 16.28 -17.43 -0.86
CA SER A 55 16.57 -17.15 0.54
C SER A 55 15.92 -18.19 1.44
N GLU A 56 16.12 -18.03 2.75
CA GLU A 56 15.54 -18.95 3.72
C GLU A 56 14.14 -18.51 4.12
N THR A 57 14.06 -17.38 4.83
CA THR A 57 12.77 -16.85 5.27
C THR A 57 12.65 -15.37 4.92
N GLN A 58 11.73 -15.05 4.03
CA GLN A 58 11.51 -13.66 3.62
C GLN A 58 10.05 -13.42 3.25
N GLU A 59 9.31 -12.79 4.15
CA GLU A 59 7.89 -12.50 3.92
C GLU A 59 7.43 -11.33 4.78
N GLU A 60 6.69 -10.42 4.17
CA GLU A 60 6.18 -9.25 4.88
C GLU A 60 4.75 -8.95 4.46
N PHE A 61 4.04 -8.19 5.31
CA PHE A 61 2.66 -7.83 5.04
C PHE A 61 2.56 -6.37 4.59
N VAL A 62 2.26 -6.17 3.31
CA VAL A 62 2.14 -4.83 2.75
C VAL A 62 0.72 -4.30 2.91
N ASP A 63 0.57 -3.22 3.67
CA ASP A 63 -0.73 -2.62 3.90
C ASP A 63 -0.60 -1.10 4.10
N ASP A 64 0.04 -0.70 5.19
CA ASP A 64 0.23 0.71 5.49
C ASP A 64 1.64 1.17 5.10
N PHE A 65 1.71 2.35 4.50
CA PHE A 65 3.00 2.90 4.06
C PHE A 65 3.32 4.17 4.84
N ARG A 66 4.46 4.78 4.52
CA ARG A 66 4.89 6.01 5.18
C ARG A 66 5.33 7.05 4.16
N VAL A 67 5.56 8.27 4.63
CA VAL A 67 6.00 9.36 3.75
C VAL A 67 7.52 9.52 3.80
N GLY A 68 8.15 9.45 2.64
CA GLY A 68 9.59 9.59 2.57
C GLY A 68 10.31 8.25 2.55
N GLU A 69 9.69 7.26 1.90
CA GLU A 69 10.27 5.93 1.81
C GLU A 69 10.45 5.52 0.35
N ARG A 70 11.56 4.86 0.05
CA ARG A 70 11.84 4.41 -1.31
C ARG A 70 10.92 3.27 -1.70
N VAL A 71 10.02 3.53 -2.64
CA VAL A 71 9.08 2.53 -3.11
C VAL A 71 9.25 2.27 -4.60
N TRP A 72 8.88 1.06 -5.03
CA TRP A 72 8.99 0.69 -6.44
C TRP A 72 7.61 0.49 -7.07
N VAL A 73 7.25 1.38 -7.99
CA VAL A 73 5.97 1.28 -8.67
C VAL A 73 5.90 0.06 -9.56
N ASN A 74 4.91 -0.80 -9.31
CA ASN A 74 4.74 -2.02 -10.10
C ASN A 74 5.97 -2.92 -9.99
N GLY A 75 6.73 -2.73 -8.93
CA GLY A 75 7.93 -3.54 -8.72
C GLY A 75 8.96 -3.33 -9.80
N ASN A 76 9.13 -2.08 -10.24
CA ASN A 76 10.10 -1.76 -11.28
C ASN A 76 10.13 -0.25 -11.55
N LYS A 77 10.05 0.54 -10.48
CA LYS A 77 10.07 1.99 -10.62
C LYS A 77 10.27 2.66 -9.26
N PRO A 78 11.54 2.85 -8.85
CA PRO A 78 11.86 3.48 -7.56
C PRO A 78 11.36 4.91 -7.49
N GLY A 79 11.02 5.36 -6.27
CA GLY A 79 10.54 6.71 -6.08
C GLY A 79 10.48 7.10 -4.62
N PHE A 80 9.75 8.17 -4.33
CA PHE A 80 9.61 8.66 -2.96
C PHE A 80 8.17 9.04 -2.65
N ILE A 81 7.62 8.49 -1.58
CA ILE A 81 6.25 8.78 -1.19
C ILE A 81 6.14 10.16 -0.55
N GLN A 82 5.43 11.06 -1.22
CA GLN A 82 5.25 12.42 -0.72
C GLN A 82 3.88 12.58 -0.06
N PHE A 83 2.88 11.93 -0.62
CA PHE A 83 1.52 11.99 -0.10
C PHE A 83 0.97 10.60 0.18
N LEU A 84 0.23 10.47 1.27
CA LEU A 84 -0.35 9.19 1.65
C LEU A 84 -1.67 9.38 2.38
N GLY A 85 -2.77 9.13 1.69
CA GLY A 85 -4.09 9.29 2.29
C GLY A 85 -5.19 9.42 1.25
N GLU A 86 -6.32 9.98 1.67
CA GLU A 86 -7.45 10.15 0.76
C GLU A 86 -7.19 11.29 -0.22
N THR A 87 -8.17 11.57 -1.07
CA THR A 87 -8.05 12.63 -2.06
C THR A 87 -9.39 13.30 -2.33
N GLN A 88 -9.39 14.30 -3.20
CA GLN A 88 -10.62 15.01 -3.54
C GLN A 88 -11.26 14.41 -4.78
N PHE A 89 -10.44 13.87 -5.68
CA PHE A 89 -10.94 13.26 -6.90
C PHE A 89 -11.49 11.86 -6.64
N ALA A 90 -10.90 11.19 -5.65
CA ALA A 90 -11.34 9.84 -5.30
C ALA A 90 -11.41 9.67 -3.77
N PRO A 91 -12.41 8.92 -3.29
CA PRO A 91 -12.59 8.69 -1.85
C PRO A 91 -11.58 7.69 -1.30
N GLY A 92 -11.20 6.71 -2.13
CA GLY A 92 -10.25 5.71 -1.70
C GLY A 92 -8.92 6.31 -1.27
N GLN A 93 -7.98 5.46 -0.89
CA GLN A 93 -6.66 5.91 -0.44
C GLN A 93 -5.67 5.90 -1.60
N TRP A 94 -4.78 6.88 -1.61
CA TRP A 94 -3.77 6.97 -2.66
C TRP A 94 -2.39 7.27 -2.07
N ALA A 95 -1.36 7.14 -2.89
CA ALA A 95 0.01 7.41 -2.44
C ALA A 95 0.82 8.08 -3.55
N GLY A 96 1.13 9.36 -3.36
CA GLY A 96 1.91 10.09 -4.34
C GLY A 96 3.37 9.76 -4.28
N ILE A 97 3.91 9.24 -5.39
CA ILE A 97 5.32 8.88 -5.47
C ILE A 97 6.05 9.71 -6.51
N VAL A 98 7.30 10.06 -6.23
CA VAL A 98 8.10 10.85 -7.15
C VAL A 98 9.15 9.98 -7.85
N LEU A 99 8.86 9.60 -9.09
CA LEU A 99 9.80 8.77 -9.85
C LEU A 99 11.13 9.48 -10.04
N ASP A 100 12.18 8.70 -10.29
CA ASP A 100 13.51 9.25 -10.49
C ASP A 100 13.90 9.25 -11.96
N GLU A 101 12.91 9.40 -12.83
CA GLU A 101 13.15 9.42 -14.27
C GLU A 101 11.96 10.01 -15.01
N PRO A 102 12.20 10.95 -15.95
CA PRO A 102 11.13 11.58 -16.73
C PRO A 102 10.28 10.58 -17.48
N ILE A 103 9.28 10.02 -16.80
CA ILE A 103 8.39 9.03 -17.41
C ILE A 103 7.08 8.93 -16.65
N GLY A 104 6.67 10.03 -16.03
CA GLY A 104 5.42 10.04 -15.27
C GLY A 104 4.25 10.53 -16.09
N LYS A 105 3.10 10.65 -15.45
CA LYS A 105 1.89 11.10 -16.13
C LYS A 105 1.36 12.39 -15.49
N ASN A 106 1.43 12.46 -14.16
CA ASN A 106 0.96 13.63 -13.44
C ASN A 106 2.13 14.52 -13.01
N ASP A 107 1.82 15.58 -12.26
CA ASP A 107 2.85 16.50 -11.79
C ASP A 107 2.61 16.87 -10.33
N GLY A 108 2.05 15.94 -9.57
CA GLY A 108 1.78 16.18 -8.17
C GLY A 108 0.57 17.08 -7.96
N SER A 109 -0.37 17.03 -8.89
CA SER A 109 -1.57 17.85 -8.80
C SER A 109 -2.71 17.23 -9.62
N VAL A 110 -3.88 17.12 -9.01
CA VAL A 110 -5.05 16.56 -9.69
C VAL A 110 -6.28 17.43 -9.49
N ALA A 111 -6.93 17.79 -10.60
CA ALA A 111 -8.12 18.62 -10.54
C ALA A 111 -7.81 19.98 -9.90
N GLY A 112 -6.65 20.52 -10.22
CA GLY A 112 -6.26 21.80 -9.66
C GLY A 112 -6.00 21.74 -8.18
N VAL A 113 -5.59 20.57 -7.70
CA VAL A 113 -5.31 20.38 -6.28
C VAL A 113 -3.93 19.76 -6.08
N ARG A 114 -2.97 20.57 -5.64
CA ARG A 114 -1.61 20.11 -5.40
C ARG A 114 -1.52 19.33 -4.09
N TYR A 115 -0.97 18.13 -4.17
CA TYR A 115 -0.82 17.27 -2.99
C TYR A 115 0.63 17.25 -2.52
N PHE A 116 1.55 17.26 -3.47
CA PHE A 116 2.98 17.23 -3.17
C PHE A 116 3.80 17.81 -4.31
N GLN A 117 4.61 18.82 -4.00
CA GLN A 117 5.44 19.46 -5.00
C GLN A 117 6.52 18.50 -5.51
N CYS A 118 6.57 18.31 -6.83
CA CYS A 118 7.55 17.42 -7.43
C CYS A 118 7.90 17.88 -8.85
N GLU A 119 8.80 17.14 -9.50
CA GLU A 119 9.22 17.48 -10.85
C GLU A 119 8.26 16.88 -11.88
N PRO A 120 8.09 17.56 -13.04
CA PRO A 120 7.21 17.09 -14.11
C PRO A 120 7.55 15.68 -14.58
N LEU A 121 6.53 14.91 -14.94
CA LEU A 121 6.71 13.55 -15.40
C LEU A 121 7.41 12.70 -14.34
N LYS A 122 7.13 13.01 -13.07
CA LYS A 122 7.73 12.26 -11.96
C LYS A 122 6.67 11.88 -10.93
N GLY A 123 5.83 12.85 -10.56
CA GLY A 123 4.79 12.61 -9.60
C GLY A 123 3.64 11.81 -10.17
N ILE A 124 3.55 10.53 -9.78
CA ILE A 124 2.50 9.66 -10.27
C ILE A 124 1.63 9.15 -9.12
N PHE A 125 0.32 9.16 -9.32
CA PHE A 125 -0.62 8.70 -8.30
C PHE A 125 -1.05 7.25 -8.56
N THR A 126 -0.74 6.38 -7.61
CA THR A 126 -1.09 4.97 -7.73
C THR A 126 -1.46 4.38 -6.38
N ARG A 127 -1.91 3.12 -6.38
CA ARG A 127 -2.30 2.45 -5.15
C ARG A 127 -1.08 1.90 -4.42
N PRO A 128 -1.05 2.04 -3.08
CA PRO A 128 0.08 1.56 -2.27
C PRO A 128 0.34 0.07 -2.47
N SER A 129 -0.73 -0.70 -2.60
CA SER A 129 -0.62 -2.14 -2.81
C SER A 129 0.23 -2.46 -4.03
N LYS A 130 0.23 -1.55 -5.00
CA LYS A 130 0.99 -1.73 -6.23
C LYS A 130 2.49 -1.50 -5.99
N LEU A 131 2.80 -0.75 -4.93
CA LEU A 131 4.19 -0.45 -4.60
C LEU A 131 4.87 -1.66 -3.94
N THR A 132 6.20 -1.68 -3.98
CA THR A 132 6.97 -2.76 -3.39
C THR A 132 8.31 -2.26 -2.89
N ARG A 133 8.92 -3.02 -1.98
CA ARG A 133 10.22 -2.64 -1.42
C ARG A 133 11.35 -3.18 -2.28
N LYS A 134 12.13 -2.26 -2.87
CA LYS A 134 13.24 -2.64 -3.72
C LYS A 134 12.78 -3.48 -4.89
N VAL A 135 13.68 -3.72 -5.85
CA VAL A 135 13.35 -4.51 -7.03
C VAL A 135 13.40 -5.99 -6.72
N SER A 136 12.56 -6.76 -7.40
CA SER A 136 12.51 -8.22 -7.20
C SER A 136 13.86 -8.85 -7.49
N GLY A 137 14.44 -8.52 -8.63
CA GLY A 137 15.73 -9.06 -9.00
C GLY A 137 16.15 -8.67 -10.41
N PRO A 138 16.69 -7.45 -10.58
CA PRO A 138 17.13 -6.96 -11.89
C PRO A 138 18.43 -7.61 -12.34
N SER A 139 18.31 -8.71 -13.09
CA SER A 139 19.46 -9.44 -13.59
C SER A 139 20.34 -9.92 -12.44
N SER A 140 20.04 -11.11 -11.94
CA SER A 140 20.80 -11.69 -10.84
C SER A 140 20.81 -13.21 -10.93
N GLY A 141 21.97 -13.80 -10.68
CA GLY A 141 22.09 -15.25 -10.74
C GLY A 141 23.49 -15.73 -10.38
N GLY A 1 -30.04 16.81 31.27
CA GLY A 1 -28.95 16.98 30.28
C GLY A 1 -28.23 18.31 30.44
N SER A 2 -27.45 18.45 31.51
CA SER A 2 -26.71 19.68 31.78
C SER A 2 -25.20 19.43 31.69
N SER A 3 -24.77 18.29 32.17
CA SER A 3 -23.35 17.94 32.14
C SER A 3 -22.99 17.20 30.85
N GLY A 4 -21.69 17.05 30.61
CA GLY A 4 -21.25 16.36 29.41
C GLY A 4 -20.21 15.29 29.70
N SER A 5 -19.53 14.83 28.67
CA SER A 5 -18.51 13.80 28.83
C SER A 5 -17.57 13.77 27.62
N SER A 6 -16.40 14.38 27.77
CA SER A 6 -15.42 14.42 26.70
C SER A 6 -14.79 13.05 26.48
N GLY A 7 -13.92 12.96 25.49
CA GLY A 7 -13.26 11.70 25.19
C GLY A 7 -12.25 11.82 24.06
N MET A 8 -11.10 11.18 24.23
CA MET A 8 -10.04 11.22 23.23
C MET A 8 -9.67 9.81 22.77
N SER A 9 -9.41 8.94 23.74
CA SER A 9 -9.03 7.56 23.45
C SER A 9 -10.20 6.80 22.81
N MET A 10 -9.94 6.18 21.66
CA MET A 10 -10.97 5.42 20.95
C MET A 10 -10.52 3.99 20.70
N LEU A 11 -11.46 3.06 20.74
CA LEU A 11 -11.17 1.65 20.51
C LEU A 11 -10.19 1.13 21.57
N LYS A 12 -10.69 0.22 22.41
CA LYS A 12 -9.86 -0.35 23.48
C LYS A 12 -8.65 -1.08 22.88
N PRO A 13 -7.51 -1.06 23.58
CA PRO A 13 -6.28 -1.72 23.12
C PRO A 13 -6.37 -3.24 23.26
N SER A 14 -6.87 -3.69 24.40
CA SER A 14 -7.00 -5.13 24.66
C SER A 14 -8.31 -5.44 25.38
N GLY A 15 -8.61 -6.72 25.53
CA GLY A 15 -9.83 -7.12 26.21
C GLY A 15 -9.58 -7.66 27.60
N LEU A 16 -8.43 -8.30 27.79
CA LEU A 16 -8.07 -8.87 29.08
C LEU A 16 -6.58 -8.71 29.35
N LYS A 17 -6.24 -8.28 30.55
CA LYS A 17 -4.84 -8.09 30.94
C LYS A 17 -4.40 -9.15 31.96
N ALA A 18 -5.32 -9.53 32.84
CA ALA A 18 -5.03 -10.53 33.86
C ALA A 18 -6.31 -11.02 34.53
N PRO A 19 -6.54 -12.35 34.54
CA PRO A 19 -7.74 -12.94 35.16
C PRO A 19 -7.80 -12.68 36.66
N THR A 20 -8.11 -11.45 37.04
CA THR A 20 -8.20 -11.06 38.44
C THR A 20 -9.09 -9.84 38.63
N LYS A 21 -8.82 -8.80 37.82
CA LYS A 21 -9.59 -7.57 37.90
C LYS A 21 -9.48 -6.93 39.27
N ILE A 22 -8.39 -7.24 39.98
CA ILE A 22 -8.16 -6.68 41.31
C ILE A 22 -6.68 -6.79 41.70
N LEU A 23 -6.36 -6.30 42.90
CA LEU A 23 -4.99 -6.33 43.38
C LEU A 23 -4.92 -5.95 44.86
N LYS A 24 -3.96 -6.53 45.56
CA LYS A 24 -3.80 -6.26 46.99
C LYS A 24 -3.53 -4.77 47.23
N PRO A 25 -3.66 -4.32 48.49
CA PRO A 25 -3.43 -2.91 48.84
C PRO A 25 -1.97 -2.52 48.74
N GLY A 26 -1.72 -1.25 48.40
CA GLY A 26 -0.36 -0.78 48.27
C GLY A 26 0.18 -0.90 46.86
N SER A 27 1.47 -1.20 46.75
CA SER A 27 2.10 -1.35 45.44
C SER A 27 3.36 -2.20 45.55
N THR A 28 4.38 -1.66 46.21
CA THR A 28 5.64 -2.38 46.38
C THR A 28 6.33 -1.97 47.69
N ALA A 29 6.92 -2.94 48.36
CA ALA A 29 7.62 -2.69 49.62
C ALA A 29 8.77 -1.71 49.43
N LEU A 30 9.38 -1.74 48.25
CA LEU A 30 10.49 -0.86 47.94
C LEU A 30 10.10 0.18 46.89
N LYS A 31 9.67 1.35 47.33
CA LYS A 31 9.27 2.42 46.42
C LYS A 31 10.49 3.09 45.79
N THR A 32 11.42 3.52 46.64
CA THR A 32 12.63 4.17 46.17
C THR A 32 12.30 5.35 45.25
N PRO A 33 12.04 6.53 45.83
CA PRO A 33 11.69 7.73 45.07
C PRO A 33 12.89 8.30 44.31
N THR A 34 12.68 9.40 43.59
CA THR A 34 13.74 10.03 42.83
C THR A 34 14.29 9.08 41.76
N ALA A 35 14.95 9.64 40.76
CA ALA A 35 15.51 8.84 39.69
C ALA A 35 16.59 9.62 38.94
N VAL A 36 17.22 8.96 37.96
CA VAL A 36 18.28 9.58 37.17
C VAL A 36 17.99 9.45 35.68
N VAL A 37 18.10 10.56 34.96
CA VAL A 37 17.85 10.56 33.53
C VAL A 37 19.08 10.08 32.76
N ALA A 38 18.84 9.44 31.61
CA ALA A 38 19.92 8.93 30.79
C ALA A 38 19.78 9.40 29.34
N PRO A 39 20.91 9.46 28.61
CA PRO A 39 20.91 9.91 27.21
C PRO A 39 19.91 9.13 26.36
N VAL A 40 19.87 7.82 26.55
CA VAL A 40 18.96 6.97 25.79
C VAL A 40 17.72 6.62 26.62
N GLU A 41 17.14 7.63 27.25
CA GLU A 41 15.95 7.44 28.07
C GLU A 41 14.70 7.97 27.38
N LYS A 42 14.71 7.92 26.04
CA LYS A 42 13.58 8.40 25.26
C LYS A 42 12.86 7.24 24.57
N THR A 43 12.22 6.40 25.36
CA THR A 43 11.49 5.25 24.83
C THR A 43 10.00 5.54 24.75
N ILE A 44 9.66 6.77 24.40
CA ILE A 44 8.27 7.17 24.29
C ILE A 44 8.02 7.94 22.99
N SER A 45 7.86 7.20 21.89
CA SER A 45 7.61 7.82 20.59
C SER A 45 6.16 7.65 20.18
N SER A 46 5.31 8.60 20.60
CA SER A 46 3.90 8.56 20.27
C SER A 46 3.21 7.36 20.93
N GLU A 47 3.44 6.18 20.37
CA GLU A 47 2.85 4.95 20.90
C GLU A 47 3.54 3.73 20.33
N LYS A 48 3.26 2.57 20.93
CA LYS A 48 3.85 1.32 20.48
C LYS A 48 2.79 0.24 20.31
N ALA A 49 2.25 0.12 19.10
CA ALA A 49 1.23 -0.87 18.81
C ALA A 49 1.02 -1.03 17.31
N SER A 50 0.41 -2.14 16.91
CA SER A 50 0.15 -2.41 15.50
C SER A 50 -1.02 -3.38 15.34
N SER A 51 -1.31 -3.73 14.09
CA SER A 51 -2.40 -4.66 13.80
C SER A 51 -2.06 -5.52 12.59
N THR A 52 -0.78 -5.81 12.42
CA THR A 52 -0.32 -6.63 11.30
C THR A 52 0.95 -7.39 11.65
N PRO A 53 0.90 -8.20 12.73
CA PRO A 53 2.05 -8.98 13.18
C PRO A 53 2.40 -10.11 12.20
N SER A 54 1.40 -10.60 11.49
CA SER A 54 1.60 -11.68 10.53
C SER A 54 0.55 -11.62 9.42
N SER A 55 0.92 -11.00 8.30
CA SER A 55 0.01 -10.88 7.17
C SER A 55 0.79 -10.89 5.85
N GLU A 56 0.70 -11.99 5.12
CA GLU A 56 1.39 -12.13 3.84
C GLU A 56 0.78 -13.25 3.02
N THR A 57 0.57 -14.41 3.65
CA THR A 57 0.00 -15.56 2.97
C THR A 57 -1.46 -15.76 3.36
N GLN A 58 -2.16 -14.64 3.59
CA GLN A 58 -3.56 -14.68 3.97
C GLN A 58 -4.24 -13.35 3.70
N GLU A 59 -5.15 -13.33 2.72
CA GLU A 59 -5.87 -12.12 2.37
C GLU A 59 -4.91 -11.03 1.92
N GLU A 60 -5.46 -9.91 1.47
CA GLU A 60 -4.65 -8.79 1.01
C GLU A 60 -4.05 -8.03 2.19
N PHE A 61 -2.73 -7.82 2.15
CA PHE A 61 -2.04 -7.10 3.21
C PHE A 61 -1.41 -5.82 2.68
N VAL A 62 -1.70 -4.70 3.34
CA VAL A 62 -1.17 -3.41 2.94
C VAL A 62 -0.07 -2.95 3.89
N ASP A 63 1.16 -2.91 3.40
CA ASP A 63 2.30 -2.48 4.21
C ASP A 63 2.11 -1.05 4.70
N ASP A 64 2.67 -0.76 5.87
CA ASP A 64 2.57 0.58 6.46
C ASP A 64 3.61 1.52 5.86
N PHE A 65 3.19 2.33 4.89
CA PHE A 65 4.08 3.28 4.25
C PHE A 65 4.09 4.62 4.97
N ARG A 66 5.04 5.48 4.62
CA ARG A 66 5.16 6.79 5.24
C ARG A 66 5.78 7.80 4.28
N VAL A 67 5.64 9.08 4.60
CA VAL A 67 6.19 10.14 3.76
C VAL A 67 7.71 10.19 3.88
N GLY A 68 8.39 9.60 2.90
CA GLY A 68 9.84 9.60 2.91
C GLY A 68 10.42 8.20 2.78
N GLU A 69 9.81 7.38 1.93
CA GLU A 69 10.27 6.01 1.72
C GLU A 69 10.35 5.69 0.23
N ARG A 70 11.42 5.01 -0.16
CA ARG A 70 11.62 4.64 -1.56
C ARG A 70 10.81 3.40 -1.91
N VAL A 71 9.99 3.51 -2.96
CA VAL A 71 9.16 2.39 -3.40
C VAL A 71 9.26 2.20 -4.91
N TRP A 72 8.83 1.04 -5.38
CA TRP A 72 8.86 0.72 -6.80
C TRP A 72 7.46 0.50 -7.35
N VAL A 73 6.99 1.42 -8.18
CA VAL A 73 5.66 1.32 -8.77
C VAL A 73 5.58 0.08 -9.67
N ASN A 74 4.83 -0.91 -9.22
CA ASN A 74 4.69 -2.16 -9.97
C ASN A 74 5.97 -2.99 -9.92
N GLY A 75 6.90 -2.58 -9.06
CA GLY A 75 8.16 -3.29 -8.94
C GLY A 75 9.10 -3.01 -10.09
N ASN A 76 9.17 -1.75 -10.50
CA ASN A 76 10.03 -1.36 -11.61
C ASN A 76 10.04 0.16 -11.79
N LYS A 77 9.91 0.90 -10.70
CA LYS A 77 9.89 2.36 -10.76
C LYS A 77 10.21 2.98 -9.40
N PRO A 78 11.50 3.10 -9.06
CA PRO A 78 11.93 3.69 -7.78
C PRO A 78 11.51 5.15 -7.66
N GLY A 79 11.29 5.59 -6.42
CA GLY A 79 10.89 6.97 -6.19
C GLY A 79 10.83 7.31 -4.72
N PHE A 80 9.89 8.17 -4.35
CA PHE A 80 9.73 8.59 -2.96
C PHE A 80 8.30 9.06 -2.69
N ILE A 81 7.68 8.47 -1.68
CA ILE A 81 6.31 8.81 -1.32
C ILE A 81 6.23 10.24 -0.78
N GLN A 82 5.11 10.91 -1.03
CA GLN A 82 4.92 12.28 -0.56
C GLN A 82 3.53 12.45 0.05
N PHE A 83 2.51 12.09 -0.71
CA PHE A 83 1.12 12.20 -0.23
C PHE A 83 0.60 10.86 0.26
N LEU A 84 -0.28 10.90 1.25
CA LEU A 84 -0.86 9.68 1.81
C LEU A 84 -2.23 9.96 2.41
N GLY A 85 -3.28 9.64 1.68
CA GLY A 85 -4.63 9.86 2.16
C GLY A 85 -5.67 9.74 1.07
N GLU A 86 -6.73 10.54 1.16
CA GLU A 86 -7.79 10.52 0.17
C GLU A 86 -7.64 11.67 -0.82
N THR A 87 -7.73 11.36 -2.10
CA THR A 87 -7.60 12.38 -3.15
C THR A 87 -8.95 13.05 -3.41
N GLN A 88 -8.96 13.95 -4.39
CA GLN A 88 -10.19 14.67 -4.75
C GLN A 88 -10.75 14.15 -6.07
N PHE A 89 -9.87 13.72 -6.96
CA PHE A 89 -10.29 13.21 -8.26
C PHE A 89 -11.03 11.88 -8.12
N ALA A 90 -10.65 11.11 -7.10
CA ALA A 90 -11.27 9.82 -6.85
C ALA A 90 -11.20 9.44 -5.38
N PRO A 91 -12.24 8.77 -4.85
CA PRO A 91 -12.28 8.35 -3.45
C PRO A 91 -11.38 7.15 -3.17
N GLY A 92 -10.99 7.00 -1.91
CA GLY A 92 -10.13 5.88 -1.54
C GLY A 92 -8.80 6.34 -0.97
N GLN A 93 -7.95 5.39 -0.62
CA GLN A 93 -6.63 5.69 -0.06
C GLN A 93 -5.56 5.62 -1.14
N TRP A 94 -5.04 6.78 -1.52
CA TRP A 94 -4.00 6.84 -2.54
C TRP A 94 -2.63 7.10 -1.91
N ALA A 95 -1.60 7.15 -2.75
CA ALA A 95 -0.25 7.39 -2.27
C ALA A 95 0.66 7.89 -3.41
N GLY A 96 0.93 9.19 -3.40
CA GLY A 96 1.77 9.76 -4.42
C GLY A 96 3.24 9.40 -4.24
N ILE A 97 3.95 9.25 -5.35
CA ILE A 97 5.36 8.90 -5.31
C ILE A 97 6.15 9.67 -6.37
N VAL A 98 7.34 10.14 -5.99
CA VAL A 98 8.19 10.88 -6.90
C VAL A 98 9.29 9.98 -7.48
N LEU A 99 9.18 9.68 -8.76
CA LEU A 99 10.16 8.84 -9.43
C LEU A 99 11.48 9.59 -9.62
N ASP A 100 12.51 8.87 -10.06
CA ASP A 100 13.82 9.46 -10.29
C ASP A 100 14.12 9.57 -11.79
N GLU A 101 13.09 9.45 -12.61
CA GLU A 101 13.24 9.53 -14.06
C GLU A 101 12.00 10.12 -14.71
N PRO A 102 12.14 10.69 -15.92
CA PRO A 102 11.01 11.28 -16.64
C PRO A 102 10.08 10.23 -17.25
N ILE A 103 9.54 9.37 -16.39
CA ILE A 103 8.63 8.31 -16.84
C ILE A 103 7.25 8.46 -16.22
N GLY A 104 7.15 9.24 -15.14
CA GLY A 104 5.88 9.44 -14.47
C GLY A 104 4.80 9.92 -15.42
N LYS A 105 3.61 10.18 -14.87
CA LYS A 105 2.49 10.65 -15.67
C LYS A 105 1.98 11.99 -15.18
N ASN A 106 1.85 12.12 -13.85
CA ASN A 106 1.37 13.35 -13.25
C ASN A 106 2.54 14.20 -12.73
N ASP A 107 2.24 15.42 -12.30
CA ASP A 107 3.27 16.32 -11.78
C ASP A 107 2.95 16.73 -10.35
N GLY A 108 2.33 15.82 -9.60
CA GLY A 108 1.98 16.10 -8.23
C GLY A 108 0.82 17.07 -8.10
N SER A 109 -0.08 17.03 -9.08
CA SER A 109 -1.24 17.91 -9.08
C SER A 109 -2.36 17.34 -9.95
N VAL A 110 -3.59 17.43 -9.46
CA VAL A 110 -4.74 16.91 -10.18
C VAL A 110 -5.95 17.84 -10.03
N ALA A 111 -6.43 18.35 -11.15
CA ALA A 111 -7.58 19.26 -11.14
C ALA A 111 -7.31 20.50 -10.30
N GLY A 112 -6.09 21.00 -10.40
CA GLY A 112 -5.71 22.19 -9.64
C GLY A 112 -5.58 21.92 -8.17
N VAL A 113 -5.28 20.66 -7.82
CA VAL A 113 -5.11 20.27 -6.42
C VAL A 113 -3.71 19.78 -6.15
N ARG A 114 -2.88 20.64 -5.57
CA ARG A 114 -1.50 20.30 -5.24
C ARG A 114 -1.44 19.36 -4.05
N TYR A 115 -0.85 18.19 -4.24
CA TYR A 115 -0.72 17.21 -3.17
C TYR A 115 0.72 17.13 -2.67
N PHE A 116 1.66 17.27 -3.60
CA PHE A 116 3.08 17.20 -3.25
C PHE A 116 3.94 17.77 -4.38
N GLN A 117 4.80 18.72 -4.03
CA GLN A 117 5.68 19.34 -5.01
C GLN A 117 6.71 18.34 -5.53
N CYS A 118 6.73 18.15 -6.86
CA CYS A 118 7.67 17.22 -7.48
C CYS A 118 7.95 17.63 -8.92
N GLU A 119 9.02 17.07 -9.48
CA GLU A 119 9.41 17.38 -10.85
C GLU A 119 8.45 16.73 -11.85
N PRO A 120 8.28 17.34 -13.03
CA PRO A 120 7.38 16.81 -14.07
C PRO A 120 7.74 15.38 -14.47
N LEU A 121 6.72 14.58 -14.76
CA LEU A 121 6.93 13.19 -15.16
C LEU A 121 7.64 12.41 -14.05
N LYS A 122 7.33 12.75 -12.81
CA LYS A 122 7.93 12.09 -11.66
C LYS A 122 6.86 11.67 -10.65
N GLY A 123 5.95 12.60 -10.35
CA GLY A 123 4.89 12.31 -9.41
C GLY A 123 3.77 11.50 -10.02
N ILE A 124 3.57 10.28 -9.52
CA ILE A 124 2.53 9.41 -10.03
C ILE A 124 1.63 8.91 -8.90
N PHE A 125 0.35 8.74 -9.19
CA PHE A 125 -0.61 8.27 -8.20
C PHE A 125 -0.92 6.79 -8.39
N THR A 126 -0.74 6.01 -7.33
CA THR A 126 -0.99 4.58 -7.38
C THR A 126 -1.25 4.02 -5.98
N ARG A 127 -1.98 2.92 -5.92
CA ARG A 127 -2.30 2.29 -4.63
C ARG A 127 -1.03 1.79 -3.94
N PRO A 128 -0.95 1.95 -2.61
CA PRO A 128 0.22 1.50 -1.84
C PRO A 128 0.51 0.02 -2.03
N SER A 129 -0.54 -0.79 -2.09
CA SER A 129 -0.40 -2.23 -2.25
C SER A 129 0.36 -2.55 -3.55
N LYS A 130 0.25 -1.67 -4.53
CA LYS A 130 0.93 -1.87 -5.81
C LYS A 130 2.44 -1.61 -5.68
N LEU A 131 2.82 -0.85 -4.66
CA LEU A 131 4.23 -0.54 -4.43
C LEU A 131 5.01 -1.77 -4.00
N THR A 132 6.31 -1.78 -4.29
CA THR A 132 7.16 -2.90 -3.93
C THR A 132 8.53 -2.40 -3.45
N ARG A 133 9.19 -3.21 -2.64
CA ARG A 133 10.51 -2.85 -2.11
C ARG A 133 11.62 -3.45 -2.96
N LYS A 134 12.45 -2.58 -3.53
CA LYS A 134 13.55 -3.03 -4.38
C LYS A 134 13.05 -3.81 -5.58
N VAL A 135 13.88 -3.88 -6.62
CA VAL A 135 13.51 -4.60 -7.83
C VAL A 135 13.55 -6.10 -7.62
N SER A 136 12.54 -6.80 -8.12
CA SER A 136 12.46 -8.26 -7.98
C SER A 136 13.33 -8.95 -9.03
N GLY A 137 13.26 -10.28 -9.05
CA GLY A 137 14.04 -11.04 -10.01
C GLY A 137 13.86 -12.54 -9.84
N PRO A 138 14.54 -13.35 -10.67
CA PRO A 138 14.44 -14.81 -10.60
C PRO A 138 15.09 -15.38 -9.35
N SER A 139 14.28 -15.70 -8.35
CA SER A 139 14.78 -16.24 -7.10
C SER A 139 13.95 -17.45 -6.66
N SER A 140 14.55 -18.63 -6.69
CA SER A 140 13.87 -19.85 -6.30
C SER A 140 13.61 -19.87 -4.80
N GLY A 141 14.68 -19.92 -4.02
CA GLY A 141 14.55 -19.95 -2.57
C GLY A 141 15.81 -19.51 -1.87
#